data_2RUH
#
_entry.id   2RUH
#
_entity_poly.entity_id   1
_entity_poly.type   'polypeptide(L)'
_entity_poly.pdbx_seq_one_letter_code
;MPRFWEYWLRLMEGGGENLYFQGMSVPTDGAVTTSQIPASEQETLVRPKPLLLKLLKSVGAQKDTYTMKEVLFYLGQYIM
TKRLYDEKQQHIVYCSNDLLGDLFGVPSFSVKEHRKIYTMMASMTGGQQMG
;
_entity_poly.pdbx_strand_id   A
#
# COMPACT_ATOMS: atom_id res chain seq x y z
N MET A 1 -16.84 -12.60 10.49
CA MET A 1 -16.49 -11.63 9.43
C MET A 1 -14.98 -11.39 9.38
N PRO A 2 -14.38 -11.18 8.18
CA PRO A 2 -12.95 -10.87 8.03
C PRO A 2 -12.59 -9.48 8.59
N ARG A 3 -11.30 -9.28 8.86
CA ARG A 3 -10.73 -8.05 9.46
C ARG A 3 -9.54 -7.43 8.72
N PHE A 4 -9.13 -8.01 7.58
CA PHE A 4 -8.04 -7.46 6.75
C PHE A 4 -8.04 -5.94 6.49
N TRP A 5 -9.20 -5.40 6.08
CA TRP A 5 -9.32 -3.97 5.76
C TRP A 5 -9.16 -3.05 6.97
N GLU A 6 -9.50 -3.52 8.18
CA GLU A 6 -9.27 -2.77 9.43
C GLU A 6 -7.76 -2.58 9.69
N TYR A 7 -6.94 -3.57 9.33
CA TYR A 7 -5.48 -3.45 9.31
C TYR A 7 -4.91 -2.56 8.19
N TRP A 8 -5.44 -2.72 6.98
CA TRP A 8 -5.03 -1.96 5.79
C TRP A 8 -5.36 -0.47 5.93
N LEU A 9 -6.48 -0.12 6.56
CA LEU A 9 -6.85 1.27 6.84
C LEU A 9 -5.80 2.00 7.68
N ARG A 10 -5.09 1.31 8.58
CA ARG A 10 -4.03 1.90 9.43
C ARG A 10 -2.74 2.22 8.66
N LEU A 11 -2.54 1.68 7.46
CA LEU A 11 -1.48 2.15 6.56
C LEU A 11 -1.80 3.56 6.04
N MET A 12 -3.04 3.76 5.60
CA MET A 12 -3.47 5.01 4.97
C MET A 12 -3.73 6.12 6.00
N GLU A 13 -4.32 5.74 7.13
CA GLU A 13 -4.48 6.55 8.35
C GLU A 13 -3.28 6.34 9.31
N GLY A 14 -2.07 6.26 8.74
CA GLY A 14 -0.81 5.91 9.41
C GLY A 14 0.22 7.04 9.40
N GLY A 15 1.44 6.73 8.93
CA GLY A 15 2.58 7.66 8.91
C GLY A 15 3.17 7.93 10.31
N GLY A 16 3.95 9.01 10.43
CA GLY A 16 4.63 9.37 11.68
C GLY A 16 5.63 8.30 12.12
N GLU A 17 5.50 7.82 13.35
CA GLU A 17 6.34 6.75 13.93
C GLU A 17 6.23 5.39 13.18
N ASN A 18 5.22 5.21 12.33
CA ASN A 18 5.07 4.03 11.46
C ASN A 18 6.02 4.04 10.24
N LEU A 19 6.70 5.15 9.96
CA LEU A 19 7.67 5.29 8.85
C LEU A 19 8.92 4.39 9.05
N TYR A 20 9.57 4.00 7.95
CA TYR A 20 10.85 3.30 7.96
C TYR A 20 12.05 3.99 8.64
N PHE A 21 12.92 3.21 9.26
CA PHE A 21 14.17 3.66 9.92
C PHE A 21 15.50 3.29 9.25
N GLN A 22 15.44 2.54 8.14
CA GLN A 22 16.56 2.07 7.33
C GLN A 22 16.21 2.08 5.83
N GLY A 23 17.22 2.01 4.96
CA GLY A 23 17.04 2.03 3.50
C GLY A 23 16.80 3.45 2.97
N MET A 24 15.58 3.74 2.50
CA MET A 24 15.20 5.05 1.97
C MET A 24 15.23 6.16 3.03
N SER A 25 15.49 7.41 2.58
CA SER A 25 15.40 8.62 3.40
C SER A 25 13.95 9.09 3.61
N VAL A 26 13.74 9.97 4.59
CA VAL A 26 12.43 10.58 4.91
C VAL A 26 11.85 11.31 3.68
N PRO A 27 10.59 11.07 3.28
CA PRO A 27 10.02 11.62 2.04
C PRO A 27 9.87 13.15 2.08
N THR A 28 10.13 13.78 0.94
CA THR A 28 10.05 15.24 0.72
C THR A 28 8.66 15.88 0.84
N ASP A 29 8.59 17.17 1.21
CA ASP A 29 7.36 17.97 1.15
C ASP A 29 6.74 18.08 -0.26
N GLY A 30 5.41 18.26 -0.33
CA GLY A 30 4.66 18.25 -1.58
C GLY A 30 3.21 18.72 -1.45
N ALA A 31 2.28 17.98 -2.06
CA ALA A 31 0.86 18.27 -2.20
C ALA A 31 0.56 19.61 -2.91
N VAL A 32 0.41 20.72 -2.15
CA VAL A 32 -0.06 22.02 -2.65
C VAL A 32 -1.43 21.99 -3.36
N THR A 33 -2.26 21.01 -3.00
CA THR A 33 -3.56 20.68 -3.59
C THR A 33 -4.62 21.65 -3.05
N THR A 34 -5.73 21.78 -3.77
CA THR A 34 -6.88 22.61 -3.37
C THR A 34 -7.61 22.18 -2.09
N SER A 35 -8.31 23.11 -1.45
CA SER A 35 -9.13 22.91 -0.24
C SER A 35 -10.35 23.86 -0.19
N GLN A 36 -10.84 24.28 -1.36
CA GLN A 36 -11.95 25.25 -1.50
C GLN A 36 -13.33 24.72 -1.06
N ILE A 37 -13.47 23.40 -0.91
CA ILE A 37 -14.68 22.69 -0.46
C ILE A 37 -14.31 21.49 0.43
N PRO A 38 -15.18 21.04 1.35
CA PRO A 38 -14.86 19.97 2.31
C PRO A 38 -14.67 18.58 1.68
N ALA A 39 -15.06 18.40 0.41
CA ALA A 39 -14.82 17.16 -0.35
C ALA A 39 -13.34 16.93 -0.73
N SER A 40 -12.46 17.94 -0.61
CA SER A 40 -11.02 17.80 -0.89
C SER A 40 -10.30 16.83 0.04
N GLU A 41 -9.47 15.95 -0.52
CA GLU A 41 -8.74 14.87 0.16
C GLU A 41 -7.36 14.56 -0.49
N GLN A 42 -7.07 15.19 -1.63
CA GLN A 42 -5.92 14.93 -2.51
C GLN A 42 -4.56 15.33 -1.91
N GLU A 43 -3.50 14.72 -2.41
CA GLU A 43 -2.09 14.94 -2.05
C GLU A 43 -1.18 14.78 -3.30
N THR A 44 0.15 14.72 -3.13
CA THR A 44 1.10 14.52 -4.23
C THR A 44 0.83 13.36 -5.19
N LEU A 45 0.87 13.60 -6.50
CA LEU A 45 0.75 12.56 -7.53
C LEU A 45 2.08 11.82 -7.77
N VAL A 46 1.96 10.55 -8.15
CA VAL A 46 3.05 9.62 -8.50
C VAL A 46 2.78 8.84 -9.78
N ARG A 47 3.83 8.23 -10.33
CA ARG A 47 3.78 7.32 -11.49
C ARG A 47 4.05 5.85 -11.09
N PRO A 48 3.01 5.08 -10.68
CA PRO A 48 3.18 3.65 -10.37
C PRO A 48 3.54 2.81 -11.60
N LYS A 49 4.31 1.73 -11.40
CA LYS A 49 4.73 0.78 -12.46
C LYS A 49 3.55 0.27 -13.31
N PRO A 50 3.74 -0.07 -14.60
CA PRO A 50 2.69 -0.67 -15.44
C PRO A 50 2.09 -1.96 -14.86
N LEU A 51 2.92 -2.77 -14.18
CA LEU A 51 2.49 -3.97 -13.45
C LEU A 51 1.51 -3.66 -12.30
N LEU A 52 1.69 -2.53 -11.62
CA LEU A 52 0.80 -2.05 -10.57
C LEU A 52 -0.45 -1.38 -11.14
N LEU A 53 -0.29 -0.58 -12.20
CA LEU A 53 -1.40 0.04 -12.92
C LEU A 53 -2.41 -1.02 -13.44
N LYS A 54 -1.94 -2.16 -13.93
CA LYS A 54 -2.77 -3.34 -14.25
C LYS A 54 -3.61 -3.82 -13.05
N LEU A 55 -3.01 -3.89 -11.87
CA LEU A 55 -3.70 -4.29 -10.63
C LEU A 55 -4.75 -3.25 -10.19
N LEU A 56 -4.42 -1.96 -10.25
CA LEU A 56 -5.35 -0.86 -9.96
C LEU A 56 -6.55 -0.89 -10.94
N LYS A 57 -6.30 -1.14 -12.23
CA LYS A 57 -7.33 -1.27 -13.27
C LYS A 57 -8.14 -2.57 -13.19
N SER A 58 -7.62 -3.62 -12.56
CA SER A 58 -8.37 -4.84 -12.23
C SER A 58 -9.51 -4.58 -11.22
N VAL A 59 -9.40 -3.51 -10.42
CA VAL A 59 -10.48 -2.96 -9.57
C VAL A 59 -11.10 -1.66 -10.11
N GLY A 60 -10.82 -1.32 -11.38
CA GLY A 60 -11.48 -0.25 -12.13
C GLY A 60 -10.93 1.17 -11.90
N ALA A 61 -9.64 1.33 -11.59
CA ALA A 61 -9.03 2.64 -11.38
C ALA A 61 -8.96 3.45 -12.68
N GLN A 62 -9.34 4.73 -12.62
CA GLN A 62 -9.56 5.58 -13.81
C GLN A 62 -8.31 6.29 -14.37
N LYS A 63 -7.46 6.82 -13.49
CA LYS A 63 -6.33 7.72 -13.83
C LYS A 63 -5.09 7.00 -14.41
N ASP A 64 -4.10 7.80 -14.82
CA ASP A 64 -2.73 7.36 -15.17
C ASP A 64 -1.65 7.78 -14.15
N THR A 65 -1.90 8.85 -13.39
CA THR A 65 -1.11 9.30 -12.23
C THR A 65 -2.02 9.14 -11.00
N TYR A 66 -1.43 8.84 -9.84
CA TYR A 66 -2.16 8.52 -8.61
C TYR A 66 -1.57 9.08 -7.32
N THR A 67 -2.40 9.34 -6.30
CA THR A 67 -1.88 9.59 -4.94
C THR A 67 -1.43 8.31 -4.23
N MET A 68 -0.52 8.40 -3.25
CA MET A 68 -0.14 7.23 -2.45
C MET A 68 -1.35 6.61 -1.72
N LYS A 69 -2.28 7.43 -1.23
CA LYS A 69 -3.54 6.94 -0.63
C LYS A 69 -4.47 6.30 -1.66
N GLU A 70 -4.55 6.82 -2.89
CA GLU A 70 -5.31 6.17 -3.98
C GLU A 70 -4.74 4.79 -4.36
N VAL A 71 -3.41 4.68 -4.51
CA VAL A 71 -2.75 3.39 -4.81
C VAL A 71 -3.01 2.38 -3.68
N LEU A 72 -2.77 2.76 -2.43
CA LEU A 72 -3.07 1.91 -1.26
C LEU A 72 -4.57 1.55 -1.18
N PHE A 73 -5.49 2.49 -1.42
CA PHE A 73 -6.94 2.25 -1.41
C PHE A 73 -7.39 1.13 -2.36
N TYR A 74 -7.04 1.30 -3.62
CA TYR A 74 -7.29 0.33 -4.68
C TYR A 74 -6.57 -1.02 -4.52
N LEU A 75 -5.32 -1.01 -4.06
CA LEU A 75 -4.55 -2.22 -3.73
C LEU A 75 -5.20 -3.01 -2.58
N GLY A 76 -5.68 -2.31 -1.54
CA GLY A 76 -6.46 -2.89 -0.45
C GLY A 76 -7.78 -3.51 -0.94
N GLN A 77 -8.50 -2.82 -1.85
CA GLN A 77 -9.69 -3.40 -2.51
C GLN A 77 -9.37 -4.65 -3.34
N TYR A 78 -8.18 -4.73 -3.97
CA TYR A 78 -7.75 -5.92 -4.70
C TYR A 78 -7.46 -7.10 -3.78
N ILE A 79 -6.69 -6.87 -2.70
CA ILE A 79 -6.40 -7.88 -1.67
C ILE A 79 -7.70 -8.38 -1.01
N MET A 80 -8.63 -7.45 -0.73
CA MET A 80 -9.97 -7.72 -0.18
C MET A 80 -10.79 -8.63 -1.10
N THR A 81 -10.99 -8.26 -2.37
CA THR A 81 -11.76 -9.05 -3.34
C THR A 81 -11.16 -10.42 -3.71
N LYS A 82 -9.82 -10.49 -3.79
CA LYS A 82 -9.06 -11.72 -4.05
C LYS A 82 -8.92 -12.64 -2.82
N ARG A 83 -9.28 -12.17 -1.61
CA ARG A 83 -9.22 -12.92 -0.33
C ARG A 83 -7.83 -13.50 -0.02
N LEU A 84 -6.78 -12.70 -0.26
CA LEU A 84 -5.37 -13.11 -0.12
C LEU A 84 -4.89 -13.17 1.34
N TYR A 85 -5.64 -12.60 2.29
CA TYR A 85 -5.37 -12.71 3.72
C TYR A 85 -5.51 -14.12 4.32
N ASP A 86 -4.72 -14.47 5.34
CA ASP A 86 -4.95 -15.70 6.11
C ASP A 86 -6.27 -15.66 6.91
N GLU A 87 -7.11 -16.70 6.82
CA GLU A 87 -8.36 -16.80 7.58
C GLU A 87 -8.14 -16.75 9.11
N LYS A 88 -7.00 -17.25 9.60
CA LYS A 88 -6.59 -17.17 11.01
C LYS A 88 -5.93 -15.82 11.33
N GLN A 89 -4.77 -15.53 10.73
CA GLN A 89 -4.07 -14.26 10.89
C GLN A 89 -4.55 -13.24 9.86
N GLN A 90 -5.66 -12.55 10.16
CA GLN A 90 -6.32 -11.59 9.27
C GLN A 90 -5.42 -10.41 8.87
N HIS A 91 -4.37 -10.15 9.66
CA HIS A 91 -3.37 -9.12 9.43
C HIS A 91 -2.19 -9.57 8.55
N ILE A 92 -2.18 -10.78 7.98
CA ILE A 92 -1.10 -11.30 7.11
C ILE A 92 -1.67 -11.67 5.73
N VAL A 93 -1.05 -11.13 4.67
CA VAL A 93 -1.39 -11.36 3.26
C VAL A 93 -0.45 -12.41 2.65
N TYR A 94 -1.00 -13.34 1.86
CA TYR A 94 -0.29 -14.39 1.13
C TYR A 94 -0.55 -14.36 -0.38
N CYS A 95 0.50 -14.32 -1.20
CA CYS A 95 0.40 -14.34 -2.65
C CYS A 95 1.75 -14.78 -3.25
N SER A 96 1.80 -15.99 -3.79
CA SER A 96 2.90 -16.53 -4.59
C SER A 96 2.46 -16.92 -6.01
N ASN A 97 3.37 -16.78 -6.99
CA ASN A 97 3.17 -17.08 -8.42
C ASN A 97 1.97 -16.35 -9.08
N ASP A 98 1.57 -15.18 -8.55
CA ASP A 98 0.47 -14.34 -9.04
C ASP A 98 0.83 -12.85 -8.89
N LEU A 99 0.06 -11.95 -9.53
CA LEU A 99 0.36 -10.53 -9.74
C LEU A 99 0.78 -9.75 -8.48
N LEU A 100 0.08 -9.91 -7.35
CA LEU A 100 0.41 -9.20 -6.12
C LEU A 100 1.72 -9.68 -5.46
N GLY A 101 2.04 -10.97 -5.59
CA GLY A 101 3.35 -11.53 -5.21
C GLY A 101 4.47 -11.07 -6.14
N ASP A 102 4.20 -10.98 -7.45
CA ASP A 102 5.12 -10.42 -8.44
C ASP A 102 5.44 -8.92 -8.24
N LEU A 103 4.48 -8.16 -7.74
CA LEU A 103 4.65 -6.78 -7.28
C LEU A 103 5.50 -6.70 -6.01
N PHE A 104 5.05 -7.33 -4.91
CA PHE A 104 5.75 -7.25 -3.61
C PHE A 104 7.12 -7.93 -3.50
N GLY A 105 7.43 -8.90 -4.36
CA GLY A 105 8.70 -9.63 -4.35
C GLY A 105 8.88 -10.61 -3.18
N VAL A 106 7.77 -10.96 -2.51
CA VAL A 106 7.72 -11.89 -1.36
C VAL A 106 6.47 -12.78 -1.48
N PRO A 107 6.51 -14.01 -0.95
CA PRO A 107 5.34 -14.93 -0.93
C PRO A 107 4.25 -14.47 0.06
N SER A 108 4.60 -13.67 1.07
CA SER A 108 3.68 -13.16 2.10
C SER A 108 4.28 -11.95 2.83
N PHE A 109 3.43 -11.16 3.50
CA PHE A 109 3.86 -10.05 4.37
C PHE A 109 2.78 -9.76 5.45
N SER A 110 3.22 -9.22 6.59
CA SER A 110 2.33 -8.69 7.63
C SER A 110 1.91 -7.24 7.35
N VAL A 111 0.60 -6.97 7.38
CA VAL A 111 0.02 -5.62 7.27
C VAL A 111 0.38 -4.72 8.45
N LYS A 112 0.70 -5.30 9.63
CA LYS A 112 1.20 -4.57 10.81
C LYS A 112 2.62 -4.02 10.61
N GLU A 113 3.41 -4.59 9.69
CA GLU A 113 4.73 -4.09 9.29
C GLU A 113 4.64 -2.94 8.30
N HIS A 114 4.06 -1.87 8.82
CA HIS A 114 3.73 -0.63 8.09
C HIS A 114 5.00 -0.02 7.45
N ARG A 115 6.10 0.05 8.21
CA ARG A 115 7.43 0.50 7.76
C ARG A 115 7.95 -0.28 6.53
N LYS A 116 7.79 -1.60 6.51
CA LYS A 116 8.21 -2.47 5.39
C LYS A 116 7.30 -2.25 4.18
N ILE A 117 5.99 -2.18 4.38
CA ILE A 117 5.03 -1.89 3.30
C ILE A 117 5.31 -0.52 2.68
N TYR A 118 5.55 0.53 3.48
CA TYR A 118 5.86 1.86 2.96
C TYR A 118 7.09 1.91 2.02
N THR A 119 8.20 1.26 2.40
CA THR A 119 9.39 1.14 1.53
C THR A 119 9.18 0.29 0.27
N MET A 120 8.41 -0.80 0.37
CA MET A 120 8.02 -1.61 -0.79
C MET A 120 7.10 -0.83 -1.75
N MET A 121 6.12 -0.09 -1.24
CA MET A 121 5.23 0.77 -2.05
C MET A 121 5.98 1.92 -2.71
N ALA A 122 6.94 2.53 -2.02
CA ALA A 122 7.82 3.55 -2.59
C ALA A 122 8.70 2.99 -3.73
N SER A 123 9.10 1.71 -3.66
CA SER A 123 9.78 1.02 -4.77
C SER A 123 8.86 0.78 -5.98
N MET A 124 7.57 0.51 -5.78
CA MET A 124 6.61 0.30 -6.88
C MET A 124 6.38 1.54 -7.76
N THR A 125 6.54 2.73 -7.19
CA THR A 125 6.48 4.03 -7.88
C THR A 125 7.82 4.54 -8.44
N GLY A 126 8.90 3.77 -8.23
CA GLY A 126 10.20 3.94 -8.89
C GLY A 126 10.24 3.24 -10.26
N GLY A 127 11.38 3.32 -10.95
CA GLY A 127 11.60 2.75 -12.29
C GLY A 127 11.36 1.23 -12.40
N GLN A 128 11.29 0.73 -13.64
CA GLN A 128 10.90 -0.65 -13.96
C GLN A 128 11.96 -1.72 -13.60
N GLN A 129 11.49 -2.92 -13.22
CA GLN A 129 12.28 -4.14 -12.94
C GLN A 129 11.87 -5.29 -13.88
N MET A 130 12.11 -5.13 -15.19
CA MET A 130 11.74 -6.12 -16.22
C MET A 130 12.66 -7.37 -16.22
N GLY A 131 13.94 -7.21 -15.83
CA GLY A 131 14.94 -8.28 -15.72
C GLY A 131 14.78 -9.12 -14.45
N MET A 1 -14.92 -9.87 15.95
CA MET A 1 -14.23 -10.63 14.87
C MET A 1 -13.31 -9.70 14.07
N PRO A 2 -12.01 -10.03 13.92
CA PRO A 2 -11.06 -9.22 13.15
C PRO A 2 -11.36 -9.24 11.64
N ARG A 3 -10.84 -8.25 10.91
CA ARG A 3 -10.96 -8.10 9.44
C ARG A 3 -9.64 -7.61 8.83
N PHE A 4 -9.39 -7.95 7.56
CA PHE A 4 -8.26 -7.41 6.80
C PHE A 4 -8.19 -5.88 6.66
N TRP A 5 -9.31 -5.27 6.26
CA TRP A 5 -9.36 -3.83 5.96
C TRP A 5 -9.12 -2.93 7.18
N GLU A 6 -9.50 -3.38 8.38
CA GLU A 6 -9.22 -2.66 9.64
C GLU A 6 -7.72 -2.47 9.88
N TYR A 7 -6.90 -3.45 9.50
CA TYR A 7 -5.44 -3.33 9.44
C TYR A 7 -4.88 -2.50 8.30
N TRP A 8 -5.43 -2.69 7.09
CA TRP A 8 -5.00 -2.00 5.87
C TRP A 8 -5.27 -0.49 5.94
N LEU A 9 -6.32 -0.06 6.64
CA LEU A 9 -6.63 1.36 6.86
C LEU A 9 -5.51 2.11 7.62
N ARG A 10 -4.77 1.41 8.51
CA ARG A 10 -3.64 1.96 9.28
C ARG A 10 -2.45 2.37 8.39
N LEU A 11 -2.30 1.73 7.23
CA LEU A 11 -1.29 2.10 6.24
C LEU A 11 -1.57 3.47 5.62
N MET A 12 -2.78 3.72 5.11
CA MET A 12 -3.09 5.00 4.49
C MET A 12 -3.15 6.15 5.52
N GLU A 13 -3.45 5.82 6.78
CA GLU A 13 -3.34 6.71 7.95
C GLU A 13 -1.88 6.99 8.39
N GLY A 14 -0.88 6.49 7.67
CA GLY A 14 0.55 6.76 7.89
C GLY A 14 1.14 6.09 9.15
N GLY A 15 0.46 5.08 9.71
CA GLY A 15 0.85 4.41 10.96
C GLY A 15 0.79 5.32 12.20
N GLY A 16 0.05 6.44 12.13
CA GLY A 16 0.05 7.51 13.15
C GLY A 16 -0.23 7.00 14.58
N GLU A 17 0.54 7.52 15.54
CA GLU A 17 0.58 7.09 16.96
C GLU A 17 1.02 5.63 17.22
N ASN A 18 1.47 4.90 16.20
CA ASN A 18 2.00 3.52 16.31
C ASN A 18 3.42 3.33 15.75
N LEU A 19 4.07 4.40 15.26
CA LEU A 19 5.45 4.36 14.74
C LEU A 19 6.49 4.13 15.84
N TYR A 20 7.61 3.53 15.49
CA TYR A 20 8.67 3.12 16.43
C TYR A 20 9.41 4.23 17.19
N PHE A 21 9.64 4.06 18.49
CA PHE A 21 10.30 5.05 19.36
C PHE A 21 11.75 5.41 19.02
N GLN A 22 12.06 6.72 18.98
CA GLN A 22 13.36 7.35 18.66
C GLN A 22 13.92 7.08 17.24
N GLY A 23 13.92 5.84 16.77
CA GLY A 23 14.48 5.42 15.47
C GLY A 23 13.57 5.64 14.25
N MET A 24 12.34 6.12 14.44
CA MET A 24 11.37 6.41 13.38
C MET A 24 10.55 7.68 13.70
N SER A 25 10.03 8.35 12.66
CA SER A 25 9.16 9.52 12.75
C SER A 25 8.12 9.55 11.61
N VAL A 26 7.12 10.41 11.74
CA VAL A 26 6.01 10.55 10.78
C VAL A 26 6.49 10.91 9.36
N PRO A 27 6.10 10.16 8.31
CA PRO A 27 6.53 10.43 6.94
C PRO A 27 5.91 11.71 6.34
N THR A 28 6.57 12.28 5.33
CA THR A 28 6.13 13.45 4.56
C THR A 28 5.99 13.22 3.04
N ASP A 29 5.38 12.10 2.68
CA ASP A 29 5.32 11.56 1.32
C ASP A 29 4.58 12.40 0.26
N GLY A 30 3.75 13.37 0.71
CA GLY A 30 3.12 14.37 -0.17
C GLY A 30 4.10 15.40 -0.73
N ALA A 31 5.27 15.60 -0.10
CA ALA A 31 6.41 16.45 -0.51
C ALA A 31 6.14 17.96 -0.76
N VAL A 32 4.88 18.39 -0.81
CA VAL A 32 4.40 19.74 -1.18
C VAL A 32 3.21 20.16 -0.29
N THR A 33 3.02 21.46 -0.06
CA THR A 33 1.87 22.02 0.66
C THR A 33 1.22 23.26 0.03
N THR A 34 -0.06 23.46 0.33
CA THR A 34 -0.88 24.63 -0.08
C THR A 34 -1.90 25.07 0.98
N SER A 35 -1.68 24.64 2.23
CA SER A 35 -2.59 24.84 3.36
C SER A 35 -2.75 26.31 3.79
N GLN A 36 -3.94 26.62 4.34
CA GLN A 36 -4.31 27.89 4.98
C GLN A 36 -5.51 27.67 5.90
N ILE A 37 -6.57 27.07 5.34
CA ILE A 37 -7.73 26.51 6.06
C ILE A 37 -7.32 25.18 6.75
N PRO A 38 -8.16 24.59 7.62
CA PRO A 38 -7.82 23.34 8.33
C PRO A 38 -7.53 22.13 7.43
N ALA A 39 -8.11 22.09 6.21
CA ALA A 39 -7.77 21.09 5.19
C ALA A 39 -6.39 21.38 4.55
N SER A 40 -5.51 20.38 4.53
CA SER A 40 -4.13 20.53 4.03
C SER A 40 -4.02 20.60 2.51
N GLU A 41 -4.96 19.98 1.78
CA GLU A 41 -5.03 19.89 0.32
C GLU A 41 -3.78 19.24 -0.32
N GLN A 42 -3.05 18.41 0.44
CA GLN A 42 -1.82 17.70 0.02
C GLN A 42 -2.12 16.45 -0.85
N GLU A 43 -2.96 16.60 -1.87
CA GLU A 43 -3.44 15.54 -2.77
C GLU A 43 -2.43 15.18 -3.88
N THR A 44 -1.13 15.19 -3.55
CA THR A 44 -0.01 14.98 -4.50
C THR A 44 0.02 13.65 -5.25
N LEU A 45 0.25 13.70 -6.56
CA LEU A 45 0.25 12.53 -7.46
C LEU A 45 1.63 11.86 -7.60
N VAL A 46 1.59 10.56 -7.91
CA VAL A 46 2.70 9.68 -8.29
C VAL A 46 2.44 8.91 -9.58
N ARG A 47 3.50 8.37 -10.17
CA ARG A 47 3.44 7.50 -11.37
C ARG A 47 3.78 6.04 -11.01
N PRO A 48 2.80 5.19 -10.63
CA PRO A 48 3.05 3.77 -10.39
C PRO A 48 3.41 3.01 -11.68
N LYS A 49 4.21 1.95 -11.53
CA LYS A 49 4.71 1.12 -12.66
C LYS A 49 3.57 0.38 -13.38
N PRO A 50 3.71 0.02 -14.68
CA PRO A 50 2.62 -0.56 -15.48
C PRO A 50 2.01 -1.84 -14.89
N LEU A 51 2.82 -2.67 -14.22
CA LEU A 51 2.37 -3.90 -13.55
C LEU A 51 1.44 -3.61 -12.36
N LEU A 52 1.71 -2.53 -11.61
CA LEU A 52 0.83 -2.03 -10.54
C LEU A 52 -0.42 -1.37 -11.13
N LEU A 53 -0.25 -0.52 -12.15
CA LEU A 53 -1.35 0.13 -12.84
C LEU A 53 -2.41 -0.87 -13.33
N LYS A 54 -1.98 -2.00 -13.90
CA LYS A 54 -2.88 -3.10 -14.29
C LYS A 54 -3.63 -3.72 -13.09
N LEU A 55 -2.95 -3.89 -11.95
CA LEU A 55 -3.55 -4.36 -10.69
C LEU A 55 -4.60 -3.37 -10.14
N LEU A 56 -4.33 -2.06 -10.22
CA LEU A 56 -5.28 -1.01 -9.83
C LEU A 56 -6.50 -0.99 -10.78
N LYS A 57 -6.28 -1.10 -12.10
CA LYS A 57 -7.34 -1.24 -13.11
C LYS A 57 -8.17 -2.53 -13.01
N SER A 58 -7.66 -3.58 -12.38
CA SER A 58 -8.44 -4.78 -12.05
C SER A 58 -9.58 -4.52 -11.05
N VAL A 59 -9.52 -3.40 -10.31
CA VAL A 59 -10.61 -2.84 -9.49
C VAL A 59 -11.15 -1.49 -10.01
N GLY A 60 -10.85 -1.15 -11.28
CA GLY A 60 -11.43 -0.02 -11.99
C GLY A 60 -10.83 1.35 -11.67
N ALA A 61 -9.54 1.43 -11.33
CA ALA A 61 -8.88 2.67 -10.91
C ALA A 61 -8.72 3.70 -12.07
N GLN A 62 -8.42 3.19 -13.27
CA GLN A 62 -8.41 3.85 -14.60
C GLN A 62 -7.51 5.09 -14.84
N LYS A 63 -7.09 5.85 -13.84
CA LYS A 63 -6.16 6.99 -14.00
C LYS A 63 -4.76 6.54 -14.43
N ASP A 64 -3.98 7.47 -15.00
CA ASP A 64 -2.55 7.32 -15.30
C ASP A 64 -1.58 7.79 -14.19
N THR A 65 -2.12 8.41 -13.13
CA THR A 65 -1.40 8.99 -11.98
C THR A 65 -2.34 8.87 -10.77
N TYR A 66 -1.78 8.70 -9.57
CA TYR A 66 -2.52 8.46 -8.32
C TYR A 66 -1.84 9.02 -7.06
N THR A 67 -2.60 9.32 -6.01
CA THR A 67 -2.02 9.57 -4.68
C THR A 67 -1.55 8.28 -3.98
N MET A 68 -0.63 8.35 -3.03
CA MET A 68 -0.27 7.16 -2.22
C MET A 68 -1.47 6.54 -1.48
N LYS A 69 -2.42 7.37 -1.00
CA LYS A 69 -3.69 6.89 -0.43
C LYS A 69 -4.59 6.23 -1.47
N GLU A 70 -4.68 6.77 -2.69
CA GLU A 70 -5.40 6.11 -3.79
C GLU A 70 -4.82 4.73 -4.15
N VAL A 71 -3.48 4.63 -4.30
CA VAL A 71 -2.82 3.34 -4.59
C VAL A 71 -3.10 2.34 -3.47
N LEU A 72 -2.90 2.71 -2.20
CA LEU A 72 -3.23 1.87 -1.04
C LEU A 72 -4.73 1.49 -1.01
N PHE A 73 -5.64 2.44 -1.24
CA PHE A 73 -7.08 2.19 -1.31
C PHE A 73 -7.50 1.12 -2.33
N TYR A 74 -7.08 1.30 -3.58
CA TYR A 74 -7.32 0.34 -4.66
C TYR A 74 -6.61 -1.01 -4.51
N LEU A 75 -5.37 -1.02 -4.00
CA LEU A 75 -4.65 -2.25 -3.66
C LEU A 75 -5.35 -3.02 -2.52
N GLY A 76 -5.86 -2.32 -1.50
CA GLY A 76 -6.67 -2.91 -0.43
C GLY A 76 -7.97 -3.53 -0.97
N GLN A 77 -8.66 -2.85 -1.90
CA GLN A 77 -9.80 -3.43 -2.61
C GLN A 77 -9.43 -4.66 -3.46
N TYR A 78 -8.22 -4.69 -4.05
CA TYR A 78 -7.75 -5.83 -4.84
C TYR A 78 -7.48 -7.04 -3.93
N ILE A 79 -6.76 -6.84 -2.83
CA ILE A 79 -6.48 -7.87 -1.81
C ILE A 79 -7.79 -8.40 -1.19
N MET A 80 -8.75 -7.51 -0.92
CA MET A 80 -10.08 -7.83 -0.40
C MET A 80 -10.88 -8.73 -1.37
N THR A 81 -11.02 -8.34 -2.64
CA THR A 81 -11.76 -9.12 -3.64
C THR A 81 -11.10 -10.43 -4.06
N LYS A 82 -9.77 -10.44 -4.19
CA LYS A 82 -8.94 -11.63 -4.44
C LYS A 82 -8.81 -12.56 -3.21
N ARG A 83 -9.17 -12.07 -2.02
CA ARG A 83 -9.20 -12.79 -0.74
C ARG A 83 -7.83 -13.40 -0.36
N LEU A 84 -6.76 -12.62 -0.56
CA LEU A 84 -5.37 -13.05 -0.37
C LEU A 84 -4.92 -13.09 1.10
N TYR A 85 -5.73 -12.57 2.02
CA TYR A 85 -5.49 -12.69 3.46
C TYR A 85 -5.50 -14.12 4.03
N ASP A 86 -4.73 -14.39 5.08
CA ASP A 86 -4.78 -15.66 5.82
C ASP A 86 -6.12 -15.90 6.54
N GLU A 87 -6.70 -17.10 6.41
CA GLU A 87 -7.94 -17.48 7.10
C GLU A 87 -7.79 -17.54 8.63
N LYS A 88 -6.58 -17.81 9.16
CA LYS A 88 -6.30 -17.82 10.60
C LYS A 88 -6.07 -16.40 11.12
N GLN A 89 -5.25 -15.61 10.42
CA GLN A 89 -4.92 -14.22 10.75
C GLN A 89 -5.09 -13.27 9.56
N GLN A 90 -6.20 -12.54 9.49
CA GLN A 90 -6.50 -11.65 8.36
C GLN A 90 -5.56 -10.43 8.25
N HIS A 91 -4.79 -10.15 9.30
CA HIS A 91 -3.74 -9.13 9.29
C HIS A 91 -2.46 -9.58 8.54
N ILE A 92 -2.41 -10.82 8.04
CA ILE A 92 -1.32 -11.37 7.21
C ILE A 92 -1.83 -11.64 5.79
N VAL A 93 -1.07 -11.23 4.77
CA VAL A 93 -1.38 -11.42 3.33
C VAL A 93 -0.45 -12.43 2.65
N TYR A 94 -1.02 -13.35 1.88
CA TYR A 94 -0.34 -14.40 1.10
C TYR A 94 -0.29 -14.18 -0.41
N CYS A 95 0.48 -13.19 -0.84
CA CYS A 95 0.64 -12.76 -2.24
C CYS A 95 1.39 -13.74 -3.18
N SER A 96 1.91 -14.86 -2.65
CA SER A 96 2.68 -15.88 -3.38
C SER A 96 2.05 -16.31 -4.72
N ASN A 97 2.88 -16.33 -5.78
CA ASN A 97 2.55 -16.76 -7.15
C ASN A 97 1.41 -16.00 -7.87
N ASP A 98 0.80 -15.00 -7.24
CA ASP A 98 -0.18 -14.08 -7.84
C ASP A 98 0.52 -12.88 -8.52
N LEU A 99 -0.23 -12.07 -9.28
CA LEU A 99 0.21 -10.77 -9.80
C LEU A 99 0.79 -9.88 -8.68
N LEU A 100 0.11 -9.82 -7.53
CA LEU A 100 0.57 -9.04 -6.38
C LEU A 100 1.92 -9.50 -5.81
N GLY A 101 2.23 -10.80 -5.88
CA GLY A 101 3.52 -11.36 -5.49
C GLY A 101 4.70 -10.81 -6.31
N ASP A 102 4.46 -10.46 -7.59
CA ASP A 102 5.45 -9.77 -8.43
C ASP A 102 5.66 -8.28 -8.10
N LEU A 103 4.62 -7.61 -7.57
CA LEU A 103 4.73 -6.24 -7.04
C LEU A 103 5.45 -6.21 -5.68
N PHE A 104 4.98 -6.96 -4.69
CA PHE A 104 5.61 -7.05 -3.36
C PHE A 104 6.97 -7.75 -3.27
N GLY A 105 7.27 -8.69 -4.18
CA GLY A 105 8.54 -9.42 -4.25
C GLY A 105 8.73 -10.47 -3.14
N VAL A 106 7.65 -10.89 -2.48
CA VAL A 106 7.64 -11.84 -1.34
C VAL A 106 6.43 -12.79 -1.47
N PRO A 107 6.50 -14.00 -0.87
CA PRO A 107 5.35 -14.92 -0.80
C PRO A 107 4.26 -14.46 0.17
N SER A 108 4.63 -13.70 1.21
CA SER A 108 3.71 -13.19 2.24
C SER A 108 4.33 -12.04 3.05
N PHE A 109 3.48 -11.26 3.72
CA PHE A 109 3.89 -10.21 4.66
C PHE A 109 2.74 -9.94 5.67
N SER A 110 3.04 -9.34 6.82
CA SER A 110 2.05 -8.85 7.79
C SER A 110 1.74 -7.37 7.57
N VAL A 111 0.46 -6.98 7.51
CA VAL A 111 0.02 -5.59 7.31
C VAL A 111 0.49 -4.65 8.43
N LYS A 112 0.79 -5.21 9.62
CA LYS A 112 1.39 -4.51 10.77
C LYS A 112 2.82 -3.99 10.49
N GLU A 113 3.52 -4.56 9.51
CA GLU A 113 4.90 -4.22 9.11
C GLU A 113 4.94 -2.94 8.26
N HIS A 114 4.28 -1.87 8.71
CA HIS A 114 4.03 -0.65 7.93
C HIS A 114 5.30 -0.05 7.30
N ARG A 115 6.41 0.05 8.05
CA ARG A 115 7.69 0.59 7.56
C ARG A 115 8.27 -0.19 6.37
N LYS A 116 8.19 -1.53 6.42
CA LYS A 116 8.60 -2.41 5.32
C LYS A 116 7.63 -2.27 4.14
N ILE A 117 6.32 -2.25 4.40
CA ILE A 117 5.30 -2.05 3.35
C ILE A 117 5.54 -0.72 2.62
N TYR A 118 5.81 0.38 3.32
CA TYR A 118 6.07 1.67 2.68
C TYR A 118 7.25 1.69 1.70
N THR A 119 8.38 1.05 2.06
CA THR A 119 9.52 0.88 1.13
C THR A 119 9.26 -0.07 -0.06
N MET A 120 8.47 -1.13 0.16
CA MET A 120 7.99 -1.98 -0.94
C MET A 120 6.99 -1.27 -1.87
N MET A 121 6.11 -0.41 -1.34
CA MET A 121 5.20 0.44 -2.12
C MET A 121 5.96 1.50 -2.92
N ALA A 122 7.00 2.11 -2.34
CA ALA A 122 7.91 3.01 -3.05
C ALA A 122 8.64 2.29 -4.20
N SER A 123 8.97 1.01 -4.04
CA SER A 123 9.51 0.14 -5.12
C SER A 123 8.50 -0.19 -6.24
N MET A 124 7.25 0.29 -6.15
CA MET A 124 6.25 0.25 -7.21
C MET A 124 6.07 1.59 -7.95
N THR A 125 6.77 2.65 -7.54
CA THR A 125 6.68 4.00 -8.14
C THR A 125 8.01 4.70 -8.46
N GLY A 126 9.05 4.43 -7.66
CA GLY A 126 10.44 4.83 -7.92
C GLY A 126 11.20 3.83 -8.82
N GLY A 127 12.50 4.06 -8.99
CA GLY A 127 13.40 3.16 -9.74
C GLY A 127 13.57 1.78 -9.07
N GLN A 128 13.46 0.72 -9.86
CA GLN A 128 13.54 -0.68 -9.38
C GLN A 128 15.00 -1.13 -9.14
N GLN A 129 15.20 -2.01 -8.14
CA GLN A 129 16.48 -2.70 -7.89
C GLN A 129 16.74 -3.89 -8.84
N MET A 130 15.72 -4.35 -9.58
CA MET A 130 15.79 -5.49 -10.50
C MET A 130 16.69 -5.21 -11.73
N GLY A 131 17.43 -6.23 -12.18
CA GLY A 131 18.33 -6.18 -13.34
C GLY A 131 18.95 -7.54 -13.67
N MET A 1 -13.98 -9.93 15.97
CA MET A 1 -12.86 -10.52 15.17
C MET A 1 -12.28 -9.45 14.23
N PRO A 2 -10.97 -9.14 14.30
CA PRO A 2 -10.33 -8.16 13.42
C PRO A 2 -10.23 -8.66 11.96
N ARG A 3 -10.20 -7.74 10.99
CA ARG A 3 -10.18 -8.03 9.54
C ARG A 3 -9.08 -7.26 8.78
N PHE A 4 -8.73 -7.77 7.59
CA PHE A 4 -7.65 -7.22 6.76
C PHE A 4 -7.69 -5.72 6.45
N TRP A 5 -8.85 -5.22 6.00
CA TRP A 5 -9.00 -3.82 5.59
C TRP A 5 -8.85 -2.82 6.74
N GLU A 6 -9.11 -3.22 7.99
CA GLU A 6 -8.85 -2.40 9.17
C GLU A 6 -7.34 -2.15 9.36
N TYR A 7 -6.52 -3.18 9.16
CA TYR A 7 -5.06 -3.06 9.08
C TYR A 7 -4.52 -2.29 7.87
N TRP A 8 -5.20 -2.40 6.73
CA TRP A 8 -4.81 -1.70 5.50
C TRP A 8 -5.18 -0.21 5.56
N LEU A 9 -6.31 0.16 6.16
CA LEU A 9 -6.72 1.55 6.39
C LEU A 9 -5.72 2.30 7.28
N ARG A 10 -5.07 1.59 8.21
CA ARG A 10 -4.02 2.10 9.09
C ARG A 10 -2.73 2.52 8.37
N LEU A 11 -2.46 1.95 7.18
CA LEU A 11 -1.37 2.39 6.31
C LEU A 11 -1.60 3.83 5.84
N MET A 12 -2.75 4.09 5.21
CA MET A 12 -3.04 5.41 4.64
C MET A 12 -3.31 6.47 5.73
N GLU A 13 -3.84 6.05 6.89
CA GLU A 13 -4.02 6.92 8.07
C GLU A 13 -2.69 7.28 8.74
N GLY A 14 -1.73 6.34 8.81
CA GLY A 14 -0.37 6.58 9.33
C GLY A 14 0.44 7.52 8.43
N GLY A 15 0.41 7.30 7.11
CA GLY A 15 0.92 8.19 6.05
C GLY A 15 2.45 8.35 5.94
N GLY A 16 3.18 8.40 7.06
CA GLY A 16 4.63 8.63 7.10
C GLY A 16 5.44 7.49 6.48
N GLU A 17 6.34 7.82 5.55
CA GLU A 17 7.04 6.85 4.68
C GLU A 17 7.92 5.81 5.40
N ASN A 18 8.25 6.03 6.68
CA ASN A 18 9.01 5.11 7.52
C ASN A 18 8.29 4.82 8.86
N LEU A 19 6.97 5.05 8.95
CA LEU A 19 6.18 5.02 10.19
C LEU A 19 6.86 5.84 11.31
N TYR A 20 7.04 7.14 11.08
CA TYR A 20 7.85 8.02 11.92
C TYR A 20 7.44 8.16 13.39
N PHE A 21 8.42 8.05 14.31
CA PHE A 21 8.19 8.21 15.75
C PHE A 21 7.95 9.65 16.25
N GLN A 22 7.06 9.81 17.23
CA GLN A 22 6.80 11.05 17.97
C GLN A 22 6.22 10.74 19.37
N GLY A 23 6.18 11.74 20.26
CA GLY A 23 5.89 11.58 21.70
C GLY A 23 4.55 10.94 22.10
N MET A 24 3.54 10.90 21.22
CA MET A 24 2.27 10.20 21.46
C MET A 24 2.34 8.68 21.15
N SER A 25 3.43 8.23 20.53
CA SER A 25 3.66 6.89 19.94
C SER A 25 2.70 6.53 18.79
N VAL A 26 3.27 6.30 17.59
CA VAL A 26 2.58 5.96 16.32
C VAL A 26 1.67 7.06 15.76
N PRO A 27 1.79 7.46 14.46
CA PRO A 27 0.85 8.38 13.83
C PRO A 27 -0.53 7.71 13.68
N THR A 28 -1.54 8.23 14.39
CA THR A 28 -2.87 7.62 14.56
C THR A 28 -4.06 8.60 14.53
N ASP A 29 -5.16 8.19 13.91
CA ASP A 29 -6.46 8.88 13.84
C ASP A 29 -6.52 10.41 13.99
N GLY A 30 -6.67 10.90 15.21
CA GLY A 30 -6.83 12.33 15.53
C GLY A 30 -5.62 13.22 15.22
N ALA A 31 -4.44 12.64 14.95
CA ALA A 31 -3.24 13.37 14.57
C ALA A 31 -3.39 14.16 13.25
N VAL A 32 -4.23 13.69 12.31
CA VAL A 32 -4.58 14.45 11.09
C VAL A 32 -5.47 15.67 11.35
N THR A 33 -6.38 15.57 12.32
CA THR A 33 -7.26 16.65 12.79
C THR A 33 -6.56 17.87 13.40
N THR A 34 -5.36 17.68 13.95
CA THR A 34 -4.47 18.75 14.43
C THR A 34 -3.88 19.69 13.36
N SER A 35 -3.92 19.30 12.08
CA SER A 35 -3.41 20.09 10.96
C SER A 35 -4.25 21.36 10.68
N GLN A 36 -3.61 22.39 10.11
CA GLN A 36 -4.24 23.66 9.74
C GLN A 36 -5.26 23.53 8.58
N ILE A 37 -5.13 22.49 7.76
CA ILE A 37 -6.00 22.18 6.60
C ILE A 37 -6.30 20.68 6.52
N PRO A 38 -7.45 20.26 5.94
CA PRO A 38 -7.87 18.86 5.91
C PRO A 38 -6.95 17.96 5.07
N ALA A 39 -6.68 16.75 5.58
CA ALA A 39 -5.93 15.70 4.89
C ALA A 39 -6.76 15.04 3.76
N SER A 40 -6.09 14.23 2.92
CA SER A 40 -6.64 13.39 1.82
C SER A 40 -7.31 14.13 0.64
N GLU A 41 -7.79 15.36 0.81
CA GLU A 41 -8.47 16.13 -0.23
C GLU A 41 -7.53 16.56 -1.38
N GLN A 42 -6.24 16.78 -1.07
CA GLN A 42 -5.14 16.98 -2.03
C GLN A 42 -3.88 16.22 -1.59
N GLU A 43 -3.18 15.59 -2.54
CA GLU A 43 -1.92 14.88 -2.34
C GLU A 43 -1.17 14.73 -3.69
N THR A 44 0.17 14.68 -3.67
CA THR A 44 1.03 14.48 -4.84
C THR A 44 0.82 13.16 -5.62
N LEU A 45 0.84 13.22 -6.95
CA LEU A 45 0.82 12.03 -7.82
C LEU A 45 2.17 11.27 -7.78
N VAL A 46 2.10 9.94 -7.88
CA VAL A 46 3.26 9.02 -7.72
C VAL A 46 3.79 8.40 -9.00
N ARG A 47 2.93 8.33 -10.03
CA ARG A 47 3.16 7.66 -11.32
C ARG A 47 3.75 6.23 -11.18
N PRO A 48 2.95 5.26 -10.71
CA PRO A 48 3.43 3.91 -10.39
C PRO A 48 3.79 3.09 -11.64
N LYS A 49 4.48 1.96 -11.44
CA LYS A 49 4.80 0.97 -12.49
C LYS A 49 3.54 0.48 -13.22
N PRO A 50 3.61 0.13 -14.52
CA PRO A 50 2.47 -0.40 -15.27
C PRO A 50 1.93 -1.72 -14.68
N LEU A 51 2.80 -2.53 -14.07
CA LEU A 51 2.42 -3.76 -13.35
C LEU A 51 1.47 -3.48 -12.17
N LEU A 52 1.71 -2.40 -11.41
CA LEU A 52 0.84 -1.97 -10.32
C LEU A 52 -0.42 -1.29 -10.85
N LEU A 53 -0.28 -0.40 -11.83
CA LEU A 53 -1.42 0.30 -12.46
C LEU A 53 -2.46 -0.68 -13.03
N LYS A 54 -2.01 -1.79 -13.63
CA LYS A 54 -2.88 -2.89 -14.08
C LYS A 54 -3.68 -3.52 -12.93
N LEU A 55 -3.08 -3.69 -11.75
CA LEU A 55 -3.78 -4.17 -10.54
C LEU A 55 -4.88 -3.18 -10.11
N LEU A 56 -4.60 -1.87 -10.10
CA LEU A 56 -5.63 -0.84 -9.82
C LEU A 56 -6.77 -0.92 -10.85
N LYS A 57 -6.44 -1.07 -12.13
CA LYS A 57 -7.40 -1.22 -13.23
C LYS A 57 -8.23 -2.51 -13.18
N SER A 58 -7.72 -3.60 -12.57
CA SER A 58 -8.49 -4.82 -12.35
C SER A 58 -9.67 -4.61 -11.38
N VAL A 59 -9.58 -3.62 -10.49
CA VAL A 59 -10.69 -3.12 -9.64
C VAL A 59 -11.31 -1.81 -10.17
N GLY A 60 -11.05 -1.47 -11.44
CA GLY A 60 -11.74 -0.40 -12.18
C GLY A 60 -11.20 1.02 -12.00
N ALA A 61 -9.89 1.21 -11.75
CA ALA A 61 -9.29 2.54 -11.60
C ALA A 61 -9.26 3.27 -12.96
N GLN A 62 -9.81 4.49 -13.03
CA GLN A 62 -10.08 5.22 -14.28
C GLN A 62 -8.87 5.96 -14.92
N LYS A 63 -8.04 6.60 -14.10
CA LYS A 63 -6.86 7.40 -14.48
C LYS A 63 -5.63 6.54 -14.84
N ASP A 64 -4.58 7.20 -15.34
CA ASP A 64 -3.23 6.65 -15.55
C ASP A 64 -2.16 7.08 -14.52
N THR A 65 -2.52 7.94 -13.57
CA THR A 65 -1.66 8.46 -12.48
C THR A 65 -2.53 8.60 -11.23
N TYR A 66 -1.91 8.37 -10.07
CA TYR A 66 -2.57 8.28 -8.76
C TYR A 66 -1.76 8.85 -7.60
N THR A 67 -2.40 9.28 -6.51
CA THR A 67 -1.73 9.63 -5.23
C THR A 67 -1.31 8.42 -4.39
N MET A 68 -0.46 8.62 -3.37
CA MET A 68 -0.13 7.55 -2.41
C MET A 68 -1.37 6.93 -1.75
N LYS A 69 -2.32 7.76 -1.28
CA LYS A 69 -3.58 7.32 -0.68
C LYS A 69 -4.48 6.62 -1.70
N GLU A 70 -4.56 7.10 -2.94
CA GLU A 70 -5.33 6.46 -4.00
C GLU A 70 -4.78 5.07 -4.40
N VAL A 71 -3.45 4.94 -4.52
CA VAL A 71 -2.79 3.66 -4.79
C VAL A 71 -3.04 2.70 -3.63
N LEU A 72 -2.84 3.14 -2.38
CA LEU A 72 -3.13 2.33 -1.18
C LEU A 72 -4.60 1.89 -1.15
N PHE A 73 -5.54 2.80 -1.43
CA PHE A 73 -6.97 2.48 -1.56
C PHE A 73 -7.29 1.34 -2.55
N TYR A 74 -6.95 1.53 -3.83
CA TYR A 74 -7.16 0.51 -4.86
C TYR A 74 -6.46 -0.83 -4.64
N LEU A 75 -5.20 -0.79 -4.18
CA LEU A 75 -4.41 -1.97 -3.84
C LEU A 75 -5.03 -2.76 -2.68
N GLY A 76 -5.47 -2.07 -1.61
CA GLY A 76 -6.16 -2.69 -0.48
C GLY A 76 -7.52 -3.27 -0.86
N GLN A 77 -8.31 -2.56 -1.66
CA GLN A 77 -9.60 -3.06 -2.17
C GLN A 77 -9.41 -4.32 -3.05
N TYR A 78 -8.32 -4.40 -3.82
CA TYR A 78 -7.92 -5.63 -4.53
C TYR A 78 -7.59 -6.81 -3.61
N ILE A 79 -6.69 -6.59 -2.65
CA ILE A 79 -6.27 -7.62 -1.68
C ILE A 79 -7.47 -8.13 -0.85
N MET A 80 -8.37 -7.22 -0.46
CA MET A 80 -9.61 -7.53 0.24
C MET A 80 -10.55 -8.41 -0.62
N THR A 81 -10.90 -7.97 -1.84
CA THR A 81 -11.83 -8.71 -2.71
C THR A 81 -11.31 -10.04 -3.25
N LYS A 82 -10.00 -10.11 -3.57
CA LYS A 82 -9.30 -11.36 -3.90
C LYS A 82 -9.04 -12.27 -2.70
N ARG A 83 -9.30 -11.79 -1.47
CA ARG A 83 -9.27 -12.55 -0.20
C ARG A 83 -7.91 -13.24 0.05
N LEU A 84 -6.82 -12.51 -0.23
CA LEU A 84 -5.44 -13.00 -0.19
C LEU A 84 -4.86 -13.13 1.23
N TYR A 85 -5.56 -12.63 2.25
CA TYR A 85 -5.20 -12.83 3.65
C TYR A 85 -5.37 -14.26 4.19
N ASP A 86 -4.59 -14.66 5.20
CA ASP A 86 -4.83 -15.92 5.94
C ASP A 86 -6.19 -15.96 6.66
N GLU A 87 -6.95 -17.05 6.52
CA GLU A 87 -8.24 -17.25 7.21
C GLU A 87 -8.12 -17.14 8.74
N LYS A 88 -6.95 -17.52 9.30
CA LYS A 88 -6.64 -17.47 10.74
C LYS A 88 -6.06 -16.11 11.11
N GLN A 89 -4.91 -15.77 10.53
CA GLN A 89 -4.24 -14.47 10.70
C GLN A 89 -4.76 -13.47 9.66
N GLN A 90 -5.94 -12.88 9.93
CA GLN A 90 -6.64 -11.94 9.04
C GLN A 90 -5.99 -10.53 9.01
N HIS A 91 -4.66 -10.49 9.11
CA HIS A 91 -3.78 -9.33 9.01
C HIS A 91 -2.45 -9.68 8.30
N ILE A 92 -2.29 -10.91 7.78
CA ILE A 92 -1.11 -11.36 7.01
C ILE A 92 -1.57 -11.80 5.61
N VAL A 93 -0.93 -11.27 4.57
CA VAL A 93 -1.23 -11.50 3.15
C VAL A 93 -0.33 -12.57 2.52
N TYR A 94 -0.92 -13.43 1.68
CA TYR A 94 -0.25 -14.54 0.99
C TYR A 94 -0.51 -14.56 -0.52
N CYS A 95 0.54 -14.58 -1.35
CA CYS A 95 0.45 -14.61 -2.81
C CYS A 95 1.77 -15.14 -3.41
N SER A 96 1.78 -16.40 -3.82
CA SER A 96 2.88 -17.03 -4.59
C SER A 96 2.49 -17.22 -6.07
N ASN A 97 3.46 -17.02 -6.97
CA ASN A 97 3.34 -17.13 -8.43
C ASN A 97 2.27 -16.22 -9.11
N ASP A 98 1.68 -15.28 -8.37
CA ASP A 98 0.64 -14.33 -8.80
C ASP A 98 1.00 -12.83 -8.65
N LEU A 99 0.18 -11.94 -9.22
CA LEU A 99 0.45 -10.51 -9.39
C LEU A 99 0.86 -9.76 -8.12
N LEU A 100 0.25 -10.02 -6.97
CA LEU A 100 0.61 -9.34 -5.71
C LEU A 100 2.01 -9.75 -5.20
N GLY A 101 2.37 -11.02 -5.34
CA GLY A 101 3.71 -11.53 -5.03
C GLY A 101 4.77 -11.01 -6.00
N ASP A 102 4.41 -10.91 -7.29
CA ASP A 102 5.25 -10.28 -8.32
C ASP A 102 5.52 -8.78 -8.11
N LEU A 103 4.55 -8.07 -7.53
CA LEU A 103 4.69 -6.68 -7.08
C LEU A 103 5.58 -6.56 -5.83
N PHE A 104 5.21 -7.17 -4.71
CA PHE A 104 5.93 -7.06 -3.44
C PHE A 104 7.32 -7.73 -3.35
N GLY A 105 7.61 -8.68 -4.25
CA GLY A 105 8.88 -9.42 -4.31
C GLY A 105 9.03 -10.50 -3.23
N VAL A 106 7.91 -10.92 -2.60
CA VAL A 106 7.85 -11.91 -1.51
C VAL A 106 6.59 -12.77 -1.66
N PRO A 107 6.60 -14.03 -1.18
CA PRO A 107 5.43 -14.91 -1.19
C PRO A 107 4.35 -14.50 -0.17
N SER A 108 4.73 -13.73 0.87
CA SER A 108 3.83 -13.26 1.93
C SER A 108 4.42 -12.06 2.69
N PHE A 109 3.57 -11.27 3.34
CA PHE A 109 3.97 -10.16 4.22
C PHE A 109 2.85 -9.86 5.24
N SER A 110 3.21 -9.28 6.39
CA SER A 110 2.26 -8.88 7.43
C SER A 110 1.88 -7.39 7.36
N VAL A 111 0.58 -7.11 7.47
CA VAL A 111 0.02 -5.75 7.63
C VAL A 111 0.14 -5.18 9.05
N LYS A 112 0.69 -5.96 10.00
CA LYS A 112 1.07 -5.50 11.35
C LYS A 112 2.22 -4.48 11.31
N GLU A 113 3.12 -4.58 10.35
CA GLU A 113 4.33 -3.76 10.23
C GLU A 113 4.26 -2.81 9.01
N HIS A 114 3.57 -1.68 9.19
CA HIS A 114 3.39 -0.65 8.15
C HIS A 114 4.71 -0.18 7.53
N ARG A 115 5.77 -0.07 8.36
CA ARG A 115 7.13 0.35 7.97
C ARG A 115 7.73 -0.52 6.85
N LYS A 116 7.51 -1.84 6.91
CA LYS A 116 7.92 -2.79 5.86
C LYS A 116 7.14 -2.58 4.57
N ILE A 117 5.82 -2.40 4.66
CA ILE A 117 4.97 -2.19 3.49
C ILE A 117 5.31 -0.89 2.78
N TYR A 118 5.46 0.23 3.50
CA TYR A 118 5.77 1.53 2.86
C TYR A 118 7.06 1.48 2.03
N THR A 119 8.14 0.89 2.55
CA THR A 119 9.41 0.75 1.79
C THR A 119 9.34 -0.15 0.56
N MET A 120 8.63 -1.28 0.66
CA MET A 120 8.38 -2.16 -0.49
C MET A 120 7.44 -1.52 -1.53
N MET A 121 6.41 -0.80 -1.09
CA MET A 121 5.41 -0.19 -1.96
C MET A 121 5.94 1.09 -2.63
N ALA A 122 6.88 1.81 -2.00
CA ALA A 122 7.59 2.93 -2.62
C ALA A 122 8.48 2.49 -3.80
N SER A 123 8.99 1.26 -3.80
CA SER A 123 9.75 0.67 -4.93
C SER A 123 8.88 0.54 -6.20
N MET A 124 7.56 0.46 -6.04
CA MET A 124 6.59 0.43 -7.15
C MET A 124 6.29 1.81 -7.76
N THR A 125 6.91 2.88 -7.25
CA THR A 125 6.70 4.28 -7.67
C THR A 125 7.95 5.09 -8.03
N GLY A 126 9.14 4.47 -8.08
CA GLY A 126 10.37 5.12 -8.53
C GLY A 126 11.66 4.32 -8.31
N GLY A 127 12.77 4.86 -8.83
CA GLY A 127 14.13 4.32 -8.69
C GLY A 127 14.46 3.09 -9.56
N GLN A 128 15.68 2.58 -9.42
CA GLN A 128 16.26 1.48 -10.22
C GLN A 128 16.87 0.36 -9.34
N GLN A 129 16.44 0.25 -8.09
CA GLN A 129 16.91 -0.72 -7.08
C GLN A 129 16.64 -2.20 -7.43
N MET A 130 15.63 -2.49 -8.25
CA MET A 130 15.30 -3.85 -8.71
C MET A 130 16.23 -4.33 -9.84
N GLY A 131 16.60 -5.62 -9.82
CA GLY A 131 17.47 -6.28 -10.81
C GLY A 131 17.84 -7.71 -10.41
N MET A 1 -12.77 -8.74 4.27
CA MET A 1 -13.46 -8.61 5.57
C MET A 1 -12.99 -7.35 6.31
N PRO A 2 -13.85 -6.68 7.12
CA PRO A 2 -13.52 -5.42 7.80
C PRO A 2 -12.29 -5.50 8.73
N ARG A 3 -12.06 -6.64 9.40
CA ARG A 3 -10.88 -6.86 10.25
C ARG A 3 -9.54 -6.77 9.50
N PHE A 4 -9.50 -7.13 8.22
CA PHE A 4 -8.36 -6.81 7.34
C PHE A 4 -8.21 -5.31 7.03
N TRP A 5 -9.34 -4.69 6.66
CA TRP A 5 -9.38 -3.29 6.26
C TRP A 5 -9.03 -2.32 7.41
N GLU A 6 -9.34 -2.66 8.66
CA GLU A 6 -8.90 -1.90 9.84
C GLU A 6 -7.36 -1.82 9.96
N TYR A 7 -6.65 -2.92 9.68
CA TYR A 7 -5.19 -2.91 9.51
C TYR A 7 -4.67 -2.12 8.30
N TRP A 8 -5.34 -2.28 7.15
CA TRP A 8 -4.96 -1.65 5.89
C TRP A 8 -5.20 -0.13 5.91
N LEU A 9 -6.21 0.36 6.62
CA LEU A 9 -6.50 1.79 6.79
C LEU A 9 -5.40 2.52 7.56
N ARG A 10 -4.72 1.84 8.50
CA ARG A 10 -3.60 2.39 9.28
C ARG A 10 -2.40 2.75 8.39
N LEU A 11 -2.20 2.02 7.29
CA LEU A 11 -1.18 2.36 6.28
C LEU A 11 -1.42 3.75 5.69
N MET A 12 -2.59 3.99 5.10
CA MET A 12 -2.88 5.26 4.42
C MET A 12 -3.03 6.43 5.41
N GLU A 13 -3.50 6.17 6.65
CA GLU A 13 -3.66 7.17 7.69
C GLU A 13 -2.31 7.66 8.26
N GLY A 14 -1.33 6.76 8.41
CA GLY A 14 0.04 7.09 8.83
C GLY A 14 0.87 7.71 7.71
N GLY A 15 0.98 7.00 6.58
CA GLY A 15 1.87 7.32 5.46
C GLY A 15 3.37 7.12 5.74
N GLY A 16 4.16 7.01 4.67
CA GLY A 16 5.62 6.97 4.74
C GLY A 16 6.24 8.28 5.24
N GLU A 17 7.51 8.22 5.67
CA GLU A 17 8.31 9.30 6.29
C GLU A 17 7.80 9.83 7.65
N ASN A 18 6.48 9.88 7.86
CA ASN A 18 5.84 10.19 9.15
C ASN A 18 6.16 9.13 10.23
N LEU A 19 6.20 7.84 9.85
CA LEU A 19 6.70 6.76 10.70
C LEU A 19 8.23 6.86 10.84
N TYR A 20 8.72 7.06 12.07
CA TYR A 20 10.14 7.31 12.35
C TYR A 20 11.15 6.23 11.92
N PHE A 21 12.10 6.60 11.06
CA PHE A 21 13.17 5.71 10.57
C PHE A 21 14.16 5.18 11.62
N GLN A 22 14.40 5.95 12.69
CA GLN A 22 15.29 5.59 13.79
C GLN A 22 14.75 4.47 14.71
N GLY A 23 13.48 4.07 14.56
CA GLY A 23 12.89 2.95 15.27
C GLY A 23 13.49 1.60 14.85
N MET A 24 13.96 0.80 15.82
CA MET A 24 14.53 -0.53 15.62
C MET A 24 13.48 -1.64 15.33
N SER A 25 12.19 -1.31 15.47
CA SER A 25 11.02 -2.12 15.09
C SER A 25 9.81 -1.23 14.81
N VAL A 26 8.79 -1.79 14.16
CA VAL A 26 7.54 -1.08 13.83
C VAL A 26 6.78 -0.61 15.10
N PRO A 27 6.36 0.67 15.19
CA PRO A 27 5.59 1.18 16.33
C PRO A 27 4.16 0.60 16.41
N THR A 28 3.53 0.73 17.58
CA THR A 28 2.15 0.31 17.84
C THR A 28 1.05 1.03 17.04
N ASP A 29 -0.14 0.43 16.98
CA ASP A 29 -1.33 0.99 16.30
C ASP A 29 -1.80 2.37 16.81
N GLY A 30 -1.65 3.41 15.98
CA GLY A 30 -2.03 4.79 16.31
C GLY A 30 -1.59 5.82 15.26
N ALA A 31 -1.88 7.09 15.51
CA ALA A 31 -1.56 8.24 14.65
C ALA A 31 -1.26 9.52 15.47
N VAL A 32 -0.49 9.38 16.56
CA VAL A 32 -0.15 10.47 17.50
C VAL A 32 0.59 11.64 16.84
N THR A 33 0.21 12.87 17.18
CA THR A 33 0.77 14.11 16.57
C THR A 33 2.28 14.31 16.67
N THR A 34 2.94 13.66 17.63
CA THR A 34 4.41 13.57 17.75
C THR A 34 5.16 13.01 16.54
N SER A 35 4.46 12.26 15.68
CA SER A 35 4.96 11.77 14.38
C SER A 35 5.16 12.89 13.32
N GLN A 36 4.57 14.07 13.55
CA GLN A 36 4.54 15.27 12.70
C GLN A 36 3.85 15.11 11.33
N ILE A 37 2.94 16.05 11.03
CA ILE A 37 2.19 16.12 9.76
C ILE A 37 3.01 16.78 8.63
N PRO A 38 2.69 16.52 7.34
CA PRO A 38 3.29 17.22 6.20
C PRO A 38 2.76 18.66 6.08
N ALA A 39 3.26 19.55 6.94
CA ALA A 39 2.76 20.92 7.11
C ALA A 39 2.78 21.74 5.80
N SER A 40 1.65 22.38 5.48
CA SER A 40 1.40 23.21 4.29
C SER A 40 1.59 22.53 2.91
N GLU A 41 1.78 21.21 2.87
CA GLU A 41 1.95 20.43 1.63
C GLU A 41 0.60 19.85 1.14
N GLN A 42 0.30 20.03 -0.15
CA GLN A 42 -0.93 19.53 -0.79
C GLN A 42 -0.89 18.01 -1.08
N GLU A 43 -2.04 17.44 -1.42
CA GLU A 43 -2.12 16.09 -1.98
C GLU A 43 -1.49 16.06 -3.39
N THR A 44 -0.67 15.05 -3.69
CA THR A 44 0.14 14.97 -4.92
C THR A 44 0.17 13.59 -5.60
N LEU A 45 0.13 13.57 -6.93
CA LEU A 45 0.20 12.35 -7.74
C LEU A 45 1.61 11.76 -7.82
N VAL A 46 1.66 10.45 -8.07
CA VAL A 46 2.83 9.64 -8.42
C VAL A 46 2.59 8.85 -9.70
N ARG A 47 3.67 8.38 -10.33
CA ARG A 47 3.62 7.46 -11.46
C ARG A 47 4.01 6.03 -11.02
N PRO A 48 3.04 5.17 -10.65
CA PRO A 48 3.31 3.75 -10.41
C PRO A 48 3.75 3.02 -11.68
N LYS A 49 4.48 1.90 -11.52
CA LYS A 49 4.84 0.98 -12.63
C LYS A 49 3.60 0.49 -13.39
N PRO A 50 3.69 0.17 -14.70
CA PRO A 50 2.56 -0.36 -15.46
C PRO A 50 2.01 -1.68 -14.89
N LEU A 51 2.88 -2.51 -14.30
CA LEU A 51 2.50 -3.75 -13.60
C LEU A 51 1.60 -3.48 -12.38
N LEU A 52 1.90 -2.41 -11.61
CA LEU A 52 1.09 -1.98 -10.47
C LEU A 52 -0.20 -1.31 -10.92
N LEU A 53 -0.11 -0.40 -11.89
CA LEU A 53 -1.26 0.30 -12.48
C LEU A 53 -2.31 -0.68 -13.03
N LYS A 54 -1.88 -1.78 -13.66
CA LYS A 54 -2.76 -2.87 -14.10
C LYS A 54 -3.54 -3.53 -12.95
N LEU A 55 -2.90 -3.71 -11.78
CA LEU A 55 -3.57 -4.20 -10.56
C LEU A 55 -4.68 -3.23 -10.12
N LEU A 56 -4.43 -1.92 -10.10
CA LEU A 56 -5.46 -0.91 -9.79
C LEU A 56 -6.61 -0.96 -10.82
N LYS A 57 -6.28 -1.11 -12.10
CA LYS A 57 -7.25 -1.26 -13.20
C LYS A 57 -8.09 -2.55 -13.15
N SER A 58 -7.58 -3.63 -12.55
CA SER A 58 -8.38 -4.85 -12.33
C SER A 58 -9.55 -4.63 -11.36
N VAL A 59 -9.46 -3.63 -10.47
CA VAL A 59 -10.55 -3.12 -9.61
C VAL A 59 -11.16 -1.80 -10.14
N GLY A 60 -10.87 -1.43 -11.39
CA GLY A 60 -11.55 -0.35 -12.12
C GLY A 60 -10.97 1.07 -11.95
N ALA A 61 -9.67 1.22 -11.67
CA ALA A 61 -9.05 2.54 -11.54
C ALA A 61 -8.93 3.21 -12.94
N GLN A 62 -9.53 4.39 -13.12
CA GLN A 62 -9.73 5.03 -14.45
C GLN A 62 -8.50 5.74 -15.06
N LYS A 63 -7.69 6.42 -14.24
CA LYS A 63 -6.54 7.26 -14.64
C LYS A 63 -5.20 6.50 -14.68
N ASP A 64 -4.11 7.21 -14.97
CA ASP A 64 -2.74 6.68 -15.19
C ASP A 64 -1.68 7.15 -14.17
N THR A 65 -2.12 7.92 -13.17
CA THR A 65 -1.28 8.60 -12.14
C THR A 65 -2.16 8.64 -10.89
N TYR A 66 -1.57 8.44 -9.72
CA TYR A 66 -2.30 8.24 -8.46
C TYR A 66 -1.59 8.75 -7.21
N THR A 67 -2.32 9.15 -6.16
CA THR A 67 -1.72 9.39 -4.82
C THR A 67 -1.32 8.11 -4.09
N MET A 68 -0.40 8.16 -3.12
CA MET A 68 -0.10 6.98 -2.29
C MET A 68 -1.33 6.40 -1.58
N LYS A 69 -2.24 7.26 -1.09
CA LYS A 69 -3.53 6.84 -0.52
C LYS A 69 -4.46 6.21 -1.56
N GLU A 70 -4.52 6.73 -2.78
CA GLU A 70 -5.29 6.11 -3.87
C GLU A 70 -4.76 4.73 -4.26
N VAL A 71 -3.44 4.57 -4.42
CA VAL A 71 -2.80 3.27 -4.70
C VAL A 71 -3.07 2.27 -3.56
N LEU A 72 -2.86 2.68 -2.30
CA LEU A 72 -3.20 1.86 -1.13
C LEU A 72 -4.68 1.50 -1.10
N PHE A 73 -5.59 2.44 -1.33
CA PHE A 73 -7.03 2.17 -1.44
C PHE A 73 -7.41 1.06 -2.42
N TYR A 74 -6.99 1.21 -3.67
CA TYR A 74 -7.21 0.20 -4.71
C TYR A 74 -6.58 -1.17 -4.43
N LEU A 75 -5.36 -1.19 -3.88
CA LEU A 75 -4.66 -2.41 -3.49
C LEU A 75 -5.35 -3.14 -2.34
N GLY A 76 -5.80 -2.42 -1.30
CA GLY A 76 -6.55 -3.02 -0.19
C GLY A 76 -7.88 -3.63 -0.64
N GLN A 77 -8.63 -2.92 -1.49
CA GLN A 77 -9.84 -3.44 -2.13
C GLN A 77 -9.56 -4.66 -3.04
N TYR A 78 -8.40 -4.69 -3.71
CA TYR A 78 -7.93 -5.85 -4.47
C TYR A 78 -7.67 -7.09 -3.62
N ILE A 79 -6.91 -6.92 -2.54
CA ILE A 79 -6.59 -7.99 -1.58
C ILE A 79 -7.85 -8.59 -0.95
N MET A 80 -8.85 -7.75 -0.62
CA MET A 80 -10.16 -8.20 -0.12
C MET A 80 -10.96 -9.00 -1.16
N THR A 81 -11.15 -8.48 -2.38
CA THR A 81 -11.90 -9.21 -3.42
C THR A 81 -11.23 -10.51 -3.90
N LYS A 82 -9.89 -10.53 -3.95
CA LYS A 82 -9.05 -11.70 -4.28
C LYS A 82 -8.90 -12.71 -3.14
N ARG A 83 -9.23 -12.33 -1.89
CA ARG A 83 -9.11 -13.15 -0.67
C ARG A 83 -7.68 -13.70 -0.43
N LEU A 84 -6.66 -12.86 -0.62
CA LEU A 84 -5.24 -13.26 -0.52
C LEU A 84 -4.75 -13.45 0.93
N TYR A 85 -5.51 -13.00 1.94
CA TYR A 85 -5.16 -13.19 3.34
C TYR A 85 -5.19 -14.62 3.90
N ASP A 86 -4.40 -14.90 4.95
CA ASP A 86 -4.50 -16.14 5.73
C ASP A 86 -5.86 -16.29 6.41
N GLU A 87 -6.53 -17.45 6.28
CA GLU A 87 -7.82 -17.71 6.94
C GLU A 87 -7.73 -17.61 8.49
N LYS A 88 -6.55 -17.94 9.06
CA LYS A 88 -6.33 -17.99 10.52
C LYS A 88 -5.95 -16.61 11.08
N GLN A 89 -5.04 -15.91 10.41
CA GLN A 89 -4.63 -14.53 10.72
C GLN A 89 -4.87 -13.61 9.52
N GLN A 90 -6.07 -13.02 9.43
CA GLN A 90 -6.49 -12.23 8.26
C GLN A 90 -5.74 -10.90 8.09
N HIS A 91 -4.96 -10.49 9.09
CA HIS A 91 -4.02 -9.36 9.00
C HIS A 91 -2.70 -9.73 8.28
N ILE A 92 -2.49 -11.01 7.91
CA ILE A 92 -1.34 -11.51 7.13
C ILE A 92 -1.79 -11.86 5.70
N VAL A 93 -1.07 -11.36 4.70
CA VAL A 93 -1.33 -11.56 3.26
C VAL A 93 -0.40 -12.61 2.64
N TYR A 94 -0.98 -13.58 1.93
CA TYR A 94 -0.29 -14.62 1.15
C TYR A 94 -0.33 -14.40 -0.37
N CYS A 95 0.36 -13.37 -0.85
CA CYS A 95 0.38 -12.92 -2.23
C CYS A 95 1.13 -13.82 -3.23
N SER A 96 1.67 -14.97 -2.80
CA SER A 96 2.36 -15.96 -3.64
C SER A 96 1.53 -16.43 -4.84
N ASN A 97 2.23 -16.71 -5.96
CA ASN A 97 1.67 -17.14 -7.25
C ASN A 97 0.64 -16.17 -7.89
N ASP A 98 0.59 -14.92 -7.45
CA ASP A 98 -0.30 -13.86 -7.96
C ASP A 98 0.48 -12.63 -8.50
N LEU A 99 -0.19 -11.77 -9.27
CA LEU A 99 0.29 -10.44 -9.68
C LEU A 99 0.86 -9.63 -8.50
N LEU A 100 0.22 -9.71 -7.31
CA LEU A 100 0.70 -9.00 -6.13
C LEU A 100 2.01 -9.55 -5.54
N GLY A 101 2.23 -10.87 -5.61
CA GLY A 101 3.51 -11.49 -5.26
C GLY A 101 4.64 -11.07 -6.21
N ASP A 102 4.33 -10.91 -7.50
CA ASP A 102 5.25 -10.33 -8.48
C ASP A 102 5.58 -8.85 -8.28
N LEU A 103 4.65 -8.08 -7.69
CA LEU A 103 4.86 -6.70 -7.25
C LEU A 103 5.73 -6.62 -5.98
N PHE A 104 5.29 -7.25 -4.88
CA PHE A 104 6.02 -7.23 -3.60
C PHE A 104 7.37 -7.95 -3.53
N GLY A 105 7.59 -8.94 -4.40
CA GLY A 105 8.83 -9.74 -4.44
C GLY A 105 8.97 -10.75 -3.30
N VAL A 106 7.88 -11.11 -2.64
CA VAL A 106 7.81 -12.05 -1.50
C VAL A 106 6.56 -12.95 -1.65
N PRO A 107 6.56 -14.15 -1.05
CA PRO A 107 5.37 -15.03 -1.00
C PRO A 107 4.30 -14.51 -0.02
N SER A 108 4.68 -13.75 1.00
CA SER A 108 3.79 -13.23 2.05
C SER A 108 4.39 -12.05 2.82
N PHE A 109 3.52 -11.28 3.49
CA PHE A 109 3.88 -10.19 4.39
C PHE A 109 2.68 -9.95 5.33
N SER A 110 2.89 -9.26 6.45
CA SER A 110 1.81 -8.84 7.36
C SER A 110 1.48 -7.36 7.23
N VAL A 111 0.20 -6.99 7.16
CA VAL A 111 -0.25 -5.58 7.07
C VAL A 111 0.21 -4.72 8.26
N LYS A 112 0.43 -5.37 9.41
CA LYS A 112 1.00 -4.78 10.64
C LYS A 112 2.46 -4.31 10.47
N GLU A 113 3.18 -4.81 9.46
CA GLU A 113 4.55 -4.43 9.11
C GLU A 113 4.62 -3.09 8.35
N HIS A 114 3.97 -2.04 8.86
CA HIS A 114 3.73 -0.77 8.17
C HIS A 114 5.02 -0.13 7.57
N ARG A 115 6.10 -0.07 8.36
CA ARG A 115 7.39 0.52 7.95
C ARG A 115 8.04 -0.21 6.76
N LYS A 116 7.95 -1.54 6.74
CA LYS A 116 8.36 -2.42 5.63
C LYS A 116 7.47 -2.24 4.40
N ILE A 117 6.14 -2.19 4.58
CA ILE A 117 5.20 -1.95 3.48
C ILE A 117 5.46 -0.61 2.80
N TYR A 118 5.70 0.48 3.56
CA TYR A 118 5.98 1.79 2.99
C TYR A 118 7.18 1.83 2.03
N THR A 119 8.31 1.23 2.43
CA THR A 119 9.50 1.14 1.56
C THR A 119 9.33 0.21 0.34
N MET A 120 8.60 -0.89 0.48
CA MET A 120 8.24 -1.75 -0.67
C MET A 120 7.30 -1.04 -1.65
N MET A 121 6.28 -0.31 -1.17
CA MET A 121 5.36 0.47 -2.00
C MET A 121 6.08 1.61 -2.76
N ALA A 122 7.04 2.27 -2.10
CA ALA A 122 7.83 3.33 -2.71
C ALA A 122 8.67 2.83 -3.91
N SER A 123 9.19 1.61 -3.85
CA SER A 123 9.97 1.00 -4.95
C SER A 123 9.13 0.74 -6.22
N MET A 124 7.80 0.70 -6.10
CA MET A 124 6.86 0.54 -7.22
C MET A 124 6.49 1.87 -7.91
N THR A 125 6.96 3.01 -7.39
CA THR A 125 6.65 4.36 -7.90
C THR A 125 7.85 5.31 -8.09
N GLY A 126 9.06 4.83 -7.85
CA GLY A 126 10.32 5.59 -8.00
C GLY A 126 11.58 4.72 -7.83
N GLY A 127 12.73 5.26 -8.22
CA GLY A 127 14.03 4.59 -8.14
C GLY A 127 14.61 4.50 -6.70
N GLN A 128 15.65 3.69 -6.55
CA GLN A 128 16.37 3.47 -5.29
C GLN A 128 17.86 3.13 -5.53
N GLN A 129 18.71 3.36 -4.53
CA GLN A 129 20.15 3.05 -4.59
C GLN A 129 20.43 1.53 -4.60
N MET A 130 21.57 1.13 -5.16
CA MET A 130 22.05 -0.25 -5.24
C MET A 130 23.58 -0.34 -5.34
N GLY A 131 24.16 -1.51 -5.03
CA GLY A 131 25.60 -1.79 -5.10
C GLY A 131 25.97 -3.17 -4.52
N MET A 1 -15.07 -6.67 15.80
CA MET A 1 -14.34 -7.93 15.45
C MET A 1 -13.22 -7.63 14.46
N PRO A 2 -12.00 -8.22 14.60
CA PRO A 2 -10.86 -7.97 13.71
C PRO A 2 -11.12 -8.29 12.23
N ARG A 3 -10.56 -7.48 11.33
CA ARG A 3 -10.65 -7.62 9.86
C ARG A 3 -9.38 -7.14 9.15
N PHE A 4 -9.14 -7.65 7.93
CA PHE A 4 -8.10 -7.16 7.04
C PHE A 4 -8.08 -5.64 6.78
N TRP A 5 -9.25 -5.09 6.42
CA TRP A 5 -9.37 -3.68 6.02
C TRP A 5 -9.13 -2.70 7.17
N GLU A 6 -9.38 -3.09 8.43
CA GLU A 6 -8.98 -2.30 9.61
C GLU A 6 -7.45 -2.13 9.68
N TYR A 7 -6.70 -3.23 9.55
CA TYR A 7 -5.24 -3.18 9.38
C TYR A 7 -4.72 -2.41 8.16
N TRP A 8 -5.38 -2.58 7.02
CA TRP A 8 -5.02 -1.88 5.78
C TRP A 8 -5.27 -0.37 5.89
N LEU A 9 -6.36 0.05 6.54
CA LEU A 9 -6.66 1.46 6.83
C LEU A 9 -5.56 2.13 7.67
N ARG A 10 -4.84 1.39 8.52
CA ARG A 10 -3.71 1.92 9.31
C ARG A 10 -2.50 2.28 8.43
N LEU A 11 -2.34 1.64 7.27
CA LEU A 11 -1.36 2.07 6.25
C LEU A 11 -1.80 3.40 5.63
N MET A 12 -3.08 3.51 5.24
CA MET A 12 -3.59 4.63 4.45
C MET A 12 -3.76 5.91 5.29
N GLU A 13 -4.00 5.76 6.60
CA GLU A 13 -3.98 6.86 7.57
C GLU A 13 -2.59 7.51 7.68
N GLY A 14 -1.52 6.76 7.39
CA GLY A 14 -0.14 7.24 7.23
C GLY A 14 0.19 7.74 5.81
N GLY A 15 -0.81 7.89 4.93
CA GLY A 15 -0.69 8.53 3.62
C GLY A 15 -0.57 10.06 3.70
N GLY A 16 -0.10 10.70 2.63
CA GLY A 16 0.16 12.14 2.54
C GLY A 16 1.42 12.56 3.31
N GLU A 17 1.40 12.42 4.64
CA GLU A 17 2.55 12.58 5.54
C GLU A 17 3.47 11.32 5.57
N ASN A 18 3.61 10.67 4.41
CA ASN A 18 4.24 9.36 4.25
C ASN A 18 5.78 9.45 4.09
N LEU A 19 6.45 8.29 4.16
CA LEU A 19 7.87 8.12 3.81
C LEU A 19 8.18 8.41 2.34
N TYR A 20 7.20 8.26 1.43
CA TYR A 20 7.34 8.66 0.03
C TYR A 20 7.89 10.07 -0.23
N PHE A 21 8.86 10.21 -1.14
CA PHE A 21 9.60 11.46 -1.38
C PHE A 21 10.44 12.04 -0.22
N GLN A 22 10.43 11.36 0.94
CA GLN A 22 10.98 11.84 2.23
C GLN A 22 10.40 13.20 2.68
N GLY A 23 9.14 13.48 2.31
CA GLY A 23 8.45 14.75 2.61
C GLY A 23 8.12 14.98 4.09
N MET A 24 8.05 13.90 4.88
CA MET A 24 7.80 13.89 6.33
C MET A 24 8.64 12.85 7.07
N SER A 25 8.76 13.02 8.39
CA SER A 25 9.48 12.12 9.30
C SER A 25 8.90 10.69 9.36
N VAL A 26 9.70 9.74 9.85
CA VAL A 26 9.31 8.32 9.99
C VAL A 26 8.07 8.13 10.90
N PRO A 27 7.04 7.38 10.46
CA PRO A 27 5.83 7.14 11.26
C PRO A 27 6.11 6.21 12.45
N THR A 28 5.56 6.54 13.63
CA THR A 28 5.78 5.81 14.88
C THR A 28 5.15 4.41 15.00
N ASP A 29 3.85 4.33 14.74
CA ASP A 29 3.02 3.12 14.85
C ASP A 29 1.68 3.36 14.10
N GLY A 30 0.88 2.31 13.90
CA GLY A 30 -0.49 2.41 13.38
C GLY A 30 -1.45 3.10 14.36
N ALA A 31 -2.46 3.80 13.84
CA ALA A 31 -3.43 4.56 14.64
C ALA A 31 -4.31 3.66 15.53
N VAL A 32 -4.52 4.07 16.79
CA VAL A 32 -5.26 3.28 17.81
C VAL A 32 -6.19 4.08 18.74
N THR A 33 -6.12 5.41 18.70
CA THR A 33 -6.97 6.32 19.49
C THR A 33 -8.38 6.35 18.89
N THR A 34 -9.39 6.58 19.74
CA THR A 34 -10.79 6.82 19.33
C THR A 34 -10.90 8.23 18.73
N SER A 35 -10.19 9.22 19.29
CA SER A 35 -10.03 10.57 18.74
C SER A 35 -9.18 10.57 17.45
N GLN A 36 -9.49 11.48 16.53
CA GLN A 36 -8.82 11.62 15.23
C GLN A 36 -8.88 13.09 14.74
N ILE A 37 -7.75 13.65 14.30
CA ILE A 37 -7.66 15.00 13.73
C ILE A 37 -8.11 15.04 12.25
N PRO A 38 -8.59 16.19 11.74
CA PRO A 38 -8.96 16.35 10.33
C PRO A 38 -7.79 16.10 9.37
N ALA A 39 -8.04 15.38 8.26
CA ALA A 39 -7.08 15.17 7.17
C ALA A 39 -6.98 16.40 6.25
N SER A 40 -5.83 16.57 5.58
CA SER A 40 -5.64 17.60 4.55
C SER A 40 -6.40 17.27 3.25
N GLU A 41 -6.93 18.31 2.59
CA GLU A 41 -7.57 18.20 1.27
C GLU A 41 -6.57 18.19 0.09
N GLN A 42 -5.27 18.45 0.35
CA GLN A 42 -4.22 18.48 -0.67
C GLN A 42 -3.87 17.07 -1.20
N GLU A 43 -3.42 17.00 -2.45
CA GLU A 43 -3.10 15.76 -3.18
C GLU A 43 -1.82 15.89 -4.02
N THR A 44 -1.03 14.82 -4.11
CA THR A 44 0.20 14.70 -4.92
C THR A 44 0.35 13.40 -5.69
N LEU A 45 0.62 13.47 -6.99
CA LEU A 45 0.71 12.31 -7.88
C LEU A 45 2.10 11.67 -7.87
N VAL A 46 2.15 10.33 -7.90
CA VAL A 46 3.38 9.51 -7.72
C VAL A 46 3.84 8.72 -8.93
N ARG A 47 2.92 8.48 -9.87
CA ARG A 47 3.05 7.63 -11.07
C ARG A 47 3.63 6.22 -10.76
N PRO A 48 2.80 5.26 -10.29
CA PRO A 48 3.24 3.88 -10.07
C PRO A 48 3.64 3.16 -11.37
N LYS A 49 4.41 2.07 -11.25
CA LYS A 49 4.78 1.20 -12.39
C LYS A 49 3.56 0.66 -13.14
N PRO A 50 3.63 0.41 -14.47
CA PRO A 50 2.51 -0.14 -15.24
C PRO A 50 1.98 -1.48 -14.72
N LEU A 51 2.85 -2.34 -14.16
CA LEU A 51 2.46 -3.61 -13.57
C LEU A 51 1.58 -3.44 -12.32
N LEU A 52 1.87 -2.43 -11.47
CA LEU A 52 1.03 -2.06 -10.33
C LEU A 52 -0.26 -1.37 -10.79
N LEU A 53 -0.16 -0.45 -11.76
CA LEU A 53 -1.32 0.23 -12.34
C LEU A 53 -2.36 -0.78 -12.86
N LYS A 54 -1.93 -1.85 -13.53
CA LYS A 54 -2.81 -2.95 -13.99
C LYS A 54 -3.51 -3.70 -12.85
N LEU A 55 -2.86 -3.86 -11.70
CA LEU A 55 -3.50 -4.37 -10.48
C LEU A 55 -4.63 -3.43 -10.01
N LEU A 56 -4.44 -2.10 -10.12
CA LEU A 56 -5.51 -1.12 -9.91
C LEU A 56 -6.60 -1.23 -11.00
N LYS A 57 -6.24 -1.42 -12.28
CA LYS A 57 -7.20 -1.65 -13.38
C LYS A 57 -8.08 -2.88 -13.16
N SER A 58 -7.56 -3.92 -12.51
CA SER A 58 -8.29 -5.14 -12.13
C SER A 58 -9.43 -4.89 -11.12
N VAL A 59 -9.43 -3.73 -10.46
CA VAL A 59 -10.52 -3.20 -9.60
C VAL A 59 -11.12 -1.89 -10.15
N GLY A 60 -10.95 -1.60 -11.44
CA GLY A 60 -11.64 -0.51 -12.16
C GLY A 60 -11.04 0.89 -12.03
N ALA A 61 -9.76 1.01 -11.69
CA ALA A 61 -9.07 2.30 -11.54
C ALA A 61 -9.06 3.13 -12.85
N GLN A 62 -9.63 4.34 -12.84
CA GLN A 62 -9.88 5.12 -14.06
C GLN A 62 -8.67 5.89 -14.60
N LYS A 63 -7.92 6.60 -13.74
CA LYS A 63 -6.71 7.39 -14.07
C LYS A 63 -5.50 6.48 -14.37
N ASP A 64 -4.41 7.09 -14.85
CA ASP A 64 -3.07 6.50 -15.00
C ASP A 64 -1.99 7.07 -14.05
N THR A 65 -2.38 7.96 -13.13
CA THR A 65 -1.54 8.63 -12.13
C THR A 65 -2.39 8.75 -10.86
N TYR A 66 -1.76 8.56 -9.70
CA TYR A 66 -2.41 8.42 -8.39
C TYR A 66 -1.60 8.95 -7.20
N THR A 67 -2.25 9.24 -6.06
CA THR A 67 -1.57 9.46 -4.77
C THR A 67 -1.16 8.15 -4.06
N MET A 68 -0.24 8.19 -3.09
CA MET A 68 0.07 6.99 -2.27
C MET A 68 -1.18 6.37 -1.62
N LYS A 69 -2.09 7.19 -1.09
CA LYS A 69 -3.35 6.73 -0.49
C LYS A 69 -4.31 6.16 -1.53
N GLU A 70 -4.38 6.73 -2.73
CA GLU A 70 -5.18 6.18 -3.84
C GLU A 70 -4.67 4.82 -4.33
N VAL A 71 -3.35 4.65 -4.47
CA VAL A 71 -2.74 3.36 -4.84
C VAL A 71 -2.99 2.32 -3.74
N LEU A 72 -2.73 2.66 -2.46
CA LEU A 72 -3.04 1.80 -1.32
C LEU A 72 -4.54 1.44 -1.27
N PHE A 73 -5.46 2.38 -1.51
CA PHE A 73 -6.90 2.12 -1.56
C PHE A 73 -7.31 0.99 -2.51
N TYR A 74 -6.95 1.17 -3.77
CA TYR A 74 -7.15 0.18 -4.82
C TYR A 74 -6.45 -1.18 -4.60
N LEU A 75 -5.21 -1.16 -4.09
CA LEU A 75 -4.45 -2.35 -3.72
C LEU A 75 -5.13 -3.14 -2.59
N GLY A 76 -5.60 -2.45 -1.54
CA GLY A 76 -6.37 -3.06 -0.45
C GLY A 76 -7.70 -3.64 -0.93
N GLN A 77 -8.43 -2.93 -1.79
CA GLN A 77 -9.64 -3.45 -2.44
C GLN A 77 -9.36 -4.65 -3.35
N TYR A 78 -8.17 -4.74 -3.97
CA TYR A 78 -7.74 -5.91 -4.72
C TYR A 78 -7.46 -7.13 -3.82
N ILE A 79 -6.69 -6.92 -2.74
CA ILE A 79 -6.43 -7.94 -1.70
C ILE A 79 -7.73 -8.46 -1.09
N MET A 80 -8.68 -7.57 -0.84
CA MET A 80 -10.03 -7.87 -0.33
C MET A 80 -10.84 -8.73 -1.31
N THR A 81 -11.02 -8.27 -2.56
CA THR A 81 -11.82 -9.01 -3.56
C THR A 81 -11.24 -10.37 -3.98
N LYS A 82 -9.91 -10.48 -4.02
CA LYS A 82 -9.15 -11.73 -4.22
C LYS A 82 -9.04 -12.61 -2.97
N ARG A 83 -9.44 -12.09 -1.79
CA ARG A 83 -9.38 -12.73 -0.45
C ARG A 83 -7.98 -13.28 -0.10
N LEU A 84 -6.94 -12.48 -0.37
CA LEU A 84 -5.53 -12.88 -0.17
C LEU A 84 -5.08 -12.83 1.30
N TYR A 85 -5.90 -12.31 2.22
CA TYR A 85 -5.65 -12.39 3.66
C TYR A 85 -5.65 -13.81 4.25
N ASP A 86 -4.83 -14.08 5.27
CA ASP A 86 -4.85 -15.34 6.02
C ASP A 86 -6.15 -15.58 6.83
N GLU A 87 -6.73 -16.78 6.77
CA GLU A 87 -7.93 -17.13 7.54
C GLU A 87 -7.68 -17.19 9.06
N LYS A 88 -6.45 -17.48 9.51
CA LYS A 88 -6.06 -17.47 10.93
C LYS A 88 -5.81 -16.04 11.43
N GLN A 89 -5.06 -15.25 10.65
CA GLN A 89 -4.75 -13.85 10.95
C GLN A 89 -4.97 -12.93 9.73
N GLN A 90 -6.08 -12.19 9.70
CA GLN A 90 -6.39 -11.28 8.59
C GLN A 90 -5.42 -10.09 8.47
N HIS A 91 -4.62 -9.82 9.50
CA HIS A 91 -3.53 -8.84 9.44
C HIS A 91 -2.30 -9.32 8.64
N ILE A 92 -2.32 -10.55 8.08
CA ILE A 92 -1.27 -11.14 7.23
C ILE A 92 -1.86 -11.48 5.85
N VAL A 93 -1.09 -11.24 4.78
CA VAL A 93 -1.49 -11.45 3.37
C VAL A 93 -0.56 -12.47 2.70
N TYR A 94 -1.14 -13.35 1.87
CA TYR A 94 -0.46 -14.40 1.10
C TYR A 94 -0.73 -14.34 -0.41
N CYS A 95 0.31 -14.36 -1.24
CA CYS A 95 0.21 -14.37 -2.70
C CYS A 95 1.53 -14.87 -3.31
N SER A 96 1.50 -16.08 -3.87
CA SER A 96 2.60 -16.69 -4.63
C SER A 96 2.19 -17.00 -6.08
N ASN A 97 3.16 -16.90 -7.01
CA ASN A 97 3.01 -17.10 -8.46
C ASN A 97 1.82 -16.37 -9.13
N ASP A 98 1.45 -15.20 -8.63
CA ASP A 98 0.36 -14.34 -9.14
C ASP A 98 0.75 -12.86 -8.98
N LEU A 99 0.00 -11.95 -9.61
CA LEU A 99 0.32 -10.53 -9.81
C LEU A 99 0.77 -9.78 -8.53
N LEU A 100 0.01 -9.84 -7.44
CA LEU A 100 0.35 -9.13 -6.20
C LEU A 100 1.67 -9.61 -5.55
N GLY A 101 1.95 -10.91 -5.64
CA GLY A 101 3.25 -11.49 -5.24
C GLY A 101 4.40 -11.06 -6.16
N ASP A 102 4.12 -10.89 -7.46
CA ASP A 102 5.09 -10.33 -8.41
C ASP A 102 5.45 -8.85 -8.19
N LEU A 103 4.50 -8.04 -7.72
CA LEU A 103 4.75 -6.68 -7.25
C LEU A 103 5.58 -6.67 -5.96
N PHE A 104 5.09 -7.33 -4.89
CA PHE A 104 5.77 -7.34 -3.59
C PHE A 104 7.13 -8.07 -3.48
N GLY A 105 7.39 -9.02 -4.38
CA GLY A 105 8.64 -9.80 -4.40
C GLY A 105 8.78 -10.83 -3.26
N VAL A 106 7.67 -11.16 -2.59
CA VAL A 106 7.59 -12.10 -1.45
C VAL A 106 6.31 -12.95 -1.58
N PRO A 107 6.32 -14.19 -1.05
CA PRO A 107 5.13 -15.05 -1.01
C PRO A 107 4.06 -14.57 -0.01
N SER A 108 4.44 -13.77 0.99
CA SER A 108 3.56 -13.25 2.04
C SER A 108 4.17 -12.04 2.77
N PHE A 109 3.33 -11.25 3.44
CA PHE A 109 3.77 -10.16 4.32
C PHE A 109 2.71 -9.85 5.40
N SER A 110 3.12 -9.23 6.51
CA SER A 110 2.23 -8.71 7.55
C SER A 110 1.86 -7.25 7.29
N VAL A 111 0.56 -6.93 7.23
CA VAL A 111 0.01 -5.57 7.07
C VAL A 111 0.40 -4.63 8.21
N LYS A 112 0.58 -5.20 9.41
CA LYS A 112 1.01 -4.52 10.65
C LYS A 112 2.44 -3.95 10.57
N GLU A 113 3.30 -4.53 9.73
CA GLU A 113 4.68 -4.07 9.47
C GLU A 113 4.70 -2.88 8.49
N HIS A 114 4.08 -1.77 8.90
CA HIS A 114 3.80 -0.62 8.01
C HIS A 114 5.03 -0.04 7.31
N ARG A 115 6.16 0.13 8.03
CA ARG A 115 7.42 0.67 7.47
C ARG A 115 7.99 -0.19 6.34
N LYS A 116 7.91 -1.52 6.48
CA LYS A 116 8.35 -2.50 5.47
C LYS A 116 7.46 -2.45 4.23
N ILE A 117 6.14 -2.30 4.40
CA ILE A 117 5.22 -2.07 3.27
C ILE A 117 5.49 -0.73 2.60
N TYR A 118 5.67 0.36 3.35
CA TYR A 118 5.94 1.68 2.77
C TYR A 118 7.19 1.74 1.87
N THR A 119 8.30 1.11 2.28
CA THR A 119 9.49 0.97 1.44
C THR A 119 9.32 0.08 0.19
N MET A 120 8.55 -1.01 0.30
CA MET A 120 8.17 -1.83 -0.86
C MET A 120 7.24 -1.07 -1.83
N MET A 121 6.29 -0.28 -1.31
CA MET A 121 5.40 0.56 -2.11
C MET A 121 6.16 1.70 -2.81
N ALA A 122 7.11 2.35 -2.11
CA ALA A 122 7.99 3.35 -2.69
C ALA A 122 8.86 2.77 -3.82
N SER A 123 9.27 1.50 -3.72
CA SER A 123 9.97 0.76 -4.79
C SER A 123 9.09 0.47 -6.03
N MET A 124 7.78 0.72 -5.96
CA MET A 124 6.83 0.63 -7.08
C MET A 124 6.44 2.01 -7.67
N THR A 125 7.05 3.10 -7.18
CA THR A 125 6.80 4.49 -7.65
C THR A 125 8.07 5.32 -7.92
N GLY A 126 9.14 5.11 -7.15
CA GLY A 126 10.47 5.67 -7.37
C GLY A 126 11.29 4.93 -8.44
N GLY A 127 12.45 5.49 -8.79
CA GLY A 127 13.41 4.89 -9.73
C GLY A 127 14.25 3.74 -9.14
N GLN A 128 15.07 3.12 -9.99
CA GLN A 128 15.99 2.01 -9.64
C GLN A 128 17.23 1.99 -10.56
N GLN A 129 18.29 1.30 -10.13
CA GLN A 129 19.52 1.08 -10.92
C GLN A 129 19.33 0.06 -12.07
N MET A 130 18.26 -0.76 -12.01
CA MET A 130 17.85 -1.82 -12.95
C MET A 130 18.81 -3.03 -13.07
N GLY A 131 20.13 -2.83 -12.96
CA GLY A 131 21.17 -3.88 -12.92
C GLY A 131 21.11 -4.77 -11.68
N MET A 1 -11.70 -11.42 15.81
CA MET A 1 -10.61 -11.23 14.80
C MET A 1 -10.95 -10.06 13.87
N PRO A 2 -10.18 -8.96 13.88
CA PRO A 2 -10.36 -7.83 12.96
C PRO A 2 -10.12 -8.25 11.49
N ARG A 3 -10.85 -7.61 10.56
CA ARG A 3 -10.73 -7.87 9.11
C ARG A 3 -9.40 -7.35 8.54
N PHE A 4 -9.02 -7.84 7.36
CA PHE A 4 -7.90 -7.30 6.58
C PHE A 4 -7.90 -5.77 6.39
N TRP A 5 -9.02 -5.22 5.91
CA TRP A 5 -9.16 -3.79 5.62
C TRP A 5 -9.06 -2.91 6.87
N GLU A 6 -9.53 -3.40 8.02
CA GLU A 6 -9.42 -2.72 9.31
C GLU A 6 -7.95 -2.54 9.76
N TYR A 7 -7.04 -3.40 9.29
CA TYR A 7 -5.58 -3.23 9.38
C TYR A 7 -4.96 -2.37 8.27
N TRP A 8 -5.38 -2.59 7.03
CA TRP A 8 -4.86 -1.89 5.84
C TRP A 8 -5.17 -0.38 5.87
N LEU A 9 -6.31 0.02 6.44
CA LEU A 9 -6.66 1.42 6.66
C LEU A 9 -5.61 2.19 7.49
N ARG A 10 -4.92 1.49 8.41
CA ARG A 10 -3.89 2.08 9.29
C ARG A 10 -2.61 2.42 8.54
N LEU A 11 -2.39 1.82 7.37
CA LEU A 11 -1.29 2.19 6.46
C LEU A 11 -1.53 3.57 5.82
N MET A 12 -2.72 3.79 5.24
CA MET A 12 -3.01 5.08 4.59
C MET A 12 -3.18 6.21 5.63
N GLU A 13 -3.66 5.87 6.84
CA GLU A 13 -3.67 6.74 8.02
C GLU A 13 -2.32 6.73 8.79
N GLY A 14 -1.21 6.45 8.12
CA GLY A 14 0.12 6.25 8.71
C GLY A 14 0.69 7.44 9.51
N GLY A 15 0.19 8.66 9.28
CA GLY A 15 0.51 9.84 10.12
C GLY A 15 -0.10 9.81 11.53
N GLY A 16 -1.09 8.93 11.77
CA GLY A 16 -1.73 8.68 13.07
C GLY A 16 -1.06 7.61 13.94
N GLU A 17 0.05 7.03 13.48
CA GLU A 17 0.85 6.00 14.19
C GLU A 17 2.34 6.37 14.25
N ASN A 18 3.14 5.62 15.02
CA ASN A 18 4.53 5.96 15.37
C ASN A 18 5.50 6.10 14.18
N LEU A 19 5.20 5.48 13.04
CA LEU A 19 5.88 5.61 11.74
C LEU A 19 7.42 5.46 11.82
N TYR A 20 8.15 6.57 11.97
CA TYR A 20 9.61 6.64 12.11
C TYR A 20 10.18 7.40 13.31
N PHE A 21 9.33 7.77 14.27
CA PHE A 21 9.70 8.59 15.44
C PHE A 21 10.78 8.05 16.40
N GLN A 22 11.48 8.96 17.09
CA GLN A 22 12.68 8.77 17.91
C GLN A 22 13.93 8.39 17.09
N GLY A 23 15.00 9.19 17.20
CA GLY A 23 16.20 9.13 16.34
C GLY A 23 15.99 9.66 14.91
N MET A 24 14.74 9.96 14.54
CA MET A 24 14.23 10.46 13.26
C MET A 24 12.82 11.05 13.51
N SER A 25 12.35 11.94 12.63
CA SER A 25 10.95 12.38 12.57
C SER A 25 10.15 11.48 11.63
N VAL A 26 10.15 11.84 10.36
CA VAL A 26 9.62 11.09 9.21
C VAL A 26 10.54 11.21 7.99
N PRO A 27 10.98 10.09 7.37
CA PRO A 27 11.82 10.08 6.17
C PRO A 27 11.05 10.52 4.91
N THR A 28 11.77 11.06 3.92
CA THR A 28 11.24 11.35 2.57
C THR A 28 10.89 10.11 1.75
N ASP A 29 9.60 9.91 1.45
CA ASP A 29 9.08 8.78 0.65
C ASP A 29 9.09 8.97 -0.88
N GLY A 30 9.13 10.23 -1.35
CA GLY A 30 9.14 10.62 -2.76
C GLY A 30 8.98 12.13 -2.96
N ALA A 31 8.76 12.55 -4.20
CA ALA A 31 8.46 13.95 -4.53
C ALA A 31 7.07 14.39 -3.98
N VAL A 32 6.96 15.65 -3.54
CA VAL A 32 5.74 16.24 -2.96
C VAL A 32 5.41 17.64 -3.52
N THR A 33 4.12 17.98 -3.54
CA THR A 33 3.61 19.32 -3.88
C THR A 33 4.01 20.41 -2.89
N THR A 34 4.09 21.66 -3.36
CA THR A 34 4.27 22.88 -2.55
C THR A 34 2.97 23.51 -2.00
N SER A 35 1.81 22.93 -2.31
CA SER A 35 0.47 23.46 -2.03
C SER A 35 -0.02 23.30 -0.58
N GLN A 36 0.84 23.52 0.42
CA GLN A 36 0.49 23.55 1.86
C GLN A 36 -0.24 24.85 2.27
N ILE A 37 -1.23 25.27 1.47
CA ILE A 37 -2.09 26.45 1.71
C ILE A 37 -3.14 26.17 2.81
N PRO A 38 -3.80 27.20 3.39
CA PRO A 38 -4.82 27.02 4.43
C PRO A 38 -6.08 26.26 3.97
N ALA A 39 -6.45 26.37 2.69
CA ALA A 39 -7.58 25.65 2.08
C ALA A 39 -7.27 24.15 1.87
N SER A 40 -8.32 23.32 1.81
CA SER A 40 -8.20 21.88 1.52
C SER A 40 -7.77 21.61 0.07
N GLU A 41 -6.81 20.71 -0.11
CA GLU A 41 -6.24 20.32 -1.42
C GLU A 41 -5.90 18.81 -1.49
N GLN A 42 -5.87 18.26 -2.70
CA GLN A 42 -5.51 16.85 -2.96
C GLN A 42 -4.01 16.59 -2.73
N GLU A 43 -3.67 15.37 -2.33
CA GLU A 43 -2.28 14.88 -2.20
C GLU A 43 -1.55 14.80 -3.56
N THR A 44 -0.22 14.79 -3.53
CA THR A 44 0.64 14.67 -4.72
C THR A 44 0.41 13.46 -5.63
N LEU A 45 0.31 13.68 -6.94
CA LEU A 45 0.23 12.61 -7.95
C LEU A 45 1.60 11.98 -8.25
N VAL A 46 1.58 10.69 -8.60
CA VAL A 46 2.71 9.86 -9.02
C VAL A 46 2.42 9.03 -10.26
N ARG A 47 3.48 8.52 -10.89
CA ARG A 47 3.40 7.52 -11.96
C ARG A 47 3.70 6.11 -11.43
N PRO A 48 2.70 5.32 -11.01
CA PRO A 48 2.92 3.92 -10.63
C PRO A 48 3.39 3.06 -11.81
N LYS A 49 4.14 1.98 -11.53
CA LYS A 49 4.64 1.03 -12.55
C LYS A 49 3.49 0.39 -13.36
N PRO A 50 3.71 -0.03 -14.62
CA PRO A 50 2.68 -0.71 -15.44
C PRO A 50 2.11 -1.97 -14.78
N LEU A 51 2.94 -2.72 -14.05
CA LEU A 51 2.53 -3.90 -13.27
C LEU A 51 1.52 -3.55 -12.16
N LEU A 52 1.72 -2.40 -11.49
CA LEU A 52 0.79 -1.88 -10.48
C LEU A 52 -0.47 -1.30 -11.12
N LEU A 53 -0.32 -0.52 -12.19
CA LEU A 53 -1.43 0.07 -12.94
C LEU A 53 -2.42 -1.02 -13.43
N LYS A 54 -1.92 -2.17 -13.86
CA LYS A 54 -2.75 -3.36 -14.17
C LYS A 54 -3.57 -3.86 -12.97
N LEU A 55 -2.99 -3.86 -11.76
CA LEU A 55 -3.70 -4.19 -10.51
C LEU A 55 -4.77 -3.15 -10.17
N LEU A 56 -4.46 -1.85 -10.27
CA LEU A 56 -5.42 -0.76 -10.06
C LEU A 56 -6.60 -0.88 -11.05
N LYS A 57 -6.33 -1.20 -12.33
CA LYS A 57 -7.33 -1.41 -13.37
C LYS A 57 -8.11 -2.72 -13.25
N SER A 58 -7.55 -3.73 -12.58
CA SER A 58 -8.28 -4.95 -12.19
C SER A 58 -9.42 -4.68 -11.19
N VAL A 59 -9.33 -3.57 -10.44
CA VAL A 59 -10.40 -3.01 -9.59
C VAL A 59 -11.05 -1.75 -10.19
N GLY A 60 -10.82 -1.48 -11.49
CA GLY A 60 -11.53 -0.47 -12.28
C GLY A 60 -11.02 0.96 -12.16
N ALA A 61 -9.74 1.18 -11.86
CA ALA A 61 -9.17 2.52 -11.71
C ALA A 61 -9.05 3.24 -13.08
N GLN A 62 -9.49 4.50 -13.17
CA GLN A 62 -9.68 5.21 -14.45
C GLN A 62 -8.46 5.97 -14.98
N LYS A 63 -7.61 6.51 -14.10
CA LYS A 63 -6.51 7.45 -14.41
C LYS A 63 -5.21 6.77 -14.84
N ASP A 64 -4.25 7.58 -15.30
CA ASP A 64 -2.85 7.23 -15.57
C ASP A 64 -1.85 7.82 -14.54
N THR A 65 -2.36 8.49 -13.49
CA THR A 65 -1.61 9.14 -12.40
C THR A 65 -2.47 8.99 -11.15
N TYR A 66 -1.82 8.76 -10.00
CA TYR A 66 -2.48 8.47 -8.71
C TYR A 66 -1.78 9.06 -7.49
N THR A 67 -2.50 9.36 -6.41
CA THR A 67 -1.87 9.65 -5.10
C THR A 67 -1.37 8.42 -4.36
N MET A 68 -0.43 8.55 -3.42
CA MET A 68 -0.01 7.42 -2.59
C MET A 68 -1.17 6.83 -1.75
N LYS A 69 -2.11 7.67 -1.30
CA LYS A 69 -3.34 7.22 -0.63
C LYS A 69 -4.28 6.49 -1.60
N GLU A 70 -4.43 6.97 -2.83
CA GLU A 70 -5.23 6.29 -3.87
C GLU A 70 -4.65 4.92 -4.25
N VAL A 71 -3.31 4.82 -4.39
CA VAL A 71 -2.62 3.55 -4.65
C VAL A 71 -2.87 2.59 -3.49
N LEU A 72 -2.66 3.01 -2.23
CA LEU A 72 -2.96 2.18 -1.05
C LEU A 72 -4.44 1.75 -1.03
N PHE A 73 -5.36 2.68 -1.28
CA PHE A 73 -6.79 2.43 -1.37
C PHE A 73 -7.22 1.33 -2.35
N TYR A 74 -6.85 1.49 -3.62
CA TYR A 74 -7.09 0.48 -4.66
C TYR A 74 -6.36 -0.86 -4.49
N LEU A 75 -5.12 -0.83 -3.98
CA LEU A 75 -4.33 -2.02 -3.64
C LEU A 75 -5.00 -2.83 -2.52
N GLY A 76 -5.50 -2.16 -1.48
CA GLY A 76 -6.31 -2.77 -0.43
C GLY A 76 -7.62 -3.34 -0.95
N GLN A 77 -8.34 -2.62 -1.82
CA GLN A 77 -9.54 -3.15 -2.48
C GLN A 77 -9.26 -4.41 -3.34
N TYR A 78 -8.08 -4.50 -3.97
CA TYR A 78 -7.67 -5.71 -4.69
C TYR A 78 -7.41 -6.91 -3.76
N ILE A 79 -6.63 -6.71 -2.69
CA ILE A 79 -6.34 -7.73 -1.66
C ILE A 79 -7.64 -8.22 -1.00
N MET A 80 -8.58 -7.30 -0.73
CA MET A 80 -9.93 -7.57 -0.23
C MET A 80 -10.75 -8.42 -1.20
N THR A 81 -10.95 -7.96 -2.44
CA THR A 81 -11.76 -8.67 -3.45
C THR A 81 -11.24 -10.05 -3.86
N LYS A 82 -9.91 -10.23 -3.86
CA LYS A 82 -9.20 -11.50 -4.08
C LYS A 82 -9.15 -12.43 -2.85
N ARG A 83 -9.43 -11.89 -1.64
CA ARG A 83 -9.33 -12.57 -0.33
C ARG A 83 -7.96 -13.24 -0.09
N LEU A 84 -6.88 -12.49 -0.34
CA LEU A 84 -5.49 -12.99 -0.21
C LEU A 84 -5.01 -13.11 1.25
N TYR A 85 -5.79 -12.63 2.21
CA TYR A 85 -5.51 -12.79 3.64
C TYR A 85 -5.56 -14.23 4.19
N ASP A 86 -4.78 -14.53 5.23
CA ASP A 86 -4.86 -15.81 5.96
C ASP A 86 -6.20 -15.85 6.73
N GLU A 87 -6.76 -17.05 6.93
CA GLU A 87 -8.02 -17.23 7.66
C GLU A 87 -7.87 -17.00 9.18
N LYS A 88 -6.74 -17.46 9.75
CA LYS A 88 -6.47 -17.49 11.20
C LYS A 88 -5.85 -16.20 11.76
N GLN A 89 -5.05 -15.50 10.94
CA GLN A 89 -4.50 -14.17 11.24
C GLN A 89 -4.75 -13.25 10.05
N GLN A 90 -5.89 -12.55 10.04
CA GLN A 90 -6.39 -11.82 8.86
C GLN A 90 -5.58 -10.56 8.52
N HIS A 91 -4.60 -10.22 9.36
CA HIS A 91 -3.59 -9.20 9.08
C HIS A 91 -2.38 -9.74 8.28
N ILE A 92 -2.26 -11.06 8.05
CA ILE A 92 -1.23 -11.68 7.21
C ILE A 92 -1.80 -11.93 5.79
N VAL A 93 -1.00 -11.66 4.75
CA VAL A 93 -1.37 -11.77 3.33
C VAL A 93 -0.47 -12.74 2.56
N TYR A 94 -1.06 -13.61 1.74
CA TYR A 94 -0.42 -14.67 0.95
C TYR A 94 -0.74 -14.61 -0.55
N CYS A 95 0.27 -14.53 -1.43
CA CYS A 95 0.07 -14.40 -2.88
C CYS A 95 1.30 -14.90 -3.68
N SER A 96 1.80 -16.09 -3.34
CA SER A 96 2.90 -16.73 -4.09
C SER A 96 2.54 -16.98 -5.57
N ASN A 97 3.48 -16.67 -6.47
CA ASN A 97 3.37 -16.81 -7.93
C ASN A 97 2.18 -16.08 -8.60
N ASP A 98 1.63 -15.04 -7.96
CA ASP A 98 0.56 -14.19 -8.51
C ASP A 98 0.85 -12.68 -8.31
N LEU A 99 0.10 -11.80 -8.97
CA LEU A 99 0.35 -10.37 -9.15
C LEU A 99 0.75 -9.57 -7.89
N LEU A 100 0.12 -9.80 -6.73
CA LEU A 100 0.47 -9.08 -5.50
C LEU A 100 1.88 -9.45 -4.99
N GLY A 101 2.25 -10.73 -5.06
CA GLY A 101 3.59 -11.21 -4.72
C GLY A 101 4.64 -10.78 -5.76
N ASP A 102 4.25 -10.72 -7.03
CA ASP A 102 5.08 -10.16 -8.10
C ASP A 102 5.40 -8.66 -7.95
N LEU A 103 4.43 -7.89 -7.41
CA LEU A 103 4.62 -6.49 -7.00
C LEU A 103 5.52 -6.36 -5.77
N PHE A 104 5.16 -7.00 -4.65
CA PHE A 104 5.92 -6.91 -3.39
C PHE A 104 7.32 -7.56 -3.35
N GLY A 105 7.60 -8.49 -4.26
CA GLY A 105 8.86 -9.24 -4.33
C GLY A 105 8.99 -10.35 -3.28
N VAL A 106 7.87 -10.76 -2.67
CA VAL A 106 7.80 -11.79 -1.61
C VAL A 106 6.51 -12.62 -1.79
N PRO A 107 6.50 -13.90 -1.36
CA PRO A 107 5.31 -14.75 -1.41
C PRO A 107 4.24 -14.35 -0.38
N SER A 108 4.64 -13.70 0.72
CA SER A 108 3.77 -13.26 1.83
C SER A 108 4.38 -12.13 2.65
N PHE A 109 3.53 -11.39 3.37
CA PHE A 109 3.92 -10.33 4.31
C PHE A 109 2.76 -10.14 5.32
N SER A 110 2.97 -9.35 6.38
CA SER A 110 1.93 -8.98 7.34
C SER A 110 1.69 -7.47 7.37
N VAL A 111 0.41 -7.05 7.31
CA VAL A 111 -0.05 -5.66 7.46
C VAL A 111 0.38 -5.02 8.79
N LYS A 112 0.65 -5.85 9.80
CA LYS A 112 1.24 -5.44 11.10
C LYS A 112 2.63 -4.79 10.96
N GLU A 113 3.35 -5.07 9.87
CA GLU A 113 4.77 -4.70 9.66
C GLU A 113 5.01 -3.28 9.14
N HIS A 114 3.95 -2.50 8.88
CA HIS A 114 3.91 -1.05 8.58
C HIS A 114 5.11 -0.50 7.75
N ARG A 115 6.21 -0.13 8.42
CA ARG A 115 7.47 0.35 7.80
C ARG A 115 7.96 -0.51 6.64
N LYS A 116 7.89 -1.84 6.78
CA LYS A 116 8.32 -2.79 5.72
C LYS A 116 7.45 -2.64 4.47
N ILE A 117 6.14 -2.47 4.63
CA ILE A 117 5.21 -2.25 3.52
C ILE A 117 5.49 -0.91 2.85
N TYR A 118 5.65 0.19 3.60
CA TYR A 118 5.90 1.50 2.99
C TYR A 118 7.20 1.49 2.17
N THR A 119 8.28 0.88 2.69
CA THR A 119 9.56 0.77 1.95
C THR A 119 9.54 -0.14 0.72
N MET A 120 8.82 -1.27 0.77
CA MET A 120 8.57 -2.12 -0.40
C MET A 120 7.67 -1.42 -1.44
N MET A 121 6.58 -0.79 -1.00
CA MET A 121 5.56 -0.20 -1.88
C MET A 121 6.06 1.07 -2.57
N ALA A 122 7.09 1.73 -2.04
CA ALA A 122 7.80 2.82 -2.70
C ALA A 122 8.41 2.40 -4.07
N SER A 123 8.84 1.14 -4.22
CA SER A 123 9.34 0.61 -5.50
C SER A 123 8.26 0.50 -6.58
N MET A 124 6.97 0.56 -6.21
CA MET A 124 5.86 0.53 -7.16
C MET A 124 5.60 1.90 -7.82
N THR A 125 6.26 2.97 -7.35
CA THR A 125 6.14 4.35 -7.85
C THR A 125 7.45 5.13 -8.05
N GLY A 126 8.57 4.66 -7.51
CA GLY A 126 9.88 5.31 -7.61
C GLY A 126 11.01 4.53 -6.93
N GLY A 127 11.72 5.19 -6.00
CA GLY A 127 12.87 4.65 -5.27
C GLY A 127 14.18 4.63 -6.07
N GLN A 128 15.27 4.15 -5.45
CA GLN A 128 16.60 3.96 -6.07
C GLN A 128 16.67 2.72 -7.00
N GLN A 129 15.59 2.50 -7.76
CA GLN A 129 15.32 1.30 -8.56
C GLN A 129 16.10 1.29 -9.89
N MET A 130 16.65 0.13 -10.26
CA MET A 130 17.48 -0.07 -11.45
C MET A 130 17.47 -1.53 -11.94
N GLY A 131 17.93 -1.77 -13.18
CA GLY A 131 17.99 -3.08 -13.83
C GLY A 131 16.61 -3.63 -14.26
N MET A 1 -17.15 -12.26 10.64
CA MET A 1 -16.79 -11.30 9.56
C MET A 1 -15.27 -11.10 9.48
N PRO A 2 -14.69 -10.94 8.28
CA PRO A 2 -13.26 -10.65 8.11
C PRO A 2 -12.87 -9.26 8.63
N ARG A 3 -11.57 -9.09 8.93
CA ARG A 3 -10.98 -7.87 9.52
C ARG A 3 -9.67 -7.39 8.86
N PHE A 4 -9.24 -8.02 7.76
CA PHE A 4 -8.11 -7.55 6.94
C PHE A 4 -8.06 -6.03 6.65
N TRP A 5 -9.20 -5.47 6.23
CA TRP A 5 -9.29 -4.05 5.87
C TRP A 5 -9.06 -3.09 7.05
N GLU A 6 -9.33 -3.51 8.30
CA GLU A 6 -9.01 -2.71 9.49
C GLU A 6 -7.48 -2.54 9.65
N TYR A 7 -6.72 -3.60 9.41
CA TYR A 7 -5.26 -3.56 9.32
C TYR A 7 -4.69 -2.73 8.18
N TRP A 8 -5.29 -2.87 6.99
CA TRP A 8 -4.88 -2.14 5.79
C TRP A 8 -5.19 -0.65 5.90
N LEU A 9 -6.36 -0.27 6.42
CA LEU A 9 -6.77 1.12 6.63
C LEU A 9 -5.80 1.92 7.51
N ARG A 10 -5.18 1.26 8.50
CA ARG A 10 -4.20 1.86 9.43
C ARG A 10 -2.99 2.43 8.69
N LEU A 11 -2.53 1.73 7.65
CA LEU A 11 -1.45 2.17 6.75
C LEU A 11 -1.85 3.44 5.99
N MET A 12 -3.06 3.48 5.43
CA MET A 12 -3.51 4.56 4.54
C MET A 12 -3.82 5.84 5.32
N GLU A 13 -4.35 5.70 6.55
CA GLU A 13 -4.55 6.78 7.51
C GLU A 13 -3.25 7.29 8.16
N GLY A 14 -2.12 6.58 7.98
CA GLY A 14 -0.82 6.95 8.55
C GLY A 14 -0.67 6.69 10.05
N GLY A 15 -1.45 5.76 10.61
CA GLY A 15 -1.63 5.51 12.05
C GLY A 15 -0.47 4.83 12.78
N GLY A 16 0.78 5.00 12.33
CA GLY A 16 1.97 4.41 12.94
C GLY A 16 3.12 5.43 13.06
N GLU A 17 3.68 5.55 14.26
CA GLU A 17 4.79 6.48 14.60
C GLU A 17 6.15 6.05 14.04
N ASN A 18 6.27 4.84 13.50
CA ASN A 18 7.48 4.28 12.87
C ASN A 18 7.74 4.95 11.49
N LEU A 19 8.19 6.21 11.53
CA LEU A 19 8.42 7.07 10.36
C LEU A 19 9.54 8.11 10.57
N TYR A 20 10.28 8.03 11.69
CA TYR A 20 11.31 8.99 12.09
C TYR A 20 12.58 9.09 11.22
N PHE A 21 12.91 7.98 10.56
CA PHE A 21 13.94 7.85 9.52
C PHE A 21 13.71 8.63 8.22
N GLN A 22 14.80 8.98 7.51
CA GLN A 22 14.78 9.76 6.26
C GLN A 22 15.87 9.28 5.29
N GLY A 23 15.57 9.27 3.99
CA GLY A 23 16.47 8.82 2.92
C GLY A 23 15.77 8.71 1.56
N MET A 24 16.25 7.81 0.71
CA MET A 24 15.70 7.54 -0.64
C MET A 24 14.37 6.75 -0.66
N SER A 25 13.74 6.54 0.50
CA SER A 25 12.52 5.73 0.67
C SER A 25 11.64 6.23 1.83
N VAL A 26 10.41 5.71 1.91
CA VAL A 26 9.33 6.03 2.87
C VAL A 26 8.79 7.48 2.73
N PRO A 27 7.48 7.67 2.53
CA PRO A 27 6.85 9.00 2.44
C PRO A 27 6.70 9.64 3.83
N THR A 28 7.01 10.93 3.96
CA THR A 28 6.87 11.69 5.23
C THR A 28 5.44 12.10 5.66
N ASP A 29 4.50 11.18 5.46
CA ASP A 29 3.04 11.37 5.59
C ASP A 29 2.31 10.61 6.72
N GLY A 30 3.00 9.66 7.36
CA GLY A 30 2.50 8.88 8.50
C GLY A 30 2.61 9.61 9.86
N ALA A 31 2.72 8.84 10.94
CA ALA A 31 2.78 9.32 12.34
C ALA A 31 1.61 10.26 12.73
N VAL A 32 0.39 9.95 12.27
CA VAL A 32 -0.83 10.78 12.46
C VAL A 32 -2.10 9.95 12.66
N THR A 33 -3.01 10.42 13.51
CA THR A 33 -4.25 9.71 13.91
C THR A 33 -5.57 10.49 13.79
N THR A 34 -5.51 11.78 13.43
CA THR A 34 -6.66 12.67 13.29
C THR A 34 -7.76 12.25 12.30
N SER A 35 -9.04 12.34 12.69
CA SER A 35 -10.18 11.94 11.86
C SER A 35 -10.48 12.89 10.70
N GLN A 36 -10.11 14.18 10.84
CA GLN A 36 -10.28 15.21 9.80
C GLN A 36 -9.25 15.10 8.66
N ILE A 37 -9.62 15.63 7.49
CA ILE A 37 -8.81 15.65 6.25
C ILE A 37 -8.95 17.00 5.51
N PRO A 38 -7.93 17.46 4.76
CA PRO A 38 -7.97 18.76 4.09
C PRO A 38 -8.95 18.77 2.89
N ALA A 39 -9.86 19.76 2.87
CA ALA A 39 -10.82 19.96 1.78
C ALA A 39 -10.14 20.40 0.46
N SER A 40 -8.93 20.96 0.53
CA SER A 40 -8.13 21.41 -0.63
C SER A 40 -7.54 20.28 -1.49
N GLU A 41 -7.57 19.03 -1.01
CA GLU A 41 -7.17 17.79 -1.72
C GLU A 41 -5.81 17.86 -2.46
N GLN A 42 -4.84 18.59 -1.87
CA GLN A 42 -3.56 18.95 -2.49
C GLN A 42 -2.52 17.82 -2.60
N GLU A 43 -2.80 16.64 -2.03
CA GLU A 43 -1.87 15.49 -1.97
C GLU A 43 -1.31 15.04 -3.34
N THR A 44 0.00 14.79 -3.39
CA THR A 44 0.79 14.55 -4.61
C THR A 44 0.61 13.21 -5.34
N LEU A 45 0.65 13.24 -6.68
CA LEU A 45 0.71 12.03 -7.51
C LEU A 45 2.10 11.36 -7.46
N VAL A 46 2.15 10.04 -7.59
CA VAL A 46 3.36 9.20 -7.46
C VAL A 46 3.98 8.70 -8.75
N ARG A 47 3.18 8.69 -9.83
CA ARG A 47 3.45 8.06 -11.13
C ARG A 47 3.91 6.59 -11.03
N PRO A 48 2.99 5.66 -10.65
CA PRO A 48 3.35 4.27 -10.39
C PRO A 48 3.69 3.45 -11.65
N LYS A 49 4.33 2.29 -11.46
CA LYS A 49 4.69 1.34 -12.54
C LYS A 49 3.45 0.86 -13.32
N PRO A 50 3.57 0.51 -14.62
CA PRO A 50 2.47 -0.07 -15.40
C PRO A 50 2.00 -1.42 -14.83
N LEU A 51 2.91 -2.19 -14.22
CA LEU A 51 2.60 -3.44 -13.51
C LEU A 51 1.65 -3.22 -12.31
N LEU A 52 1.85 -2.14 -11.55
CA LEU A 52 0.95 -1.73 -10.47
C LEU A 52 -0.36 -1.19 -11.01
N LEU A 53 -0.31 -0.29 -12.00
CA LEU A 53 -1.50 0.29 -12.65
C LEU A 53 -2.45 -0.79 -13.18
N LYS A 54 -1.93 -1.89 -13.75
CA LYS A 54 -2.72 -3.06 -14.16
C LYS A 54 -3.51 -3.70 -13.00
N LEU A 55 -2.90 -3.81 -11.81
CA LEU A 55 -3.56 -4.29 -10.59
C LEU A 55 -4.69 -3.33 -10.14
N LEU A 56 -4.44 -2.01 -10.17
CA LEU A 56 -5.49 -1.01 -9.84
C LEU A 56 -6.66 -1.08 -10.84
N LYS A 57 -6.35 -1.22 -12.13
CA LYS A 57 -7.34 -1.30 -13.22
C LYS A 57 -8.09 -2.63 -13.28
N SER A 58 -7.52 -3.69 -12.69
CA SER A 58 -8.23 -4.96 -12.46
C SER A 58 -9.39 -4.82 -11.46
N VAL A 59 -9.36 -3.77 -10.62
CA VAL A 59 -10.49 -3.33 -9.75
C VAL A 59 -11.16 -2.03 -10.22
N GLY A 60 -10.99 -1.65 -11.49
CA GLY A 60 -11.74 -0.58 -12.15
C GLY A 60 -11.23 0.86 -11.95
N ALA A 61 -9.95 1.05 -11.65
CA ALA A 61 -9.32 2.38 -11.59
C ALA A 61 -9.45 3.13 -12.94
N GLN A 62 -9.83 4.42 -12.90
CA GLN A 62 -10.17 5.20 -14.10
C GLN A 62 -8.95 5.86 -14.77
N LYS A 63 -8.15 6.59 -13.98
CA LYS A 63 -6.94 7.32 -14.39
C LYS A 63 -5.70 6.41 -14.48
N ASP A 64 -4.61 6.96 -15.02
CA ASP A 64 -3.28 6.36 -15.08
C ASP A 64 -2.25 6.82 -14.02
N THR A 65 -2.62 7.77 -13.15
CA THR A 65 -1.75 8.34 -12.09
C THR A 65 -2.60 8.49 -10.82
N TYR A 66 -1.93 8.28 -9.68
CA TYR A 66 -2.52 8.20 -8.33
C TYR A 66 -1.64 8.73 -7.19
N THR A 67 -2.22 9.04 -6.04
CA THR A 67 -1.51 9.32 -4.77
C THR A 67 -1.14 8.07 -3.97
N MET A 68 -0.26 8.17 -2.96
CA MET A 68 0.03 7.04 -2.05
C MET A 68 -1.24 6.48 -1.40
N LYS A 69 -2.15 7.34 -0.93
CA LYS A 69 -3.47 6.97 -0.39
C LYS A 69 -4.31 6.23 -1.43
N GLU A 70 -4.42 6.76 -2.64
CA GLU A 70 -5.25 6.15 -3.70
C GLU A 70 -4.71 4.80 -4.18
N VAL A 71 -3.39 4.65 -4.34
CA VAL A 71 -2.75 3.36 -4.67
C VAL A 71 -3.00 2.35 -3.55
N LEU A 72 -2.75 2.71 -2.28
CA LEU A 72 -3.03 1.83 -1.15
C LEU A 72 -4.53 1.46 -1.09
N PHE A 73 -5.44 2.40 -1.33
CA PHE A 73 -6.88 2.14 -1.41
C PHE A 73 -7.29 1.05 -2.39
N TYR A 74 -6.93 1.26 -3.66
CA TYR A 74 -7.13 0.28 -4.74
C TYR A 74 -6.44 -1.08 -4.53
N LEU A 75 -5.22 -1.09 -3.99
CA LEU A 75 -4.46 -2.29 -3.66
C LEU A 75 -5.14 -3.10 -2.53
N GLY A 76 -5.59 -2.43 -1.47
CA GLY A 76 -6.35 -3.05 -0.39
C GLY A 76 -7.72 -3.59 -0.85
N GLN A 77 -8.43 -2.85 -1.71
CA GLN A 77 -9.65 -3.33 -2.36
C GLN A 77 -9.40 -4.53 -3.28
N TYR A 78 -8.23 -4.61 -3.92
CA TYR A 78 -7.79 -5.81 -4.65
C TYR A 78 -7.55 -7.04 -3.77
N ILE A 79 -6.79 -6.86 -2.68
CA ILE A 79 -6.52 -7.90 -1.68
C ILE A 79 -7.82 -8.39 -1.02
N MET A 80 -8.76 -7.46 -0.77
CA MET A 80 -10.12 -7.75 -0.28
C MET A 80 -10.92 -8.60 -1.28
N THR A 81 -11.09 -8.13 -2.51
CA THR A 81 -11.92 -8.81 -3.52
C THR A 81 -11.38 -10.16 -4.02
N LYS A 82 -10.05 -10.28 -4.14
CA LYS A 82 -9.34 -11.56 -4.41
C LYS A 82 -9.16 -12.44 -3.16
N ARG A 83 -9.44 -11.91 -1.96
CA ARG A 83 -9.41 -12.56 -0.65
C ARG A 83 -8.06 -13.21 -0.33
N LEU A 84 -6.97 -12.47 -0.58
CA LEU A 84 -5.59 -13.00 -0.46
C LEU A 84 -5.06 -13.06 0.99
N TYR A 85 -5.82 -12.56 1.97
CA TYR A 85 -5.48 -12.66 3.39
C TYR A 85 -5.72 -14.06 4.01
N ASP A 86 -4.97 -14.44 5.05
CA ASP A 86 -5.30 -15.65 5.82
C ASP A 86 -6.62 -15.49 6.60
N GLU A 87 -7.55 -16.45 6.48
CA GLU A 87 -8.81 -16.45 7.22
C GLU A 87 -8.60 -16.50 8.76
N LYS A 88 -7.50 -17.11 9.23
CA LYS A 88 -7.09 -17.10 10.65
C LYS A 88 -6.35 -15.80 10.99
N GLN A 89 -5.16 -15.63 10.43
CA GLN A 89 -4.34 -14.42 10.61
C GLN A 89 -4.75 -13.33 9.61
N GLN A 90 -5.82 -12.60 9.96
CA GLN A 90 -6.41 -11.53 9.13
C GLN A 90 -5.42 -10.41 8.80
N HIS A 91 -4.39 -10.25 9.63
CA HIS A 91 -3.30 -9.29 9.48
C HIS A 91 -2.15 -9.75 8.56
N ILE A 92 -2.26 -10.91 7.89
CA ILE A 92 -1.22 -11.45 6.98
C ILE A 92 -1.83 -11.75 5.60
N VAL A 93 -1.18 -11.28 4.54
CA VAL A 93 -1.53 -11.54 3.13
C VAL A 93 -0.56 -12.54 2.49
N TYR A 94 -1.12 -13.45 1.67
CA TYR A 94 -0.44 -14.60 1.05
C TYR A 94 -0.24 -14.52 -0.47
N CYS A 95 0.49 -13.48 -0.90
CA CYS A 95 0.83 -13.16 -2.28
C CYS A 95 1.80 -14.15 -2.99
N SER A 96 1.52 -15.44 -2.92
CA SER A 96 2.36 -16.51 -3.49
C SER A 96 2.04 -16.76 -4.96
N ASN A 97 3.06 -16.67 -5.82
CA ASN A 97 3.02 -17.00 -7.26
C ASN A 97 1.92 -16.29 -8.09
N ASP A 98 1.49 -15.10 -7.65
CA ASP A 98 0.45 -14.27 -8.28
C ASP A 98 0.95 -12.86 -8.69
N LEU A 99 0.08 -12.04 -9.27
CA LEU A 99 0.39 -10.65 -9.64
C LEU A 99 0.87 -9.83 -8.44
N LEU A 100 0.26 -10.01 -7.26
CA LEU A 100 0.66 -9.30 -6.04
C LEU A 100 2.07 -9.70 -5.56
N GLY A 101 2.43 -10.97 -5.70
CA GLY A 101 3.80 -11.47 -5.49
C GLY A 101 4.81 -10.87 -6.46
N ASP A 102 4.42 -10.62 -7.71
CA ASP A 102 5.23 -9.88 -8.68
C ASP A 102 5.44 -8.39 -8.36
N LEU A 103 4.47 -7.73 -7.72
CA LEU A 103 4.62 -6.38 -7.17
C LEU A 103 5.51 -6.36 -5.92
N PHE A 104 5.17 -7.13 -4.88
CA PHE A 104 5.88 -7.13 -3.59
C PHE A 104 7.24 -7.84 -3.50
N GLY A 105 7.50 -8.82 -4.38
CA GLY A 105 8.74 -9.60 -4.38
C GLY A 105 8.86 -10.63 -3.24
N VAL A 106 7.75 -10.98 -2.58
CA VAL A 106 7.67 -11.95 -1.47
C VAL A 106 6.42 -12.83 -1.62
N PRO A 107 6.42 -14.07 -1.11
CA PRO A 107 5.27 -14.97 -1.13
C PRO A 107 4.17 -14.61 -0.11
N SER A 108 4.49 -13.83 0.91
CA SER A 108 3.57 -13.34 1.95
C SER A 108 4.19 -12.21 2.77
N PHE A 109 3.36 -11.41 3.46
CA PHE A 109 3.84 -10.43 4.45
C PHE A 109 2.75 -10.08 5.48
N SER A 110 3.18 -9.70 6.69
CA SER A 110 2.32 -9.13 7.74
C SER A 110 2.05 -7.64 7.50
N VAL A 111 0.78 -7.26 7.51
CA VAL A 111 0.24 -5.91 7.22
C VAL A 111 0.53 -4.90 8.36
N LYS A 112 0.80 -5.39 9.58
CA LYS A 112 1.10 -4.58 10.78
C LYS A 112 2.31 -3.65 10.64
N GLU A 113 3.34 -4.07 9.91
CA GLU A 113 4.62 -3.36 9.84
C GLU A 113 4.63 -2.24 8.77
N HIS A 114 4.33 -1.02 9.23
CA HIS A 114 4.27 0.20 8.41
C HIS A 114 5.52 0.42 7.55
N ARG A 115 6.72 0.42 8.16
CA ARG A 115 8.01 0.69 7.50
C ARG A 115 8.28 -0.26 6.33
N LYS A 116 8.00 -1.55 6.52
CA LYS A 116 8.17 -2.62 5.52
C LYS A 116 7.33 -2.37 4.26
N ILE A 117 6.06 -2.05 4.44
CA ILE A 117 5.13 -1.82 3.32
C ILE A 117 5.40 -0.45 2.65
N TYR A 118 5.70 0.58 3.44
CA TYR A 118 6.09 1.89 2.92
C TYR A 118 7.39 1.88 2.10
N THR A 119 8.41 1.13 2.53
CA THR A 119 9.65 0.93 1.77
C THR A 119 9.51 0.08 0.50
N MET A 120 8.63 -0.93 0.51
CA MET A 120 8.27 -1.67 -0.71
C MET A 120 7.41 -0.83 -1.68
N MET A 121 6.63 0.15 -1.20
CA MET A 121 5.87 1.07 -2.07
C MET A 121 6.78 1.97 -2.90
N ALA A 122 7.95 2.35 -2.38
CA ALA A 122 8.94 3.13 -3.15
C ALA A 122 9.46 2.38 -4.40
N SER A 123 9.50 1.04 -4.35
CA SER A 123 9.81 0.17 -5.50
C SER A 123 8.68 0.13 -6.55
N MET A 124 7.46 0.52 -6.19
CA MET A 124 6.30 0.57 -7.10
C MET A 124 6.13 1.90 -7.84
N THR A 125 7.01 2.88 -7.58
CA THR A 125 6.96 4.25 -8.11
C THR A 125 8.28 4.82 -8.66
N GLY A 126 9.33 3.99 -8.76
CA GLY A 126 10.64 4.39 -9.29
C GLY A 126 11.61 3.23 -9.55
N GLY A 127 12.83 3.57 -9.97
CA GLY A 127 13.90 2.63 -10.33
C GLY A 127 13.84 2.13 -11.78
N GLN A 128 14.99 1.73 -12.32
CA GLN A 128 15.19 1.28 -13.72
C GLN A 128 14.73 -0.18 -13.97
N GLN A 129 13.53 -0.53 -13.49
CA GLN A 129 12.97 -1.89 -13.45
C GLN A 129 12.40 -2.36 -14.82
N MET A 130 13.17 -2.19 -15.90
CA MET A 130 12.81 -2.55 -17.27
C MET A 130 12.72 -4.08 -17.49
N GLY A 131 13.50 -4.87 -16.74
CA GLY A 131 13.54 -6.34 -16.79
C GLY A 131 14.67 -6.94 -15.96
N MET A 1 -17.27 -9.92 8.77
CA MET A 1 -16.27 -8.87 8.39
C MET A 1 -14.85 -9.37 8.63
N PRO A 2 -14.01 -9.50 7.58
CA PRO A 2 -12.60 -9.88 7.74
C PRO A 2 -11.79 -8.77 8.45
N ARG A 3 -10.86 -9.17 9.32
CA ARG A 3 -9.98 -8.27 10.09
C ARG A 3 -8.87 -7.62 9.26
N PHE A 4 -8.71 -8.01 7.99
CA PHE A 4 -7.78 -7.40 7.04
C PHE A 4 -7.84 -5.87 6.90
N TRP A 5 -9.04 -5.33 6.65
CA TRP A 5 -9.21 -3.93 6.26
C TRP A 5 -8.90 -2.91 7.37
N GLU A 6 -9.18 -3.20 8.64
CA GLU A 6 -8.82 -2.29 9.74
C GLU A 6 -7.29 -2.15 9.89
N TYR A 7 -6.52 -3.20 9.60
CA TYR A 7 -5.07 -3.13 9.45
C TYR A 7 -4.57 -2.38 8.22
N TRP A 8 -5.21 -2.61 7.07
CA TRP A 8 -4.84 -1.98 5.81
C TRP A 8 -5.17 -0.47 5.80
N LEU A 9 -6.27 -0.05 6.43
CA LEU A 9 -6.62 1.37 6.58
C LEU A 9 -5.56 2.15 7.38
N ARG A 10 -4.90 1.50 8.35
CA ARG A 10 -3.83 2.10 9.17
C ARG A 10 -2.56 2.42 8.37
N LEU A 11 -2.35 1.77 7.23
CA LEU A 11 -1.29 2.15 6.28
C LEU A 11 -1.54 3.56 5.74
N MET A 12 -2.69 3.79 5.08
CA MET A 12 -2.96 5.09 4.45
C MET A 12 -3.18 6.19 5.50
N GLU A 13 -3.78 5.86 6.64
CA GLU A 13 -4.07 6.79 7.73
C GLU A 13 -2.82 7.17 8.54
N GLY A 14 -1.86 6.25 8.72
CA GLY A 14 -0.58 6.47 9.41
C GLY A 14 0.59 6.91 8.51
N GLY A 15 0.38 7.01 7.19
CA GLY A 15 1.40 7.21 6.16
C GLY A 15 2.01 8.63 6.06
N GLY A 16 2.15 9.35 7.17
CA GLY A 16 2.63 10.74 7.26
C GLY A 16 4.15 10.91 7.10
N GLU A 17 4.75 10.24 6.10
CA GLU A 17 6.19 10.27 5.73
C GLU A 17 7.20 10.03 6.88
N ASN A 18 6.77 9.33 7.93
CA ASN A 18 7.55 9.06 9.15
C ASN A 18 8.72 8.06 9.00
N LEU A 19 8.88 7.42 7.84
CA LEU A 19 9.96 6.47 7.55
C LEU A 19 11.28 7.17 7.17
N TYR A 20 11.80 8.00 8.07
CA TYR A 20 13.13 8.64 8.01
C TYR A 20 14.27 7.98 8.81
N PHE A 21 13.92 6.99 9.63
CA PHE A 21 14.81 6.32 10.58
C PHE A 21 16.03 5.59 10.01
N GLN A 22 17.19 6.27 9.99
CA GLN A 22 18.41 5.86 9.27
C GLN A 22 18.14 5.67 7.75
N GLY A 23 17.35 6.58 7.18
CA GLY A 23 16.87 6.53 5.79
C GLY A 23 15.55 5.76 5.61
N MET A 24 15.12 5.59 4.35
CA MET A 24 13.87 4.92 3.99
C MET A 24 13.93 3.38 4.04
N SER A 25 15.12 2.78 4.11
CA SER A 25 15.32 1.32 4.06
C SER A 25 15.03 0.60 5.39
N VAL A 26 13.86 0.86 6.00
CA VAL A 26 13.41 0.30 7.29
C VAL A 26 14.21 0.81 8.52
N PRO A 27 13.57 1.13 9.67
CA PRO A 27 14.26 1.55 10.89
C PRO A 27 15.35 0.56 11.33
N THR A 28 16.56 1.08 11.58
CA THR A 28 17.73 0.28 12.01
C THR A 28 17.67 -0.32 13.42
N ASP A 29 16.85 0.29 14.29
CA ASP A 29 16.55 -0.16 15.65
C ASP A 29 15.12 0.23 16.07
N GLY A 30 14.39 -0.68 16.72
CA GLY A 30 12.98 -0.47 17.12
C GLY A 30 12.05 -0.31 15.92
N ALA A 31 11.20 0.72 15.96
CA ALA A 31 10.24 1.08 14.91
C ALA A 31 10.03 2.60 14.80
N VAL A 32 9.40 3.06 13.71
CA VAL A 32 8.99 4.47 13.53
C VAL A 32 7.95 4.93 14.57
N THR A 33 7.87 6.24 14.81
CA THR A 33 6.92 6.82 15.79
C THR A 33 5.43 6.57 15.52
N THR A 34 4.66 6.38 16.60
CA THR A 34 3.20 6.23 16.56
C THR A 34 2.41 7.54 16.40
N SER A 35 1.15 7.45 15.98
CA SER A 35 0.24 8.59 15.78
C SER A 35 -1.18 8.31 16.27
N GLN A 36 -1.84 9.33 16.80
CA GLN A 36 -3.24 9.33 17.28
C GLN A 36 -4.20 10.09 16.33
N ILE A 37 -3.70 10.60 15.21
CA ILE A 37 -4.41 11.45 14.24
C ILE A 37 -4.01 11.10 12.79
N PRO A 38 -4.91 11.29 11.80
CA PRO A 38 -4.65 10.92 10.40
C PRO A 38 -3.59 11.79 9.72
N ALA A 39 -2.84 11.19 8.79
CA ALA A 39 -1.94 11.89 7.87
C ALA A 39 -2.71 12.83 6.90
N SER A 40 -2.03 13.86 6.39
CA SER A 40 -2.64 14.84 5.48
C SER A 40 -3.01 14.26 4.10
N GLU A 41 -4.12 14.74 3.53
CA GLU A 41 -4.70 14.26 2.27
C GLU A 41 -3.99 14.91 1.05
N GLN A 42 -2.71 14.58 0.85
CA GLN A 42 -1.87 15.15 -0.22
C GLN A 42 -2.34 14.72 -1.62
N GLU A 43 -2.40 15.68 -2.55
CA GLU A 43 -2.85 15.49 -3.94
C GLU A 43 -1.73 15.01 -4.90
N THR A 44 -0.48 14.92 -4.43
CA THR A 44 0.69 14.58 -5.23
C THR A 44 0.66 13.23 -5.96
N LEU A 45 0.95 13.25 -7.27
CA LEU A 45 0.94 12.06 -8.14
C LEU A 45 2.29 11.32 -8.08
N VAL A 46 2.25 10.02 -7.78
CA VAL A 46 3.43 9.18 -7.48
C VAL A 46 4.16 8.64 -8.71
N ARG A 47 3.42 8.52 -9.82
CA ARG A 47 3.81 7.83 -11.06
C ARG A 47 4.23 6.35 -10.82
N PRO A 48 3.26 5.45 -10.56
CA PRO A 48 3.54 4.03 -10.29
C PRO A 48 3.93 3.26 -11.55
N LYS A 49 4.58 2.10 -11.37
CA LYS A 49 4.91 1.15 -12.45
C LYS A 49 3.67 0.68 -13.21
N PRO A 50 3.76 0.36 -14.52
CA PRO A 50 2.61 -0.15 -15.29
C PRO A 50 2.08 -1.49 -14.76
N LEU A 51 2.96 -2.33 -14.21
CA LEU A 51 2.59 -3.60 -13.55
C LEU A 51 1.71 -3.38 -12.30
N LEU A 52 2.01 -2.34 -11.51
CA LEU A 52 1.20 -1.94 -10.36
C LEU A 52 -0.12 -1.30 -10.81
N LEU A 53 -0.06 -0.40 -11.80
CA LEU A 53 -1.25 0.23 -12.37
C LEU A 53 -2.28 -0.81 -12.83
N LYS A 54 -1.85 -1.88 -13.54
CA LYS A 54 -2.74 -2.97 -14.00
C LYS A 54 -3.51 -3.66 -12.86
N LEU A 55 -2.89 -3.82 -11.68
CA LEU A 55 -3.55 -4.32 -10.48
C LEU A 55 -4.68 -3.38 -10.02
N LEU A 56 -4.51 -2.06 -10.15
CA LEU A 56 -5.57 -1.06 -9.94
C LEU A 56 -6.64 -1.15 -11.05
N LYS A 57 -6.27 -1.33 -12.32
CA LYS A 57 -7.22 -1.50 -13.44
C LYS A 57 -8.12 -2.73 -13.24
N SER A 58 -7.62 -3.78 -12.60
CA SER A 58 -8.35 -5.01 -12.27
C SER A 58 -9.51 -4.79 -11.27
N VAL A 59 -9.51 -3.67 -10.54
CA VAL A 59 -10.62 -3.18 -9.69
C VAL A 59 -11.24 -1.87 -10.23
N GLY A 60 -11.04 -1.58 -11.51
CA GLY A 60 -11.74 -0.50 -12.24
C GLY A 60 -11.15 0.90 -12.08
N ALA A 61 -9.86 1.03 -11.73
CA ALA A 61 -9.20 2.32 -11.61
C ALA A 61 -9.15 3.06 -12.98
N GLN A 62 -9.57 4.33 -13.03
CA GLN A 62 -9.82 5.08 -14.28
C GLN A 62 -8.64 5.90 -14.83
N LYS A 63 -7.85 6.54 -13.96
CA LYS A 63 -6.64 7.33 -14.29
C LYS A 63 -5.43 6.44 -14.60
N ASP A 64 -4.35 7.05 -15.10
CA ASP A 64 -3.01 6.46 -15.26
C ASP A 64 -1.97 6.89 -14.21
N THR A 65 -2.34 7.78 -13.28
CA THR A 65 -1.49 8.32 -12.20
C THR A 65 -2.39 8.53 -10.98
N TYR A 66 -1.79 8.36 -9.79
CA TYR A 66 -2.48 8.30 -8.49
C TYR A 66 -1.67 8.85 -7.32
N THR A 67 -2.32 9.18 -6.20
CA THR A 67 -1.66 9.46 -4.91
C THR A 67 -1.28 8.20 -4.13
N MET A 68 -0.38 8.27 -3.14
CA MET A 68 -0.07 7.11 -2.27
C MET A 68 -1.32 6.54 -1.58
N LYS A 69 -2.23 7.41 -1.11
CA LYS A 69 -3.51 7.02 -0.51
C LYS A 69 -4.43 6.34 -1.52
N GLU A 70 -4.52 6.86 -2.74
CA GLU A 70 -5.31 6.26 -3.83
C GLU A 70 -4.80 4.87 -4.25
N VAL A 71 -3.46 4.71 -4.40
CA VAL A 71 -2.85 3.40 -4.70
C VAL A 71 -3.11 2.41 -3.56
N LEU A 72 -2.87 2.79 -2.30
CA LEU A 72 -3.18 1.96 -1.13
C LEU A 72 -4.67 1.59 -1.07
N PHE A 73 -5.59 2.52 -1.36
CA PHE A 73 -7.01 2.23 -1.52
C PHE A 73 -7.37 1.14 -2.54
N TYR A 74 -6.94 1.32 -3.78
CA TYR A 74 -7.13 0.33 -4.85
C TYR A 74 -6.46 -1.03 -4.63
N LEU A 75 -5.23 -1.04 -4.13
CA LEU A 75 -4.49 -2.23 -3.75
C LEU A 75 -5.19 -2.99 -2.60
N GLY A 76 -5.66 -2.28 -1.59
CA GLY A 76 -6.44 -2.84 -0.49
C GLY A 76 -7.77 -3.46 -0.96
N GLN A 77 -8.49 -2.80 -1.86
CA GLN A 77 -9.69 -3.29 -2.50
C GLN A 77 -9.41 -4.52 -3.40
N TYR A 78 -8.24 -4.60 -4.03
CA TYR A 78 -7.80 -5.78 -4.80
C TYR A 78 -7.53 -6.98 -3.90
N ILE A 79 -6.74 -6.80 -2.83
CA ILE A 79 -6.44 -7.81 -1.82
C ILE A 79 -7.73 -8.32 -1.14
N MET A 80 -8.66 -7.40 -0.85
CA MET A 80 -9.99 -7.70 -0.29
C MET A 80 -10.83 -8.56 -1.24
N THR A 81 -11.03 -8.13 -2.49
CA THR A 81 -11.85 -8.86 -3.47
C THR A 81 -11.29 -10.22 -3.91
N LYS A 82 -9.95 -10.32 -4.00
CA LYS A 82 -9.20 -11.55 -4.26
C LYS A 82 -9.09 -12.48 -3.04
N ARG A 83 -9.42 -11.98 -1.84
CA ARG A 83 -9.37 -12.67 -0.52
C ARG A 83 -7.99 -13.29 -0.22
N LEU A 84 -6.93 -12.53 -0.48
CA LEU A 84 -5.53 -12.99 -0.35
C LEU A 84 -5.03 -13.10 1.10
N TYR A 85 -5.80 -12.61 2.08
CA TYR A 85 -5.53 -12.81 3.50
C TYR A 85 -5.58 -14.27 3.99
N ASP A 86 -4.79 -14.63 5.01
CA ASP A 86 -4.93 -15.93 5.70
C ASP A 86 -6.30 -16.03 6.41
N GLU A 87 -6.89 -17.22 6.53
CA GLU A 87 -8.16 -17.41 7.23
C GLU A 87 -8.03 -17.17 8.75
N LYS A 88 -6.88 -17.53 9.34
CA LYS A 88 -6.61 -17.46 10.78
C LYS A 88 -6.02 -16.11 11.16
N GLN A 89 -4.87 -15.75 10.58
CA GLN A 89 -4.20 -14.46 10.77
C GLN A 89 -4.57 -13.50 9.64
N GLN A 90 -5.76 -12.91 9.69
CA GLN A 90 -6.30 -12.09 8.60
C GLN A 90 -5.50 -10.79 8.36
N HIS A 91 -4.62 -10.43 9.29
CA HIS A 91 -3.61 -9.37 9.15
C HIS A 91 -2.40 -9.79 8.30
N ILE A 92 -2.30 -11.04 7.82
CA ILE A 92 -1.24 -11.54 6.93
C ILE A 92 -1.82 -11.77 5.53
N VAL A 93 -1.17 -11.18 4.51
CA VAL A 93 -1.50 -11.35 3.08
C VAL A 93 -0.58 -12.37 2.42
N TYR A 94 -1.14 -13.32 1.68
CA TYR A 94 -0.45 -14.31 0.86
C TYR A 94 -0.38 -14.00 -0.63
N CYS A 95 0.71 -13.33 -1.04
CA CYS A 95 0.95 -12.84 -2.40
C CYS A 95 1.42 -13.96 -3.37
N SER A 96 1.83 -15.12 -2.85
CA SER A 96 2.45 -16.22 -3.60
C SER A 96 1.60 -16.71 -4.79
N ASN A 97 2.26 -17.04 -5.91
CA ASN A 97 1.68 -17.53 -7.17
C ASN A 97 0.62 -16.61 -7.82
N ASP A 98 0.61 -15.32 -7.47
CA ASP A 98 -0.31 -14.29 -7.97
C ASP A 98 0.41 -13.02 -8.50
N LEU A 99 -0.30 -12.15 -9.24
CA LEU A 99 0.17 -10.82 -9.64
C LEU A 99 0.73 -10.01 -8.45
N LEU A 100 0.12 -10.10 -7.27
CA LEU A 100 0.60 -9.40 -6.07
C LEU A 100 2.03 -9.80 -5.66
N GLY A 101 2.39 -11.07 -5.84
CA GLY A 101 3.74 -11.58 -5.58
C GLY A 101 4.79 -11.06 -6.58
N ASP A 102 4.37 -10.78 -7.82
CA ASP A 102 5.21 -10.10 -8.81
C ASP A 102 5.53 -8.63 -8.49
N LEU A 103 4.61 -7.95 -7.78
CA LEU A 103 4.84 -6.62 -7.21
C LEU A 103 5.71 -6.72 -5.93
N PHE A 104 5.20 -7.34 -4.86
CA PHE A 104 5.88 -7.35 -3.56
C PHE A 104 7.20 -8.13 -3.42
N GLY A 105 7.45 -9.09 -4.31
CA GLY A 105 8.69 -9.90 -4.32
C GLY A 105 8.82 -10.89 -3.16
N VAL A 106 7.72 -11.21 -2.47
CA VAL A 106 7.65 -12.13 -1.32
C VAL A 106 6.43 -13.05 -1.46
N PRO A 107 6.45 -14.26 -0.86
CA PRO A 107 5.29 -15.15 -0.82
C PRO A 107 4.16 -14.63 0.09
N SER A 108 4.50 -13.87 1.12
CA SER A 108 3.56 -13.28 2.09
C SER A 108 4.19 -12.15 2.91
N PHE A 109 3.35 -11.33 3.56
CA PHE A 109 3.79 -10.33 4.55
C PHE A 109 2.64 -10.04 5.53
N SER A 110 2.97 -9.58 6.75
CA SER A 110 2.01 -9.06 7.72
C SER A 110 1.77 -7.56 7.53
N VAL A 111 0.51 -7.15 7.40
CA VAL A 111 0.06 -5.75 7.29
C VAL A 111 0.48 -4.90 8.50
N LYS A 112 0.71 -5.53 9.65
CA LYS A 112 1.26 -4.89 10.87
C LYS A 112 2.65 -4.28 10.67
N GLU A 113 3.44 -4.78 9.71
CA GLU A 113 4.77 -4.24 9.35
C GLU A 113 4.66 -2.99 8.44
N HIS A 114 3.92 -1.98 8.88
CA HIS A 114 3.67 -0.74 8.12
C HIS A 114 4.98 -0.11 7.60
N ARG A 115 6.02 -0.06 8.46
CA ARG A 115 7.39 0.38 8.15
C ARG A 115 8.06 -0.35 6.97
N LYS A 116 7.79 -1.65 6.79
CA LYS A 116 8.31 -2.47 5.67
C LYS A 116 7.47 -2.23 4.41
N ILE A 117 6.14 -2.21 4.56
CA ILE A 117 5.20 -1.99 3.45
C ILE A 117 5.41 -0.60 2.83
N TYR A 118 5.65 0.45 3.64
CA TYR A 118 5.91 1.79 3.13
C TYR A 118 7.10 1.89 2.17
N THR A 119 8.23 1.25 2.49
CA THR A 119 9.39 1.18 1.59
C THR A 119 9.19 0.32 0.34
N MET A 120 8.46 -0.79 0.46
CA MET A 120 8.07 -1.61 -0.70
C MET A 120 7.13 -0.85 -1.64
N MET A 121 6.16 -0.09 -1.11
CA MET A 121 5.26 0.76 -1.90
C MET A 121 6.00 1.92 -2.57
N ALA A 122 6.92 2.58 -1.85
CA ALA A 122 7.77 3.64 -2.39
C ALA A 122 8.69 3.14 -3.53
N SER A 123 9.13 1.89 -3.46
CA SER A 123 9.93 1.23 -4.51
C SER A 123 9.15 0.96 -5.82
N MET A 124 7.81 1.00 -5.78
CA MET A 124 6.94 0.78 -6.96
C MET A 124 6.57 2.06 -7.73
N THR A 125 7.13 3.21 -7.36
CA THR A 125 6.86 4.53 -7.96
C THR A 125 8.12 5.24 -8.44
N GLY A 126 8.13 5.65 -9.72
CA GLY A 126 9.33 6.11 -10.42
C GLY A 126 10.40 4.99 -10.54
N GLY A 127 11.63 5.36 -10.89
CA GLY A 127 12.80 4.48 -10.83
C GLY A 127 12.80 3.25 -11.76
N GLN A 128 11.94 3.21 -12.78
CA GLN A 128 11.80 2.09 -13.72
C GLN A 128 13.02 1.93 -14.67
N GLN A 129 13.77 3.01 -14.91
CA GLN A 129 15.01 3.00 -15.72
C GLN A 129 16.13 2.17 -15.06
N MET A 130 16.86 1.41 -15.88
CA MET A 130 17.98 0.53 -15.46
C MET A 130 19.16 0.60 -16.44
N GLY A 131 20.37 0.28 -15.97
CA GLY A 131 21.62 0.29 -16.74
C GLY A 131 22.81 -0.28 -15.97
N MET A 1 -18.39 -8.38 13.51
CA MET A 1 -17.12 -9.15 13.44
C MET A 1 -16.04 -8.33 12.73
N PRO A 2 -14.82 -8.19 13.28
CA PRO A 2 -13.71 -7.47 12.64
C PRO A 2 -13.28 -8.03 11.28
N ARG A 3 -12.66 -7.19 10.44
CA ARG A 3 -12.25 -7.52 9.05
C ARG A 3 -10.83 -7.06 8.70
N PHE A 4 -10.26 -7.65 7.66
CA PHE A 4 -8.92 -7.35 7.12
C PHE A 4 -8.58 -5.88 6.85
N TRP A 5 -9.52 -5.17 6.20
CA TRP A 5 -9.35 -3.78 5.76
C TRP A 5 -9.01 -2.77 6.87
N GLU A 6 -9.33 -3.08 8.12
CA GLU A 6 -8.99 -2.26 9.30
C GLU A 6 -7.47 -2.10 9.48
N TYR A 7 -6.68 -3.14 9.21
CA TYR A 7 -5.22 -3.06 9.14
C TYR A 7 -4.66 -2.25 7.97
N TRP A 8 -5.25 -2.43 6.78
CA TRP A 8 -4.83 -1.75 5.56
C TRP A 8 -5.14 -0.24 5.62
N LEU A 9 -6.27 0.15 6.22
CA LEU A 9 -6.62 1.56 6.42
C LEU A 9 -5.59 2.31 7.28
N ARG A 10 -4.92 1.59 8.21
CA ARG A 10 -3.86 2.16 9.06
C ARG A 10 -2.56 2.44 8.30
N LEU A 11 -2.34 1.84 7.12
CA LEU A 11 -1.24 2.25 6.23
C LEU A 11 -1.47 3.68 5.71
N MET A 12 -2.68 3.94 5.20
CA MET A 12 -2.97 5.22 4.53
C MET A 12 -3.21 6.38 5.53
N GLU A 13 -3.79 6.11 6.71
CA GLU A 13 -4.02 7.11 7.76
C GLU A 13 -2.86 7.22 8.77
N GLY A 14 -2.09 6.15 8.98
CA GLY A 14 -0.94 6.09 9.89
C GLY A 14 0.40 6.49 9.27
N GLY A 15 0.41 6.96 8.02
CA GLY A 15 1.62 7.45 7.35
C GLY A 15 2.26 8.62 8.12
N GLY A 16 3.48 8.41 8.63
CA GLY A 16 4.20 9.39 9.47
C GLY A 16 3.75 9.45 10.94
N GLU A 17 2.94 8.50 11.43
CA GLU A 17 2.46 8.45 12.82
C GLU A 17 3.60 8.16 13.82
N ASN A 18 4.10 6.92 13.85
CA ASN A 18 5.32 6.49 14.55
C ASN A 18 5.71 5.04 14.16
N LEU A 19 7.02 4.80 13.96
CA LEU A 19 7.63 3.51 13.61
C LEU A 19 9.03 3.38 14.24
N TYR A 20 9.17 3.84 15.49
CA TYR A 20 10.44 3.93 16.23
C TYR A 20 11.27 2.63 16.41
N PHE A 21 10.66 1.47 16.20
CA PHE A 21 11.34 0.18 16.12
C PHE A 21 12.40 0.02 15.02
N GLN A 22 12.29 0.81 13.94
CA GLN A 22 13.31 0.94 12.88
C GLN A 22 14.26 2.15 13.12
N GLY A 23 14.13 2.83 14.27
CA GLY A 23 14.85 4.07 14.60
C GLY A 23 14.30 5.31 13.90
N MET A 24 14.98 6.45 14.10
CA MET A 24 14.73 7.77 13.47
C MET A 24 13.27 8.27 13.48
N SER A 25 12.49 7.87 14.50
CA SER A 25 11.03 8.07 14.67
C SER A 25 10.13 7.38 13.64
N VAL A 26 10.43 7.58 12.37
CA VAL A 26 9.81 6.96 11.18
C VAL A 26 10.87 6.79 10.07
N PRO A 27 11.02 5.59 9.48
CA PRO A 27 12.04 5.31 8.46
C PRO A 27 11.72 5.89 7.07
N THR A 28 10.43 6.01 6.73
CA THR A 28 9.92 6.42 5.42
C THR A 28 10.26 7.84 4.94
N ASP A 29 10.76 8.00 3.72
CA ASP A 29 11.03 9.30 3.08
C ASP A 29 9.74 9.93 2.47
N GLY A 30 8.72 10.12 3.31
CA GLY A 30 7.40 10.61 2.91
C GLY A 30 6.73 9.71 1.85
N ALA A 31 6.08 10.34 0.87
CA ALA A 31 5.49 9.65 -0.30
C ALA A 31 6.52 9.30 -1.40
N VAL A 32 7.82 9.55 -1.17
CA VAL A 32 8.97 9.32 -2.09
C VAL A 32 9.00 10.05 -3.44
N THR A 33 7.93 10.75 -3.83
CA THR A 33 7.84 11.53 -5.07
C THR A 33 8.80 12.73 -5.21
N THR A 34 9.12 13.10 -6.44
CA THR A 34 10.00 14.23 -6.80
C THR A 34 9.44 15.65 -6.63
N SER A 35 8.33 15.82 -5.89
CA SER A 35 7.64 17.11 -5.70
C SER A 35 8.48 18.15 -4.92
N GLN A 36 9.31 17.69 -3.97
CA GLN A 36 10.23 18.45 -3.10
C GLN A 36 9.63 19.55 -2.18
N ILE A 37 8.44 20.07 -2.47
CA ILE A 37 7.74 21.10 -1.67
C ILE A 37 7.27 20.56 -0.30
N PRO A 38 7.22 21.39 0.75
CA PRO A 38 6.71 21.01 2.07
C PRO A 38 5.16 20.95 2.12
N ALA A 39 4.47 21.69 1.25
CA ALA A 39 3.01 21.79 1.21
C ALA A 39 2.33 20.52 0.66
N SER A 40 1.12 20.22 1.18
CA SER A 40 0.27 19.08 0.79
C SER A 40 -1.20 19.50 0.56
N GLU A 41 -1.43 20.78 0.25
CA GLU A 41 -2.78 21.39 0.15
C GLU A 41 -3.54 21.05 -1.15
N GLN A 42 -2.88 20.39 -2.11
CA GLN A 42 -3.41 20.03 -3.44
C GLN A 42 -3.04 18.59 -3.83
N GLU A 43 -3.70 18.05 -4.86
CA GLU A 43 -3.46 16.69 -5.39
C GLU A 43 -2.01 16.52 -5.89
N THR A 44 -1.31 15.51 -5.36
CA THR A 44 0.06 15.12 -5.74
C THR A 44 0.18 13.67 -6.22
N LEU A 45 0.84 13.47 -7.37
CA LEU A 45 0.86 12.20 -8.10
C LEU A 45 2.19 11.46 -7.97
N VAL A 46 2.12 10.12 -7.92
CA VAL A 46 3.27 9.21 -7.72
C VAL A 46 3.81 8.56 -8.99
N ARG A 47 2.95 8.44 -10.01
CA ARG A 47 3.16 7.75 -11.30
C ARG A 47 3.79 6.34 -11.12
N PRO A 48 3.01 5.36 -10.63
CA PRO A 48 3.53 4.02 -10.32
C PRO A 48 3.88 3.20 -11.57
N LYS A 49 4.61 2.10 -11.38
CA LYS A 49 4.96 1.13 -12.44
C LYS A 49 3.70 0.54 -13.11
N PRO A 50 3.74 0.23 -14.43
CA PRO A 50 2.56 -0.24 -15.17
C PRO A 50 2.02 -1.60 -14.67
N LEU A 51 2.88 -2.43 -14.07
CA LEU A 51 2.48 -3.69 -13.42
C LEU A 51 1.48 -3.46 -12.27
N LEU A 52 1.66 -2.38 -11.50
CA LEU A 52 0.74 -2.00 -10.43
C LEU A 52 -0.53 -1.38 -10.99
N LEU A 53 -0.42 -0.51 -11.99
CA LEU A 53 -1.57 0.12 -12.65
C LEU A 53 -2.57 -0.91 -13.19
N LYS A 54 -2.09 -2.02 -13.76
CA LYS A 54 -2.92 -3.16 -14.19
C LYS A 54 -3.69 -3.81 -13.02
N LEU A 55 -3.08 -3.90 -11.83
CA LEU A 55 -3.75 -4.35 -10.61
C LEU A 55 -4.84 -3.34 -10.15
N LEU A 56 -4.58 -2.03 -10.22
CA LEU A 56 -5.62 -1.01 -9.96
C LEU A 56 -6.80 -1.17 -10.95
N LYS A 57 -6.53 -1.43 -12.23
CA LYS A 57 -7.54 -1.77 -13.25
C LYS A 57 -8.25 -3.11 -13.06
N SER A 58 -7.67 -4.06 -12.33
CA SER A 58 -8.36 -5.29 -11.91
C SER A 58 -9.51 -5.03 -10.93
N VAL A 59 -9.55 -3.84 -10.31
CA VAL A 59 -10.68 -3.30 -9.52
C VAL A 59 -11.28 -2.02 -10.16
N GLY A 60 -10.97 -1.76 -11.43
CA GLY A 60 -11.65 -0.74 -12.26
C GLY A 60 -11.13 0.70 -12.14
N ALA A 61 -9.89 0.93 -11.71
CA ALA A 61 -9.33 2.27 -11.55
C ALA A 61 -9.17 3.01 -12.90
N GLN A 62 -9.81 4.17 -13.03
CA GLN A 62 -9.99 4.89 -14.31
C GLN A 62 -8.77 5.73 -14.76
N LYS A 63 -8.03 6.33 -13.82
CA LYS A 63 -6.94 7.30 -14.10
C LYS A 63 -5.72 6.63 -14.73
N ASP A 64 -4.81 7.46 -15.26
CA ASP A 64 -3.47 7.09 -15.72
C ASP A 64 -2.31 7.45 -14.76
N THR A 65 -2.61 8.16 -13.66
CA THR A 65 -1.67 8.59 -12.61
C THR A 65 -2.50 8.73 -11.33
N TYR A 66 -1.86 8.49 -10.19
CA TYR A 66 -2.52 8.34 -8.88
C TYR A 66 -1.77 8.96 -7.70
N THR A 67 -2.48 9.37 -6.65
CA THR A 67 -1.90 9.70 -5.34
C THR A 67 -1.49 8.47 -4.53
N MET A 68 -0.58 8.56 -3.56
CA MET A 68 -0.25 7.39 -2.72
C MET A 68 -1.47 6.88 -1.95
N LYS A 69 -2.37 7.78 -1.52
CA LYS A 69 -3.63 7.46 -0.86
C LYS A 69 -4.54 6.64 -1.79
N GLU A 70 -4.64 7.03 -3.06
CA GLU A 70 -5.40 6.31 -4.09
C GLU A 70 -4.80 4.94 -4.43
N VAL A 71 -3.47 4.83 -4.59
CA VAL A 71 -2.79 3.54 -4.85
C VAL A 71 -3.02 2.58 -3.69
N LEU A 72 -2.76 3.01 -2.44
CA LEU A 72 -3.08 2.23 -1.23
C LEU A 72 -4.56 1.84 -1.20
N PHE A 73 -5.49 2.77 -1.47
CA PHE A 73 -6.91 2.45 -1.58
C PHE A 73 -7.27 1.30 -2.52
N TYR A 74 -6.94 1.45 -3.80
CA TYR A 74 -7.18 0.44 -4.82
C TYR A 74 -6.49 -0.92 -4.60
N LEU A 75 -5.24 -0.90 -4.13
CA LEU A 75 -4.46 -2.09 -3.79
C LEU A 75 -5.08 -2.85 -2.61
N GLY A 76 -5.46 -2.16 -1.52
CA GLY A 76 -6.12 -2.77 -0.37
C GLY A 76 -7.50 -3.32 -0.70
N GLN A 77 -8.29 -2.60 -1.50
CA GLN A 77 -9.56 -3.08 -2.02
C GLN A 77 -9.40 -4.33 -2.91
N TYR A 78 -8.32 -4.42 -3.71
CA TYR A 78 -7.94 -5.63 -4.43
C TYR A 78 -7.62 -6.84 -3.54
N ILE A 79 -6.73 -6.64 -2.56
CA ILE A 79 -6.32 -7.67 -1.58
C ILE A 79 -7.54 -8.19 -0.79
N MET A 80 -8.43 -7.28 -0.38
CA MET A 80 -9.67 -7.58 0.31
C MET A 80 -10.66 -8.36 -0.56
N THR A 81 -11.00 -7.85 -1.75
CA THR A 81 -11.98 -8.48 -2.66
C THR A 81 -11.58 -9.83 -3.25
N LYS A 82 -10.28 -10.01 -3.52
CA LYS A 82 -9.66 -11.30 -3.89
C LYS A 82 -9.43 -12.24 -2.69
N ARG A 83 -9.70 -11.78 -1.46
CA ARG A 83 -9.60 -12.50 -0.18
C ARG A 83 -8.22 -13.16 0.05
N LEU A 84 -7.16 -12.41 -0.24
CA LEU A 84 -5.77 -12.89 -0.19
C LEU A 84 -5.20 -12.99 1.24
N TYR A 85 -5.95 -12.54 2.26
CA TYR A 85 -5.60 -12.70 3.67
C TYR A 85 -5.62 -14.13 4.22
N ASP A 86 -4.77 -14.43 5.20
CA ASP A 86 -4.81 -15.67 5.98
C ASP A 86 -6.14 -15.89 6.74
N GLU A 87 -6.69 -17.11 6.71
CA GLU A 87 -7.89 -17.49 7.46
C GLU A 87 -7.70 -17.45 8.99
N LYS A 88 -6.46 -17.63 9.48
CA LYS A 88 -6.11 -17.51 10.91
C LYS A 88 -5.83 -16.05 11.32
N GLN A 89 -4.80 -15.43 10.74
CA GLN A 89 -4.43 -14.03 11.02
C GLN A 89 -5.00 -13.06 9.98
N GLN A 90 -5.99 -12.25 10.36
CA GLN A 90 -6.65 -11.25 9.48
C GLN A 90 -5.78 -10.02 9.14
N HIS A 91 -4.46 -10.19 9.16
CA HIS A 91 -3.45 -9.18 8.84
C HIS A 91 -2.25 -9.77 8.05
N ILE A 92 -2.14 -11.09 7.89
CA ILE A 92 -1.14 -11.72 7.00
C ILE A 92 -1.76 -11.87 5.61
N VAL A 93 -1.01 -11.56 4.56
CA VAL A 93 -1.44 -11.60 3.14
C VAL A 93 -0.56 -12.56 2.35
N TYR A 94 -1.18 -13.45 1.59
CA TYR A 94 -0.54 -14.39 0.68
C TYR A 94 -0.49 -13.99 -0.81
N CYS A 95 0.64 -14.20 -1.46
CA CYS A 95 0.92 -13.72 -2.82
C CYS A 95 1.95 -14.60 -3.57
N SER A 96 1.89 -15.92 -3.39
CA SER A 96 2.82 -16.85 -4.03
C SER A 96 2.57 -16.96 -5.54
N ASN A 97 3.59 -16.63 -6.34
CA ASN A 97 3.65 -16.80 -7.81
C ASN A 97 2.49 -16.13 -8.61
N ASP A 98 1.94 -15.02 -8.09
CA ASP A 98 0.87 -14.23 -8.73
C ASP A 98 1.26 -12.76 -9.00
N LEU A 99 0.33 -11.96 -9.57
CA LEU A 99 0.54 -10.54 -9.86
C LEU A 99 0.97 -9.73 -8.62
N LEU A 100 0.38 -10.00 -7.45
CA LEU A 100 0.76 -9.34 -6.20
C LEU A 100 2.14 -9.78 -5.69
N GLY A 101 2.52 -11.03 -5.92
CA GLY A 101 3.86 -11.56 -5.67
C GLY A 101 4.92 -10.92 -6.56
N ASP A 102 4.61 -10.69 -7.83
CA ASP A 102 5.48 -9.97 -8.77
C ASP A 102 5.67 -8.48 -8.44
N LEU A 103 4.68 -7.87 -7.77
CA LEU A 103 4.75 -6.53 -7.21
C LEU A 103 5.58 -6.48 -5.91
N PHE A 104 5.16 -7.18 -4.86
CA PHE A 104 5.84 -7.18 -3.55
C PHE A 104 7.20 -7.89 -3.45
N GLY A 105 7.50 -8.80 -4.38
CA GLY A 105 8.76 -9.56 -4.42
C GLY A 105 8.88 -10.67 -3.38
N VAL A 106 7.76 -11.12 -2.80
CA VAL A 106 7.69 -12.11 -1.70
C VAL A 106 6.46 -13.03 -1.89
N PRO A 107 6.48 -14.26 -1.36
CA PRO A 107 5.34 -15.18 -1.35
C PRO A 107 4.24 -14.80 -0.34
N SER A 108 4.58 -13.99 0.67
CA SER A 108 3.65 -13.47 1.70
C SER A 108 4.27 -12.28 2.45
N PHE A 109 3.43 -11.47 3.10
CA PHE A 109 3.85 -10.35 3.97
C PHE A 109 2.74 -10.11 5.02
N SER A 110 2.97 -9.20 5.97
CA SER A 110 2.02 -8.86 7.03
C SER A 110 1.77 -7.36 7.18
N VAL A 111 0.49 -6.97 7.22
CA VAL A 111 0.01 -5.61 7.51
C VAL A 111 0.14 -5.18 8.98
N LYS A 112 0.64 -6.07 9.85
CA LYS A 112 1.04 -5.75 11.23
C LYS A 112 2.26 -4.82 11.28
N GLU A 113 3.14 -4.90 10.27
CA GLU A 113 4.42 -4.18 10.19
C GLU A 113 4.47 -3.19 9.01
N HIS A 114 3.77 -2.06 9.16
CA HIS A 114 3.67 -1.00 8.15
C HIS A 114 5.05 -0.53 7.61
N ARG A 115 6.08 -0.54 8.46
CA ARG A 115 7.50 -0.24 8.10
C ARG A 115 8.02 -1.04 6.91
N LYS A 116 7.63 -2.31 6.78
CA LYS A 116 8.06 -3.20 5.69
C LYS A 116 7.27 -2.92 4.40
N ILE A 117 5.97 -2.69 4.52
CA ILE A 117 5.11 -2.34 3.39
C ILE A 117 5.51 -0.98 2.79
N TYR A 118 5.77 0.04 3.62
CA TYR A 118 6.12 1.38 3.13
C TYR A 118 7.33 1.44 2.19
N THR A 119 8.41 0.72 2.50
CA THR A 119 9.59 0.61 1.63
C THR A 119 9.34 -0.12 0.30
N MET A 120 8.48 -1.14 0.32
CA MET A 120 8.05 -1.85 -0.89
C MET A 120 7.07 -1.03 -1.75
N MET A 121 6.17 -0.24 -1.13
CA MET A 121 5.31 0.72 -1.84
C MET A 121 6.13 1.84 -2.49
N ALA A 122 7.15 2.35 -1.80
CA ALA A 122 8.12 3.30 -2.37
C ALA A 122 8.85 2.70 -3.59
N SER A 123 9.18 1.40 -3.55
CA SER A 123 9.79 0.65 -4.67
C SER A 123 8.84 0.40 -5.86
N MET A 124 7.54 0.74 -5.74
CA MET A 124 6.57 0.74 -6.86
C MET A 124 6.42 2.09 -7.57
N THR A 125 7.07 3.14 -7.07
CA THR A 125 7.01 4.52 -7.60
C THR A 125 8.37 5.18 -7.85
N GLY A 126 9.33 4.96 -6.94
CA GLY A 126 10.76 5.30 -7.09
C GLY A 126 11.59 4.14 -7.66
N GLY A 127 12.90 4.36 -7.80
CA GLY A 127 13.84 3.40 -8.37
C GLY A 127 13.75 3.23 -9.90
N GLN A 128 14.60 2.36 -10.47
CA GLN A 128 14.63 2.08 -11.91
C GLN A 128 13.47 1.17 -12.38
N GLN A 129 13.17 1.22 -13.68
CA GLN A 129 12.30 0.26 -14.37
C GLN A 129 13.11 -0.91 -14.95
N MET A 130 12.42 -1.94 -15.46
CA MET A 130 13.05 -3.05 -16.20
C MET A 130 13.64 -2.59 -17.54
N GLY A 131 14.78 -3.19 -17.95
CA GLY A 131 15.51 -2.88 -19.18
C GLY A 131 14.76 -3.25 -20.47
N MET A 1 -17.55 -8.21 7.23
CA MET A 1 -16.35 -7.64 6.58
C MET A 1 -15.07 -8.25 7.17
N PRO A 2 -14.01 -8.50 6.37
CA PRO A 2 -12.75 -9.04 6.87
C PRO A 2 -11.99 -8.03 7.74
N ARG A 3 -11.28 -8.53 8.76
CA ARG A 3 -10.42 -7.73 9.66
C ARG A 3 -9.19 -7.15 8.95
N PHE A 4 -8.81 -7.72 7.80
CA PHE A 4 -7.79 -7.19 6.90
C PHE A 4 -7.84 -5.67 6.64
N TRP A 5 -9.04 -5.16 6.31
CA TRP A 5 -9.21 -3.75 5.93
C TRP A 5 -9.00 -2.78 7.10
N GLU A 6 -9.32 -3.17 8.33
CA GLU A 6 -9.05 -2.34 9.52
C GLU A 6 -7.53 -2.13 9.74
N TYR A 7 -6.73 -3.17 9.46
CA TYR A 7 -5.26 -3.06 9.39
C TYR A 7 -4.72 -2.25 8.21
N TRP A 8 -5.26 -2.49 7.02
CA TRP A 8 -4.84 -1.86 5.77
C TRP A 8 -5.17 -0.36 5.74
N LEU A 9 -6.31 0.04 6.31
CA LEU A 9 -6.68 1.44 6.52
C LEU A 9 -5.67 2.20 7.41
N ARG A 10 -5.05 1.50 8.38
CA ARG A 10 -4.09 2.09 9.32
C ARG A 10 -2.77 2.46 8.65
N LEU A 11 -2.48 1.88 7.48
CA LEU A 11 -1.36 2.29 6.61
C LEU A 11 -1.56 3.73 6.09
N MET A 12 -2.72 4.00 5.48
CA MET A 12 -3.00 5.30 4.85
C MET A 12 -3.33 6.39 5.88
N GLU A 13 -3.76 6.02 7.09
CA GLU A 13 -3.94 6.90 8.26
C GLU A 13 -2.61 7.39 8.89
N GLY A 14 -1.63 7.76 8.05
CA GLY A 14 -0.39 8.45 8.43
C GLY A 14 -0.55 9.96 8.67
N GLY A 15 -1.79 10.47 8.69
CA GLY A 15 -2.13 11.90 8.74
C GLY A 15 -1.99 12.62 7.38
N GLY A 16 -0.96 12.31 6.60
CA GLY A 16 -0.71 12.85 5.26
C GLY A 16 0.75 12.73 4.82
N GLU A 17 1.21 13.68 4.01
CA GLU A 17 2.57 13.79 3.45
C GLU A 17 2.99 12.60 2.59
N ASN A 18 2.56 12.62 1.32
CA ASN A 18 2.81 11.58 0.31
C ASN A 18 4.31 11.20 0.21
N LEU A 19 4.59 9.90 0.39
CA LEU A 19 5.96 9.35 0.37
C LEU A 19 6.65 9.51 -1.00
N TYR A 20 7.94 9.81 -0.99
CA TYR A 20 8.76 9.95 -2.20
C TYR A 20 8.95 8.68 -3.05
N PHE A 21 9.11 8.85 -4.37
CA PHE A 21 9.46 7.80 -5.34
C PHE A 21 10.88 7.22 -5.29
N GLN A 22 11.42 7.02 -4.08
CA GLN A 22 12.80 6.61 -3.81
C GLN A 22 13.01 5.09 -3.71
N GLY A 23 11.95 4.30 -3.51
CA GLY A 23 12.04 2.86 -3.20
C GLY A 23 12.60 2.59 -1.80
N MET A 24 12.23 3.43 -0.82
CA MET A 24 12.78 3.45 0.55
C MET A 24 11.68 3.63 1.62
N SER A 25 12.01 3.35 2.89
CA SER A 25 11.12 3.51 4.05
C SER A 25 10.70 4.98 4.28
N VAL A 26 9.62 5.15 5.06
CA VAL A 26 9.14 6.49 5.49
C VAL A 26 10.21 7.26 6.29
N PRO A 27 10.57 8.50 5.90
CA PRO A 27 11.61 9.28 6.58
C PRO A 27 11.18 9.70 8.00
N THR A 28 12.08 9.57 8.97
CA THR A 28 11.83 9.87 10.40
C THR A 28 11.38 11.29 10.73
N ASP A 29 11.94 12.27 10.03
CA ASP A 29 11.52 13.69 10.09
C ASP A 29 10.14 14.00 9.48
N GLY A 30 9.66 13.12 8.59
CA GLY A 30 8.33 13.18 7.96
C GLY A 30 7.22 12.49 8.77
N ALA A 31 6.16 12.07 8.08
CA ALA A 31 4.98 11.40 8.64
C ALA A 31 5.22 9.91 9.01
N VAL A 32 6.26 9.64 9.83
CA VAL A 32 6.65 8.30 10.29
C VAL A 32 5.66 7.61 11.26
N THR A 33 4.68 8.37 11.78
CA THR A 33 3.58 7.91 12.67
C THR A 33 2.18 8.19 12.14
N THR A 34 1.15 7.66 12.81
CA THR A 34 -0.27 7.98 12.53
C THR A 34 -0.69 9.44 12.78
N SER A 35 0.14 10.22 13.49
CA SER A 35 -0.06 11.63 13.87
C SER A 35 -1.26 11.89 14.80
N GLN A 36 -1.23 13.04 15.49
CA GLN A 36 -2.33 13.54 16.32
C GLN A 36 -3.48 14.12 15.48
N ILE A 37 -3.18 14.67 14.29
CA ILE A 37 -4.11 15.37 13.40
C ILE A 37 -3.75 15.19 11.91
N PRO A 38 -4.72 15.27 10.97
CA PRO A 38 -4.48 15.15 9.54
C PRO A 38 -3.79 16.39 8.94
N ALA A 39 -3.15 16.20 7.78
CA ALA A 39 -2.57 17.26 6.95
C ALA A 39 -3.63 18.07 6.16
N SER A 40 -3.18 18.97 5.29
CA SER A 40 -4.01 19.86 4.44
C SER A 40 -4.74 19.18 3.27
N GLU A 41 -4.80 17.83 3.24
CA GLU A 41 -5.49 16.96 2.26
C GLU A 41 -4.96 17.00 0.81
N GLN A 42 -4.33 18.09 0.36
CA GLN A 42 -3.59 18.17 -0.91
C GLN A 42 -2.33 17.29 -0.86
N GLU A 43 -2.18 16.36 -1.81
CA GLU A 43 -1.10 15.35 -1.83
C GLU A 43 -0.58 15.05 -3.25
N THR A 44 0.72 14.76 -3.35
CA THR A 44 1.45 14.50 -4.60
C THR A 44 1.09 13.22 -5.37
N LEU A 45 1.21 13.24 -6.71
CA LEU A 45 1.12 12.03 -7.55
C LEU A 45 2.45 11.24 -7.53
N VAL A 46 2.37 9.92 -7.62
CA VAL A 46 3.52 8.98 -7.49
C VAL A 46 4.09 8.45 -8.79
N ARG A 47 3.29 8.48 -9.86
CA ARG A 47 3.51 7.83 -11.16
C ARG A 47 3.81 6.32 -11.03
N PRO A 48 2.79 5.47 -10.77
CA PRO A 48 2.98 4.03 -10.52
C PRO A 48 3.59 3.26 -11.72
N LYS A 49 4.24 2.13 -11.45
CA LYS A 49 4.68 1.17 -12.48
C LYS A 49 3.49 0.61 -13.28
N PRO A 50 3.65 0.25 -14.57
CA PRO A 50 2.56 -0.32 -15.38
C PRO A 50 2.03 -1.65 -14.80
N LEU A 51 2.89 -2.45 -14.17
CA LEU A 51 2.52 -3.68 -13.47
C LEU A 51 1.55 -3.42 -12.30
N LEU A 52 1.74 -2.31 -11.57
CA LEU A 52 0.85 -1.88 -10.50
C LEU A 52 -0.45 -1.27 -11.04
N LEU A 53 -0.34 -0.38 -12.03
CA LEU A 53 -1.49 0.25 -12.68
C LEU A 53 -2.47 -0.80 -13.24
N LYS A 54 -1.96 -1.90 -13.81
CA LYS A 54 -2.77 -3.07 -14.20
C LYS A 54 -3.59 -3.67 -13.05
N LEU A 55 -3.01 -3.77 -11.85
CA LEU A 55 -3.72 -4.21 -10.64
C LEU A 55 -4.81 -3.21 -10.22
N LEU A 56 -4.53 -1.90 -10.23
CA LEU A 56 -5.54 -0.86 -9.93
C LEU A 56 -6.70 -0.90 -10.94
N LYS A 57 -6.40 -1.06 -12.24
CA LYS A 57 -7.38 -1.15 -13.32
C LYS A 57 -8.17 -2.46 -13.34
N SER A 58 -7.63 -3.54 -12.74
CA SER A 58 -8.37 -4.78 -12.49
C SER A 58 -9.52 -4.60 -11.48
N VAL A 59 -9.44 -3.57 -10.62
CA VAL A 59 -10.53 -3.10 -9.74
C VAL A 59 -11.21 -1.80 -10.23
N GLY A 60 -11.01 -1.42 -11.50
CA GLY A 60 -11.76 -0.35 -12.16
C GLY A 60 -11.23 1.08 -11.97
N ALA A 61 -9.95 1.26 -11.64
CA ALA A 61 -9.31 2.58 -11.56
C ALA A 61 -9.42 3.36 -12.90
N GLN A 62 -9.80 4.64 -12.85
CA GLN A 62 -10.16 5.44 -14.05
C GLN A 62 -8.97 6.13 -14.73
N LYS A 63 -8.09 6.76 -13.94
CA LYS A 63 -6.87 7.47 -14.36
C LYS A 63 -5.64 6.55 -14.42
N ASP A 64 -4.52 7.08 -14.93
CA ASP A 64 -3.20 6.44 -14.97
C ASP A 64 -2.16 6.91 -13.91
N THR A 65 -2.51 7.91 -13.09
CA THR A 65 -1.64 8.48 -12.04
C THR A 65 -2.48 8.67 -10.77
N TYR A 66 -1.83 8.46 -9.62
CA TYR A 66 -2.43 8.38 -8.28
C TYR A 66 -1.52 8.86 -7.14
N THR A 67 -2.08 9.16 -5.97
CA THR A 67 -1.35 9.38 -4.71
C THR A 67 -1.02 8.07 -3.96
N MET A 68 -0.13 8.10 -2.97
CA MET A 68 0.13 6.95 -2.09
C MET A 68 -1.16 6.41 -1.44
N LYS A 69 -2.05 7.30 -0.98
CA LYS A 69 -3.35 6.94 -0.37
C LYS A 69 -4.29 6.29 -1.38
N GLU A 70 -4.39 6.83 -2.59
CA GLU A 70 -5.22 6.27 -3.65
C GLU A 70 -4.72 4.89 -4.12
N VAL A 71 -3.40 4.72 -4.27
CA VAL A 71 -2.79 3.41 -4.58
C VAL A 71 -3.09 2.42 -3.46
N LEU A 72 -2.89 2.78 -2.18
CA LEU A 72 -3.22 1.90 -1.05
C LEU A 72 -4.71 1.54 -1.04
N PHE A 73 -5.62 2.49 -1.28
CA PHE A 73 -7.04 2.20 -1.46
C PHE A 73 -7.38 1.12 -2.49
N TYR A 74 -6.96 1.33 -3.75
CA TYR A 74 -7.16 0.37 -4.84
C TYR A 74 -6.49 -1.01 -4.64
N LEU A 75 -5.25 -1.00 -4.13
CA LEU A 75 -4.49 -2.21 -3.79
C LEU A 75 -5.19 -3.03 -2.69
N GLY A 76 -5.75 -2.35 -1.68
CA GLY A 76 -6.58 -2.98 -0.65
C GLY A 76 -7.89 -3.56 -1.20
N GLN A 77 -8.54 -2.91 -2.17
CA GLN A 77 -9.72 -3.47 -2.84
C GLN A 77 -9.38 -4.76 -3.59
N TYR A 78 -8.20 -4.83 -4.23
CA TYR A 78 -7.76 -6.02 -4.95
C TYR A 78 -7.49 -7.18 -3.98
N ILE A 79 -6.75 -6.93 -2.89
CA ILE A 79 -6.46 -7.92 -1.84
C ILE A 79 -7.75 -8.48 -1.22
N MET A 80 -8.76 -7.63 -1.00
CA MET A 80 -10.09 -8.05 -0.54
C MET A 80 -10.85 -8.90 -1.57
N THR A 81 -11.02 -8.42 -2.80
CA THR A 81 -11.79 -9.14 -3.83
C THR A 81 -11.18 -10.48 -4.27
N LYS A 82 -9.84 -10.56 -4.27
CA LYS A 82 -9.06 -11.79 -4.49
C LYS A 82 -8.93 -12.67 -3.22
N ARG A 83 -9.28 -12.14 -2.04
CA ARG A 83 -9.21 -12.78 -0.71
C ARG A 83 -7.82 -13.35 -0.38
N LEU A 84 -6.79 -12.52 -0.59
CA LEU A 84 -5.38 -12.90 -0.41
C LEU A 84 -4.90 -12.87 1.05
N TYR A 85 -5.75 -12.39 1.98
CA TYR A 85 -5.50 -12.50 3.43
C TYR A 85 -5.53 -13.94 3.98
N ASP A 86 -4.72 -14.24 4.99
CA ASP A 86 -4.77 -15.53 5.71
C ASP A 86 -6.07 -15.75 6.49
N GLU A 87 -6.71 -16.92 6.34
CA GLU A 87 -7.93 -17.28 7.08
C GLU A 87 -7.72 -17.37 8.61
N LYS A 88 -6.49 -17.67 9.07
CA LYS A 88 -6.11 -17.69 10.50
C LYS A 88 -5.81 -16.30 11.02
N GLN A 89 -4.79 -15.64 10.46
CA GLN A 89 -4.38 -14.26 10.78
C GLN A 89 -4.70 -13.31 9.62
N GLN A 90 -5.86 -12.66 9.64
CA GLN A 90 -6.31 -11.79 8.55
C GLN A 90 -5.45 -10.52 8.38
N HIS A 91 -4.61 -10.20 9.37
CA HIS A 91 -3.59 -9.17 9.30
C HIS A 91 -2.34 -9.59 8.49
N ILE A 92 -2.31 -10.78 7.88
CA ILE A 92 -1.22 -11.30 7.03
C ILE A 92 -1.75 -11.55 5.62
N VAL A 93 -1.02 -11.11 4.60
CA VAL A 93 -1.32 -11.31 3.17
C VAL A 93 -0.39 -12.33 2.53
N TYR A 94 -0.95 -13.27 1.76
CA TYR A 94 -0.25 -14.30 0.99
C TYR A 94 -0.15 -14.04 -0.52
N CYS A 95 0.85 -13.26 -0.91
CA CYS A 95 1.08 -12.75 -2.26
C CYS A 95 1.60 -13.84 -3.24
N SER A 96 2.08 -14.98 -2.73
CA SER A 96 2.80 -16.01 -3.49
C SER A 96 2.08 -16.50 -4.75
N ASN A 97 2.83 -16.68 -5.84
CA ASN A 97 2.39 -17.14 -7.16
C ASN A 97 1.30 -16.29 -7.85
N ASP A 98 1.07 -15.06 -7.38
CA ASP A 98 0.09 -14.10 -7.92
C ASP A 98 0.71 -12.78 -8.42
N LEU A 99 -0.05 -11.94 -9.15
CA LEU A 99 0.31 -10.57 -9.50
C LEU A 99 0.75 -9.74 -8.27
N LEU A 100 0.14 -9.95 -7.11
CA LEU A 100 0.54 -9.30 -5.87
C LEU A 100 1.98 -9.68 -5.44
N GLY A 101 2.39 -10.93 -5.64
CA GLY A 101 3.75 -11.40 -5.36
C GLY A 101 4.78 -10.92 -6.38
N ASP A 102 4.38 -10.82 -7.65
CA ASP A 102 5.17 -10.16 -8.70
C ASP A 102 5.45 -8.67 -8.46
N LEU A 103 4.51 -7.99 -7.80
CA LEU A 103 4.67 -6.62 -7.29
C LEU A 103 5.56 -6.58 -6.04
N PHE A 104 5.16 -7.22 -4.93
CA PHE A 104 5.87 -7.15 -3.64
C PHE A 104 7.25 -7.79 -3.53
N GLY A 105 7.55 -8.78 -4.37
CA GLY A 105 8.83 -9.51 -4.37
C GLY A 105 9.00 -10.50 -3.20
N VAL A 106 7.91 -10.86 -2.52
CA VAL A 106 7.87 -11.78 -1.35
C VAL A 106 6.64 -12.69 -1.45
N PRO A 107 6.68 -13.90 -0.86
CA PRO A 107 5.54 -14.81 -0.81
C PRO A 107 4.42 -14.35 0.13
N SER A 108 4.75 -13.54 1.16
CA SER A 108 3.80 -13.02 2.15
C SER A 108 4.38 -11.84 2.94
N PHE A 109 3.51 -11.08 3.62
CA PHE A 109 3.90 -10.04 4.60
C PHE A 109 2.76 -9.81 5.63
N SER A 110 3.09 -9.27 6.81
CA SER A 110 2.11 -8.81 7.80
C SER A 110 1.81 -7.31 7.64
N VAL A 111 0.52 -6.96 7.64
CA VAL A 111 -0.01 -5.59 7.60
C VAL A 111 0.30 -4.77 8.87
N LYS A 112 0.68 -5.43 9.98
CA LYS A 112 1.09 -4.76 11.22
C LYS A 112 2.36 -3.91 11.09
N GLU A 113 3.30 -4.30 10.22
CA GLU A 113 4.47 -3.49 9.87
C GLU A 113 4.22 -2.54 8.69
N HIS A 114 3.97 -1.29 9.03
CA HIS A 114 3.63 -0.23 8.06
C HIS A 114 4.83 0.10 7.16
N ARG A 115 5.97 0.43 7.78
CA ARG A 115 7.24 0.81 7.12
C ARG A 115 7.76 -0.26 6.15
N LYS A 116 7.56 -1.55 6.47
CA LYS A 116 7.91 -2.69 5.61
C LYS A 116 7.09 -2.68 4.31
N ILE A 117 5.78 -2.44 4.41
CA ILE A 117 4.93 -2.28 3.23
C ILE A 117 5.31 -1.03 2.44
N TYR A 118 5.48 0.12 3.10
CA TYR A 118 5.92 1.35 2.44
C TYR A 118 7.23 1.29 1.66
N THR A 119 8.28 0.70 2.22
CA THR A 119 9.54 0.48 1.49
C THR A 119 9.42 -0.43 0.27
N MET A 120 8.65 -1.52 0.37
CA MET A 120 8.34 -2.39 -0.78
C MET A 120 7.48 -1.69 -1.83
N MET A 121 6.43 -1.00 -1.41
CA MET A 121 5.44 -0.39 -2.31
C MET A 121 5.95 0.92 -2.93
N ALA A 122 6.95 1.58 -2.33
CA ALA A 122 7.66 2.70 -2.95
C ALA A 122 8.49 2.24 -4.17
N SER A 123 8.90 0.96 -4.24
CA SER A 123 9.54 0.37 -5.44
C SER A 123 8.54 0.20 -6.60
N MET A 124 7.24 0.27 -6.33
CA MET A 124 6.16 0.31 -7.34
C MET A 124 5.89 1.72 -7.88
N THR A 125 6.69 2.72 -7.47
CA THR A 125 6.63 4.12 -7.91
C THR A 125 7.98 4.71 -8.33
N GLY A 126 9.06 4.34 -7.63
CA GLY A 126 10.46 4.61 -7.97
C GLY A 126 11.09 3.58 -8.94
N GLY A 127 12.42 3.56 -8.96
CA GLY A 127 13.25 2.68 -9.78
C GLY A 127 13.55 3.24 -11.17
N GLN A 128 14.83 3.21 -11.58
CA GLN A 128 15.30 3.75 -12.86
C GLN A 128 15.01 2.81 -14.06
N GLN A 129 15.17 1.50 -13.87
CA GLN A 129 15.04 0.47 -14.91
C GLN A 129 14.74 -0.91 -14.30
N MET A 130 13.81 -1.65 -14.91
CA MET A 130 13.51 -3.06 -14.56
C MET A 130 14.42 -4.05 -15.32
N GLY A 131 14.68 -5.22 -14.71
CA GLY A 131 15.50 -6.31 -15.30
C GLY A 131 15.71 -7.47 -14.33
N MET A 1 -17.48 -8.62 7.41
CA MET A 1 -16.28 -7.83 7.05
C MET A 1 -15.02 -8.46 7.66
N PRO A 2 -13.95 -8.69 6.88
CA PRO A 2 -12.69 -9.23 7.38
C PRO A 2 -11.93 -8.22 8.25
N ARG A 3 -11.16 -8.72 9.24
CA ARG A 3 -10.26 -7.91 10.08
C ARG A 3 -9.10 -7.28 9.30
N PHE A 4 -8.80 -7.82 8.11
CA PHE A 4 -7.85 -7.26 7.15
C PHE A 4 -7.95 -5.75 6.91
N TRP A 5 -9.16 -5.26 6.65
CA TRP A 5 -9.36 -3.87 6.24
C TRP A 5 -9.08 -2.85 7.35
N GLU A 6 -9.30 -3.21 8.62
CA GLU A 6 -8.91 -2.36 9.76
C GLU A 6 -7.37 -2.20 9.85
N TYR A 7 -6.62 -3.29 9.62
CA TYR A 7 -5.18 -3.24 9.44
C TYR A 7 -4.67 -2.46 8.23
N TRP A 8 -5.35 -2.64 7.09
CA TRP A 8 -5.01 -1.97 5.83
C TRP A 8 -5.30 -0.47 5.88
N LEU A 9 -6.40 -0.05 6.52
CA LEU A 9 -6.71 1.36 6.75
C LEU A 9 -5.69 2.04 7.68
N ARG A 10 -5.10 1.26 8.62
CA ARG A 10 -4.05 1.73 9.54
C ARG A 10 -2.77 2.14 8.83
N LEU A 11 -2.47 1.53 7.68
CA LEU A 11 -1.40 1.96 6.78
C LEU A 11 -1.58 3.43 6.35
N MET A 12 -2.76 3.77 5.82
CA MET A 12 -3.00 5.08 5.21
C MET A 12 -3.34 6.17 6.26
N GLU A 13 -3.92 5.78 7.40
CA GLU A 13 -4.23 6.67 8.52
C GLU A 13 -3.02 6.98 9.41
N GLY A 14 -2.16 5.98 9.67
CA GLY A 14 -0.93 6.14 10.45
C GLY A 14 0.20 6.78 9.64
N GLY A 15 0.47 6.23 8.45
CA GLY A 15 1.56 6.64 7.54
C GLY A 15 2.98 6.46 8.11
N GLY A 16 3.99 6.83 7.32
CA GLY A 16 5.40 6.78 7.71
C GLY A 16 6.33 7.53 6.74
N GLU A 17 7.53 7.85 7.21
CA GLU A 17 8.49 8.74 6.53
C GLU A 17 9.03 8.21 5.18
N ASN A 18 8.83 6.92 4.89
CA ASN A 18 9.16 6.30 3.60
C ASN A 18 8.21 6.74 2.45
N LEU A 19 7.04 7.29 2.77
CA LEU A 19 6.09 7.83 1.78
C LEU A 19 6.51 9.23 1.29
N TYR A 20 6.42 9.44 -0.03
CA TYR A 20 6.83 10.66 -0.75
C TYR A 20 8.31 11.09 -0.76
N PHE A 21 8.73 11.75 -1.85
CA PHE A 21 10.11 12.21 -2.09
C PHE A 21 10.50 13.62 -1.60
N GLN A 22 9.50 14.49 -1.40
CA GLN A 22 9.66 15.91 -1.03
C GLN A 22 8.40 16.45 -0.32
N GLY A 23 8.52 17.62 0.32
CA GLY A 23 7.40 18.31 0.99
C GLY A 23 7.07 17.71 2.35
N MET A 24 5.78 17.46 2.62
CA MET A 24 5.30 16.85 3.88
C MET A 24 5.88 15.44 4.09
N SER A 25 6.26 15.13 5.34
CA SER A 25 6.90 13.85 5.70
C SER A 25 5.99 12.62 5.56
N VAL A 26 4.69 12.86 5.68
CA VAL A 26 3.60 11.86 5.63
C VAL A 26 2.34 12.43 4.95
N PRO A 27 1.67 11.70 4.04
CA PRO A 27 0.41 12.12 3.39
C PRO A 27 -0.84 11.91 4.29
N THR A 28 -0.77 12.38 5.55
CA THR A 28 -1.79 12.14 6.58
C THR A 28 -3.19 12.70 6.30
N ASP A 29 -3.28 14.01 6.03
CA ASP A 29 -4.51 14.77 5.85
C ASP A 29 -4.39 16.03 4.98
N GLY A 30 -5.52 16.53 4.47
CA GLY A 30 -5.61 17.79 3.71
C GLY A 30 -5.57 19.05 4.58
N ALA A 31 -5.20 20.18 3.97
CA ALA A 31 -5.11 21.49 4.63
C ALA A 31 -6.48 22.10 4.97
N VAL A 32 -6.51 22.96 6.00
CA VAL A 32 -7.71 23.70 6.47
C VAL A 32 -7.32 25.11 6.94
N THR A 33 -8.25 26.07 6.78
CA THR A 33 -8.12 27.47 7.25
C THR A 33 -8.57 27.73 8.70
N THR A 34 -9.29 26.78 9.30
CA THR A 34 -9.87 26.83 10.65
C THR A 34 -10.02 25.44 11.29
N SER A 35 -10.49 25.36 12.53
CA SER A 35 -10.75 24.09 13.24
C SER A 35 -11.95 23.34 12.64
N GLN A 36 -11.67 22.46 11.68
CA GLN A 36 -12.63 21.63 10.93
C GLN A 36 -11.94 20.41 10.30
N ILE A 37 -12.72 19.46 9.76
CA ILE A 37 -12.22 18.36 8.91
C ILE A 37 -11.70 18.88 7.56
N PRO A 38 -10.80 18.15 6.86
CA PRO A 38 -10.29 18.56 5.55
C PRO A 38 -11.40 18.75 4.50
N ALA A 39 -11.43 19.93 3.87
CA ALA A 39 -12.36 20.23 2.76
C ALA A 39 -11.90 19.61 1.43
N SER A 40 -10.58 19.50 1.22
CA SER A 40 -9.92 18.91 0.05
C SER A 40 -8.45 18.57 0.38
N GLU A 41 -7.77 17.86 -0.51
CA GLU A 41 -6.35 17.48 -0.40
C GLU A 41 -5.67 17.46 -1.78
N GLN A 42 -4.35 17.74 -1.82
CA GLN A 42 -3.59 17.81 -3.07
C GLN A 42 -3.46 16.42 -3.74
N GLU A 43 -3.70 16.38 -5.05
CA GLU A 43 -3.60 15.19 -5.90
C GLU A 43 -2.13 14.85 -6.28
N THR A 44 -1.21 14.85 -5.31
CA THR A 44 0.22 14.57 -5.55
C THR A 44 0.53 13.22 -6.18
N LEU A 45 1.15 13.22 -7.36
CA LEU A 45 1.31 12.03 -8.20
C LEU A 45 2.60 11.25 -7.91
N VAL A 46 2.49 9.92 -7.88
CA VAL A 46 3.60 8.98 -7.58
C VAL A 46 4.28 8.35 -8.79
N ARG A 47 3.56 8.28 -9.91
CA ARG A 47 3.89 7.51 -11.13
C ARG A 47 4.18 6.02 -10.83
N PRO A 48 3.14 5.20 -10.62
CA PRO A 48 3.30 3.75 -10.40
C PRO A 48 3.72 3.03 -11.68
N LYS A 49 4.43 1.89 -11.55
CA LYS A 49 4.86 1.06 -12.70
C LYS A 49 3.66 0.45 -13.46
N PRO A 50 3.79 0.09 -14.76
CA PRO A 50 2.68 -0.48 -15.53
C PRO A 50 2.10 -1.78 -14.94
N LEU A 51 2.94 -2.60 -14.29
CA LEU A 51 2.51 -3.82 -13.58
C LEU A 51 1.57 -3.52 -12.39
N LEU A 52 1.77 -2.38 -11.72
CA LEU A 52 0.90 -1.90 -10.65
C LEU A 52 -0.39 -1.29 -11.22
N LEU A 53 -0.27 -0.48 -12.28
CA LEU A 53 -1.41 0.10 -12.98
C LEU A 53 -2.40 -0.99 -13.47
N LYS A 54 -1.90 -2.12 -13.98
CA LYS A 54 -2.71 -3.31 -14.29
C LYS A 54 -3.51 -3.81 -13.08
N LEU A 55 -2.88 -3.91 -11.91
CA LEU A 55 -3.53 -4.35 -10.66
C LEU A 55 -4.63 -3.37 -10.23
N LEU A 56 -4.37 -2.06 -10.26
CA LEU A 56 -5.35 -1.01 -9.94
C LEU A 56 -6.54 -1.07 -10.91
N LYS A 57 -6.27 -1.25 -12.20
CA LYS A 57 -7.31 -1.32 -13.25
C LYS A 57 -8.08 -2.63 -13.30
N SER A 58 -7.57 -3.71 -12.71
CA SER A 58 -8.33 -4.96 -12.50
C SER A 58 -9.52 -4.76 -11.54
N VAL A 59 -9.43 -3.79 -10.61
CA VAL A 59 -10.54 -3.31 -9.76
C VAL A 59 -11.19 -2.01 -10.28
N GLY A 60 -10.91 -1.63 -11.53
CA GLY A 60 -11.61 -0.55 -12.25
C GLY A 60 -11.12 0.87 -11.98
N ALA A 61 -9.82 1.05 -11.66
CA ALA A 61 -9.25 2.38 -11.47
C ALA A 61 -9.32 3.22 -12.78
N GLN A 62 -9.71 4.49 -12.69
CA GLN A 62 -10.07 5.33 -13.85
C GLN A 62 -8.93 6.13 -14.51
N LYS A 63 -7.82 6.34 -13.80
CA LYS A 63 -6.69 7.22 -14.15
C LYS A 63 -5.44 6.51 -14.67
N ASP A 64 -4.49 7.30 -15.19
CA ASP A 64 -3.13 6.93 -15.55
C ASP A 64 -2.05 7.15 -14.47
N THR A 65 -2.32 8.02 -13.49
CA THR A 65 -1.42 8.40 -12.38
C THR A 65 -2.28 8.58 -11.11
N TYR A 66 -1.67 8.37 -9.94
CA TYR A 66 -2.35 8.26 -8.64
C TYR A 66 -1.55 8.83 -7.46
N THR A 67 -2.21 9.08 -6.32
CA THR A 67 -1.58 9.35 -5.02
C THR A 67 -1.19 8.08 -4.24
N MET A 68 -0.29 8.16 -3.25
CA MET A 68 0.03 7.02 -2.36
C MET A 68 -1.23 6.44 -1.69
N LYS A 69 -2.11 7.31 -1.21
CA LYS A 69 -3.36 6.92 -0.53
C LYS A 69 -4.39 6.33 -1.48
N GLU A 70 -4.46 6.81 -2.73
CA GLU A 70 -5.26 6.19 -3.80
C GLU A 70 -4.78 4.79 -4.18
N VAL A 71 -3.46 4.60 -4.35
CA VAL A 71 -2.86 3.28 -4.62
C VAL A 71 -3.13 2.33 -3.45
N LEU A 72 -2.95 2.78 -2.19
CA LEU A 72 -3.29 2.00 -1.00
C LEU A 72 -4.78 1.62 -0.98
N PHE A 73 -5.69 2.56 -1.23
CA PHE A 73 -7.13 2.28 -1.36
C PHE A 73 -7.48 1.16 -2.35
N TYR A 74 -7.07 1.34 -3.60
CA TYR A 74 -7.29 0.34 -4.66
C TYR A 74 -6.63 -1.02 -4.46
N LEU A 75 -5.41 -1.06 -3.90
CA LEU A 75 -4.71 -2.28 -3.53
C LEU A 75 -5.43 -3.02 -2.40
N GLY A 76 -5.93 -2.32 -1.38
CA GLY A 76 -6.74 -2.91 -0.32
C GLY A 76 -8.06 -3.51 -0.84
N GLN A 77 -8.73 -2.81 -1.75
CA GLN A 77 -9.90 -3.34 -2.47
C GLN A 77 -9.56 -4.60 -3.31
N TYR A 78 -8.37 -4.64 -3.94
CA TYR A 78 -7.88 -5.81 -4.65
C TYR A 78 -7.65 -7.03 -3.75
N ILE A 79 -6.93 -6.83 -2.64
CA ILE A 79 -6.66 -7.87 -1.64
C ILE A 79 -7.96 -8.41 -1.02
N MET A 80 -8.96 -7.54 -0.78
CA MET A 80 -10.28 -7.96 -0.32
C MET A 80 -11.05 -8.81 -1.34
N THR A 81 -11.19 -8.37 -2.59
CA THR A 81 -11.90 -9.15 -3.62
C THR A 81 -11.22 -10.46 -4.02
N LYS A 82 -9.89 -10.48 -4.04
CA LYS A 82 -9.03 -11.65 -4.27
C LYS A 82 -8.89 -12.58 -3.05
N ARG A 83 -9.19 -12.07 -1.83
CA ARG A 83 -9.10 -12.77 -0.54
C ARG A 83 -7.70 -13.35 -0.24
N LEU A 84 -6.66 -12.55 -0.48
CA LEU A 84 -5.25 -12.98 -0.35
C LEU A 84 -4.74 -13.07 1.10
N TYR A 85 -5.48 -12.55 2.08
CA TYR A 85 -5.17 -12.73 3.51
C TYR A 85 -5.31 -14.16 4.05
N ASP A 86 -4.54 -14.53 5.09
CA ASP A 86 -4.81 -15.78 5.83
C ASP A 86 -6.17 -15.72 6.55
N GLU A 87 -7.03 -16.74 6.42
CA GLU A 87 -8.32 -16.79 7.12
C GLU A 87 -8.19 -16.70 8.65
N LYS A 88 -7.06 -17.17 9.22
CA LYS A 88 -6.75 -17.04 10.65
C LYS A 88 -6.04 -15.71 10.94
N GLN A 89 -4.84 -15.50 10.41
CA GLN A 89 -4.05 -14.27 10.55
C GLN A 89 -4.44 -13.26 9.45
N GLN A 90 -5.61 -12.62 9.60
CA GLN A 90 -6.15 -11.71 8.58
C GLN A 90 -5.32 -10.43 8.42
N HIS A 91 -4.43 -10.15 9.37
CA HIS A 91 -3.41 -9.10 9.28
C HIS A 91 -2.16 -9.51 8.47
N ILE A 92 -2.13 -10.70 7.85
CA ILE A 92 -1.03 -11.18 7.00
C ILE A 92 -1.57 -11.59 5.61
N VAL A 93 -0.93 -11.09 4.55
CA VAL A 93 -1.28 -11.34 3.14
C VAL A 93 -0.34 -12.38 2.54
N TYR A 94 -0.88 -13.33 1.77
CA TYR A 94 -0.20 -14.45 1.12
C TYR A 94 -0.14 -14.37 -0.41
N CYS A 95 0.52 -13.33 -0.90
CA CYS A 95 0.57 -12.91 -2.31
C CYS A 95 1.34 -13.82 -3.29
N SER A 96 1.88 -14.97 -2.83
CA SER A 96 2.68 -15.91 -3.62
C SER A 96 2.06 -16.28 -4.98
N ASN A 97 2.88 -16.23 -6.03
CA ASN A 97 2.56 -16.51 -7.44
C ASN A 97 1.46 -15.62 -8.09
N ASP A 98 0.89 -14.65 -7.37
CA ASP A 98 -0.08 -13.69 -7.91
C ASP A 98 0.62 -12.47 -8.58
N LEU A 99 -0.14 -11.65 -9.32
CA LEU A 99 0.30 -10.34 -9.80
C LEU A 99 0.82 -9.46 -8.66
N LEU A 100 0.21 -9.53 -7.47
CA LEU A 100 0.67 -8.84 -6.27
C LEU A 100 2.00 -9.38 -5.70
N GLY A 101 2.22 -10.69 -5.79
CA GLY A 101 3.51 -11.31 -5.42
C GLY A 101 4.67 -10.81 -6.28
N ASP A 102 4.44 -10.57 -7.58
CA ASP A 102 5.40 -9.93 -8.48
C ASP A 102 5.68 -8.43 -8.19
N LEU A 103 4.70 -7.73 -7.60
CA LEU A 103 4.83 -6.34 -7.13
C LEU A 103 5.59 -6.23 -5.81
N PHE A 104 5.15 -6.95 -4.77
CA PHE A 104 5.84 -6.99 -3.47
C PHE A 104 7.19 -7.72 -3.41
N GLY A 105 7.43 -8.66 -4.33
CA GLY A 105 8.68 -9.43 -4.42
C GLY A 105 8.84 -10.52 -3.35
N VAL A 106 7.74 -10.95 -2.71
CA VAL A 106 7.72 -11.91 -1.60
C VAL A 106 6.48 -12.83 -1.70
N PRO A 107 6.54 -14.05 -1.14
CA PRO A 107 5.38 -14.96 -1.07
C PRO A 107 4.31 -14.50 -0.07
N SER A 108 4.68 -13.69 0.93
CA SER A 108 3.78 -13.16 1.96
C SER A 108 4.38 -11.95 2.68
N PHE A 109 3.53 -11.13 3.32
CA PHE A 109 3.95 -10.00 4.15
C PHE A 109 2.87 -9.70 5.20
N SER A 110 3.27 -9.10 6.33
CA SER A 110 2.36 -8.64 7.39
C SER A 110 1.91 -7.19 7.17
N VAL A 111 0.60 -6.95 7.21
CA VAL A 111 -0.03 -5.62 7.19
C VAL A 111 0.26 -4.78 8.44
N LYS A 112 0.46 -5.47 9.58
CA LYS A 112 0.86 -4.88 10.88
C LYS A 112 2.27 -4.28 10.84
N GLU A 113 3.16 -4.84 10.01
CA GLU A 113 4.52 -4.32 9.74
C GLU A 113 4.51 -3.16 8.72
N HIS A 114 3.82 -2.06 9.06
CA HIS A 114 3.53 -0.96 8.13
C HIS A 114 4.77 -0.37 7.44
N ARG A 115 5.88 -0.20 8.18
CA ARG A 115 7.14 0.41 7.67
C ARG A 115 7.76 -0.38 6.52
N LYS A 116 7.70 -1.71 6.58
CA LYS A 116 8.16 -2.61 5.49
C LYS A 116 7.30 -2.42 4.25
N ILE A 117 5.97 -2.32 4.41
CA ILE A 117 5.06 -2.04 3.29
C ILE A 117 5.37 -0.69 2.63
N TYR A 118 5.55 0.39 3.40
CA TYR A 118 5.79 1.73 2.83
C TYR A 118 7.02 1.77 1.89
N THR A 119 8.13 1.14 2.29
CA THR A 119 9.34 1.03 1.45
C THR A 119 9.19 0.14 0.21
N MET A 120 8.45 -0.97 0.31
CA MET A 120 8.11 -1.82 -0.85
C MET A 120 7.12 -1.12 -1.80
N MET A 121 6.18 -0.34 -1.28
CA MET A 121 5.24 0.47 -2.06
C MET A 121 5.96 1.59 -2.83
N ALA A 122 6.95 2.24 -2.20
CA ALA A 122 7.83 3.20 -2.87
C ALA A 122 8.62 2.56 -4.03
N SER A 123 9.00 1.28 -3.92
CA SER A 123 9.63 0.50 -5.00
C SER A 123 8.67 0.16 -6.17
N MET A 124 7.35 0.30 -5.97
CA MET A 124 6.37 0.22 -7.06
C MET A 124 6.23 1.53 -7.85
N THR A 125 6.79 2.63 -7.32
CA THR A 125 6.68 4.00 -7.85
C THR A 125 8.01 4.73 -8.12
N GLY A 126 9.12 3.97 -8.14
CA GLY A 126 10.49 4.48 -8.32
C GLY A 126 11.54 3.36 -8.38
N GLY A 127 12.82 3.73 -8.26
CA GLY A 127 13.95 2.81 -8.36
C GLY A 127 14.25 2.32 -9.78
N GLN A 128 14.86 1.13 -9.88
CA GLN A 128 15.25 0.49 -11.15
C GLN A 128 15.13 -1.05 -11.04
N GLN A 129 14.82 -1.71 -12.16
CA GLN A 129 14.61 -3.16 -12.27
C GLN A 129 15.03 -3.71 -13.64
N MET A 130 15.30 -5.01 -13.72
CA MET A 130 15.70 -5.73 -14.94
C MET A 130 15.31 -7.22 -14.88
N GLY A 131 15.22 -7.87 -16.06
CA GLY A 131 14.91 -9.31 -16.21
C GLY A 131 16.06 -10.22 -15.79
N MET A 1 -17.49 -7.96 6.93
CA MET A 1 -16.20 -7.31 6.55
C MET A 1 -15.03 -8.03 7.22
N PRO A 2 -13.93 -8.34 6.50
CA PRO A 2 -12.74 -8.96 7.10
C PRO A 2 -11.99 -7.99 8.03
N ARG A 3 -11.25 -8.55 9.00
CA ARG A 3 -10.32 -7.82 9.89
C ARG A 3 -9.16 -7.19 9.11
N PHE A 4 -8.83 -7.74 7.94
CA PHE A 4 -7.86 -7.17 7.00
C PHE A 4 -7.98 -5.67 6.73
N TRP A 5 -9.19 -5.19 6.42
CA TRP A 5 -9.41 -3.79 6.06
C TRP A 5 -9.14 -2.82 7.22
N GLU A 6 -9.38 -3.23 8.47
CA GLU A 6 -9.03 -2.43 9.66
C GLU A 6 -7.51 -2.25 9.79
N TYR A 7 -6.73 -3.31 9.55
CA TYR A 7 -5.28 -3.25 9.40
C TYR A 7 -4.74 -2.43 8.22
N TRP A 8 -5.40 -2.56 7.07
CA TRP A 8 -5.01 -1.89 5.83
C TRP A 8 -5.36 -0.38 5.87
N LEU A 9 -6.45 0.01 6.53
CA LEU A 9 -6.77 1.42 6.78
C LEU A 9 -5.72 2.10 7.67
N ARG A 10 -5.09 1.35 8.58
CA ARG A 10 -4.02 1.82 9.49
C ARG A 10 -2.75 2.24 8.74
N LEU A 11 -2.51 1.69 7.54
CA LEU A 11 -1.44 2.15 6.64
C LEU A 11 -1.68 3.59 6.20
N MET A 12 -2.84 3.88 5.59
CA MET A 12 -3.12 5.21 5.05
C MET A 12 -3.37 6.26 6.15
N GLU A 13 -3.90 5.85 7.31
CA GLU A 13 -4.06 6.70 8.50
C GLU A 13 -2.72 7.03 9.18
N GLY A 14 -1.75 6.10 9.20
CA GLY A 14 -0.42 6.30 9.76
C GLY A 14 0.53 7.10 8.85
N GLY A 15 0.49 6.82 7.54
CA GLY A 15 1.15 7.58 6.47
C GLY A 15 2.70 7.59 6.44
N GLY A 16 3.39 6.88 7.35
CA GLY A 16 4.85 6.87 7.43
C GLY A 16 5.41 6.52 8.82
N GLU A 17 6.47 7.21 9.24
CA GLU A 17 7.23 6.92 10.47
C GLU A 17 6.44 7.10 11.80
N ASN A 18 5.21 7.63 11.76
CA ASN A 18 4.35 7.86 12.91
C ASN A 18 4.15 6.63 13.81
N LEU A 19 4.12 5.42 13.22
CA LEU A 19 4.00 4.13 13.92
C LEU A 19 5.18 3.83 14.86
N TYR A 20 6.33 4.47 14.64
CA TYR A 20 7.52 4.46 15.52
C TYR A 20 7.79 5.75 16.31
N PHE A 21 7.58 6.91 15.67
CA PHE A 21 7.66 8.25 16.25
C PHE A 21 6.81 8.50 17.52
N GLN A 22 5.76 7.69 17.70
CA GLN A 22 4.95 7.57 18.93
C GLN A 22 5.77 7.29 20.20
N GLY A 23 6.98 6.72 20.08
CA GLY A 23 7.88 6.34 21.20
C GLY A 23 7.79 4.87 21.60
N MET A 24 6.78 4.15 21.08
CA MET A 24 6.60 2.70 21.13
C MET A 24 5.77 2.27 19.90
N SER A 25 5.83 0.99 19.53
CA SER A 25 5.17 0.46 18.34
C SER A 25 3.64 0.64 18.35
N VAL A 26 3.13 1.35 17.33
CA VAL A 26 1.72 1.63 17.04
C VAL A 26 0.97 2.49 18.10
N PRO A 27 0.46 3.69 17.73
CA PRO A 27 -0.35 4.55 18.59
C PRO A 27 -1.80 4.04 18.74
N THR A 28 -2.57 4.64 19.65
CA THR A 28 -4.03 4.42 19.75
C THR A 28 -4.83 4.66 18.46
N ASP A 29 -6.04 4.11 18.37
CA ASP A 29 -6.87 4.09 17.16
C ASP A 29 -7.26 5.46 16.56
N GLY A 30 -7.49 5.50 15.24
CA GLY A 30 -7.82 6.70 14.48
C GLY A 30 -8.60 6.41 13.18
N ALA A 31 -8.83 7.46 12.38
CA ALA A 31 -9.71 7.54 11.20
C ALA A 31 -11.21 7.28 11.47
N VAL A 32 -11.55 6.31 12.31
CA VAL A 32 -12.93 6.08 12.80
C VAL A 32 -13.40 7.26 13.67
N THR A 33 -14.58 7.81 13.35
CA THR A 33 -15.18 9.00 14.00
C THR A 33 -14.40 10.33 14.00
N THR A 34 -13.25 10.39 13.31
CA THR A 34 -12.33 11.55 13.22
C THR A 34 -12.78 12.76 12.39
N SER A 35 -14.09 13.04 12.36
CA SER A 35 -14.75 14.08 11.55
C SER A 35 -14.47 15.53 11.97
N GLN A 36 -13.65 15.74 13.01
CA GLN A 36 -13.27 17.05 13.56
C GLN A 36 -12.46 17.92 12.56
N ILE A 37 -11.75 17.30 11.61
CA ILE A 37 -10.88 17.96 10.62
C ILE A 37 -11.39 17.74 9.16
N PRO A 38 -11.02 18.60 8.20
CA PRO A 38 -11.39 18.44 6.79
C PRO A 38 -10.93 17.11 6.17
N ALA A 39 -11.73 16.58 5.23
CA ALA A 39 -11.48 15.29 4.59
C ALA A 39 -10.36 15.30 3.52
N SER A 40 -10.05 16.47 2.94
CA SER A 40 -9.05 16.62 1.86
C SER A 40 -7.61 16.37 2.36
N GLU A 41 -6.94 15.37 1.78
CA GLU A 41 -5.59 14.92 2.18
C GLU A 41 -4.46 15.76 1.57
N GLN A 42 -4.72 16.40 0.41
CA GLN A 42 -3.77 17.23 -0.36
C GLN A 42 -2.47 16.51 -0.77
N GLU A 43 -2.51 15.18 -0.94
CA GLU A 43 -1.37 14.37 -1.41
C GLU A 43 -0.98 14.68 -2.87
N THR A 44 0.32 14.60 -3.17
CA THR A 44 0.88 14.75 -4.52
C THR A 44 0.66 13.44 -5.31
N LEU A 45 0.68 13.55 -6.64
CA LEU A 45 0.63 12.40 -7.55
C LEU A 45 1.99 11.69 -7.68
N VAL A 46 1.91 10.38 -7.95
CA VAL A 46 3.00 9.49 -8.36
C VAL A 46 2.65 8.75 -9.65
N ARG A 47 3.66 8.21 -10.33
CA ARG A 47 3.47 7.36 -11.51
C ARG A 47 3.86 5.91 -11.17
N PRO A 48 2.91 5.06 -10.71
CA PRO A 48 3.19 3.65 -10.42
C PRO A 48 3.53 2.85 -11.70
N LYS A 49 4.30 1.77 -11.55
CA LYS A 49 4.79 0.93 -12.66
C LYS A 49 3.64 0.25 -13.43
N PRO A 50 3.81 -0.16 -14.70
CA PRO A 50 2.77 -0.82 -15.50
C PRO A 50 2.17 -2.07 -14.85
N LEU A 51 2.98 -2.87 -14.14
CA LEU A 51 2.53 -4.06 -13.39
C LEU A 51 1.57 -3.71 -12.24
N LEU A 52 1.76 -2.55 -11.61
CA LEU A 52 0.88 -2.03 -10.57
C LEU A 52 -0.37 -1.37 -11.16
N LEU A 53 -0.21 -0.59 -12.24
CA LEU A 53 -1.32 0.00 -12.99
C LEU A 53 -2.31 -1.08 -13.47
N LYS A 54 -1.82 -2.23 -13.95
CA LYS A 54 -2.63 -3.42 -14.26
C LYS A 54 -3.48 -3.89 -13.06
N LEU A 55 -2.88 -3.96 -11.87
CA LEU A 55 -3.57 -4.34 -10.64
C LEU A 55 -4.66 -3.33 -10.25
N LEU A 56 -4.36 -2.04 -10.30
CA LEU A 56 -5.33 -0.96 -10.04
C LEU A 56 -6.50 -1.01 -11.05
N LYS A 57 -6.21 -1.28 -12.33
CA LYS A 57 -7.22 -1.40 -13.40
C LYS A 57 -8.07 -2.68 -13.32
N SER A 58 -7.58 -3.75 -12.70
CA SER A 58 -8.38 -4.96 -12.44
C SER A 58 -9.54 -4.68 -11.46
N VAL A 59 -9.39 -3.68 -10.59
CA VAL A 59 -10.45 -3.11 -9.72
C VAL A 59 -11.07 -1.81 -10.28
N GLY A 60 -10.78 -1.47 -11.54
CA GLY A 60 -11.46 -0.42 -12.30
C GLY A 60 -10.89 1.00 -12.15
N ALA A 61 -9.60 1.17 -11.85
CA ALA A 61 -8.99 2.49 -11.69
C ALA A 61 -8.83 3.21 -13.05
N GLN A 62 -9.14 4.51 -13.11
CA GLN A 62 -9.28 5.26 -14.37
C GLN A 62 -8.00 5.92 -14.92
N LYS A 63 -7.08 6.34 -14.04
CA LYS A 63 -5.91 7.19 -14.36
C LYS A 63 -4.62 6.38 -14.64
N ASP A 64 -3.55 7.09 -14.98
CA ASP A 64 -2.17 6.58 -15.05
C ASP A 64 -1.20 7.17 -14.00
N THR A 65 -1.72 8.07 -13.14
CA THR A 65 -1.03 8.73 -12.03
C THR A 65 -2.00 8.75 -10.84
N TYR A 66 -1.47 8.58 -9.63
CA TYR A 66 -2.25 8.35 -8.41
C TYR A 66 -1.62 8.92 -7.12
N THR A 67 -2.43 9.21 -6.09
CA THR A 67 -1.90 9.46 -4.73
C THR A 67 -1.51 8.17 -4.00
N MET A 68 -0.63 8.23 -2.99
CA MET A 68 -0.34 7.06 -2.15
C MET A 68 -1.59 6.48 -1.48
N LYS A 69 -2.52 7.32 -1.00
CA LYS A 69 -3.80 6.85 -0.46
C LYS A 69 -4.70 6.22 -1.53
N GLU A 70 -4.73 6.73 -2.76
CA GLU A 70 -5.45 6.09 -3.87
C GLU A 70 -4.90 4.70 -4.22
N VAL A 71 -3.57 4.56 -4.35
CA VAL A 71 -2.92 3.27 -4.60
C VAL A 71 -3.21 2.29 -3.46
N LEU A 72 -3.03 2.72 -2.19
CA LEU A 72 -3.38 1.89 -1.01
C LEU A 72 -4.85 1.49 -1.01
N PHE A 73 -5.79 2.42 -1.23
CA PHE A 73 -7.23 2.10 -1.34
C PHE A 73 -7.57 1.00 -2.34
N TYR A 74 -7.15 1.19 -3.59
CA TYR A 74 -7.34 0.22 -4.68
C TYR A 74 -6.66 -1.14 -4.49
N LEU A 75 -5.42 -1.16 -3.99
CA LEU A 75 -4.70 -2.37 -3.63
C LEU A 75 -5.40 -3.13 -2.48
N GLY A 76 -5.94 -2.41 -1.49
CA GLY A 76 -6.80 -2.97 -0.46
C GLY A 76 -8.02 -3.67 -1.07
N GLN A 77 -8.75 -3.00 -1.96
CA GLN A 77 -9.90 -3.59 -2.66
C GLN A 77 -9.50 -4.84 -3.49
N TYR A 78 -8.30 -4.88 -4.06
CA TYR A 78 -7.80 -6.05 -4.79
C TYR A 78 -7.54 -7.24 -3.86
N ILE A 79 -6.82 -7.01 -2.75
CA ILE A 79 -6.56 -8.02 -1.72
C ILE A 79 -7.87 -8.56 -1.12
N MET A 80 -8.87 -7.70 -0.92
CA MET A 80 -10.21 -8.04 -0.45
C MET A 80 -11.02 -8.88 -1.45
N THR A 81 -11.12 -8.44 -2.71
CA THR A 81 -11.85 -9.20 -3.75
C THR A 81 -11.23 -10.55 -4.12
N LYS A 82 -9.89 -10.65 -4.06
CA LYS A 82 -9.12 -11.89 -4.23
C LYS A 82 -9.01 -12.77 -2.97
N ARG A 83 -9.31 -12.21 -1.78
CA ARG A 83 -9.17 -12.82 -0.45
C ARG A 83 -7.76 -13.38 -0.18
N LEU A 84 -6.72 -12.58 -0.46
CA LEU A 84 -5.30 -12.99 -0.31
C LEU A 84 -4.82 -13.06 1.14
N TYR A 85 -5.59 -12.54 2.10
CA TYR A 85 -5.29 -12.65 3.53
C TYR A 85 -5.27 -14.07 4.13
N ASP A 86 -4.44 -14.32 5.15
CA ASP A 86 -4.51 -15.55 5.94
C ASP A 86 -5.83 -15.68 6.73
N GLU A 87 -6.53 -16.82 6.64
CA GLU A 87 -7.78 -17.05 7.37
C GLU A 87 -7.61 -16.97 8.90
N LYS A 88 -6.42 -17.29 9.44
CA LYS A 88 -6.09 -17.11 10.86
C LYS A 88 -5.71 -15.65 11.14
N GLN A 89 -4.57 -15.19 10.62
CA GLN A 89 -4.06 -13.82 10.84
C GLN A 89 -4.36 -12.95 9.62
N GLN A 90 -5.52 -12.27 9.61
CA GLN A 90 -5.91 -11.42 8.47
C GLN A 90 -5.02 -10.17 8.32
N HIS A 91 -4.15 -9.92 9.30
CA HIS A 91 -3.05 -8.94 9.24
C HIS A 91 -1.80 -9.48 8.52
N ILE A 92 -1.88 -10.65 7.85
CA ILE A 92 -0.86 -11.23 6.96
C ILE A 92 -1.52 -11.55 5.61
N VAL A 93 -0.82 -11.26 4.50
CA VAL A 93 -1.29 -11.45 3.12
C VAL A 93 -0.36 -12.41 2.38
N TYR A 94 -0.95 -13.45 1.78
CA TYR A 94 -0.30 -14.48 0.96
C TYR A 94 -0.35 -14.24 -0.55
N CYS A 95 0.32 -13.17 -0.98
CA CYS A 95 0.26 -12.60 -2.33
C CYS A 95 0.88 -13.44 -3.47
N SER A 96 1.56 -14.56 -3.15
CA SER A 96 2.24 -15.45 -4.10
C SER A 96 1.43 -15.78 -5.35
N ASN A 97 2.05 -15.61 -6.54
CA ASN A 97 1.55 -15.89 -7.89
C ASN A 97 0.27 -15.15 -8.36
N ASP A 98 -0.57 -14.66 -7.44
CA ASP A 98 -1.73 -13.80 -7.72
C ASP A 98 -1.42 -12.31 -7.97
N LEU A 99 -0.55 -12.06 -8.97
CA LEU A 99 0.01 -10.76 -9.43
C LEU A 99 0.81 -9.98 -8.37
N LEU A 100 0.24 -9.77 -7.19
CA LEU A 100 0.77 -8.95 -6.11
C LEU A 100 2.10 -9.45 -5.51
N GLY A 101 2.35 -10.76 -5.53
CA GLY A 101 3.63 -11.34 -5.13
C GLY A 101 4.80 -10.89 -6.01
N ASP A 102 4.56 -10.64 -7.30
CA ASP A 102 5.55 -10.04 -8.21
C ASP A 102 5.80 -8.53 -8.01
N LEU A 103 4.81 -7.80 -7.47
CA LEU A 103 4.95 -6.41 -7.05
C LEU A 103 5.76 -6.30 -5.75
N PHE A 104 5.36 -7.01 -4.69
CA PHE A 104 6.08 -7.02 -3.40
C PHE A 104 7.43 -7.74 -3.38
N GLY A 105 7.67 -8.66 -4.33
CA GLY A 105 8.91 -9.43 -4.44
C GLY A 105 9.03 -10.58 -3.41
N VAL A 106 7.90 -11.04 -2.85
CA VAL A 106 7.80 -12.04 -1.77
C VAL A 106 6.54 -12.90 -1.97
N PRO A 107 6.51 -14.13 -1.43
CA PRO A 107 5.30 -14.97 -1.43
C PRO A 107 4.22 -14.49 -0.45
N SER A 108 4.61 -13.74 0.59
CA SER A 108 3.73 -13.19 1.62
C SER A 108 4.37 -12.01 2.36
N PHE A 109 3.54 -11.17 3.00
CA PHE A 109 4.00 -10.02 3.80
C PHE A 109 2.97 -9.74 4.92
N SER A 110 3.39 -8.98 5.94
CA SER A 110 2.62 -8.68 7.15
C SER A 110 2.11 -7.22 7.20
N VAL A 111 0.79 -7.04 7.17
CA VAL A 111 0.10 -5.74 7.43
C VAL A 111 0.32 -5.21 8.86
N LYS A 112 0.66 -6.11 9.79
CA LYS A 112 1.13 -5.81 11.16
C LYS A 112 2.38 -4.90 11.19
N GLU A 113 3.22 -4.95 10.16
CA GLU A 113 4.47 -4.18 10.04
C GLU A 113 4.39 -3.10 8.96
N HIS A 114 3.64 -2.04 9.24
CA HIS A 114 3.41 -0.91 8.32
C HIS A 114 4.71 -0.32 7.72
N ARG A 115 5.77 -0.22 8.56
CA ARG A 115 7.13 0.22 8.18
C ARG A 115 7.73 -0.55 6.99
N LYS A 116 7.43 -1.85 6.88
CA LYS A 116 7.95 -2.76 5.85
C LYS A 116 7.16 -2.62 4.54
N ILE A 117 5.85 -2.39 4.63
CA ILE A 117 5.00 -2.11 3.46
C ILE A 117 5.35 -0.75 2.85
N TYR A 118 5.53 0.32 3.65
CA TYR A 118 5.81 1.66 3.12
C TYR A 118 7.01 1.75 2.18
N THR A 119 8.14 1.12 2.55
CA THR A 119 9.34 1.06 1.71
C THR A 119 9.18 0.28 0.39
N MET A 120 8.41 -0.82 0.43
CA MET A 120 8.08 -1.59 -0.78
C MET A 120 7.09 -0.85 -1.69
N MET A 121 6.08 -0.16 -1.12
CA MET A 121 5.14 0.67 -1.88
C MET A 121 5.83 1.85 -2.57
N ALA A 122 6.80 2.48 -1.89
CA ALA A 122 7.64 3.53 -2.46
C ALA A 122 8.52 3.03 -3.63
N SER A 123 8.90 1.75 -3.61
CA SER A 123 9.68 1.10 -4.69
C SER A 123 8.86 0.79 -5.95
N MET A 124 7.52 0.79 -5.89
CA MET A 124 6.64 0.51 -7.05
C MET A 124 6.45 1.69 -8.01
N THR A 125 7.04 2.85 -7.72
CA THR A 125 6.92 4.12 -8.49
C THR A 125 8.23 4.63 -9.12
N GLY A 126 9.28 3.81 -9.11
CA GLY A 126 10.61 4.12 -9.66
C GLY A 126 11.41 2.88 -10.06
N GLY A 127 12.73 3.04 -10.22
CA GLY A 127 13.65 1.99 -10.68
C GLY A 127 13.55 1.70 -12.18
N GLN A 128 14.13 0.57 -12.62
CA GLN A 128 14.14 0.12 -14.02
C GLN A 128 14.19 -1.41 -14.14
N GLN A 129 13.60 -1.95 -15.21
CA GLN A 129 13.57 -3.37 -15.54
C GLN A 129 14.93 -3.89 -16.08
N MET A 130 15.20 -5.19 -15.90
CA MET A 130 16.41 -5.85 -16.43
C MET A 130 16.34 -6.16 -17.95
N GLY A 131 15.17 -6.00 -18.58
CA GLY A 131 14.90 -6.30 -20.00
C GLY A 131 14.79 -7.80 -20.30
N MET A 1 -14.14 -10.95 16.04
CA MET A 1 -13.02 -11.39 15.17
C MET A 1 -12.54 -10.22 14.30
N PRO A 2 -11.22 -9.98 14.18
CA PRO A 2 -10.67 -8.90 13.35
C PRO A 2 -10.86 -9.14 11.84
N ARG A 3 -10.60 -8.10 11.04
CA ARG A 3 -10.64 -8.13 9.56
C ARG A 3 -9.42 -7.45 8.93
N PHE A 4 -9.07 -7.89 7.72
CA PHE A 4 -7.97 -7.31 6.92
C PHE A 4 -7.97 -5.79 6.75
N TRP A 5 -9.12 -5.24 6.37
CA TRP A 5 -9.24 -3.82 6.05
C TRP A 5 -9.01 -2.90 7.25
N GLU A 6 -9.29 -3.37 8.48
CA GLU A 6 -8.99 -2.62 9.71
C GLU A 6 -7.48 -2.37 9.88
N TYR A 7 -6.65 -3.37 9.52
CA TYR A 7 -5.19 -3.21 9.39
C TYR A 7 -4.72 -2.40 8.19
N TRP A 8 -5.32 -2.62 7.02
CA TRP A 8 -4.95 -1.94 5.78
C TRP A 8 -5.28 -0.44 5.82
N LEU A 9 -6.37 -0.05 6.48
CA LEU A 9 -6.74 1.36 6.71
C LEU A 9 -5.67 2.14 7.49
N ARG A 10 -4.94 1.46 8.40
CA ARG A 10 -3.89 2.06 9.22
C ARG A 10 -2.61 2.36 8.41
N LEU A 11 -2.42 1.73 7.24
CA LEU A 11 -1.36 2.10 6.29
C LEU A 11 -1.59 3.51 5.74
N MET A 12 -2.76 3.79 5.15
CA MET A 12 -2.99 5.07 4.47
C MET A 12 -3.04 6.28 5.43
N GLU A 13 -3.35 6.04 6.71
CA GLU A 13 -3.26 7.05 7.77
C GLU A 13 -1.81 7.49 8.08
N GLY A 14 -0.81 6.62 7.88
CA GLY A 14 0.62 6.90 8.10
C GLY A 14 1.47 7.07 6.83
N GLY A 15 0.94 6.65 5.67
CA GLY A 15 1.65 6.63 4.38
C GLY A 15 1.82 8.00 3.70
N GLY A 16 2.47 7.99 2.54
CA GLY A 16 2.77 9.19 1.74
C GLY A 16 4.00 9.99 2.20
N GLU A 17 4.68 9.55 3.26
CA GLU A 17 5.89 10.17 3.84
C GLU A 17 6.75 9.11 4.57
N ASN A 18 8.05 9.37 4.71
CA ASN A 18 9.00 8.50 5.42
C ASN A 18 8.68 8.38 6.94
N LEU A 19 9.22 7.34 7.59
CA LEU A 19 9.07 7.11 9.04
C LEU A 19 9.63 8.28 9.86
N TYR A 20 8.93 8.63 10.95
CA TYR A 20 9.17 9.84 11.74
C TYR A 20 10.51 9.95 12.48
N PHE A 21 11.01 8.82 13.00
CA PHE A 21 12.29 8.68 13.69
C PHE A 21 12.95 7.30 13.58
N GLN A 22 14.29 7.22 13.56
CA GLN A 22 15.06 5.99 13.35
C GLN A 22 14.80 4.89 14.39
N GLY A 23 14.43 5.25 15.62
CA GLY A 23 14.06 4.31 16.68
C GLY A 23 12.64 3.72 16.57
N MET A 24 11.78 4.26 15.69
CA MET A 24 10.40 3.79 15.47
C MET A 24 10.36 2.58 14.52
N SER A 25 10.83 1.42 14.99
CA SER A 25 10.65 0.12 14.31
C SER A 25 9.16 -0.20 14.21
N VAL A 26 8.57 0.04 13.02
CA VAL A 26 7.12 0.08 12.77
C VAL A 26 6.47 1.29 13.48
N PRO A 27 5.70 2.15 12.79
CA PRO A 27 5.21 3.42 13.36
C PRO A 27 4.32 3.23 14.59
N THR A 28 4.75 3.79 15.72
CA THR A 28 4.03 3.81 17.00
C THR A 28 2.72 4.62 17.01
N ASP A 29 1.69 4.15 17.73
CA ASP A 29 0.44 4.91 17.90
C ASP A 29 0.57 6.28 18.59
N GLY A 30 1.66 6.49 19.34
CA GLY A 30 2.05 7.78 19.93
C GLY A 30 2.44 8.86 18.92
N ALA A 31 2.48 8.57 17.60
CA ALA A 31 2.69 9.56 16.55
C ALA A 31 1.59 10.65 16.50
N VAL A 32 0.40 10.39 17.05
CA VAL A 32 -0.68 11.39 17.22
C VAL A 32 -0.45 12.38 18.37
N THR A 33 0.37 12.02 19.36
CA THR A 33 0.61 12.80 20.59
C THR A 33 1.41 14.11 20.47
N THR A 34 1.91 14.42 19.28
CA THR A 34 2.52 15.72 18.94
C THR A 34 1.58 16.93 19.04
N SER A 35 0.26 16.70 19.01
CA SER A 35 -0.80 17.72 19.13
C SER A 35 -0.76 18.83 18.06
N GLN A 36 -0.14 18.57 16.91
CA GLN A 36 -0.13 19.48 15.76
C GLN A 36 -1.53 19.66 15.14
N ILE A 37 -1.79 20.83 14.54
CA ILE A 37 -3.09 21.18 13.93
C ILE A 37 -3.35 20.30 12.69
N PRO A 38 -4.59 19.82 12.43
CA PRO A 38 -4.88 18.88 11.33
C PRO A 38 -4.62 19.43 9.92
N ALA A 39 -4.83 20.74 9.72
CA ALA A 39 -4.64 21.49 8.46
C ALA A 39 -5.35 20.89 7.23
N SER A 40 -4.69 20.00 6.50
CA SER A 40 -5.22 19.23 5.37
C SER A 40 -4.50 17.88 5.24
N GLU A 41 -5.20 16.86 4.75
CA GLU A 41 -4.63 15.53 4.47
C GLU A 41 -3.58 15.56 3.34
N GLN A 42 -3.71 16.51 2.40
CA GLN A 42 -2.76 16.81 1.32
C GLN A 42 -2.23 15.55 0.58
N GLU A 43 -3.13 14.72 0.05
CA GLU A 43 -2.76 13.63 -0.85
C GLU A 43 -2.12 14.17 -2.15
N THR A 44 -0.97 13.62 -2.54
CA THR A 44 -0.15 14.09 -3.68
C THR A 44 0.28 12.99 -4.66
N LEU A 45 0.31 13.30 -5.96
CA LEU A 45 0.50 12.32 -7.04
C LEU A 45 1.90 11.71 -7.14
N VAL A 46 1.92 10.47 -7.61
CA VAL A 46 3.05 9.64 -8.06
C VAL A 46 2.68 8.92 -9.35
N ARG A 47 3.66 8.29 -10.02
CA ARG A 47 3.41 7.44 -11.20
C ARG A 47 3.72 5.96 -10.89
N PRO A 48 2.74 5.17 -10.43
CA PRO A 48 2.92 3.73 -10.21
C PRO A 48 3.23 2.96 -11.50
N LYS A 49 4.02 1.88 -11.40
CA LYS A 49 4.50 1.06 -12.53
C LYS A 49 3.35 0.42 -13.34
N PRO A 50 3.55 0.06 -14.63
CA PRO A 50 2.51 -0.58 -15.45
C PRO A 50 1.91 -1.87 -14.86
N LEU A 51 2.73 -2.68 -14.17
CA LEU A 51 2.29 -3.89 -13.47
C LEU A 51 1.30 -3.59 -12.32
N LEU A 52 1.51 -2.47 -11.63
CA LEU A 52 0.63 -1.96 -10.57
C LEU A 52 -0.62 -1.28 -11.14
N LEU A 53 -0.46 -0.49 -12.21
CA LEU A 53 -1.58 0.10 -12.95
C LEU A 53 -2.57 -0.97 -13.44
N LYS A 54 -2.08 -2.12 -13.93
CA LYS A 54 -2.91 -3.28 -14.29
C LYS A 54 -3.73 -3.80 -13.09
N LEU A 55 -3.14 -3.85 -11.89
CA LEU A 55 -3.83 -4.22 -10.66
C LEU A 55 -4.90 -3.19 -10.27
N LEU A 56 -4.57 -1.89 -10.29
CA LEU A 56 -5.51 -0.81 -9.98
C LEU A 56 -6.71 -0.80 -10.96
N LYS A 57 -6.45 -1.02 -12.26
CA LYS A 57 -7.49 -1.06 -13.29
C LYS A 57 -8.33 -2.35 -13.29
N SER A 58 -7.81 -3.46 -12.76
CA SER A 58 -8.63 -4.66 -12.52
C SER A 58 -9.74 -4.44 -11.47
N VAL A 59 -9.54 -3.48 -10.54
CA VAL A 59 -10.55 -2.96 -9.60
C VAL A 59 -11.22 -1.65 -10.04
N GLY A 60 -11.05 -1.25 -11.31
CA GLY A 60 -11.81 -0.16 -11.95
C GLY A 60 -11.20 1.25 -11.89
N ALA A 61 -9.87 1.38 -11.70
CA ALA A 61 -9.19 2.67 -11.80
C ALA A 61 -9.19 3.24 -13.24
N GLN A 62 -8.85 4.53 -13.41
CA GLN A 62 -9.04 5.26 -14.69
C GLN A 62 -7.85 6.16 -15.11
N LYS A 63 -7.05 6.67 -14.16
CA LYS A 63 -5.92 7.59 -14.41
C LYS A 63 -4.61 6.85 -14.78
N ASP A 64 -3.57 7.62 -15.07
CA ASP A 64 -2.18 7.16 -15.20
C ASP A 64 -1.29 7.47 -13.97
N THR A 65 -1.49 8.64 -13.36
CA THR A 65 -0.88 9.08 -12.09
C THR A 65 -1.91 8.88 -10.97
N TYR A 66 -1.42 8.60 -9.76
CA TYR A 66 -2.22 8.33 -8.56
C TYR A 66 -1.57 8.85 -7.28
N THR A 67 -2.34 9.21 -6.26
CA THR A 67 -1.76 9.45 -4.92
C THR A 67 -1.36 8.15 -4.21
N MET A 68 -0.38 8.18 -3.29
CA MET A 68 -0.03 6.98 -2.52
C MET A 68 -1.21 6.44 -1.68
N LYS A 69 -2.09 7.34 -1.23
CA LYS A 69 -3.37 7.00 -0.56
C LYS A 69 -4.37 6.35 -1.51
N GLU A 70 -4.50 6.83 -2.75
CA GLU A 70 -5.31 6.18 -3.80
C GLU A 70 -4.80 4.78 -4.18
N VAL A 71 -3.48 4.64 -4.32
CA VAL A 71 -2.82 3.34 -4.60
C VAL A 71 -3.11 2.37 -3.45
N LEU A 72 -2.89 2.77 -2.19
CA LEU A 72 -3.23 1.95 -1.02
C LEU A 72 -4.73 1.59 -1.00
N PHE A 73 -5.61 2.57 -1.19
CA PHE A 73 -7.06 2.37 -1.27
C PHE A 73 -7.54 1.29 -2.25
N TYR A 74 -7.08 1.36 -3.50
CA TYR A 74 -7.35 0.34 -4.51
C TYR A 74 -6.63 -1.00 -4.36
N LEU A 75 -5.38 -0.99 -3.87
CA LEU A 75 -4.60 -2.20 -3.60
C LEU A 75 -5.23 -3.05 -2.49
N GLY A 76 -5.75 -2.41 -1.43
CA GLY A 76 -6.54 -3.09 -0.40
C GLY A 76 -7.84 -3.69 -0.92
N GLN A 77 -8.54 -2.99 -1.83
CA GLN A 77 -9.72 -3.53 -2.53
C GLN A 77 -9.39 -4.75 -3.42
N TYR A 78 -8.21 -4.78 -4.05
CA TYR A 78 -7.75 -5.96 -4.79
C TYR A 78 -7.49 -7.15 -3.87
N ILE A 79 -6.77 -6.93 -2.76
CA ILE A 79 -6.50 -7.94 -1.73
C ILE A 79 -7.79 -8.50 -1.12
N MET A 80 -8.81 -7.64 -0.91
CA MET A 80 -10.15 -8.06 -0.47
C MET A 80 -10.90 -8.91 -1.49
N THR A 81 -11.05 -8.43 -2.74
CA THR A 81 -11.78 -9.18 -3.79
C THR A 81 -11.13 -10.52 -4.18
N LYS A 82 -9.80 -10.58 -4.14
CA LYS A 82 -8.99 -11.80 -4.31
C LYS A 82 -8.91 -12.69 -3.04
N ARG A 83 -9.31 -12.17 -1.87
CA ARG A 83 -9.33 -12.83 -0.56
C ARG A 83 -7.96 -13.42 -0.16
N LEU A 84 -6.90 -12.64 -0.36
CA LEU A 84 -5.50 -13.07 -0.17
C LEU A 84 -5.04 -13.11 1.30
N TYR A 85 -5.84 -12.57 2.23
CA TYR A 85 -5.56 -12.66 3.66
C TYR A 85 -5.63 -14.07 4.29
N ASP A 86 -4.82 -14.34 5.32
CA ASP A 86 -4.94 -15.58 6.10
C ASP A 86 -6.24 -15.65 6.93
N GLU A 87 -6.99 -16.76 6.83
CA GLU A 87 -8.21 -16.99 7.62
C GLU A 87 -7.96 -17.03 9.14
N LYS A 88 -6.74 -17.41 9.58
CA LYS A 88 -6.30 -17.35 10.97
C LYS A 88 -5.80 -15.94 11.33
N GLN A 89 -4.68 -15.54 10.73
CA GLN A 89 -4.06 -14.23 10.95
C GLN A 89 -4.56 -13.21 9.91
N GLN A 90 -5.67 -12.53 10.22
CA GLN A 90 -6.33 -11.59 9.29
C GLN A 90 -5.46 -10.37 8.92
N HIS A 91 -4.42 -10.11 9.71
CA HIS A 91 -3.42 -9.07 9.47
C HIS A 91 -2.24 -9.52 8.58
N ILE A 92 -2.28 -10.73 7.99
CA ILE A 92 -1.23 -11.27 7.10
C ILE A 92 -1.82 -11.62 5.73
N VAL A 93 -1.08 -11.32 4.65
CA VAL A 93 -1.46 -11.55 3.25
C VAL A 93 -0.52 -12.58 2.61
N TYR A 94 -1.09 -13.53 1.86
CA TYR A 94 -0.39 -14.53 1.05
C TYR A 94 -0.49 -14.30 -0.46
N CYS A 95 0.64 -14.32 -1.18
CA CYS A 95 0.74 -13.88 -2.57
C CYS A 95 1.74 -14.63 -3.46
N SER A 96 2.21 -15.82 -3.04
CA SER A 96 3.16 -16.63 -3.80
C SER A 96 2.69 -16.91 -5.23
N ASN A 97 3.54 -16.59 -6.21
CA ASN A 97 3.30 -16.67 -7.67
C ASN A 97 2.08 -15.86 -8.21
N ASP A 98 1.46 -14.99 -7.40
CA ASP A 98 0.38 -14.09 -7.82
C ASP A 98 0.91 -12.75 -8.39
N LEU A 99 0.07 -11.96 -9.06
CA LEU A 99 0.36 -10.58 -9.46
C LEU A 99 0.82 -9.72 -8.27
N LEU A 100 0.22 -9.91 -7.09
CA LEU A 100 0.62 -9.20 -5.87
C LEU A 100 2.02 -9.62 -5.36
N GLY A 101 2.40 -10.88 -5.52
CA GLY A 101 3.74 -11.38 -5.20
C GLY A 101 4.79 -10.89 -6.19
N ASP A 102 4.43 -10.75 -7.48
CA ASP A 102 5.27 -10.12 -8.50
C ASP A 102 5.51 -8.61 -8.28
N LEU A 103 4.56 -7.92 -7.65
CA LEU A 103 4.70 -6.55 -7.15
C LEU A 103 5.56 -6.48 -5.88
N PHE A 104 5.12 -7.08 -4.77
CA PHE A 104 5.83 -7.03 -3.48
C PHE A 104 7.18 -7.75 -3.37
N GLY A 105 7.46 -8.71 -4.26
CA GLY A 105 8.71 -9.47 -4.31
C GLY A 105 8.84 -10.57 -3.25
N VAL A 106 7.73 -11.00 -2.64
CA VAL A 106 7.69 -11.97 -1.52
C VAL A 106 6.46 -12.90 -1.65
N PRO A 107 6.53 -14.12 -1.09
CA PRO A 107 5.40 -15.07 -1.07
C PRO A 107 4.29 -14.69 -0.07
N SER A 108 4.60 -13.85 0.93
CA SER A 108 3.66 -13.35 1.94
C SER A 108 4.24 -12.13 2.68
N PHE A 109 3.38 -11.34 3.33
CA PHE A 109 3.81 -10.20 4.17
C PHE A 109 2.74 -9.88 5.23
N SER A 110 3.16 -9.24 6.33
CA SER A 110 2.27 -8.74 7.39
C SER A 110 1.84 -7.29 7.15
N VAL A 111 0.54 -7.04 7.19
CA VAL A 111 -0.08 -5.69 7.12
C VAL A 111 0.24 -4.83 8.34
N LYS A 112 0.40 -5.46 9.51
CA LYS A 112 0.80 -4.82 10.78
C LYS A 112 2.20 -4.21 10.72
N GLU A 113 3.10 -4.79 9.94
CA GLU A 113 4.47 -4.32 9.70
C GLU A 113 4.54 -3.15 8.69
N HIS A 114 3.83 -2.05 8.99
CA HIS A 114 3.59 -0.93 8.07
C HIS A 114 4.86 -0.36 7.42
N ARG A 115 5.96 -0.22 8.18
CA ARG A 115 7.25 0.32 7.71
C ARG A 115 7.83 -0.47 6.52
N LYS A 116 7.74 -1.81 6.59
CA LYS A 116 8.19 -2.71 5.51
C LYS A 116 7.32 -2.58 4.26
N ILE A 117 6.00 -2.47 4.43
CA ILE A 117 5.09 -2.22 3.29
C ILE A 117 5.41 -0.88 2.62
N TYR A 118 5.58 0.21 3.37
CA TYR A 118 5.83 1.53 2.77
C TYR A 118 7.06 1.57 1.85
N THR A 119 8.19 1.00 2.27
CA THR A 119 9.40 0.93 1.43
C THR A 119 9.26 0.06 0.19
N MET A 120 8.61 -1.11 0.30
CA MET A 120 8.30 -1.97 -0.84
C MET A 120 7.32 -1.31 -1.83
N MET A 121 6.28 -0.66 -1.30
CA MET A 121 5.20 -0.06 -2.08
C MET A 121 5.64 1.26 -2.73
N ALA A 122 6.52 2.04 -2.09
CA ALA A 122 7.12 3.23 -2.69
C ALA A 122 8.03 2.88 -3.88
N SER A 123 8.74 1.75 -3.81
CA SER A 123 9.58 1.23 -4.90
C SER A 123 8.79 0.84 -6.16
N MET A 124 7.46 0.68 -6.06
CA MET A 124 6.55 0.49 -7.21
C MET A 124 6.24 1.79 -7.97
N THR A 125 6.73 2.93 -7.50
CA THR A 125 6.39 4.29 -7.96
C THR A 125 7.57 5.19 -8.39
N GLY A 126 8.77 4.61 -8.48
CA GLY A 126 10.01 5.27 -8.88
C GLY A 126 11.03 4.29 -9.48
N GLY A 127 12.28 4.75 -9.62
CA GLY A 127 13.38 3.95 -10.19
C GLY A 127 13.80 2.75 -9.31
N GLN A 128 14.32 1.70 -9.96
CA GLN A 128 14.80 0.47 -9.34
C GLN A 128 15.88 -0.22 -10.20
N GLN A 129 16.60 -1.19 -9.61
CA GLN A 129 17.50 -2.09 -10.33
C GLN A 129 16.71 -2.99 -11.30
N MET A 130 17.33 -3.33 -12.45
CA MET A 130 16.68 -4.09 -13.53
C MET A 130 17.69 -4.96 -14.32
N GLY A 131 18.73 -5.46 -13.63
CA GLY A 131 19.81 -6.28 -14.20
C GLY A 131 20.88 -6.64 -13.16
N MET A 1 -16.82 -11.20 11.37
CA MET A 1 -16.63 -10.06 10.41
C MET A 1 -15.17 -9.94 9.98
N PRO A 2 -14.89 -9.40 8.76
CA PRO A 2 -13.51 -9.23 8.26
C PRO A 2 -12.64 -8.32 9.14
N ARG A 3 -11.35 -8.69 9.27
CA ARG A 3 -10.32 -8.02 10.09
C ARG A 3 -9.21 -7.35 9.27
N PHE A 4 -9.00 -7.75 8.02
CA PHE A 4 -7.98 -7.18 7.14
C PHE A 4 -8.00 -5.66 6.94
N TRP A 5 -9.18 -5.12 6.62
CA TRP A 5 -9.31 -3.71 6.22
C TRP A 5 -9.05 -2.71 7.35
N GLU A 6 -9.33 -3.07 8.61
CA GLU A 6 -8.97 -2.24 9.77
C GLU A 6 -7.44 -2.09 9.90
N TYR A 7 -6.69 -3.17 9.67
CA TYR A 7 -5.23 -3.12 9.52
C TYR A 7 -4.71 -2.34 8.31
N TRP A 8 -5.36 -2.52 7.15
CA TRP A 8 -4.96 -1.88 5.90
C TRP A 8 -5.24 -0.37 5.90
N LEU A 9 -6.34 0.08 6.53
CA LEU A 9 -6.68 1.49 6.67
C LEU A 9 -5.67 2.26 7.55
N ARG A 10 -5.08 1.58 8.54
CA ARG A 10 -4.07 2.12 9.46
C ARG A 10 -2.79 2.52 8.73
N LEU A 11 -2.45 1.82 7.63
CA LEU A 11 -1.33 2.17 6.75
C LEU A 11 -1.57 3.50 6.03
N MET A 12 -2.70 3.66 5.34
CA MET A 12 -2.95 4.85 4.51
C MET A 12 -3.13 6.13 5.34
N GLU A 13 -3.63 6.01 6.57
CA GLU A 13 -3.72 7.13 7.53
C GLU A 13 -2.38 7.48 8.22
N GLY A 14 -1.37 6.60 8.12
CA GLY A 14 -0.03 6.77 8.67
C GLY A 14 0.96 7.45 7.71
N GLY A 15 2.14 6.87 7.52
CA GLY A 15 3.17 7.31 6.57
C GLY A 15 4.05 8.47 7.03
N GLY A 16 3.95 8.90 8.29
CA GLY A 16 4.76 9.98 8.87
C GLY A 16 6.23 9.62 9.11
N GLU A 17 7.08 10.63 9.22
CA GLU A 17 8.56 10.49 9.23
C GLU A 17 9.15 9.80 10.47
N ASN A 18 8.39 9.62 11.56
CA ASN A 18 8.89 8.99 12.80
C ASN A 18 9.45 7.57 12.61
N LEU A 19 8.94 6.82 11.63
CA LEU A 19 9.46 5.49 11.28
C LEU A 19 10.86 5.53 10.65
N TYR A 20 11.25 6.68 10.07
CA TYR A 20 12.56 6.90 9.43
C TYR A 20 13.54 7.80 10.21
N PHE A 21 13.02 8.67 11.08
CA PHE A 21 13.76 9.65 11.87
C PHE A 21 13.35 9.75 13.34
N GLN A 22 14.33 9.65 14.26
CA GLN A 22 14.23 9.79 15.73
C GLN A 22 13.33 8.79 16.49
N GLY A 23 12.34 8.14 15.85
CA GLY A 23 11.46 7.15 16.48
C GLY A 23 10.51 7.77 17.50
N MET A 24 10.70 7.41 18.77
CA MET A 24 9.92 7.79 19.98
C MET A 24 8.46 7.29 20.01
N SER A 25 7.68 7.50 18.96
CA SER A 25 6.26 7.13 18.86
C SER A 25 5.82 6.77 17.43
N VAL A 26 4.71 6.06 17.31
CA VAL A 26 4.02 5.79 16.03
C VAL A 26 3.52 7.09 15.37
N PRO A 27 3.74 7.32 14.05
CA PRO A 27 3.28 8.53 13.38
C PRO A 27 1.74 8.67 13.32
N THR A 28 1.03 7.53 13.29
CA THR A 28 -0.43 7.41 13.26
C THR A 28 -1.19 7.76 14.55
N ASP A 29 -0.98 8.96 15.07
CA ASP A 29 -1.48 9.45 16.36
C ASP A 29 -1.92 10.93 16.30
N GLY A 30 -2.86 11.34 17.17
CA GLY A 30 -3.40 12.70 17.25
C GLY A 30 -4.39 13.08 16.13
N ALA A 31 -4.77 12.13 15.27
CA ALA A 31 -5.73 12.34 14.17
C ALA A 31 -7.17 12.60 14.65
N VAL A 32 -7.95 13.30 13.83
CA VAL A 32 -9.39 13.56 14.06
C VAL A 32 -10.24 12.28 13.99
N THR A 33 -11.25 12.17 14.87
CA THR A 33 -12.25 11.09 14.82
C THR A 33 -13.14 11.06 13.57
N THR A 34 -13.71 9.90 13.23
CA THR A 34 -14.43 9.67 11.97
C THR A 34 -15.65 10.58 11.70
N SER A 35 -15.79 11.02 10.45
CA SER A 35 -16.90 11.84 9.92
C SER A 35 -17.15 13.21 10.58
N GLN A 36 -16.27 13.68 11.49
CA GLN A 36 -16.40 15.00 12.13
C GLN A 36 -15.95 16.11 11.16
N ILE A 37 -14.71 16.01 10.67
CA ILE A 37 -14.15 16.81 9.58
C ILE A 37 -14.64 16.32 8.19
N PRO A 38 -14.58 17.17 7.14
CA PRO A 38 -15.02 16.82 5.78
C PRO A 38 -14.31 15.59 5.20
N ALA A 39 -15.04 14.80 4.40
CA ALA A 39 -14.54 13.56 3.80
C ALA A 39 -13.53 13.79 2.64
N SER A 40 -13.50 14.99 2.05
CA SER A 40 -12.59 15.37 0.96
C SER A 40 -11.13 15.54 1.41
N GLU A 41 -10.19 15.15 0.55
CA GLU A 41 -8.73 15.26 0.73
C GLU A 41 -8.00 15.23 -0.62
N GLN A 42 -6.76 15.73 -0.66
CA GLN A 42 -5.91 15.75 -1.86
C GLN A 42 -4.42 15.67 -1.49
N GLU A 43 -3.62 14.97 -2.30
CA GLU A 43 -2.18 14.73 -2.10
C GLU A 43 -1.40 14.67 -3.43
N THR A 44 -0.07 14.69 -3.37
CA THR A 44 0.81 14.56 -4.55
C THR A 44 0.64 13.27 -5.37
N LEU A 45 0.60 13.39 -6.70
CA LEU A 45 0.56 12.25 -7.62
C LEU A 45 1.95 11.57 -7.73
N VAL A 46 1.97 10.23 -7.75
CA VAL A 46 3.18 9.39 -7.67
C VAL A 46 3.65 8.77 -8.99
N ARG A 47 2.70 8.59 -9.92
CA ARG A 47 2.81 7.83 -11.19
C ARG A 47 3.46 6.44 -10.95
N PRO A 48 2.67 5.44 -10.50
CA PRO A 48 3.20 4.09 -10.23
C PRO A 48 3.62 3.37 -11.52
N LYS A 49 4.48 2.35 -11.35
CA LYS A 49 4.93 1.42 -12.40
C LYS A 49 3.75 0.71 -13.09
N PRO A 50 3.84 0.40 -14.40
CA PRO A 50 2.70 -0.12 -15.18
C PRO A 50 2.18 -1.47 -14.66
N LEU A 51 3.06 -2.31 -14.11
CA LEU A 51 2.72 -3.60 -13.52
C LEU A 51 1.84 -3.44 -12.25
N LEU A 52 2.09 -2.40 -11.44
CA LEU A 52 1.22 -2.01 -10.33
C LEU A 52 -0.08 -1.38 -10.83
N LEU A 53 0.00 -0.46 -11.78
CA LEU A 53 -1.18 0.20 -12.35
C LEU A 53 -2.20 -0.82 -12.87
N LYS A 54 -1.76 -1.91 -13.50
CA LYS A 54 -2.61 -3.02 -13.96
C LYS A 54 -3.34 -3.75 -12.82
N LEU A 55 -2.73 -3.87 -11.64
CA LEU A 55 -3.41 -4.37 -10.44
C LEU A 55 -4.57 -3.43 -10.03
N LEU A 56 -4.38 -2.11 -10.16
CA LEU A 56 -5.45 -1.12 -9.99
C LEU A 56 -6.51 -1.26 -11.11
N LYS A 57 -6.10 -1.47 -12.38
CA LYS A 57 -7.04 -1.72 -13.50
C LYS A 57 -7.90 -2.98 -13.29
N SER A 58 -7.38 -3.99 -12.60
CA SER A 58 -8.12 -5.21 -12.23
C SER A 58 -9.27 -4.97 -11.24
N VAL A 59 -9.31 -3.79 -10.61
CA VAL A 59 -10.43 -3.27 -9.79
C VAL A 59 -11.03 -1.96 -10.36
N GLY A 60 -10.84 -1.70 -11.66
CA GLY A 60 -11.52 -0.64 -12.40
C GLY A 60 -10.95 0.77 -12.27
N ALA A 61 -9.66 0.92 -11.91
CA ALA A 61 -8.99 2.22 -11.74
C ALA A 61 -8.97 3.04 -13.05
N GLN A 62 -9.56 4.24 -13.05
CA GLN A 62 -9.79 5.04 -14.26
C GLN A 62 -8.55 5.77 -14.80
N LYS A 63 -7.86 6.53 -13.93
CA LYS A 63 -6.65 7.32 -14.23
C LYS A 63 -5.40 6.45 -14.45
N ASP A 64 -4.30 7.08 -14.86
CA ASP A 64 -2.94 6.51 -14.93
C ASP A 64 -1.93 7.13 -13.94
N THR A 65 -2.39 8.05 -13.08
CA THR A 65 -1.62 8.74 -12.03
C THR A 65 -2.51 8.76 -10.79
N TYR A 66 -1.89 8.49 -9.63
CA TYR A 66 -2.57 8.33 -8.33
C TYR A 66 -1.78 8.88 -7.14
N THR A 67 -2.46 9.21 -6.04
CA THR A 67 -1.82 9.48 -4.74
C THR A 67 -1.43 8.22 -3.97
N MET A 68 -0.54 8.28 -2.96
CA MET A 68 -0.29 7.13 -2.07
C MET A 68 -1.57 6.61 -1.39
N LYS A 69 -2.49 7.51 -1.01
CA LYS A 69 -3.79 7.18 -0.42
C LYS A 69 -4.66 6.38 -1.42
N GLU A 70 -4.70 6.83 -2.66
CA GLU A 70 -5.45 6.19 -3.76
C GLU A 70 -4.89 4.83 -4.17
N VAL A 71 -3.57 4.69 -4.29
CA VAL A 71 -2.91 3.41 -4.60
C VAL A 71 -3.15 2.39 -3.48
N LEU A 72 -2.92 2.76 -2.22
CA LEU A 72 -3.24 1.92 -1.06
C LEU A 72 -4.73 1.56 -1.02
N PHE A 73 -5.65 2.49 -1.30
CA PHE A 73 -7.07 2.19 -1.46
C PHE A 73 -7.40 1.08 -2.46
N TYR A 74 -6.98 1.26 -3.72
CA TYR A 74 -7.16 0.26 -4.77
C TYR A 74 -6.48 -1.10 -4.53
N LEU A 75 -5.27 -1.09 -3.96
CA LEU A 75 -4.54 -2.29 -3.58
C LEU A 75 -5.27 -3.08 -2.47
N GLY A 76 -5.75 -2.39 -1.43
CA GLY A 76 -6.56 -3.00 -0.36
C GLY A 76 -7.88 -3.57 -0.89
N GLN A 77 -8.57 -2.85 -1.77
CA GLN A 77 -9.76 -3.34 -2.49
C GLN A 77 -9.47 -4.59 -3.35
N TYR A 78 -8.29 -4.65 -3.99
CA TYR A 78 -7.83 -5.83 -4.72
C TYR A 78 -7.60 -7.05 -3.82
N ILE A 79 -6.86 -6.86 -2.72
CA ILE A 79 -6.58 -7.89 -1.72
C ILE A 79 -7.88 -8.45 -1.11
N MET A 80 -8.86 -7.58 -0.83
CA MET A 80 -10.20 -7.97 -0.38
C MET A 80 -10.98 -8.79 -1.41
N THR A 81 -11.16 -8.29 -2.63
CA THR A 81 -11.91 -9.02 -3.68
C THR A 81 -11.28 -10.34 -4.14
N LYS A 82 -9.95 -10.42 -4.11
CA LYS A 82 -9.16 -11.64 -4.36
C LYS A 82 -9.06 -12.59 -3.16
N ARG A 83 -9.41 -12.13 -1.94
CA ARG A 83 -9.29 -12.86 -0.65
C ARG A 83 -7.89 -13.44 -0.39
N LEU A 84 -6.85 -12.63 -0.62
CA LEU A 84 -5.43 -13.06 -0.49
C LEU A 84 -4.94 -13.19 0.96
N TYR A 85 -5.68 -12.68 1.94
CA TYR A 85 -5.37 -12.85 3.36
C TYR A 85 -5.50 -14.27 3.94
N ASP A 86 -4.72 -14.60 4.98
CA ASP A 86 -4.93 -15.83 5.76
C ASP A 86 -6.27 -15.84 6.51
N GLU A 87 -7.09 -16.88 6.36
CA GLU A 87 -8.38 -17.00 7.06
C GLU A 87 -8.25 -16.92 8.59
N LYS A 88 -7.13 -17.39 9.16
CA LYS A 88 -6.81 -17.25 10.59
C LYS A 88 -6.27 -15.86 10.90
N GLN A 89 -5.07 -15.51 10.43
CA GLN A 89 -4.45 -14.20 10.65
C GLN A 89 -4.71 -13.28 9.43
N GLN A 90 -5.86 -12.59 9.42
CA GLN A 90 -6.24 -11.74 8.27
C GLN A 90 -5.34 -10.50 8.11
N HIS A 91 -4.53 -10.18 9.13
CA HIS A 91 -3.46 -9.19 9.05
C HIS A 91 -2.21 -9.70 8.28
N ILE A 92 -2.22 -10.93 7.76
CA ILE A 92 -1.16 -11.47 6.89
C ILE A 92 -1.72 -11.75 5.48
N VAL A 93 -1.08 -11.17 4.46
CA VAL A 93 -1.42 -11.36 3.04
C VAL A 93 -0.51 -12.41 2.39
N TYR A 94 -1.11 -13.39 1.69
CA TYR A 94 -0.44 -14.45 0.94
C TYR A 94 -0.34 -14.23 -0.58
N CYS A 95 0.64 -13.40 -0.97
CA CYS A 95 0.84 -12.90 -2.33
C CYS A 95 1.34 -13.98 -3.33
N SER A 96 1.78 -15.14 -2.83
CA SER A 96 2.40 -16.22 -3.63
C SER A 96 1.57 -16.64 -4.84
N ASN A 97 2.25 -16.86 -5.98
CA ASN A 97 1.69 -17.27 -7.28
C ASN A 97 0.63 -16.31 -7.88
N ASP A 98 0.56 -15.05 -7.42
CA ASP A 98 -0.33 -14.00 -7.95
C ASP A 98 0.45 -12.78 -8.48
N LEU A 99 -0.22 -11.88 -9.21
CA LEU A 99 0.27 -10.56 -9.59
C LEU A 99 0.81 -9.76 -8.39
N LEU A 100 0.21 -9.93 -7.20
CA LEU A 100 0.69 -9.32 -5.96
C LEU A 100 2.09 -9.83 -5.53
N GLY A 101 2.38 -11.12 -5.73
CA GLY A 101 3.69 -11.71 -5.49
C GLY A 101 4.75 -11.23 -6.48
N ASP A 102 4.36 -11.04 -7.75
CA ASP A 102 5.19 -10.38 -8.77
C ASP A 102 5.55 -8.92 -8.48
N LEU A 103 4.65 -8.21 -7.77
CA LEU A 103 4.88 -6.87 -7.24
C LEU A 103 5.80 -6.89 -6.00
N PHE A 104 5.35 -7.50 -4.90
CA PHE A 104 6.07 -7.46 -3.62
C PHE A 104 7.38 -8.27 -3.51
N GLY A 105 7.59 -9.25 -4.40
CA GLY A 105 8.79 -10.08 -4.44
C GLY A 105 8.89 -11.10 -3.30
N VAL A 106 7.78 -11.41 -2.62
CA VAL A 106 7.69 -12.32 -1.47
C VAL A 106 6.43 -13.19 -1.58
N PRO A 107 6.43 -14.39 -0.97
CA PRO A 107 5.24 -15.26 -0.90
C PRO A 107 4.15 -14.70 0.04
N SER A 108 4.53 -13.88 1.04
CA SER A 108 3.62 -13.26 2.01
C SER A 108 4.26 -12.08 2.75
N PHE A 109 3.44 -11.24 3.38
CA PHE A 109 3.87 -10.19 4.32
C PHE A 109 2.74 -9.91 5.33
N SER A 110 3.09 -9.34 6.49
CA SER A 110 2.13 -8.90 7.51
C SER A 110 1.84 -7.39 7.43
N VAL A 111 0.57 -7.03 7.36
CA VAL A 111 0.03 -5.65 7.43
C VAL A 111 0.36 -4.93 8.74
N LYS A 112 0.77 -5.68 9.78
CA LYS A 112 1.33 -5.16 11.04
C LYS A 112 2.56 -4.27 10.82
N GLU A 113 3.40 -4.59 9.84
CA GLU A 113 4.66 -3.88 9.57
C GLU A 113 4.53 -2.70 8.60
N HIS A 114 4.49 -1.52 9.18
CA HIS A 114 4.32 -0.23 8.49
C HIS A 114 5.48 0.08 7.53
N ARG A 115 6.70 0.23 8.07
CA ARG A 115 7.90 0.64 7.31
C ARG A 115 8.22 -0.30 6.15
N LYS A 116 8.10 -1.62 6.38
CA LYS A 116 8.34 -2.67 5.39
C LYS A 116 7.40 -2.54 4.18
N ILE A 117 6.12 -2.28 4.41
CA ILE A 117 5.15 -2.04 3.33
C ILE A 117 5.43 -0.68 2.66
N TYR A 118 5.65 0.39 3.43
CA TYR A 118 5.92 1.73 2.87
C TYR A 118 7.13 1.79 1.91
N THR A 119 8.25 1.18 2.29
CA THR A 119 9.45 1.09 1.43
C THR A 119 9.26 0.27 0.16
N MET A 120 8.50 -0.84 0.23
CA MET A 120 8.13 -1.61 -0.97
C MET A 120 7.15 -0.87 -1.88
N MET A 121 6.19 -0.11 -1.32
CA MET A 121 5.26 0.72 -2.09
C MET A 121 6.00 1.87 -2.79
N ALA A 122 6.98 2.50 -2.13
CA ALA A 122 7.85 3.52 -2.73
C ALA A 122 8.69 2.96 -3.88
N SER A 123 9.12 1.68 -3.78
CA SER A 123 9.82 0.95 -4.85
C SER A 123 8.93 0.62 -6.07
N MET A 124 7.63 0.91 -6.01
CA MET A 124 6.68 0.78 -7.14
C MET A 124 6.36 2.12 -7.82
N THR A 125 7.00 3.21 -7.39
CA THR A 125 6.84 4.58 -7.93
C THR A 125 8.14 5.24 -8.41
N GLY A 126 9.19 4.42 -8.60
CA GLY A 126 10.51 4.80 -9.10
C GLY A 126 11.47 3.60 -9.19
N GLY A 127 12.73 3.86 -9.52
CA GLY A 127 13.80 2.85 -9.61
C GLY A 127 13.74 1.94 -10.85
N GLN A 128 14.72 1.05 -10.97
CA GLN A 128 14.85 0.09 -12.07
C GLN A 128 13.87 -1.09 -11.97
N GLN A 129 13.66 -1.79 -13.10
CA GLN A 129 12.86 -3.02 -13.21
C GLN A 129 13.34 -3.89 -14.39
N MET A 130 12.96 -5.17 -14.40
CA MET A 130 13.26 -6.10 -15.49
C MET A 130 12.53 -5.76 -16.81
N GLY A 131 13.12 -6.15 -17.95
CA GLY A 131 12.59 -5.91 -19.30
C GLY A 131 13.40 -6.60 -20.40
N MET A 1 -17.71 -9.47 9.02
CA MET A 1 -16.77 -8.47 8.45
C MET A 1 -15.32 -8.85 8.77
N PRO A 2 -14.45 -9.08 7.76
CA PRO A 2 -13.03 -9.35 7.98
C PRO A 2 -12.29 -8.13 8.57
N ARG A 3 -11.36 -8.39 9.50
CA ARG A 3 -10.53 -7.36 10.16
C ARG A 3 -9.40 -6.81 9.29
N PHE A 4 -9.17 -7.39 8.10
CA PHE A 4 -8.16 -6.91 7.15
C PHE A 4 -8.15 -5.40 6.89
N TRP A 5 -9.31 -4.83 6.57
CA TRP A 5 -9.41 -3.40 6.24
C TRP A 5 -9.18 -2.49 7.45
N GLU A 6 -9.54 -2.93 8.65
CA GLU A 6 -9.23 -2.21 9.90
C GLU A 6 -7.71 -2.16 10.19
N TYR A 7 -6.92 -3.04 9.58
CA TYR A 7 -5.46 -2.98 9.51
C TYR A 7 -4.87 -2.22 8.33
N TRP A 8 -5.48 -2.38 7.15
CA TRP A 8 -5.04 -1.73 5.90
C TRP A 8 -5.29 -0.22 5.91
N LEU A 9 -6.38 0.24 6.55
CA LEU A 9 -6.66 1.67 6.73
C LEU A 9 -5.53 2.42 7.47
N ARG A 10 -4.84 1.71 8.37
CA ARG A 10 -3.70 2.22 9.17
C ARG A 10 -2.49 2.57 8.29
N LEU A 11 -2.33 1.90 7.15
CA LEU A 11 -1.30 2.23 6.16
C LEU A 11 -1.56 3.61 5.54
N MET A 12 -2.77 3.84 5.00
CA MET A 12 -3.07 5.11 4.34
C MET A 12 -3.16 6.28 5.34
N GLU A 13 -3.45 5.98 6.61
CA GLU A 13 -3.38 6.90 7.75
C GLU A 13 -1.95 7.37 8.07
N GLY A 14 -0.92 6.64 7.59
CA GLY A 14 0.50 6.92 7.80
C GLY A 14 1.17 6.13 8.93
N GLY A 15 0.47 5.16 9.52
CA GLY A 15 1.05 4.22 10.50
C GLY A 15 1.54 4.86 11.80
N GLY A 16 0.95 5.99 12.21
CA GLY A 16 1.41 6.77 13.36
C GLY A 16 2.78 7.41 13.13
N GLU A 17 3.73 7.17 14.03
CA GLU A 17 5.11 7.67 13.98
C GLU A 17 5.98 7.07 12.85
N ASN A 18 5.48 6.04 12.13
CA ASN A 18 6.23 5.34 11.08
C ASN A 18 6.48 6.14 9.78
N LEU A 19 5.81 7.29 9.61
CA LEU A 19 6.06 8.25 8.51
C LEU A 19 5.97 9.71 9.01
N TYR A 20 6.73 10.58 8.36
CA TYR A 20 6.62 12.04 8.47
C TYR A 20 5.32 12.65 7.91
N PHE A 21 4.85 13.77 8.46
CA PHE A 21 3.61 14.41 8.02
C PHE A 21 3.56 14.93 6.57
N GLN A 22 4.39 15.95 6.27
CA GLN A 22 4.57 16.63 4.98
C GLN A 22 3.32 17.25 4.29
N GLY A 23 2.10 16.95 4.75
CA GLY A 23 0.82 17.47 4.27
C GLY A 23 0.35 16.92 2.91
N MET A 24 1.27 16.55 2.01
CA MET A 24 1.02 16.09 0.64
C MET A 24 1.95 14.94 0.24
N SER A 25 1.65 14.26 -0.88
CA SER A 25 2.34 13.09 -1.44
C SER A 25 2.25 11.81 -0.59
N VAL A 26 2.90 11.88 0.57
CA VAL A 26 2.97 10.88 1.63
C VAL A 26 1.58 10.60 2.24
N PRO A 27 1.28 9.36 2.69
CA PRO A 27 0.07 9.02 3.46
C PRO A 27 -0.27 10.00 4.60
N THR A 28 -1.57 10.20 4.85
CA THR A 28 -2.15 11.25 5.74
C THR A 28 -3.27 10.77 6.65
N ASP A 29 -3.50 11.46 7.77
CA ASP A 29 -4.59 11.15 8.70
C ASP A 29 -6.01 11.37 8.15
N GLY A 30 -6.81 10.30 8.09
CA GLY A 30 -8.24 10.33 7.76
C GLY A 30 -8.61 10.59 6.29
N ALA A 31 -9.88 10.93 6.07
CA ALA A 31 -10.50 11.27 4.78
C ALA A 31 -11.72 12.19 5.02
N VAL A 32 -12.30 12.79 3.96
CA VAL A 32 -13.47 13.68 4.10
C VAL A 32 -14.74 12.97 4.59
N THR A 33 -15.51 13.63 5.45
CA THR A 33 -16.74 13.12 6.09
C THR A 33 -18.07 13.60 5.47
N THR A 34 -19.16 12.88 5.73
CA THR A 34 -20.53 13.27 5.32
C THR A 34 -20.78 13.48 3.81
N SER A 35 -20.05 12.74 2.98
CA SER A 35 -20.11 12.82 1.51
C SER A 35 -19.74 11.47 0.86
N GLN A 36 -20.18 11.26 -0.39
CA GLN A 36 -19.93 10.04 -1.17
C GLN A 36 -18.48 9.92 -1.67
N ILE A 37 -17.75 11.03 -1.81
CA ILE A 37 -16.34 11.07 -2.22
C ILE A 37 -15.38 10.94 -1.00
N PRO A 38 -14.17 10.34 -1.17
CA PRO A 38 -13.14 10.30 -0.13
C PRO A 38 -12.36 11.62 0.00
N ALA A 39 -12.24 12.38 -1.10
CA ALA A 39 -11.58 13.69 -1.21
C ALA A 39 -12.06 14.42 -2.48
N SER A 40 -12.00 15.76 -2.49
CA SER A 40 -12.43 16.60 -3.61
C SER A 40 -11.44 16.65 -4.79
N GLU A 41 -10.15 16.46 -4.54
CA GLU A 41 -9.05 16.51 -5.52
C GLU A 41 -7.92 15.53 -5.17
N GLN A 42 -7.14 15.11 -6.17
CA GLN A 42 -5.92 14.31 -5.96
C GLN A 42 -4.78 15.16 -5.36
N GLU A 43 -4.10 14.64 -4.34
CA GLU A 43 -2.82 15.17 -3.83
C GLU A 43 -1.66 14.88 -4.83
N THR A 44 -0.41 15.10 -4.45
CA THR A 44 0.77 14.81 -5.29
C THR A 44 0.84 13.39 -5.90
N LEU A 45 1.06 13.33 -7.22
CA LEU A 45 1.01 12.09 -8.00
C LEU A 45 2.35 11.32 -7.95
N VAL A 46 2.28 9.99 -7.95
CA VAL A 46 3.42 9.08 -7.75
C VAL A 46 4.03 8.50 -9.02
N ARG A 47 3.26 8.54 -10.11
CA ARG A 47 3.53 7.91 -11.42
C ARG A 47 3.96 6.42 -11.31
N PRO A 48 3.03 5.51 -10.93
CA PRO A 48 3.35 4.12 -10.63
C PRO A 48 3.73 3.28 -11.86
N LYS A 49 4.35 2.11 -11.64
CA LYS A 49 4.70 1.13 -12.68
C LYS A 49 3.47 0.65 -13.48
N PRO A 50 3.60 0.27 -14.76
CA PRO A 50 2.50 -0.31 -15.54
C PRO A 50 2.00 -1.64 -14.95
N LEU A 51 2.89 -2.42 -14.33
CA LEU A 51 2.56 -3.64 -13.59
C LEU A 51 1.63 -3.36 -12.38
N LEU A 52 1.81 -2.22 -11.70
CA LEU A 52 0.94 -1.78 -10.62
C LEU A 52 -0.38 -1.23 -11.16
N LEU A 53 -0.33 -0.38 -12.18
CA LEU A 53 -1.52 0.18 -12.85
C LEU A 53 -2.49 -0.94 -13.31
N LYS A 54 -1.98 -2.06 -13.83
CA LYS A 54 -2.76 -3.27 -14.13
C LYS A 54 -3.53 -3.82 -12.92
N LEU A 55 -2.93 -3.84 -11.73
CA LEU A 55 -3.57 -4.26 -10.49
C LEU A 55 -4.69 -3.31 -10.06
N LEU A 56 -4.48 -1.99 -10.17
CA LEU A 56 -5.53 -0.99 -9.91
C LEU A 56 -6.70 -1.14 -10.90
N LYS A 57 -6.39 -1.35 -12.18
CA LYS A 57 -7.39 -1.57 -13.25
C LYS A 57 -8.11 -2.91 -13.17
N SER A 58 -7.52 -3.92 -12.50
CA SER A 58 -8.20 -5.17 -12.16
C SER A 58 -9.38 -4.97 -11.18
N VAL A 59 -9.39 -3.86 -10.44
CA VAL A 59 -10.52 -3.37 -9.62
C VAL A 59 -11.18 -2.10 -10.20
N GLY A 60 -10.91 -1.78 -11.48
CA GLY A 60 -11.61 -0.76 -12.26
C GLY A 60 -11.17 0.69 -12.01
N ALA A 61 -9.90 0.93 -11.67
CA ALA A 61 -9.39 2.27 -11.39
C ALA A 61 -9.33 3.12 -12.70
N GLN A 62 -9.85 4.35 -12.65
CA GLN A 62 -10.09 5.18 -13.85
C GLN A 62 -8.87 5.93 -14.42
N LYS A 63 -8.01 6.46 -13.56
CA LYS A 63 -6.86 7.33 -13.90
C LYS A 63 -5.63 6.58 -14.47
N ASP A 64 -4.73 7.35 -15.07
CA ASP A 64 -3.36 6.95 -15.43
C ASP A 64 -2.30 7.27 -14.35
N THR A 65 -2.64 8.12 -13.37
CA THR A 65 -1.75 8.57 -12.27
C THR A 65 -2.57 8.74 -10.99
N TYR A 66 -1.92 8.41 -9.86
CA TYR A 66 -2.53 8.27 -8.54
C TYR A 66 -1.64 8.81 -7.41
N THR A 67 -2.22 9.03 -6.23
CA THR A 67 -1.50 9.31 -4.97
C THR A 67 -1.08 8.05 -4.20
N MET A 68 -0.19 8.16 -3.19
CA MET A 68 0.13 7.01 -2.32
C MET A 68 -1.10 6.46 -1.58
N LYS A 69 -1.98 7.33 -1.08
CA LYS A 69 -3.26 6.94 -0.47
C LYS A 69 -4.20 6.25 -1.46
N GLU A 70 -4.28 6.73 -2.70
CA GLU A 70 -5.10 6.09 -3.74
C GLU A 70 -4.57 4.72 -4.17
N VAL A 71 -3.25 4.57 -4.34
CA VAL A 71 -2.63 3.27 -4.62
C VAL A 71 -2.90 2.31 -3.47
N LEU A 72 -2.70 2.74 -2.22
CA LEU A 72 -3.02 1.94 -1.03
C LEU A 72 -4.51 1.56 -1.01
N PHE A 73 -5.43 2.50 -1.22
CA PHE A 73 -6.87 2.25 -1.33
C PHE A 73 -7.26 1.15 -2.32
N TYR A 74 -6.87 1.32 -3.59
CA TYR A 74 -7.11 0.34 -4.64
C TYR A 74 -6.46 -1.04 -4.44
N LEU A 75 -5.23 -1.07 -3.88
CA LEU A 75 -4.54 -2.29 -3.49
C LEU A 75 -5.26 -3.04 -2.36
N GLY A 76 -5.75 -2.33 -1.33
CA GLY A 76 -6.55 -2.94 -0.26
C GLY A 76 -7.88 -3.51 -0.76
N GLN A 77 -8.57 -2.78 -1.64
CA GLN A 77 -9.77 -3.28 -2.33
C GLN A 77 -9.46 -4.52 -3.20
N TYR A 78 -8.29 -4.58 -3.84
CA TYR A 78 -7.82 -5.75 -4.57
C TYR A 78 -7.57 -6.98 -3.69
N ILE A 79 -6.85 -6.80 -2.58
CA ILE A 79 -6.56 -7.85 -1.60
C ILE A 79 -7.84 -8.42 -0.98
N MET A 80 -8.86 -7.58 -0.72
CA MET A 80 -10.18 -8.02 -0.27
C MET A 80 -10.94 -8.84 -1.32
N THR A 81 -11.12 -8.33 -2.54
CA THR A 81 -11.85 -9.05 -3.60
C THR A 81 -11.19 -10.35 -4.06
N LYS A 82 -9.85 -10.40 -4.04
CA LYS A 82 -9.02 -11.60 -4.29
C LYS A 82 -8.90 -12.53 -3.07
N ARG A 83 -9.23 -12.06 -1.86
CA ARG A 83 -9.12 -12.74 -0.56
C ARG A 83 -7.73 -13.34 -0.30
N LEU A 84 -6.68 -12.55 -0.53
CA LEU A 84 -5.28 -12.98 -0.40
C LEU A 84 -4.80 -13.14 1.05
N TYR A 85 -5.57 -12.67 2.05
CA TYR A 85 -5.25 -12.90 3.45
C TYR A 85 -5.36 -14.34 3.97
N ASP A 86 -4.58 -14.72 4.99
CA ASP A 86 -4.71 -16.02 5.66
C ASP A 86 -6.09 -16.22 6.34
N GLU A 87 -6.73 -17.38 6.13
CA GLU A 87 -8.02 -17.73 6.76
C GLU A 87 -7.95 -17.77 8.29
N LYS A 88 -6.77 -18.04 8.87
CA LYS A 88 -6.49 -17.92 10.32
C LYS A 88 -6.13 -16.48 10.69
N GLN A 89 -4.95 -16.02 10.24
CA GLN A 89 -4.45 -14.67 10.50
C GLN A 89 -4.86 -13.70 9.39
N GLN A 90 -6.08 -13.17 9.45
CA GLN A 90 -6.64 -12.30 8.40
C GLN A 90 -5.97 -10.92 8.30
N HIS A 91 -5.05 -10.60 9.23
CA HIS A 91 -4.16 -9.44 9.18
C HIS A 91 -2.83 -9.72 8.44
N ILE A 92 -2.63 -10.92 7.87
CA ILE A 92 -1.44 -11.32 7.12
C ILE A 92 -1.82 -11.69 5.68
N VAL A 93 -1.18 -11.07 4.69
CA VAL A 93 -1.38 -11.28 3.25
C VAL A 93 -0.45 -12.34 2.67
N TYR A 94 -0.99 -13.25 1.85
CA TYR A 94 -0.29 -14.31 1.13
C TYR A 94 -0.24 -14.15 -0.39
N CYS A 95 0.43 -13.09 -0.84
CA CYS A 95 0.48 -12.62 -2.23
C CYS A 95 1.22 -13.52 -3.24
N SER A 96 1.83 -14.62 -2.80
CA SER A 96 2.65 -15.55 -3.60
C SER A 96 1.98 -16.05 -4.90
N ASN A 97 2.82 -16.25 -5.93
CA ASN A 97 2.44 -16.83 -7.23
C ASN A 97 1.32 -16.09 -8.00
N ASP A 98 1.17 -14.78 -7.77
CA ASP A 98 0.17 -13.93 -8.42
C ASP A 98 0.77 -12.51 -8.63
N LEU A 99 0.03 -11.63 -9.31
CA LEU A 99 0.45 -10.28 -9.70
C LEU A 99 0.98 -9.44 -8.52
N LEU A 100 0.35 -9.55 -7.35
CA LEU A 100 0.78 -8.82 -6.16
C LEU A 100 2.11 -9.34 -5.56
N GLY A 101 2.35 -10.65 -5.61
CA GLY A 101 3.64 -11.25 -5.25
C GLY A 101 4.76 -10.81 -6.20
N ASP A 102 4.46 -10.69 -7.50
CA ASP A 102 5.36 -10.09 -8.49
C ASP A 102 5.66 -8.60 -8.29
N LEU A 103 4.70 -7.84 -7.77
CA LEU A 103 4.86 -6.45 -7.35
C LEU A 103 5.71 -6.31 -6.07
N PHE A 104 5.32 -6.95 -4.97
CA PHE A 104 6.03 -6.90 -3.69
C PHE A 104 7.41 -7.58 -3.61
N GLY A 105 7.64 -8.62 -4.44
CA GLY A 105 8.88 -9.41 -4.43
C GLY A 105 8.99 -10.40 -3.26
N VAL A 106 7.89 -10.71 -2.57
CA VAL A 106 7.81 -11.64 -1.42
C VAL A 106 6.53 -12.48 -1.52
N PRO A 107 6.52 -13.70 -0.95
CA PRO A 107 5.34 -14.58 -0.93
C PRO A 107 4.25 -14.12 0.06
N SER A 108 4.61 -13.39 1.11
CA SER A 108 3.70 -12.96 2.18
C SER A 108 4.27 -11.80 3.03
N PHE A 109 3.39 -11.10 3.75
CA PHE A 109 3.76 -10.07 4.74
C PHE A 109 2.58 -9.83 5.71
N SER A 110 2.87 -9.38 6.93
CA SER A 110 1.84 -8.91 7.90
C SER A 110 1.50 -7.44 7.67
N VAL A 111 0.22 -7.08 7.58
CA VAL A 111 -0.23 -5.68 7.34
C VAL A 111 0.21 -4.72 8.46
N LYS A 112 0.47 -5.25 9.66
CA LYS A 112 1.02 -4.51 10.82
C LYS A 112 2.42 -3.95 10.59
N GLU A 113 3.19 -4.52 9.65
CA GLU A 113 4.57 -4.14 9.31
C GLU A 113 4.63 -2.87 8.43
N HIS A 114 3.92 -1.81 8.82
CA HIS A 114 3.68 -0.61 8.00
C HIS A 114 4.97 -0.02 7.40
N ARG A 115 6.02 0.15 8.21
CA ARG A 115 7.32 0.70 7.81
C ARG A 115 7.97 -0.09 6.68
N LYS A 116 7.88 -1.43 6.75
CA LYS A 116 8.37 -2.36 5.71
C LYS A 116 7.47 -2.32 4.47
N ILE A 117 6.14 -2.30 4.64
CA ILE A 117 5.20 -2.19 3.52
C ILE A 117 5.44 -0.91 2.71
N TYR A 118 5.65 0.24 3.35
CA TYR A 118 5.94 1.49 2.63
C TYR A 118 7.25 1.40 1.82
N THR A 119 8.34 0.90 2.42
CA THR A 119 9.62 0.75 1.69
C THR A 119 9.59 -0.24 0.53
N MET A 120 8.82 -1.32 0.65
CA MET A 120 8.55 -2.24 -0.47
C MET A 120 7.66 -1.58 -1.53
N MET A 121 6.56 -0.91 -1.15
CA MET A 121 5.59 -0.33 -2.08
C MET A 121 6.14 0.91 -2.80
N ALA A 122 7.15 1.58 -2.23
CA ALA A 122 7.90 2.64 -2.91
C ALA A 122 8.63 2.14 -4.17
N SER A 123 8.97 0.84 -4.27
CA SER A 123 9.54 0.25 -5.50
C SER A 123 8.51 0.05 -6.62
N MET A 124 7.22 0.33 -6.35
CA MET A 124 6.14 0.40 -7.35
C MET A 124 5.93 1.84 -7.89
N THR A 125 6.65 2.81 -7.33
CA THR A 125 6.61 4.26 -7.63
C THR A 125 7.99 4.92 -7.82
N GLY A 126 9.04 4.11 -7.98
CA GLY A 126 10.44 4.53 -8.01
C GLY A 126 11.41 3.37 -8.28
N GLY A 127 12.66 3.51 -7.83
CA GLY A 127 13.73 2.51 -8.01
C GLY A 127 13.46 1.16 -7.33
N GLN A 128 14.02 0.08 -7.91
CA GLN A 128 13.81 -1.30 -7.44
C GLN A 128 14.40 -1.58 -6.05
N GLN A 129 13.72 -2.44 -5.27
CA GLN A 129 14.21 -2.93 -3.97
C GLN A 129 15.36 -3.96 -4.11
N MET A 130 15.42 -4.69 -5.23
CA MET A 130 16.45 -5.69 -5.52
C MET A 130 17.85 -5.08 -5.70
N GLY A 131 18.89 -5.76 -5.21
CA GLY A 131 20.30 -5.36 -5.28
C GLY A 131 21.28 -6.46 -4.86
N MET A 1 -17.34 -9.65 9.74
CA MET A 1 -16.56 -8.60 9.04
C MET A 1 -15.06 -8.94 9.08
N PRO A 2 -14.35 -9.01 7.92
CA PRO A 2 -12.91 -9.30 7.88
C PRO A 2 -12.06 -8.26 8.63
N ARG A 3 -11.09 -8.73 9.42
CA ARG A 3 -10.12 -7.90 10.17
C ARG A 3 -9.08 -7.23 9.26
N PHE A 4 -8.89 -7.75 8.04
CA PHE A 4 -7.94 -7.22 7.06
C PHE A 4 -8.03 -5.72 6.77
N TRP A 5 -9.22 -5.25 6.37
CA TRP A 5 -9.41 -3.86 5.95
C TRP A 5 -9.30 -2.86 7.10
N GLU A 6 -9.61 -3.27 8.34
CA GLU A 6 -9.35 -2.45 9.54
C GLU A 6 -7.85 -2.17 9.70
N TYR A 7 -7.00 -3.20 9.56
CA TYR A 7 -5.54 -3.01 9.46
C TYR A 7 -5.03 -2.24 8.24
N TRP A 8 -5.64 -2.45 7.08
CA TRP A 8 -5.27 -1.75 5.85
C TRP A 8 -5.60 -0.25 5.93
N LEU A 9 -6.72 0.11 6.56
CA LEU A 9 -7.08 1.48 6.90
C LEU A 9 -6.06 2.08 7.90
N ARG A 10 -5.68 1.32 8.95
CA ARG A 10 -4.64 1.71 9.92
C ARG A 10 -3.29 1.99 9.26
N LEU A 11 -2.95 1.22 8.21
CA LEU A 11 -1.75 1.41 7.40
C LEU A 11 -1.68 2.81 6.77
N MET A 12 -2.67 3.19 5.95
CA MET A 12 -2.67 4.49 5.25
C MET A 12 -3.16 5.67 6.09
N GLU A 13 -3.81 5.43 7.24
CA GLU A 13 -4.10 6.47 8.25
C GLU A 13 -2.79 7.04 8.83
N GLY A 14 -1.74 6.21 8.94
CA GLY A 14 -0.38 6.63 9.28
C GLY A 14 0.44 7.20 8.10
N GLY A 15 -0.12 7.23 6.88
CA GLY A 15 0.58 7.60 5.65
C GLY A 15 0.76 9.11 5.46
N GLY A 16 1.92 9.51 4.93
CA GLY A 16 2.27 10.91 4.66
C GLY A 16 3.70 11.13 4.14
N GLU A 17 4.22 10.17 3.36
CA GLU A 17 5.63 10.11 2.89
C GLU A 17 6.70 10.09 4.01
N ASN A 18 6.28 9.85 5.26
CA ASN A 18 7.09 9.97 6.47
C ASN A 18 8.22 8.92 6.62
N LEU A 19 8.25 7.87 5.78
CA LEU A 19 9.36 6.92 5.69
C LEU A 19 10.56 7.45 4.85
N TYR A 20 10.61 8.75 4.59
CA TYR A 20 11.63 9.43 3.79
C TYR A 20 11.71 9.07 2.29
N PHE A 21 10.57 8.59 1.75
CA PHE A 21 10.33 8.38 0.31
C PHE A 21 11.30 7.50 -0.51
N GLN A 22 12.05 6.62 0.17
CA GLN A 22 13.17 5.83 -0.39
C GLN A 22 13.14 4.37 0.06
N GLY A 23 13.90 3.52 -0.63
CA GLY A 23 14.00 2.06 -0.42
C GLY A 23 14.77 1.62 0.84
N MET A 24 14.69 2.39 1.94
CA MET A 24 15.22 2.03 3.26
C MET A 24 14.09 1.68 4.25
N SER A 25 14.27 0.62 5.04
CA SER A 25 13.40 0.30 6.17
C SER A 25 13.67 1.28 7.32
N VAL A 26 12.64 2.01 7.78
CA VAL A 26 12.73 3.15 8.73
C VAL A 26 13.48 4.37 8.14
N PRO A 27 13.02 5.63 8.36
CA PRO A 27 13.73 6.86 7.95
C PRO A 27 14.97 7.13 8.83
N THR A 28 15.91 6.18 8.87
CA THR A 28 17.15 6.12 9.66
C THR A 28 17.05 6.16 11.21
N ASP A 29 16.29 7.10 11.77
CA ASP A 29 16.09 7.28 13.21
C ASP A 29 14.90 6.49 13.79
N GLY A 30 13.68 6.81 13.32
CA GLY A 30 12.42 6.20 13.77
C GLY A 30 11.19 6.81 13.08
N ALA A 31 10.09 6.06 13.02
CA ALA A 31 8.82 6.53 12.45
C ALA A 31 8.17 7.63 13.31
N VAL A 32 7.48 8.59 12.65
CA VAL A 32 6.84 9.76 13.30
C VAL A 32 5.53 9.46 14.04
N THR A 33 4.92 8.29 13.80
CA THR A 33 3.58 7.89 14.28
C THR A 33 3.51 7.36 15.73
N THR A 34 4.41 7.82 16.61
CA THR A 34 4.55 7.37 18.01
C THR A 34 3.32 7.44 18.92
N SER A 35 2.40 8.38 18.62
CA SER A 35 1.07 8.51 19.24
C SER A 35 0.11 9.27 18.32
N GLN A 36 0.57 10.43 17.78
CA GLN A 36 -0.12 11.18 16.74
C GLN A 36 -0.06 10.44 15.38
N ILE A 37 -0.96 10.80 14.46
CA ILE A 37 -0.96 10.39 13.05
C ILE A 37 -1.36 11.56 12.12
N PRO A 38 -0.97 11.55 10.83
CA PRO A 38 -1.37 12.58 9.87
C PRO A 38 -2.90 12.75 9.75
N ALA A 39 -3.37 14.00 9.69
CA ALA A 39 -4.80 14.32 9.66
C ALA A 39 -5.50 13.89 8.36
N SER A 40 -4.79 13.96 7.23
CA SER A 40 -5.23 13.53 5.89
C SER A 40 -4.05 13.37 4.93
N GLU A 41 -4.24 12.62 3.85
CA GLU A 41 -3.28 12.50 2.74
C GLU A 41 -3.07 13.84 1.99
N GLN A 42 -1.89 14.02 1.42
CA GLN A 42 -1.58 15.13 0.51
C GLN A 42 -2.01 14.80 -0.93
N GLU A 43 -2.42 15.82 -1.70
CA GLU A 43 -3.01 15.68 -3.04
C GLU A 43 -2.00 15.28 -4.16
N THR A 44 -0.70 15.27 -3.87
CA THR A 44 0.36 14.98 -4.86
C THR A 44 0.27 13.63 -5.57
N LEU A 45 0.38 13.65 -6.90
CA LEU A 45 0.33 12.46 -7.76
C LEU A 45 1.72 11.80 -7.93
N VAL A 46 1.69 10.48 -8.11
CA VAL A 46 2.82 9.60 -8.50
C VAL A 46 2.53 8.83 -9.78
N ARG A 47 3.60 8.33 -10.42
CA ARG A 47 3.53 7.45 -11.58
C ARG A 47 3.95 6.01 -11.21
N PRO A 48 3.01 5.14 -10.78
CA PRO A 48 3.32 3.74 -10.48
C PRO A 48 3.72 2.94 -11.75
N LYS A 49 4.46 1.84 -11.55
CA LYS A 49 4.83 0.90 -12.63
C LYS A 49 3.60 0.36 -13.38
N PRO A 50 3.69 0.05 -14.69
CA PRO A 50 2.56 -0.45 -15.47
C PRO A 50 1.99 -1.78 -14.95
N LEU A 51 2.83 -2.63 -14.35
CA LEU A 51 2.42 -3.89 -13.72
C LEU A 51 1.53 -3.67 -12.48
N LEU A 52 1.84 -2.63 -11.67
CA LEU A 52 1.01 -2.20 -10.55
C LEU A 52 -0.27 -1.52 -11.05
N LEU A 53 -0.17 -0.63 -12.04
CA LEU A 53 -1.32 0.04 -12.64
C LEU A 53 -2.35 -0.96 -13.19
N LYS A 54 -1.90 -2.06 -13.82
CA LYS A 54 -2.77 -3.18 -14.24
C LYS A 54 -3.51 -3.83 -13.07
N LEU A 55 -2.88 -3.94 -11.90
CA LEU A 55 -3.52 -4.40 -10.66
C LEU A 55 -4.57 -3.40 -10.13
N LEU A 56 -4.34 -2.08 -10.29
CA LEU A 56 -5.37 -1.06 -10.00
C LEU A 56 -6.55 -1.16 -11.00
N LYS A 57 -6.27 -1.37 -12.29
CA LYS A 57 -7.30 -1.65 -13.32
C LYS A 57 -8.04 -2.98 -13.15
N SER A 58 -7.46 -3.96 -12.46
CA SER A 58 -8.15 -5.20 -12.06
C SER A 58 -9.31 -4.94 -11.06
N VAL A 59 -9.33 -3.77 -10.42
CA VAL A 59 -10.46 -3.24 -9.62
C VAL A 59 -11.07 -1.95 -10.21
N GLY A 60 -10.79 -1.66 -11.48
CA GLY A 60 -11.46 -0.62 -12.27
C GLY A 60 -10.95 0.82 -12.09
N ALA A 61 -9.70 1.00 -11.62
CA ALA A 61 -9.13 2.33 -11.40
C ALA A 61 -8.91 3.09 -12.73
N GLN A 62 -9.55 4.25 -12.90
CA GLN A 62 -9.64 4.95 -14.19
C GLN A 62 -8.32 5.60 -14.66
N LYS A 63 -7.64 6.34 -13.78
CA LYS A 63 -6.44 7.17 -14.07
C LYS A 63 -5.18 6.33 -14.35
N ASP A 64 -4.10 7.00 -14.71
CA ASP A 64 -2.73 6.47 -14.80
C ASP A 64 -1.71 7.15 -13.84
N THR A 65 -2.21 8.03 -12.97
CA THR A 65 -1.45 8.80 -11.95
C THR A 65 -2.32 8.82 -10.69
N TYR A 66 -1.69 8.66 -9.52
CA TYR A 66 -2.39 8.44 -8.24
C TYR A 66 -1.67 8.97 -6.99
N THR A 67 -2.38 9.28 -5.91
CA THR A 67 -1.75 9.50 -4.59
C THR A 67 -1.34 8.20 -3.90
N MET A 68 -0.41 8.22 -2.93
CA MET A 68 -0.07 7.02 -2.16
C MET A 68 -1.28 6.39 -1.44
N LYS A 69 -2.19 7.22 -0.91
CA LYS A 69 -3.47 6.78 -0.31
C LYS A 69 -4.40 6.17 -1.36
N GLU A 70 -4.47 6.73 -2.57
CA GLU A 70 -5.24 6.14 -3.68
C GLU A 70 -4.71 4.78 -4.14
N VAL A 71 -3.38 4.65 -4.34
CA VAL A 71 -2.73 3.37 -4.71
C VAL A 71 -2.97 2.32 -3.62
N LEU A 72 -2.69 2.64 -2.35
CA LEU A 72 -2.98 1.76 -1.22
C LEU A 72 -4.47 1.41 -1.12
N PHE A 73 -5.39 2.38 -1.27
CA PHE A 73 -6.83 2.12 -1.32
C PHE A 73 -7.26 1.05 -2.32
N TYR A 74 -6.87 1.25 -3.58
CA TYR A 74 -7.09 0.30 -4.66
C TYR A 74 -6.44 -1.08 -4.49
N LEU A 75 -5.19 -1.11 -3.98
CA LEU A 75 -4.49 -2.34 -3.63
C LEU A 75 -5.19 -3.12 -2.50
N GLY A 76 -5.65 -2.44 -1.46
CA GLY A 76 -6.41 -3.06 -0.37
C GLY A 76 -7.76 -3.61 -0.85
N GLN A 77 -8.47 -2.87 -1.69
CA GLN A 77 -9.69 -3.35 -2.36
C GLN A 77 -9.42 -4.55 -3.29
N TYR A 78 -8.23 -4.62 -3.91
CA TYR A 78 -7.79 -5.79 -4.67
C TYR A 78 -7.54 -7.02 -3.80
N ILE A 79 -6.76 -6.87 -2.72
CA ILE A 79 -6.48 -7.90 -1.72
C ILE A 79 -7.78 -8.43 -1.08
N MET A 80 -8.73 -7.53 -0.81
CA MET A 80 -10.07 -7.84 -0.30
C MET A 80 -10.87 -8.70 -1.29
N THR A 81 -11.06 -8.23 -2.53
CA THR A 81 -11.85 -8.97 -3.54
C THR A 81 -11.25 -10.30 -3.99
N LYS A 82 -9.91 -10.38 -4.04
CA LYS A 82 -9.12 -11.60 -4.30
C LYS A 82 -9.01 -12.54 -3.08
N ARG A 83 -9.35 -12.05 -1.88
CA ARG A 83 -9.26 -12.74 -0.58
C ARG A 83 -7.86 -13.32 -0.28
N LEU A 84 -6.81 -12.54 -0.53
CA LEU A 84 -5.41 -12.98 -0.36
C LEU A 84 -4.95 -13.05 1.12
N TYR A 85 -5.75 -12.54 2.07
CA TYR A 85 -5.49 -12.68 3.50
C TYR A 85 -5.50 -14.12 4.06
N ASP A 86 -4.70 -14.41 5.09
CA ASP A 86 -4.85 -15.67 5.84
C ASP A 86 -6.17 -15.73 6.63
N GLU A 87 -6.95 -16.80 6.52
CA GLU A 87 -8.21 -16.97 7.26
C GLU A 87 -8.03 -16.93 8.79
N LYS A 88 -6.86 -17.36 9.30
CA LYS A 88 -6.49 -17.25 10.72
C LYS A 88 -5.95 -15.84 11.03
N GLN A 89 -4.85 -15.45 10.41
CA GLN A 89 -4.17 -14.16 10.60
C GLN A 89 -4.55 -13.19 9.47
N GLN A 90 -5.71 -12.53 9.56
CA GLN A 90 -6.17 -11.62 8.51
C GLN A 90 -5.32 -10.34 8.37
N HIS A 91 -4.47 -10.05 9.37
CA HIS A 91 -3.42 -9.03 9.31
C HIS A 91 -2.20 -9.46 8.47
N ILE A 92 -2.20 -10.66 7.89
CA ILE A 92 -1.16 -11.20 6.99
C ILE A 92 -1.77 -11.52 5.61
N VAL A 93 -1.09 -11.08 4.55
CA VAL A 93 -1.48 -11.25 3.15
C VAL A 93 -0.54 -12.21 2.43
N TYR A 94 -1.10 -13.24 1.78
CA TYR A 94 -0.41 -14.26 1.01
C TYR A 94 -0.37 -14.03 -0.51
N CYS A 95 0.43 -13.06 -0.94
CA CYS A 95 0.60 -12.66 -2.34
C CYS A 95 1.30 -13.70 -3.26
N SER A 96 1.78 -14.83 -2.72
CA SER A 96 2.46 -15.90 -3.45
C SER A 96 1.76 -16.31 -4.75
N ASN A 97 2.53 -16.40 -5.84
CA ASN A 97 2.12 -16.82 -7.19
C ASN A 97 1.01 -15.97 -7.87
N ASP A 98 0.51 -14.92 -7.22
CA ASP A 98 -0.42 -13.94 -7.82
C ASP A 98 0.34 -12.80 -8.54
N LEU A 99 -0.36 -11.97 -9.31
CA LEU A 99 0.14 -10.71 -9.87
C LEU A 99 0.77 -9.83 -8.77
N LEU A 100 0.13 -9.74 -7.58
CA LEU A 100 0.65 -8.96 -6.46
C LEU A 100 2.01 -9.48 -5.93
N GLY A 101 2.25 -10.79 -5.98
CA GLY A 101 3.53 -11.41 -5.64
C GLY A 101 4.68 -10.96 -6.54
N ASP A 102 4.40 -10.62 -7.80
CA ASP A 102 5.38 -10.02 -8.71
C ASP A 102 5.74 -8.56 -8.41
N LEU A 103 4.81 -7.79 -7.83
CA LEU A 103 5.06 -6.45 -7.30
C LEU A 103 5.84 -6.49 -5.97
N PHE A 104 5.30 -7.16 -4.94
CA PHE A 104 5.96 -7.25 -3.63
C PHE A 104 7.25 -8.08 -3.55
N GLY A 105 7.44 -9.05 -4.45
CA GLY A 105 8.65 -9.88 -4.52
C GLY A 105 8.80 -10.91 -3.39
N VAL A 106 7.70 -11.24 -2.70
CA VAL A 106 7.65 -12.15 -1.53
C VAL A 106 6.39 -13.03 -1.60
N PRO A 107 6.39 -14.22 -0.97
CA PRO A 107 5.21 -15.07 -0.86
C PRO A 107 4.13 -14.51 0.09
N SER A 108 4.52 -13.68 1.06
CA SER A 108 3.61 -13.05 2.02
C SER A 108 4.24 -11.83 2.71
N PHE A 109 3.39 -10.98 3.31
CA PHE A 109 3.80 -9.84 4.15
C PHE A 109 2.68 -9.59 5.18
N SER A 110 3.00 -8.95 6.30
CA SER A 110 2.02 -8.51 7.32
C SER A 110 1.69 -7.01 7.17
N VAL A 111 0.40 -6.67 7.25
CA VAL A 111 -0.09 -5.27 7.23
C VAL A 111 0.37 -4.45 8.43
N LYS A 112 0.58 -5.13 9.57
CA LYS A 112 1.10 -4.54 10.81
C LYS A 112 2.51 -3.95 10.66
N GLU A 113 3.33 -4.54 9.79
CA GLU A 113 4.63 -3.99 9.37
C GLU A 113 4.49 -2.93 8.28
N HIS A 114 3.97 -1.80 8.73
CA HIS A 114 3.66 -0.63 7.89
C HIS A 114 4.90 -0.15 7.13
N ARG A 115 6.04 0.00 7.84
CA ARG A 115 7.35 0.41 7.29
C ARG A 115 7.86 -0.52 6.19
N LYS A 116 7.64 -1.83 6.33
CA LYS A 116 8.05 -2.85 5.34
C LYS A 116 7.22 -2.72 4.06
N ILE A 117 5.91 -2.46 4.17
CA ILE A 117 5.07 -2.15 3.01
C ILE A 117 5.51 -0.83 2.37
N TYR A 118 5.64 0.25 3.14
CA TYR A 118 6.07 1.55 2.61
C TYR A 118 7.38 1.56 1.82
N THR A 119 8.42 0.89 2.32
CA THR A 119 9.67 0.72 1.59
C THR A 119 9.58 -0.08 0.29
N MET A 120 8.73 -1.12 0.24
CA MET A 120 8.43 -1.86 -0.99
C MET A 120 7.57 -1.04 -1.97
N MET A 121 6.58 -0.29 -1.49
CA MET A 121 5.71 0.57 -2.31
C MET A 121 6.49 1.73 -2.95
N ALA A 122 7.51 2.26 -2.27
CA ALA A 122 8.41 3.28 -2.83
C ALA A 122 9.11 2.78 -4.11
N SER A 123 9.56 1.52 -4.13
CA SER A 123 10.16 0.89 -5.31
C SER A 123 9.18 0.68 -6.49
N MET A 124 7.87 0.70 -6.25
CA MET A 124 6.84 0.60 -7.29
C MET A 124 6.50 1.94 -7.98
N THR A 125 7.06 3.06 -7.51
CA THR A 125 6.84 4.40 -8.07
C THR A 125 8.08 5.26 -8.33
N GLY A 126 9.14 5.07 -7.54
CA GLY A 126 10.46 5.71 -7.68
C GLY A 126 11.64 4.75 -7.92
N GLY A 127 11.38 3.43 -7.95
CA GLY A 127 12.41 2.39 -8.15
C GLY A 127 12.77 2.11 -9.62
N GLN A 128 13.61 1.10 -9.82
CA GLN A 128 14.09 0.62 -11.13
C GLN A 128 14.12 -0.92 -11.18
N GLN A 129 14.12 -1.49 -12.40
CA GLN A 129 14.14 -2.94 -12.66
C GLN A 129 14.87 -3.28 -13.97
N MET A 130 15.28 -4.54 -14.14
CA MET A 130 16.00 -5.04 -15.33
C MET A 130 15.68 -6.52 -15.66
N GLY A 131 15.60 -7.39 -14.64
CA GLY A 131 15.26 -8.81 -14.77
C GLY A 131 15.46 -9.60 -13.47
N MET A 1 -17.97 -7.48 8.05
CA MET A 1 -16.80 -6.70 7.56
C MET A 1 -15.73 -7.61 6.95
N PRO A 2 -14.96 -7.14 5.94
CA PRO A 2 -13.79 -7.86 5.44
C PRO A 2 -12.68 -7.88 6.50
N ARG A 3 -12.28 -9.09 6.95
CA ARG A 3 -11.40 -9.28 8.12
C ARG A 3 -10.04 -8.57 8.00
N PHE A 4 -9.53 -8.46 6.78
CA PHE A 4 -8.33 -7.72 6.40
C PHE A 4 -8.39 -6.18 6.37
N TRP A 5 -9.55 -5.60 6.06
CA TRP A 5 -9.65 -4.17 5.75
C TRP A 5 -9.35 -3.24 6.93
N GLU A 6 -9.79 -3.59 8.15
CA GLU A 6 -9.46 -2.82 9.36
C GLU A 6 -7.97 -2.84 9.75
N TYR A 7 -7.18 -3.73 9.14
CA TYR A 7 -5.72 -3.72 9.18
C TYR A 7 -5.04 -2.86 8.12
N TRP A 8 -5.49 -2.99 6.86
CA TRP A 8 -4.99 -2.22 5.72
C TRP A 8 -5.34 -0.73 5.82
N LEU A 9 -6.46 -0.38 6.45
CA LEU A 9 -6.82 1.00 6.75
C LEU A 9 -5.74 1.73 7.59
N ARG A 10 -4.99 0.99 8.43
CA ARG A 10 -3.94 1.53 9.29
C ARG A 10 -2.69 1.97 8.52
N LEU A 11 -2.45 1.40 7.33
CA LEU A 11 -1.42 1.90 6.42
C LEU A 11 -1.76 3.30 5.90
N MET A 12 -2.98 3.53 5.41
CA MET A 12 -3.34 4.86 4.90
C MET A 12 -3.54 5.88 6.03
N GLU A 13 -3.99 5.43 7.22
CA GLU A 13 -4.07 6.26 8.44
C GLU A 13 -2.67 6.71 8.91
N GLY A 14 -1.67 5.82 8.84
CA GLY A 14 -0.26 6.14 9.04
C GLY A 14 0.36 7.01 7.93
N GLY A 15 -0.38 7.26 6.84
CA GLY A 15 -0.02 8.19 5.77
C GLY A 15 0.20 9.63 6.23
N GLY A 16 -0.29 10.02 7.42
CA GLY A 16 0.07 11.30 8.06
C GLY A 16 1.55 11.42 8.40
N GLU A 17 2.25 10.30 8.62
CA GLU A 17 3.72 10.21 8.75
C GLU A 17 4.40 9.77 7.44
N ASN A 18 3.73 8.88 6.69
CA ASN A 18 4.11 8.21 5.42
C ASN A 18 5.39 7.35 5.44
N LEU A 19 6.40 7.69 6.26
CA LEU A 19 7.68 6.99 6.42
C LEU A 19 8.50 6.76 5.12
N TYR A 20 8.17 7.43 4.01
CA TYR A 20 8.95 7.37 2.77
C TYR A 20 10.24 8.20 2.90
N PHE A 21 10.20 9.32 3.63
CA PHE A 21 11.34 10.15 3.98
C PHE A 21 12.26 9.62 5.10
N GLN A 22 13.59 9.70 4.91
CA GLN A 22 14.59 9.30 5.91
C GLN A 22 14.81 10.41 6.97
N GLY A 23 14.02 10.38 8.04
CA GLY A 23 14.11 11.32 9.16
C GLY A 23 15.41 11.21 9.97
N MET A 24 15.74 12.28 10.70
CA MET A 24 16.98 12.42 11.49
C MET A 24 17.08 11.44 12.67
N SER A 25 15.94 10.94 13.16
CA SER A 25 15.81 9.93 14.23
C SER A 25 14.65 8.96 13.93
N VAL A 26 14.66 7.81 14.61
CA VAL A 26 13.59 6.79 14.50
C VAL A 26 12.23 7.33 15.01
N PRO A 27 11.11 7.12 14.29
CA PRO A 27 9.77 7.55 14.69
C PRO A 27 9.14 6.64 15.77
N THR A 28 9.90 6.26 16.79
CA THR A 28 9.48 5.36 17.88
C THR A 28 8.20 5.77 18.61
N ASP A 29 7.22 4.86 18.69
CA ASP A 29 5.85 5.12 19.19
C ASP A 29 5.01 6.18 18.44
N GLY A 30 5.45 6.59 17.24
CA GLY A 30 4.82 7.61 16.39
C GLY A 30 5.11 9.06 16.79
N ALA A 31 4.79 9.99 15.89
CA ALA A 31 4.91 11.43 16.10
C ALA A 31 3.83 11.97 17.06
N VAL A 32 4.11 13.10 17.72
CA VAL A 32 3.16 13.80 18.60
C VAL A 32 2.01 14.42 17.79
N THR A 33 0.77 13.98 18.05
CA THR A 33 -0.44 14.42 17.36
C THR A 33 -1.74 14.17 18.15
N THR A 34 -2.81 14.87 17.80
CA THR A 34 -4.19 14.64 18.26
C THR A 34 -5.20 14.30 17.14
N SER A 35 -4.69 13.95 15.95
CA SER A 35 -5.45 13.54 14.77
C SER A 35 -6.52 14.56 14.30
N GLN A 36 -6.22 15.86 14.46
CA GLN A 36 -7.16 16.95 14.16
C GLN A 36 -7.56 17.04 12.68
N ILE A 37 -6.66 16.69 11.76
CA ILE A 37 -6.84 16.69 10.31
C ILE A 37 -6.62 15.26 9.75
N PRO A 38 -7.36 14.80 8.72
CA PRO A 38 -7.20 13.46 8.15
C PRO A 38 -5.85 13.20 7.48
N ALA A 39 -5.48 11.92 7.35
CA ALA A 39 -4.24 11.46 6.71
C ALA A 39 -4.19 11.65 5.18
N SER A 40 -5.28 12.07 4.55
CA SER A 40 -5.41 12.28 3.09
C SER A 40 -4.60 13.47 2.53
N GLU A 41 -3.83 14.19 3.37
CA GLU A 41 -2.89 15.24 2.96
C GLU A 41 -1.77 14.80 2.00
N GLN A 42 -1.59 13.49 1.80
CA GLN A 42 -0.67 12.89 0.81
C GLN A 42 -1.20 13.03 -0.64
N GLU A 43 -1.52 14.26 -1.05
CA GLU A 43 -2.15 14.61 -2.34
C GLU A 43 -1.22 14.47 -3.56
N THR A 44 0.09 14.33 -3.36
CA THR A 44 1.09 14.22 -4.43
C THR A 44 0.94 13.05 -5.40
N LEU A 45 0.95 13.31 -6.71
CA LEU A 45 0.83 12.30 -7.76
C LEU A 45 2.15 11.54 -8.02
N VAL A 46 2.00 10.30 -8.44
CA VAL A 46 3.03 9.39 -8.98
C VAL A 46 2.56 8.69 -10.25
N ARG A 47 3.51 8.21 -11.05
CA ARG A 47 3.24 7.31 -12.19
C ARG A 47 3.87 5.94 -11.89
N PRO A 48 3.11 4.99 -11.30
CA PRO A 48 3.66 3.70 -10.84
C PRO A 48 4.08 2.76 -11.98
N LYS A 49 4.71 1.62 -11.63
CA LYS A 49 5.07 0.55 -12.58
C LYS A 49 3.82 -0.05 -13.28
N PRO A 50 3.94 -0.57 -14.52
CA PRO A 50 2.78 -1.06 -15.29
C PRO A 50 2.07 -2.27 -14.64
N LEU A 51 2.78 -3.10 -13.88
CA LEU A 51 2.17 -4.19 -13.09
C LEU A 51 1.20 -3.65 -12.02
N LEU A 52 1.50 -2.48 -11.44
CA LEU A 52 0.64 -1.86 -10.43
C LEU A 52 -0.56 -1.20 -11.11
N LEU A 53 -0.35 -0.49 -12.23
CA LEU A 53 -1.46 0.02 -13.03
C LEU A 53 -2.43 -1.09 -13.46
N LYS A 54 -1.93 -2.25 -13.90
CA LYS A 54 -2.74 -3.45 -14.16
C LYS A 54 -3.53 -3.92 -12.92
N LEU A 55 -2.91 -3.91 -11.74
CA LEU A 55 -3.55 -4.31 -10.47
C LEU A 55 -4.67 -3.32 -10.07
N LEU A 56 -4.43 -2.02 -10.22
CA LEU A 56 -5.41 -0.96 -9.96
C LEU A 56 -6.59 -1.07 -10.95
N LYS A 57 -6.32 -1.34 -12.23
CA LYS A 57 -7.33 -1.56 -13.28
C LYS A 57 -8.10 -2.87 -13.15
N SER A 58 -7.54 -3.87 -12.46
CA SER A 58 -8.26 -5.11 -12.09
C SER A 58 -9.43 -4.85 -11.12
N VAL A 59 -9.41 -3.71 -10.41
CA VAL A 59 -10.54 -3.17 -9.61
C VAL A 59 -11.15 -1.89 -10.21
N GLY A 60 -10.86 -1.61 -11.49
CA GLY A 60 -11.55 -0.59 -12.30
C GLY A 60 -11.03 0.85 -12.11
N ALA A 61 -9.75 1.05 -11.78
CA ALA A 61 -9.17 2.38 -11.61
C ALA A 61 -9.07 3.12 -12.97
N GLN A 62 -9.41 4.42 -12.99
CA GLN A 62 -9.61 5.19 -14.24
C GLN A 62 -8.46 6.13 -14.65
N LYS A 63 -7.49 6.39 -13.77
CA LYS A 63 -6.45 7.43 -13.95
C LYS A 63 -5.17 6.87 -14.61
N ASP A 64 -4.35 7.78 -15.12
CA ASP A 64 -2.98 7.53 -15.59
C ASP A 64 -1.86 7.88 -14.58
N THR A 65 -2.23 8.46 -13.43
CA THR A 65 -1.34 8.87 -12.33
C THR A 65 -2.19 8.80 -11.05
N TYR A 66 -1.55 8.52 -9.92
CA TYR A 66 -2.21 8.25 -8.64
C TYR A 66 -1.52 8.86 -7.43
N THR A 67 -2.26 9.21 -6.38
CA THR A 67 -1.66 9.52 -5.06
C THR A 67 -1.25 8.28 -4.29
N MET A 68 -0.29 8.36 -3.36
CA MET A 68 0.09 7.19 -2.55
C MET A 68 -1.10 6.65 -1.73
N LYS A 69 -2.00 7.53 -1.27
CA LYS A 69 -3.24 7.14 -0.57
C LYS A 69 -4.30 6.54 -1.50
N GLU A 70 -4.41 7.03 -2.75
CA GLU A 70 -5.23 6.39 -3.79
C GLU A 70 -4.74 4.98 -4.14
N VAL A 71 -3.42 4.79 -4.29
CA VAL A 71 -2.82 3.46 -4.54
C VAL A 71 -3.12 2.53 -3.35
N LEU A 72 -2.86 2.95 -2.11
CA LEU A 72 -3.21 2.16 -0.91
C LEU A 72 -4.70 1.80 -0.89
N PHE A 73 -5.61 2.75 -1.16
CA PHE A 73 -7.04 2.48 -1.30
C PHE A 73 -7.42 1.38 -2.29
N TYR A 74 -7.02 1.54 -3.56
CA TYR A 74 -7.24 0.56 -4.61
C TYR A 74 -6.56 -0.81 -4.43
N LEU A 75 -5.32 -0.84 -3.95
CA LEU A 75 -4.56 -2.04 -3.62
C LEU A 75 -5.22 -2.81 -2.47
N GLY A 76 -5.69 -2.10 -1.43
CA GLY A 76 -6.47 -2.69 -0.34
C GLY A 76 -7.78 -3.32 -0.83
N GLN A 77 -8.52 -2.63 -1.70
CA GLN A 77 -9.72 -3.14 -2.35
C GLN A 77 -9.42 -4.35 -3.26
N TYR A 78 -8.25 -4.42 -3.89
CA TYR A 78 -7.78 -5.60 -4.64
C TYR A 78 -7.53 -6.82 -3.76
N ILE A 79 -6.70 -6.66 -2.72
CA ILE A 79 -6.37 -7.72 -1.74
C ILE A 79 -7.64 -8.23 -1.04
N MET A 80 -8.56 -7.32 -0.70
CA MET A 80 -9.87 -7.60 -0.14
C MET A 80 -10.74 -8.44 -1.08
N THR A 81 -10.99 -7.97 -2.31
CA THR A 81 -11.86 -8.67 -3.29
C THR A 81 -11.31 -10.01 -3.79
N LYS A 82 -9.99 -10.11 -3.95
CA LYS A 82 -9.24 -11.33 -4.28
C LYS A 82 -9.11 -12.31 -3.08
N ARG A 83 -9.41 -11.84 -1.86
CA ARG A 83 -9.33 -12.59 -0.58
C ARG A 83 -7.98 -13.26 -0.33
N LEU A 84 -6.88 -12.52 -0.57
CA LEU A 84 -5.50 -13.01 -0.45
C LEU A 84 -4.98 -13.11 0.99
N TYR A 85 -5.76 -12.65 1.97
CA TYR A 85 -5.46 -12.78 3.39
C TYR A 85 -5.51 -14.21 3.97
N ASP A 86 -4.67 -14.52 4.96
CA ASP A 86 -4.73 -15.78 5.71
C ASP A 86 -6.02 -15.95 6.55
N GLU A 87 -6.65 -17.12 6.49
CA GLU A 87 -7.85 -17.45 7.28
C GLU A 87 -7.57 -17.52 8.80
N LYS A 88 -6.34 -17.86 9.19
CA LYS A 88 -5.89 -17.93 10.60
C LYS A 88 -5.48 -16.55 11.14
N GLN A 89 -4.56 -15.87 10.46
CA GLN A 89 -4.16 -14.49 10.75
C GLN A 89 -4.72 -13.52 9.69
N GLN A 90 -5.82 -12.82 10.02
CA GLN A 90 -6.47 -11.84 9.12
C GLN A 90 -5.55 -10.68 8.70
N HIS A 91 -4.51 -10.42 9.50
CA HIS A 91 -3.51 -9.38 9.29
C HIS A 91 -2.32 -9.83 8.41
N ILE A 92 -2.26 -11.09 7.96
CA ILE A 92 -1.24 -11.59 7.03
C ILE A 92 -1.84 -11.76 5.64
N VAL A 93 -1.12 -11.32 4.59
CA VAL A 93 -1.50 -11.47 3.18
C VAL A 93 -0.51 -12.37 2.45
N TYR A 94 -1.03 -13.29 1.65
CA TYR A 94 -0.30 -14.19 0.76
C TYR A 94 -0.23 -13.76 -0.70
N CYS A 95 0.88 -13.11 -1.08
CA CYS A 95 1.11 -12.55 -2.41
C CYS A 95 1.50 -13.64 -3.44
N SER A 96 2.00 -14.79 -2.99
CA SER A 96 2.43 -15.91 -3.84
C SER A 96 1.31 -16.46 -4.74
N ASN A 97 1.71 -17.00 -5.91
CA ASN A 97 0.83 -17.52 -6.96
C ASN A 97 -0.17 -16.50 -7.56
N ASP A 98 0.06 -15.20 -7.35
CA ASP A 98 -0.75 -14.09 -7.89
C ASP A 98 0.13 -12.93 -8.41
N LEU A 99 -0.47 -12.01 -9.18
CA LEU A 99 0.12 -10.73 -9.59
C LEU A 99 0.73 -9.96 -8.39
N LEU A 100 0.11 -10.02 -7.20
CA LEU A 100 0.58 -9.32 -6.00
C LEU A 100 2.04 -9.65 -5.61
N GLY A 101 2.48 -10.90 -5.84
CA GLY A 101 3.85 -11.34 -5.59
C GLY A 101 4.89 -10.67 -6.48
N ASP A 102 4.52 -10.34 -7.72
CA ASP A 102 5.36 -9.56 -8.64
C ASP A 102 5.49 -8.06 -8.29
N LEU A 103 4.48 -7.50 -7.61
CA LEU A 103 4.56 -6.17 -7.00
C LEU A 103 5.46 -6.16 -5.77
N PHE A 104 5.12 -6.96 -4.75
CA PHE A 104 5.83 -6.95 -3.46
C PHE A 104 7.21 -7.60 -3.37
N GLY A 105 7.51 -8.55 -4.26
CA GLY A 105 8.80 -9.27 -4.28
C GLY A 105 8.98 -10.27 -3.12
N VAL A 106 7.90 -10.64 -2.43
CA VAL A 106 7.87 -11.60 -1.30
C VAL A 106 6.64 -12.51 -1.46
N PRO A 107 6.67 -13.74 -0.91
CA PRO A 107 5.53 -14.66 -0.94
C PRO A 107 4.37 -14.22 -0.02
N SER A 108 4.66 -13.49 1.06
CA SER A 108 3.67 -13.01 2.05
C SER A 108 4.26 -11.92 2.96
N PHE A 109 3.39 -11.17 3.65
CA PHE A 109 3.81 -10.25 4.73
C PHE A 109 2.67 -10.00 5.73
N SER A 110 3.02 -9.56 6.95
CA SER A 110 2.05 -9.05 7.93
C SER A 110 1.81 -7.55 7.73
N VAL A 111 0.55 -7.15 7.57
CA VAL A 111 0.11 -5.77 7.25
C VAL A 111 0.49 -4.77 8.35
N LYS A 112 0.71 -5.22 9.60
CA LYS A 112 1.24 -4.41 10.71
C LYS A 112 2.72 -4.00 10.56
N GLU A 113 3.47 -4.61 9.63
CA GLU A 113 4.85 -4.23 9.31
C GLU A 113 4.90 -2.95 8.44
N HIS A 114 4.19 -1.90 8.85
CA HIS A 114 3.94 -0.70 8.05
C HIS A 114 5.24 -0.06 7.50
N ARG A 115 6.30 0.03 8.33
CA ARG A 115 7.61 0.58 7.94
C ARG A 115 8.28 -0.18 6.77
N LYS A 116 8.08 -1.50 6.69
CA LYS A 116 8.54 -2.35 5.57
C LYS A 116 7.64 -2.16 4.35
N ILE A 117 6.32 -2.16 4.55
CA ILE A 117 5.34 -1.99 3.47
C ILE A 117 5.53 -0.63 2.79
N TYR A 118 5.76 0.45 3.52
CA TYR A 118 6.01 1.78 2.95
C TYR A 118 7.21 1.85 1.99
N THR A 119 8.35 1.23 2.35
CA THR A 119 9.49 1.12 1.43
C THR A 119 9.27 0.21 0.21
N MET A 120 8.51 -0.87 0.36
CA MET A 120 8.06 -1.70 -0.76
C MET A 120 7.10 -0.94 -1.70
N MET A 121 6.17 -0.15 -1.15
CA MET A 121 5.27 0.71 -1.94
C MET A 121 6.02 1.81 -2.68
N ALA A 122 7.03 2.43 -2.05
CA ALA A 122 7.90 3.41 -2.69
C ALA A 122 8.71 2.82 -3.86
N SER A 123 9.15 1.56 -3.76
CA SER A 123 9.85 0.85 -4.85
C SER A 123 8.98 0.71 -6.11
N MET A 124 7.66 0.54 -5.97
CA MET A 124 6.70 0.45 -7.09
C MET A 124 6.49 1.78 -7.85
N THR A 125 7.02 2.89 -7.33
CA THR A 125 6.91 4.25 -7.92
C THR A 125 8.23 4.94 -8.25
N GLY A 126 9.29 4.65 -7.48
CA GLY A 126 10.67 5.05 -7.79
C GLY A 126 11.36 4.19 -8.85
N GLY A 127 10.99 2.91 -8.94
CA GLY A 127 11.52 1.95 -9.93
C GLY A 127 12.92 1.39 -9.61
N GLN A 128 13.31 0.35 -10.35
CA GLN A 128 14.60 -0.35 -10.23
C GLN A 128 15.73 0.41 -10.97
N GLN A 129 16.07 1.61 -10.49
CA GLN A 129 17.01 2.54 -11.14
C GLN A 129 18.46 2.04 -11.25
N MET A 130 18.84 1.00 -10.51
CA MET A 130 20.17 0.37 -10.57
C MET A 130 20.48 -0.27 -11.94
N GLY A 131 19.45 -0.74 -12.66
CA GLY A 131 19.55 -1.41 -13.96
C GLY A 131 20.30 -2.75 -13.93
N MET A 1 -13.29 -11.90 14.89
CA MET A 1 -12.07 -11.14 14.49
C MET A 1 -12.42 -10.01 13.51
N PRO A 2 -11.76 -8.84 13.59
CA PRO A 2 -11.93 -7.76 12.61
C PRO A 2 -11.36 -8.16 11.23
N ARG A 3 -12.06 -7.80 10.15
CA ARG A 3 -11.64 -8.07 8.77
C ARG A 3 -10.37 -7.31 8.38
N PHE A 4 -9.65 -7.83 7.39
CA PHE A 4 -8.43 -7.26 6.80
C PHE A 4 -8.33 -5.73 6.62
N TRP A 5 -9.41 -5.11 6.13
CA TRP A 5 -9.44 -3.68 5.85
C TRP A 5 -9.20 -2.81 7.09
N GLU A 6 -9.60 -3.25 8.28
CA GLU A 6 -9.35 -2.52 9.53
C GLU A 6 -7.86 -2.43 9.91
N TYR A 7 -7.02 -3.31 9.35
CA TYR A 7 -5.56 -3.22 9.37
C TYR A 7 -4.93 -2.40 8.23
N TRP A 8 -5.44 -2.60 7.02
CA TRP A 8 -4.97 -1.92 5.80
C TRP A 8 -5.26 -0.41 5.85
N LEU A 9 -6.36 0.01 6.45
CA LEU A 9 -6.69 1.41 6.70
C LEU A 9 -5.59 2.14 7.51
N ARG A 10 -4.92 1.43 8.41
CA ARG A 10 -3.87 1.98 9.29
C ARG A 10 -2.56 2.29 8.55
N LEU A 11 -2.35 1.69 7.37
CA LEU A 11 -1.28 2.10 6.46
C LEU A 11 -1.52 3.53 5.96
N MET A 12 -2.74 3.82 5.52
CA MET A 12 -3.10 5.10 4.90
C MET A 12 -3.26 6.22 5.94
N GLU A 13 -3.78 5.88 7.12
CA GLU A 13 -3.79 6.74 8.31
C GLU A 13 -2.39 7.00 8.91
N GLY A 14 -1.40 6.17 8.55
CA GLY A 14 -0.02 6.23 9.02
C GLY A 14 0.91 7.05 8.12
N GLY A 15 2.05 6.46 7.73
CA GLY A 15 3.08 7.08 6.90
C GLY A 15 3.83 8.21 7.62
N GLY A 16 4.12 9.30 6.91
CA GLY A 16 4.65 10.55 7.45
C GLY A 16 5.93 10.37 8.27
N GLU A 17 5.83 10.60 9.59
CA GLU A 17 6.95 10.53 10.54
C GLU A 17 7.54 9.12 10.71
N ASN A 18 6.79 8.05 10.38
CA ASN A 18 7.30 6.67 10.43
C ASN A 18 8.15 6.33 9.19
N LEU A 19 7.61 6.61 8.00
CA LEU A 19 8.28 6.48 6.69
C LEU A 19 7.49 7.26 5.63
N TYR A 20 8.20 7.84 4.66
CA TYR A 20 7.65 8.56 3.51
C TYR A 20 8.45 8.46 2.20
N PHE A 21 9.76 8.70 2.29
CA PHE A 21 10.72 8.44 1.22
C PHE A 21 10.93 6.95 0.87
N GLN A 22 11.54 6.64 -0.27
CA GLN A 22 11.95 5.27 -0.60
C GLN A 22 13.03 4.78 0.38
N GLY A 23 12.68 3.82 1.24
CA GLY A 23 13.51 3.37 2.36
C GLY A 23 14.67 2.44 1.98
N MET A 24 14.70 1.92 0.75
CA MET A 24 15.70 0.96 0.25
C MET A 24 15.81 -0.27 1.17
N SER A 25 14.68 -0.98 1.32
CA SER A 25 14.44 -2.04 2.31
C SER A 25 14.54 -1.53 3.76
N VAL A 26 13.86 -0.41 4.04
CA VAL A 26 13.82 0.28 5.35
C VAL A 26 15.17 0.95 5.72
N PRO A 27 15.19 2.25 6.14
CA PRO A 27 16.45 2.97 6.38
C PRO A 27 17.28 2.41 7.54
N THR A 28 16.63 1.83 8.57
CA THR A 28 17.26 1.04 9.64
C THR A 28 16.32 0.01 10.28
N ASP A 29 16.82 -1.19 10.59
CA ASP A 29 16.01 -2.23 11.26
C ASP A 29 16.00 -1.99 12.79
N GLY A 30 15.12 -2.70 13.51
CA GLY A 30 14.81 -2.48 14.92
C GLY A 30 13.83 -1.32 15.16
N ALA A 31 13.54 -0.52 14.13
CA ALA A 31 12.48 0.49 14.13
C ALA A 31 11.08 -0.14 14.17
N VAL A 32 10.13 0.55 14.79
CA VAL A 32 8.72 0.12 14.95
C VAL A 32 7.74 1.28 14.69
N THR A 33 6.47 0.95 14.43
CA THR A 33 5.40 1.94 14.21
C THR A 33 5.06 2.79 15.44
N THR A 34 4.78 4.08 15.22
CA THR A 34 4.48 5.09 16.26
C THR A 34 3.44 6.14 15.84
N SER A 35 2.49 6.49 16.72
CA SER A 35 1.35 7.36 16.38
C SER A 35 1.76 8.72 15.82
N GLN A 36 1.14 9.10 14.69
CA GLN A 36 1.42 10.31 13.91
C GLN A 36 0.14 10.85 13.25
N ILE A 37 0.19 12.08 12.72
CA ILE A 37 -0.92 12.69 11.97
C ILE A 37 -1.15 11.99 10.60
N PRO A 38 -2.38 11.94 10.06
CA PRO A 38 -2.69 11.33 8.76
C PRO A 38 -1.97 11.99 7.56
N ALA A 39 -1.96 11.29 6.43
CA ALA A 39 -1.47 11.81 5.15
C ALA A 39 -2.24 13.06 4.67
N SER A 40 -1.60 13.88 3.84
CA SER A 40 -2.12 15.19 3.39
C SER A 40 -3.42 15.08 2.59
N GLU A 41 -4.46 15.81 3.02
CA GLU A 41 -5.76 15.90 2.34
C GLU A 41 -5.70 16.66 1.00
N GLN A 42 -4.60 17.40 0.74
CA GLN A 42 -4.37 18.14 -0.50
C GLN A 42 -4.10 17.24 -1.72
N GLU A 43 -3.63 16.00 -1.49
CA GLU A 43 -3.32 14.94 -2.48
C GLU A 43 -2.20 15.25 -3.50
N THR A 44 -1.31 14.28 -3.76
CA THR A 44 -0.17 14.40 -4.71
C THR A 44 0.12 13.16 -5.56
N LEU A 45 0.18 13.32 -6.88
CA LEU A 45 0.40 12.23 -7.85
C LEU A 45 1.86 11.74 -7.86
N VAL A 46 2.05 10.45 -8.17
CA VAL A 46 3.37 9.76 -8.14
C VAL A 46 3.79 9.05 -9.43
N ARG A 47 2.81 8.74 -10.29
CA ARG A 47 2.90 7.89 -11.49
C ARG A 47 3.55 6.51 -11.20
N PRO A 48 2.77 5.52 -10.72
CA PRO A 48 3.28 4.17 -10.43
C PRO A 48 3.70 3.40 -11.70
N LYS A 49 4.49 2.33 -11.52
CA LYS A 49 4.89 1.36 -12.53
C LYS A 49 3.66 0.76 -13.27
N PRO A 50 3.71 0.49 -14.58
CA PRO A 50 2.58 -0.07 -15.33
C PRO A 50 2.04 -1.41 -14.77
N LEU A 51 2.92 -2.25 -14.21
CA LEU A 51 2.54 -3.51 -13.55
C LEU A 51 1.72 -3.28 -12.26
N LEU A 52 2.02 -2.22 -11.51
CA LEU A 52 1.25 -1.78 -10.34
C LEU A 52 -0.08 -1.13 -10.77
N LEU A 53 -0.03 -0.29 -11.81
CA LEU A 53 -1.23 0.32 -12.40
C LEU A 53 -2.25 -0.74 -12.88
N LYS A 54 -1.77 -1.86 -13.43
CA LYS A 54 -2.59 -3.03 -13.79
C LYS A 54 -3.30 -3.66 -12.57
N LEU A 55 -2.65 -3.68 -11.40
CA LEU A 55 -3.26 -4.11 -10.13
C LEU A 55 -4.49 -3.23 -9.79
N LEU A 56 -4.34 -1.91 -9.90
CA LEU A 56 -5.45 -0.95 -9.69
C LEU A 56 -6.56 -1.13 -10.74
N LYS A 57 -6.19 -1.37 -12.00
CA LYS A 57 -7.15 -1.65 -13.10
C LYS A 57 -7.84 -3.01 -13.02
N SER A 58 -7.27 -3.97 -12.29
CA SER A 58 -7.94 -5.24 -11.94
C SER A 58 -9.14 -5.03 -11.01
N VAL A 59 -9.21 -3.85 -10.34
CA VAL A 59 -10.38 -3.36 -9.57
C VAL A 59 -11.02 -2.10 -10.19
N GLY A 60 -10.70 -1.79 -11.45
CA GLY A 60 -11.38 -0.78 -12.27
C GLY A 60 -10.93 0.68 -12.09
N ALA A 61 -9.69 0.94 -11.67
CA ALA A 61 -9.16 2.29 -11.48
C ALA A 61 -9.07 3.04 -12.84
N GLN A 62 -9.79 4.16 -12.99
CA GLN A 62 -10.00 4.83 -14.28
C GLN A 62 -8.80 5.64 -14.84
N LYS A 63 -8.10 6.41 -14.00
CA LYS A 63 -6.94 7.25 -14.36
C LYS A 63 -5.70 6.43 -14.74
N ASP A 64 -4.65 7.13 -15.19
CA ASP A 64 -3.29 6.61 -15.42
C ASP A 64 -2.20 7.16 -14.47
N THR A 65 -2.59 8.02 -13.52
CA THR A 65 -1.72 8.65 -12.51
C THR A 65 -2.50 8.63 -11.18
N TYR A 66 -1.78 8.36 -10.09
CA TYR A 66 -2.34 8.11 -8.76
C TYR A 66 -1.49 8.65 -7.59
N THR A 67 -2.12 8.92 -6.45
CA THR A 67 -1.44 9.18 -5.16
C THR A 67 -1.09 7.93 -4.37
N MET A 68 -0.14 7.97 -3.42
CA MET A 68 0.15 6.79 -2.58
C MET A 68 -1.07 6.28 -1.80
N LYS A 69 -1.94 7.20 -1.33
CA LYS A 69 -3.24 6.88 -0.71
C LYS A 69 -4.20 6.24 -1.71
N GLU A 70 -4.28 6.73 -2.94
CA GLU A 70 -5.11 6.10 -3.98
C GLU A 70 -4.61 4.70 -4.39
N VAL A 71 -3.30 4.50 -4.53
CA VAL A 71 -2.68 3.19 -4.80
C VAL A 71 -2.99 2.22 -3.66
N LEU A 72 -2.71 2.60 -2.40
CA LEU A 72 -3.03 1.79 -1.22
C LEU A 72 -4.53 1.49 -1.14
N PHE A 73 -5.41 2.47 -1.38
CA PHE A 73 -6.86 2.28 -1.42
C PHE A 73 -7.34 1.16 -2.34
N TYR A 74 -6.94 1.26 -3.61
CA TYR A 74 -7.20 0.25 -4.63
C TYR A 74 -6.55 -1.12 -4.42
N LEU A 75 -5.32 -1.16 -3.91
CA LEU A 75 -4.62 -2.39 -3.53
C LEU A 75 -5.33 -3.10 -2.37
N GLY A 76 -5.81 -2.34 -1.37
CA GLY A 76 -6.64 -2.87 -0.29
C GLY A 76 -7.96 -3.46 -0.81
N GLN A 77 -8.63 -2.77 -1.74
CA GLN A 77 -9.80 -3.33 -2.44
C GLN A 77 -9.47 -4.60 -3.26
N TYR A 78 -8.28 -4.70 -3.84
CA TYR A 78 -7.83 -5.90 -4.54
C TYR A 78 -7.62 -7.11 -3.62
N ILE A 79 -6.87 -6.90 -2.53
CA ILE A 79 -6.62 -7.92 -1.49
C ILE A 79 -7.93 -8.37 -0.83
N MET A 80 -8.86 -7.45 -0.61
CA MET A 80 -10.22 -7.70 -0.13
C MET A 80 -11.02 -8.58 -1.11
N THR A 81 -11.18 -8.16 -2.36
CA THR A 81 -11.97 -8.89 -3.37
C THR A 81 -11.41 -10.26 -3.77
N LYS A 82 -10.08 -10.41 -3.77
CA LYS A 82 -9.35 -11.66 -3.99
C LYS A 82 -9.24 -12.56 -2.73
N ARG A 83 -9.54 -12.01 -1.54
CA ARG A 83 -9.39 -12.65 -0.21
C ARG A 83 -7.99 -13.24 0.04
N LEU A 84 -6.94 -12.46 -0.24
CA LEU A 84 -5.54 -12.89 -0.11
C LEU A 84 -5.02 -12.91 1.34
N TYR A 85 -5.79 -12.41 2.30
CA TYR A 85 -5.48 -12.52 3.72
C TYR A 85 -5.48 -13.95 4.30
N ASP A 86 -4.63 -14.24 5.30
CA ASP A 86 -4.67 -15.50 6.03
C ASP A 86 -6.01 -15.74 6.76
N GLU A 87 -6.60 -16.93 6.60
CA GLU A 87 -7.85 -17.31 7.27
C GLU A 87 -7.76 -17.27 8.81
N LYS A 88 -6.55 -17.44 9.39
CA LYS A 88 -6.26 -17.24 10.80
C LYS A 88 -5.90 -15.78 11.12
N GLN A 89 -4.74 -15.29 10.66
CA GLN A 89 -4.28 -13.93 10.94
C GLN A 89 -4.78 -12.94 9.88
N GLN A 90 -5.84 -12.19 10.21
CA GLN A 90 -6.51 -11.26 9.28
C GLN A 90 -5.58 -10.10 8.86
N HIS A 91 -4.53 -9.83 9.65
CA HIS A 91 -3.51 -8.81 9.41
C HIS A 91 -2.30 -9.30 8.58
N ILE A 92 -2.35 -10.49 7.97
CA ILE A 92 -1.26 -11.04 7.14
C ILE A 92 -1.79 -11.43 5.75
N VAL A 93 -1.06 -11.11 4.69
CA VAL A 93 -1.40 -11.38 3.28
C VAL A 93 -0.50 -12.44 2.65
N TYR A 94 -1.08 -13.33 1.84
CA TYR A 94 -0.42 -14.38 1.06
C TYR A 94 -0.69 -14.30 -0.46
N CYS A 95 0.35 -14.27 -1.28
CA CYS A 95 0.24 -14.25 -2.74
C CYS A 95 1.54 -14.74 -3.39
N SER A 96 1.52 -15.96 -3.93
CA SER A 96 2.56 -16.54 -4.79
C SER A 96 2.02 -16.94 -6.17
N ASN A 97 2.87 -16.92 -7.19
CA ASN A 97 2.56 -17.27 -8.59
C ASN A 97 1.39 -16.48 -9.23
N ASP A 98 1.12 -15.27 -8.74
CA ASP A 98 0.07 -14.36 -9.24
C ASP A 98 0.59 -12.90 -9.14
N LEU A 99 -0.12 -11.95 -9.76
CA LEU A 99 0.32 -10.57 -10.00
C LEU A 99 0.86 -9.84 -8.75
N LEU A 100 0.15 -9.84 -7.63
CA LEU A 100 0.57 -9.09 -6.44
C LEU A 100 1.88 -9.63 -5.81
N GLY A 101 2.09 -10.94 -5.87
CA GLY A 101 3.37 -11.57 -5.49
C GLY A 101 4.54 -11.10 -6.36
N ASP A 102 4.30 -10.83 -7.64
CA ASP A 102 5.28 -10.22 -8.54
C ASP A 102 5.58 -8.72 -8.29
N LEU A 103 4.60 -7.96 -7.78
CA LEU A 103 4.82 -6.59 -7.29
C LEU A 103 5.65 -6.57 -6.01
N PHE A 104 5.21 -7.27 -4.95
CA PHE A 104 5.91 -7.30 -3.67
C PHE A 104 7.26 -8.05 -3.62
N GLY A 105 7.47 -9.03 -4.51
CA GLY A 105 8.69 -9.84 -4.57
C GLY A 105 8.84 -10.85 -3.42
N VAL A 106 7.76 -11.15 -2.70
CA VAL A 106 7.69 -12.07 -1.55
C VAL A 106 6.37 -12.87 -1.62
N PRO A 107 6.36 -14.11 -1.09
CA PRO A 107 5.14 -14.94 -1.04
C PRO A 107 4.10 -14.45 -0.02
N SER A 108 4.51 -13.67 0.98
CA SER A 108 3.65 -13.16 2.06
C SER A 108 4.26 -11.95 2.79
N PHE A 109 3.42 -11.18 3.49
CA PHE A 109 3.86 -10.07 4.36
C PHE A 109 2.78 -9.76 5.43
N SER A 110 3.19 -9.16 6.55
CA SER A 110 2.27 -8.62 7.58
C SER A 110 1.85 -7.17 7.27
N VAL A 111 0.55 -6.91 7.28
CA VAL A 111 -0.06 -5.56 7.14
C VAL A 111 0.31 -4.64 8.29
N LYS A 112 0.39 -5.18 9.52
CA LYS A 112 0.70 -4.42 10.75
C LYS A 112 2.16 -3.96 10.82
N GLU A 113 3.07 -4.65 10.13
CA GLU A 113 4.47 -4.25 9.96
C GLU A 113 4.62 -3.14 8.90
N HIS A 114 3.92 -2.02 9.09
CA HIS A 114 3.74 -0.94 8.11
C HIS A 114 5.05 -0.45 7.45
N ARG A 115 6.14 -0.33 8.22
CA ARG A 115 7.48 0.07 7.74
C ARG A 115 7.98 -0.74 6.54
N LYS A 116 7.77 -2.06 6.55
CA LYS A 116 8.18 -2.98 5.49
C LYS A 116 7.31 -2.85 4.24
N ILE A 117 6.02 -2.50 4.39
CA ILE A 117 5.14 -2.18 3.26
C ILE A 117 5.52 -0.84 2.64
N TYR A 118 5.74 0.21 3.44
CA TYR A 118 6.06 1.55 2.93
C TYR A 118 7.27 1.61 2.00
N THR A 119 8.38 0.96 2.39
CA THR A 119 9.58 0.83 1.54
C THR A 119 9.35 0.08 0.22
N MET A 120 8.53 -0.97 0.23
CA MET A 120 8.18 -1.73 -0.98
C MET A 120 7.24 -0.95 -1.90
N MET A 121 6.21 -0.29 -1.34
CA MET A 121 5.27 0.54 -2.08
C MET A 121 5.96 1.75 -2.72
N ALA A 122 6.90 2.38 -2.01
CA ALA A 122 7.73 3.44 -2.56
C ALA A 122 8.64 2.94 -3.69
N SER A 123 9.17 1.71 -3.59
CA SER A 123 10.01 1.09 -4.62
C SER A 123 9.25 0.68 -5.90
N MET A 124 7.91 0.69 -5.90
CA MET A 124 7.07 0.53 -7.10
C MET A 124 6.83 1.85 -7.87
N THR A 125 7.31 2.99 -7.35
CA THR A 125 7.09 4.34 -7.92
C THR A 125 8.33 5.23 -8.02
N GLY A 126 9.25 5.17 -7.04
CA GLY A 126 10.58 5.78 -7.05
C GLY A 126 11.67 4.87 -7.62
N GLY A 127 12.76 5.46 -8.10
CA GLY A 127 13.91 4.75 -8.69
C GLY A 127 13.59 4.05 -10.02
N GLN A 128 14.41 3.05 -10.38
CA GLN A 128 14.23 2.21 -11.56
C GLN A 128 14.83 0.80 -11.35
N GLN A 129 14.28 -0.20 -12.07
CA GLN A 129 14.80 -1.58 -12.08
C GLN A 129 16.00 -1.74 -13.01
N MET A 130 16.84 -2.76 -12.74
CA MET A 130 17.93 -3.19 -13.64
C MET A 130 17.44 -3.97 -14.88
N GLY A 131 16.18 -4.46 -14.86
CA GLY A 131 15.52 -5.20 -15.94
C GLY A 131 14.11 -5.67 -15.57
N MET A 1 -16.87 -8.35 14.77
CA MET A 1 -15.45 -8.77 14.90
C MET A 1 -14.57 -8.02 13.90
N PRO A 2 -13.27 -7.80 14.20
CA PRO A 2 -12.31 -7.18 13.28
C PRO A 2 -12.15 -7.91 11.94
N ARG A 3 -11.71 -7.20 10.90
CA ARG A 3 -11.44 -7.72 9.54
C ARG A 3 -10.17 -7.12 8.92
N PHE A 4 -9.66 -7.75 7.85
CA PHE A 4 -8.49 -7.29 7.07
C PHE A 4 -8.38 -5.78 6.79
N TRP A 5 -9.49 -5.16 6.37
CA TRP A 5 -9.50 -3.74 6.00
C TRP A 5 -9.19 -2.80 7.19
N GLU A 6 -9.47 -3.20 8.43
CA GLU A 6 -9.07 -2.42 9.62
C GLU A 6 -7.54 -2.37 9.78
N TYR A 7 -6.84 -3.46 9.44
CA TYR A 7 -5.39 -3.50 9.31
C TYR A 7 -4.81 -2.69 8.14
N TRP A 8 -5.47 -2.74 6.98
CA TRP A 8 -5.04 -2.03 5.78
C TRP A 8 -5.28 -0.51 5.88
N LEU A 9 -6.38 -0.07 6.51
CA LEU A 9 -6.66 1.34 6.75
C LEU A 9 -5.56 2.00 7.62
N ARG A 10 -4.95 1.24 8.52
CA ARG A 10 -3.86 1.66 9.41
C ARG A 10 -2.55 1.97 8.65
N LEU A 11 -2.40 1.50 7.40
CA LEU A 11 -1.33 1.91 6.48
C LEU A 11 -1.58 3.30 5.89
N MET A 12 -2.78 3.57 5.36
CA MET A 12 -3.08 4.87 4.74
C MET A 12 -3.22 5.98 5.81
N GLU A 13 -3.54 5.61 7.05
CA GLU A 13 -3.47 6.44 8.25
C GLU A 13 -2.13 6.25 9.01
N GLY A 14 -1.10 5.75 8.32
CA GLY A 14 0.17 5.33 8.92
C GLY A 14 1.02 6.45 9.50
N GLY A 15 0.82 7.70 9.06
CA GLY A 15 1.41 8.90 9.69
C GLY A 15 0.83 9.20 11.09
N GLY A 16 -0.23 8.51 11.50
CA GLY A 16 -0.83 8.56 12.83
C GLY A 16 -0.09 7.71 13.88
N GLU A 17 -0.85 7.21 14.85
CA GLU A 17 -0.38 6.58 16.09
C GLU A 17 0.65 5.44 15.93
N ASN A 18 0.63 4.73 14.80
CA ASN A 18 1.55 3.62 14.52
C ASN A 18 2.99 4.03 14.11
N LEU A 19 3.20 5.22 13.51
CA LEU A 19 4.53 5.72 13.08
C LEU A 19 4.78 7.21 13.41
N TYR A 20 3.95 7.85 14.23
CA TYR A 20 4.07 9.26 14.63
C TYR A 20 5.38 9.73 15.29
N PHE A 21 6.04 8.83 16.03
CA PHE A 21 7.25 9.12 16.81
C PHE A 21 8.45 9.74 16.07
N GLN A 22 8.99 10.85 16.59
CA GLN A 22 10.15 11.56 16.02
C GLN A 22 11.47 10.89 16.46
N GLY A 23 11.99 9.98 15.63
CA GLY A 23 13.25 9.28 15.88
C GLY A 23 13.42 8.01 15.03
N MET A 24 14.10 7.01 15.61
CA MET A 24 14.26 5.65 15.05
C MET A 24 12.92 4.88 14.95
N SER A 25 12.96 3.65 14.42
CA SER A 25 11.81 2.72 14.29
C SER A 25 10.68 3.20 13.36
N VAL A 26 10.92 4.24 12.58
CA VAL A 26 9.92 4.99 11.79
C VAL A 26 10.60 5.39 10.47
N PRO A 27 9.91 5.28 9.32
CA PRO A 27 10.48 5.48 7.99
C PRO A 27 10.82 6.94 7.69
N THR A 28 11.90 7.16 6.93
CA THR A 28 12.29 8.46 6.36
C THR A 28 11.57 8.83 5.05
N ASP A 29 11.59 10.11 4.68
CA ASP A 29 11.09 10.62 3.39
C ASP A 29 11.94 10.24 2.16
N GLY A 30 13.26 10.38 2.28
CA GLY A 30 14.25 10.17 1.21
C GLY A 30 14.42 11.37 0.26
N ALA A 31 15.59 11.45 -0.38
CA ALA A 31 15.95 12.53 -1.29
C ALA A 31 15.10 12.54 -2.58
N VAL A 32 14.66 13.71 -3.02
CA VAL A 32 13.85 13.93 -4.24
C VAL A 32 12.52 13.15 -4.31
N THR A 33 11.97 12.76 -3.15
CA THR A 33 10.75 11.95 -3.06
C THR A 33 9.49 12.56 -3.68
N THR A 34 8.63 11.72 -4.27
CA THR A 34 7.42 12.12 -5.01
C THR A 34 7.58 13.01 -6.25
N SER A 35 8.83 13.26 -6.68
CA SER A 35 9.20 14.18 -7.78
C SER A 35 8.68 15.62 -7.58
N GLN A 36 8.75 16.47 -8.62
CA GLN A 36 8.20 17.82 -8.62
C GLN A 36 6.66 17.81 -8.51
N ILE A 37 6.10 18.71 -7.70
CA ILE A 37 4.66 18.77 -7.41
C ILE A 37 3.82 19.30 -8.60
N PRO A 38 2.54 18.87 -8.74
CA PRO A 38 1.59 19.47 -9.67
C PRO A 38 1.13 20.86 -9.19
N ALA A 39 0.25 21.52 -9.96
CA ALA A 39 -0.43 22.74 -9.53
C ALA A 39 -1.25 22.53 -8.24
N SER A 40 -1.36 23.58 -7.42
CA SER A 40 -1.98 23.54 -6.07
C SER A 40 -3.48 23.20 -6.03
N GLU A 41 -4.14 23.16 -7.19
CA GLU A 41 -5.53 22.69 -7.36
C GLU A 41 -5.72 21.19 -7.02
N GLN A 42 -4.65 20.38 -7.04
CA GLN A 42 -4.71 18.92 -6.84
C GLN A 42 -3.52 18.39 -6.02
N GLU A 43 -3.75 17.31 -5.25
CA GLU A 43 -2.73 16.61 -4.46
C GLU A 43 -1.68 15.88 -5.34
N THR A 44 -0.45 15.73 -4.82
CA THR A 44 0.67 15.08 -5.53
C THR A 44 0.41 13.72 -6.16
N LEU A 45 0.77 13.59 -7.44
CA LEU A 45 0.61 12.38 -8.24
C LEU A 45 1.92 11.58 -8.37
N VAL A 46 1.77 10.27 -8.58
CA VAL A 46 2.81 9.30 -8.94
C VAL A 46 2.45 8.49 -10.17
N ARG A 47 3.46 7.91 -10.82
CA ARG A 47 3.32 6.97 -11.94
C ARG A 47 3.66 5.55 -11.46
N PRO A 48 2.68 4.75 -10.97
CA PRO A 48 2.91 3.36 -10.57
C PRO A 48 3.33 2.48 -11.75
N LYS A 49 4.21 1.49 -11.52
CA LYS A 49 4.73 0.61 -12.59
C LYS A 49 3.62 -0.20 -13.28
N PRO A 50 3.80 -0.70 -14.52
CA PRO A 50 2.73 -1.34 -15.30
C PRO A 50 2.03 -2.51 -14.60
N LEU A 51 2.76 -3.34 -13.84
CA LEU A 51 2.20 -4.43 -13.05
C LEU A 51 1.23 -3.92 -11.96
N LEU A 52 1.60 -2.85 -11.25
CA LEU A 52 0.76 -2.23 -10.22
C LEU A 52 -0.43 -1.53 -10.87
N LEU A 53 -0.19 -0.75 -11.91
CA LEU A 53 -1.25 -0.05 -12.63
C LEU A 53 -2.33 -1.02 -13.15
N LYS A 54 -1.92 -2.17 -13.70
CA LYS A 54 -2.84 -3.26 -14.08
C LYS A 54 -3.61 -3.84 -12.87
N LEU A 55 -2.95 -3.99 -11.72
CA LEU A 55 -3.59 -4.46 -10.47
C LEU A 55 -4.65 -3.46 -9.97
N LEU A 56 -4.35 -2.16 -10.00
CA LEU A 56 -5.27 -1.08 -9.67
C LEU A 56 -6.47 -1.06 -10.65
N LYS A 57 -6.21 -1.16 -11.96
CA LYS A 57 -7.25 -1.24 -13.01
C LYS A 57 -8.09 -2.52 -12.98
N SER A 58 -7.58 -3.61 -12.40
CA SER A 58 -8.36 -4.84 -12.13
C SER A 58 -9.51 -4.61 -11.14
N VAL A 59 -9.45 -3.54 -10.34
CA VAL A 59 -10.54 -3.02 -9.49
C VAL A 59 -11.07 -1.66 -9.95
N GLY A 60 -10.83 -1.28 -11.21
CA GLY A 60 -11.44 -0.13 -11.87
C GLY A 60 -10.86 1.25 -11.53
N ALA A 61 -9.54 1.35 -11.30
CA ALA A 61 -8.91 2.61 -10.90
C ALA A 61 -8.89 3.68 -12.02
N GLN A 62 -9.03 3.25 -13.29
CA GLN A 62 -9.24 4.05 -14.52
C GLN A 62 -8.10 4.98 -14.99
N LYS A 63 -7.51 5.79 -14.10
CA LYS A 63 -6.46 6.78 -14.42
C LYS A 63 -5.12 6.14 -14.83
N ASP A 64 -4.17 6.97 -15.25
CA ASP A 64 -2.75 6.63 -15.48
C ASP A 64 -1.79 7.09 -14.36
N THR A 65 -2.27 7.93 -13.44
CA THR A 65 -1.49 8.62 -12.41
C THR A 65 -2.38 8.73 -11.17
N TYR A 66 -1.77 8.61 -9.97
CA TYR A 66 -2.49 8.45 -8.71
C TYR A 66 -1.79 9.08 -7.49
N THR A 67 -2.53 9.44 -6.44
CA THR A 67 -1.93 9.76 -5.13
C THR A 67 -1.51 8.51 -4.35
N MET A 68 -0.57 8.61 -3.41
CA MET A 68 -0.20 7.47 -2.55
C MET A 68 -1.38 6.94 -1.72
N LYS A 69 -2.34 7.82 -1.35
CA LYS A 69 -3.59 7.45 -0.67
C LYS A 69 -4.50 6.64 -1.60
N GLU A 70 -4.63 7.05 -2.87
CA GLU A 70 -5.38 6.33 -3.90
C GLU A 70 -4.77 4.96 -4.23
N VAL A 71 -3.45 4.88 -4.35
CA VAL A 71 -2.73 3.61 -4.59
C VAL A 71 -2.98 2.65 -3.43
N LEU A 72 -2.81 3.09 -2.16
CA LEU A 72 -3.12 2.26 -0.99
C LEU A 72 -4.59 1.85 -0.95
N PHE A 73 -5.53 2.76 -1.24
CA PHE A 73 -6.96 2.45 -1.34
C PHE A 73 -7.32 1.33 -2.34
N TYR A 74 -6.94 1.50 -3.60
CA TYR A 74 -7.16 0.51 -4.65
C TYR A 74 -6.41 -0.83 -4.50
N LEU A 75 -5.16 -0.79 -4.03
CA LEU A 75 -4.38 -1.98 -3.68
C LEU A 75 -5.04 -2.78 -2.55
N GLY A 76 -5.49 -2.10 -1.49
CA GLY A 76 -6.25 -2.71 -0.40
C GLY A 76 -7.59 -3.31 -0.84
N GLN A 77 -8.33 -2.63 -1.72
CA GLN A 77 -9.56 -3.12 -2.32
C GLN A 77 -9.32 -4.34 -3.22
N TYR A 78 -8.17 -4.44 -3.90
CA TYR A 78 -7.77 -5.64 -4.62
C TYR A 78 -7.48 -6.84 -3.71
N ILE A 79 -6.65 -6.63 -2.68
CA ILE A 79 -6.33 -7.64 -1.66
C ILE A 79 -7.59 -8.13 -0.93
N MET A 80 -8.53 -7.21 -0.64
CA MET A 80 -9.84 -7.49 -0.08
C MET A 80 -10.71 -8.35 -1.02
N THR A 81 -10.97 -7.88 -2.25
CA THR A 81 -11.87 -8.57 -3.19
C THR A 81 -11.39 -9.93 -3.70
N LYS A 82 -10.06 -10.09 -3.85
CA LYS A 82 -9.39 -11.36 -4.15
C LYS A 82 -9.18 -12.26 -2.91
N ARG A 83 -9.59 -11.81 -1.71
CA ARG A 83 -9.51 -12.50 -0.41
C ARG A 83 -8.10 -13.01 -0.08
N LEU A 84 -7.07 -12.23 -0.42
CA LEU A 84 -5.66 -12.63 -0.30
C LEU A 84 -5.16 -12.72 1.14
N TYR A 85 -5.93 -12.24 2.12
CA TYR A 85 -5.65 -12.47 3.54
C TYR A 85 -5.79 -13.94 4.00
N ASP A 86 -4.98 -14.39 4.96
CA ASP A 86 -5.13 -15.71 5.60
C ASP A 86 -6.41 -15.85 6.45
N GLU A 87 -7.17 -16.93 6.27
CA GLU A 87 -8.37 -17.23 7.08
C GLU A 87 -8.10 -17.37 8.59
N LYS A 88 -6.87 -17.77 8.98
CA LYS A 88 -6.42 -17.78 10.38
C LYS A 88 -5.92 -16.41 10.83
N GLN A 89 -4.82 -15.93 10.24
CA GLN A 89 -4.25 -14.60 10.52
C GLN A 89 -4.67 -13.59 9.44
N GLN A 90 -5.81 -12.93 9.62
CA GLN A 90 -6.36 -11.98 8.63
C GLN A 90 -5.51 -10.71 8.46
N HIS A 91 -4.54 -10.48 9.37
CA HIS A 91 -3.51 -9.46 9.26
C HIS A 91 -2.31 -9.88 8.39
N ILE A 92 -2.28 -11.09 7.82
CA ILE A 92 -1.25 -11.59 6.90
C ILE A 92 -1.83 -11.76 5.50
N VAL A 93 -1.19 -11.13 4.51
CA VAL A 93 -1.52 -11.24 3.08
C VAL A 93 -0.63 -12.27 2.41
N TYR A 94 -1.23 -13.17 1.64
CA TYR A 94 -0.56 -14.11 0.74
C TYR A 94 -0.56 -13.66 -0.73
N CYS A 95 0.59 -13.75 -1.40
CA CYS A 95 0.81 -13.16 -2.72
C CYS A 95 1.72 -13.98 -3.66
N SER A 96 1.91 -15.27 -3.39
CA SER A 96 2.76 -16.18 -4.18
C SER A 96 2.32 -16.29 -5.66
N ASN A 97 3.10 -15.65 -6.55
CA ASN A 97 2.99 -15.62 -8.01
C ASN A 97 1.63 -15.23 -8.64
N ASP A 98 0.69 -14.66 -7.87
CA ASP A 98 -0.61 -14.15 -8.33
C ASP A 98 -0.65 -12.62 -8.52
N LEU A 99 0.22 -12.13 -9.42
CA LEU A 99 0.54 -10.72 -9.72
C LEU A 99 1.15 -9.92 -8.55
N LEU A 100 0.49 -9.91 -7.38
CA LEU A 100 0.87 -9.07 -6.24
C LEU A 100 2.28 -9.37 -5.70
N GLY A 101 2.73 -10.62 -5.74
CA GLY A 101 4.08 -11.02 -5.33
C GLY A 101 5.18 -10.51 -6.24
N ASP A 102 4.90 -10.21 -7.51
CA ASP A 102 5.83 -9.52 -8.41
C ASP A 102 6.04 -8.04 -8.07
N LEU A 103 5.03 -7.40 -7.47
CA LEU A 103 5.14 -6.06 -6.89
C LEU A 103 5.85 -6.07 -5.53
N PHE A 104 5.32 -6.80 -4.53
CA PHE A 104 5.91 -6.87 -3.19
C PHE A 104 7.26 -7.60 -3.02
N GLY A 105 7.62 -8.48 -3.95
CA GLY A 105 8.88 -9.24 -3.94
C GLY A 105 8.94 -10.39 -2.93
N VAL A 106 7.79 -10.84 -2.40
CA VAL A 106 7.67 -11.87 -1.35
C VAL A 106 6.43 -12.74 -1.62
N PRO A 107 6.41 -14.00 -1.12
CA PRO A 107 5.23 -14.88 -1.19
C PRO A 107 4.13 -14.51 -0.19
N SER A 108 4.45 -13.78 0.88
CA SER A 108 3.51 -13.28 1.91
C SER A 108 4.13 -12.18 2.77
N PHE A 109 3.30 -11.39 3.47
CA PHE A 109 3.74 -10.40 4.46
C PHE A 109 2.63 -10.11 5.49
N SER A 110 3.01 -9.67 6.69
CA SER A 110 2.07 -9.15 7.70
C SER A 110 1.83 -7.65 7.52
N VAL A 111 0.56 -7.25 7.44
CA VAL A 111 0.11 -5.84 7.31
C VAL A 111 0.55 -4.96 8.49
N LYS A 112 0.83 -5.58 9.65
CA LYS A 112 1.40 -4.93 10.84
C LYS A 112 2.80 -4.34 10.63
N GLU A 113 3.55 -4.82 9.63
CA GLU A 113 4.90 -4.35 9.29
C GLU A 113 4.88 -3.09 8.42
N HIS A 114 4.15 -2.06 8.88
CA HIS A 114 3.79 -0.86 8.12
C HIS A 114 4.98 -0.16 7.43
N ARG A 115 6.09 0.04 8.15
CA ARG A 115 7.30 0.72 7.64
C ARG A 115 8.04 -0.11 6.57
N LYS A 116 7.98 -1.44 6.64
CA LYS A 116 8.51 -2.33 5.59
C LYS A 116 7.61 -2.29 4.36
N ILE A 117 6.28 -2.36 4.55
CA ILE A 117 5.31 -2.21 3.46
C ILE A 117 5.52 -0.87 2.74
N TYR A 118 5.67 0.24 3.48
CA TYR A 118 6.05 1.54 2.91
C TYR A 118 7.26 1.55 1.97
N THR A 119 8.39 0.98 2.37
CA THR A 119 9.57 0.89 1.50
C THR A 119 9.41 -0.03 0.27
N MET A 120 8.72 -1.16 0.44
CA MET A 120 8.40 -2.06 -0.67
C MET A 120 7.40 -1.42 -1.66
N MET A 121 6.42 -0.67 -1.14
CA MET A 121 5.36 -0.03 -1.93
C MET A 121 5.83 1.27 -2.61
N ALA A 122 6.77 1.99 -1.99
CA ALA A 122 7.45 3.12 -2.64
C ALA A 122 8.28 2.65 -3.86
N SER A 123 8.87 1.45 -3.78
CA SER A 123 9.59 0.81 -4.90
C SER A 123 8.67 0.39 -6.07
N MET A 124 7.34 0.53 -5.94
CA MET A 124 6.38 0.36 -7.04
C MET A 124 6.09 1.65 -7.83
N THR A 125 6.50 2.81 -7.30
CA THR A 125 6.17 4.15 -7.82
C THR A 125 7.34 5.14 -7.97
N GLY A 126 8.48 4.83 -7.36
CA GLY A 126 9.74 5.60 -7.42
C GLY A 126 10.99 4.70 -7.34
N GLY A 127 12.11 5.26 -6.88
CA GLY A 127 13.42 4.59 -6.84
C GLY A 127 14.16 4.63 -8.19
N GLN A 128 14.98 3.61 -8.46
CA GLN A 128 15.83 3.51 -9.66
C GLN A 128 16.02 2.06 -10.13
N GLN A 129 16.53 1.88 -11.35
CA GLN A 129 16.98 0.59 -11.87
C GLN A 129 18.26 0.10 -11.15
N MET A 130 18.44 -1.21 -11.03
CA MET A 130 19.62 -1.84 -10.41
C MET A 130 20.86 -1.88 -11.33
N GLY A 131 20.69 -1.66 -12.64
CA GLY A 131 21.75 -1.66 -13.67
C GLY A 131 21.20 -1.74 -15.09
N MET A 1 -15.61 -8.19 15.32
CA MET A 1 -14.75 -9.20 14.63
C MET A 1 -13.55 -8.53 13.96
N PRO A 2 -12.34 -9.12 14.04
CA PRO A 2 -11.17 -8.63 13.31
C PRO A 2 -11.31 -8.88 11.80
N ARG A 3 -10.83 -7.94 10.97
CA ARG A 3 -10.84 -7.99 9.50
C ARG A 3 -9.59 -7.35 8.88
N PHE A 4 -9.21 -7.82 7.68
CA PHE A 4 -8.10 -7.27 6.90
C PHE A 4 -8.05 -5.73 6.74
N TRP A 5 -9.20 -5.14 6.38
CA TRP A 5 -9.29 -3.72 6.06
C TRP A 5 -9.03 -2.81 7.27
N GLU A 6 -9.32 -3.26 8.50
CA GLU A 6 -8.97 -2.50 9.71
C GLU A 6 -7.44 -2.36 9.89
N TYR A 7 -6.69 -3.41 9.54
CA TYR A 7 -5.23 -3.38 9.44
C TYR A 7 -4.67 -2.54 8.29
N TRP A 8 -5.30 -2.64 7.12
CA TRP A 8 -4.89 -1.93 5.90
C TRP A 8 -5.21 -0.43 5.99
N LEU A 9 -6.31 -0.03 6.63
CA LEU A 9 -6.64 1.38 6.85
C LEU A 9 -5.58 2.10 7.71
N ARG A 10 -4.93 1.37 8.63
CA ARG A 10 -3.86 1.89 9.49
C ARG A 10 -2.58 2.24 8.72
N LEU A 11 -2.42 1.76 7.49
CA LEU A 11 -1.38 2.22 6.56
C LEU A 11 -1.70 3.64 6.07
N MET A 12 -2.88 3.83 5.47
CA MET A 12 -3.25 5.11 4.86
C MET A 12 -3.54 6.21 5.91
N GLU A 13 -3.91 5.84 7.12
CA GLU A 13 -4.09 6.73 8.28
C GLU A 13 -2.84 6.81 9.20
N GLY A 14 -1.70 6.24 8.78
CA GLY A 14 -0.45 6.27 9.53
C GLY A 14 0.22 7.66 9.65
N GLY A 15 -0.19 8.63 8.82
CA GLY A 15 0.25 10.02 8.84
C GLY A 15 -0.09 10.77 7.55
N GLY A 16 0.41 12.01 7.41
CA GLY A 16 0.27 12.83 6.20
C GLY A 16 1.23 12.47 5.06
N GLU A 17 2.19 11.57 5.31
CA GLU A 17 3.22 11.10 4.37
C GLU A 17 3.46 9.59 4.54
N ASN A 18 4.22 8.98 3.62
CA ASN A 18 4.59 7.55 3.59
C ASN A 18 5.69 7.19 4.62
N LEU A 19 5.55 7.69 5.86
CA LEU A 19 6.48 7.52 7.00
C LEU A 19 7.94 7.91 6.70
N TYR A 20 8.15 8.96 5.89
CA TYR A 20 9.49 9.45 5.56
C TYR A 20 10.31 10.00 6.73
N PHE A 21 11.65 9.85 6.69
CA PHE A 21 12.55 10.23 7.78
C PHE A 21 12.49 11.68 8.30
N GLN A 22 12.26 12.64 7.40
CA GLN A 22 11.95 14.04 7.71
C GLN A 22 10.84 14.57 6.79
N GLY A 23 9.87 15.27 7.38
CA GLY A 23 8.68 15.80 6.70
C GLY A 23 7.56 16.20 7.68
N MET A 24 6.47 16.76 7.16
CA MET A 24 5.30 17.19 7.95
C MET A 24 4.36 16.01 8.29
N SER A 25 3.61 16.15 9.38
CA SER A 25 2.49 15.26 9.77
C SER A 25 2.86 13.76 9.91
N VAL A 26 4.12 13.45 10.22
CA VAL A 26 4.68 12.09 10.31
C VAL A 26 5.85 12.10 11.33
N PRO A 27 6.04 11.02 12.11
CA PRO A 27 7.16 10.89 13.06
C PRO A 27 8.51 10.64 12.36
N THR A 28 9.61 10.99 13.05
CA THR A 28 10.99 10.78 12.58
C THR A 28 11.39 9.33 12.26
N ASP A 29 11.01 8.40 13.13
CA ASP A 29 11.20 6.95 12.96
C ASP A 29 10.20 6.08 13.75
N GLY A 30 10.19 6.23 15.08
CA GLY A 30 9.19 5.69 16.01
C GLY A 30 8.10 6.72 16.36
N ALA A 31 6.89 6.25 16.66
CA ALA A 31 5.68 7.06 16.87
C ALA A 31 5.63 7.84 18.22
N VAL A 32 6.77 8.39 18.67
CA VAL A 32 6.92 9.19 19.90
C VAL A 32 6.35 10.62 19.79
N THR A 33 6.15 11.12 18.57
CA THR A 33 5.57 12.45 18.28
C THR A 33 4.06 12.58 18.54
N THR A 34 3.57 13.82 18.64
CA THR A 34 2.15 14.13 18.92
C THR A 34 1.14 13.68 17.86
N SER A 35 -0.12 13.48 18.26
CA SER A 35 -1.22 13.01 17.40
C SER A 35 -1.81 14.14 16.51
N GLN A 36 -0.95 14.96 15.92
CA GLN A 36 -1.31 16.03 14.98
C GLN A 36 -1.80 15.43 13.65
N ILE A 37 -3.08 15.65 13.32
CA ILE A 37 -3.70 15.18 12.05
C ILE A 37 -3.24 16.03 10.84
N PRO A 38 -3.07 15.44 9.65
CA PRO A 38 -2.71 16.17 8.43
C PRO A 38 -3.85 17.04 7.88
N ALA A 39 -3.49 18.07 7.10
CA ALA A 39 -4.41 18.90 6.34
C ALA A 39 -3.73 19.49 5.08
N SER A 40 -4.40 19.40 3.92
CA SER A 40 -3.97 19.95 2.64
C SER A 40 -5.13 20.04 1.64
N GLU A 41 -5.06 20.97 0.69
CA GLU A 41 -5.99 21.08 -0.45
C GLU A 41 -5.66 20.09 -1.59
N GLN A 42 -4.48 19.45 -1.57
CA GLN A 42 -3.94 18.62 -2.65
C GLN A 42 -3.03 17.48 -2.16
N GLU A 43 -2.82 16.47 -3.00
CA GLU A 43 -1.89 15.34 -2.77
C GLU A 43 -1.13 14.97 -4.05
N THR A 44 0.16 14.66 -3.93
CA THR A 44 1.08 14.38 -5.05
C THR A 44 0.85 13.09 -5.84
N LEU A 45 0.88 13.16 -7.16
CA LEU A 45 0.88 11.99 -8.06
C LEU A 45 2.26 11.32 -8.12
N VAL A 46 2.28 9.98 -8.19
CA VAL A 46 3.49 9.15 -8.12
C VAL A 46 3.97 8.52 -9.42
N ARG A 47 3.04 8.34 -10.37
CA ARG A 47 3.19 7.62 -11.66
C ARG A 47 3.88 6.24 -11.48
N PRO A 48 3.17 5.23 -10.95
CA PRO A 48 3.75 3.91 -10.65
C PRO A 48 4.02 3.07 -11.90
N LYS A 49 4.72 1.95 -11.73
CA LYS A 49 5.01 0.99 -12.82
C LYS A 49 3.72 0.42 -13.45
N PRO A 50 3.72 0.06 -14.76
CA PRO A 50 2.52 -0.43 -15.45
C PRO A 50 1.98 -1.76 -14.87
N LEU A 51 2.84 -2.56 -14.25
CA LEU A 51 2.45 -3.78 -13.51
C LEU A 51 1.49 -3.47 -12.35
N LEU A 52 1.69 -2.34 -11.66
CA LEU A 52 0.78 -1.88 -10.59
C LEU A 52 -0.49 -1.27 -11.16
N LEU A 53 -0.39 -0.47 -12.23
CA LEU A 53 -1.55 0.09 -12.93
C LEU A 53 -2.54 -1.02 -13.34
N LYS A 54 -2.05 -2.17 -13.82
CA LYS A 54 -2.88 -3.36 -14.11
C LYS A 54 -3.62 -3.89 -12.86
N LEU A 55 -2.97 -3.92 -11.70
CA LEU A 55 -3.58 -4.31 -10.43
C LEU A 55 -4.69 -3.33 -9.99
N LEU A 56 -4.45 -2.02 -10.12
CA LEU A 56 -5.43 -0.98 -9.81
C LEU A 56 -6.64 -1.06 -10.77
N LYS A 57 -6.39 -1.28 -12.07
CA LYS A 57 -7.43 -1.48 -13.09
C LYS A 57 -8.19 -2.81 -12.98
N SER A 58 -7.62 -3.82 -12.31
CA SER A 58 -8.34 -5.06 -11.97
C SER A 58 -9.50 -4.81 -10.98
N VAL A 59 -9.48 -3.70 -10.24
CA VAL A 59 -10.59 -3.16 -9.43
C VAL A 59 -11.23 -1.89 -10.02
N GLY A 60 -10.96 -1.61 -11.30
CA GLY A 60 -11.64 -0.57 -12.09
C GLY A 60 -11.17 0.86 -11.81
N ALA A 61 -9.88 1.06 -11.49
CA ALA A 61 -9.33 2.38 -11.21
C ALA A 61 -9.37 3.27 -12.47
N GLN A 62 -9.79 4.54 -12.32
CA GLN A 62 -10.18 5.43 -13.42
C GLN A 62 -9.06 6.20 -14.17
N LYS A 63 -7.80 6.10 -13.75
CA LYS A 63 -6.67 6.94 -14.22
C LYS A 63 -5.43 6.13 -14.64
N ASP A 64 -4.42 6.82 -15.16
CA ASP A 64 -3.06 6.33 -15.41
C ASP A 64 -1.97 6.85 -14.45
N THR A 65 -2.36 7.71 -13.49
CA THR A 65 -1.50 8.32 -12.46
C THR A 65 -2.34 8.40 -11.18
N TYR A 66 -1.69 8.20 -10.03
CA TYR A 66 -2.33 8.09 -8.71
C TYR A 66 -1.50 8.69 -7.56
N THR A 67 -2.14 9.05 -6.46
CA THR A 67 -1.47 9.38 -5.17
C THR A 67 -1.14 8.15 -4.32
N MET A 68 -0.23 8.26 -3.35
CA MET A 68 0.06 7.15 -2.42
C MET A 68 -1.18 6.69 -1.63
N LYS A 69 -2.07 7.63 -1.26
CA LYS A 69 -3.36 7.35 -0.62
C LYS A 69 -4.30 6.56 -1.54
N GLU A 70 -4.40 6.98 -2.81
CA GLU A 70 -5.21 6.31 -3.83
C GLU A 70 -4.70 4.90 -4.17
N VAL A 71 -3.39 4.71 -4.27
CA VAL A 71 -2.77 3.40 -4.49
C VAL A 71 -3.06 2.48 -3.31
N LEU A 72 -2.86 2.93 -2.06
CA LEU A 72 -3.22 2.15 -0.86
C LEU A 72 -4.71 1.79 -0.86
N PHE A 73 -5.59 2.76 -1.16
CA PHE A 73 -7.04 2.56 -1.28
C PHE A 73 -7.48 1.47 -2.27
N TYR A 74 -6.99 1.52 -3.51
CA TYR A 74 -7.25 0.49 -4.52
C TYR A 74 -6.55 -0.86 -4.32
N LEU A 75 -5.33 -0.87 -3.79
CA LEU A 75 -4.58 -2.08 -3.46
C LEU A 75 -5.26 -2.88 -2.34
N GLY A 76 -5.78 -2.21 -1.30
CA GLY A 76 -6.59 -2.84 -0.27
C GLY A 76 -7.89 -3.44 -0.82
N GLN A 77 -8.56 -2.74 -1.74
CA GLN A 77 -9.72 -3.28 -2.47
C GLN A 77 -9.37 -4.50 -3.34
N TYR A 78 -8.19 -4.54 -3.94
CA TYR A 78 -7.71 -5.70 -4.70
C TYR A 78 -7.48 -6.93 -3.80
N ILE A 79 -6.78 -6.73 -2.68
CA ILE A 79 -6.52 -7.77 -1.68
C ILE A 79 -7.83 -8.31 -1.09
N MET A 80 -8.83 -7.44 -0.85
CA MET A 80 -10.19 -7.83 -0.45
C MET A 80 -10.93 -8.67 -1.49
N THR A 81 -11.08 -8.17 -2.73
CA THR A 81 -11.80 -8.90 -3.79
C THR A 81 -11.18 -10.23 -4.21
N LYS A 82 -9.84 -10.31 -4.15
CA LYS A 82 -9.05 -11.55 -4.36
C LYS A 82 -8.98 -12.48 -3.15
N ARG A 83 -9.29 -11.98 -1.95
CA ARG A 83 -9.13 -12.65 -0.63
C ARG A 83 -7.73 -13.24 -0.42
N LEU A 84 -6.68 -12.44 -0.65
CA LEU A 84 -5.27 -12.87 -0.49
C LEU A 84 -4.83 -13.00 0.98
N TYR A 85 -5.63 -12.52 1.94
CA TYR A 85 -5.39 -12.72 3.37
C TYR A 85 -5.49 -14.17 3.89
N ASP A 86 -4.75 -14.49 4.96
CA ASP A 86 -4.89 -15.75 5.70
C ASP A 86 -6.27 -15.93 6.40
N GLU A 87 -6.89 -17.10 6.28
CA GLU A 87 -8.16 -17.42 6.95
C GLU A 87 -8.04 -17.48 8.49
N LYS A 88 -6.86 -17.81 9.03
CA LYS A 88 -6.59 -17.82 10.49
C LYS A 88 -6.28 -16.41 11.01
N GLN A 89 -5.44 -15.67 10.30
CA GLN A 89 -5.06 -14.29 10.61
C GLN A 89 -5.20 -13.34 9.41
N GLN A 90 -6.29 -12.57 9.37
CA GLN A 90 -6.53 -11.63 8.26
C GLN A 90 -5.52 -10.48 8.18
N HIS A 91 -4.75 -10.24 9.25
CA HIS A 91 -3.65 -9.27 9.25
C HIS A 91 -2.40 -9.76 8.49
N ILE A 92 -2.39 -10.98 7.95
CA ILE A 92 -1.30 -11.56 7.14
C ILE A 92 -1.81 -11.85 5.72
N VAL A 93 -1.02 -11.49 4.71
CA VAL A 93 -1.33 -11.64 3.28
C VAL A 93 -0.39 -12.66 2.62
N TYR A 94 -0.95 -13.57 1.82
CA TYR A 94 -0.27 -14.63 1.07
C TYR A 94 -0.24 -14.43 -0.46
N CYS A 95 0.47 -13.39 -0.89
CA CYS A 95 0.51 -12.90 -2.28
C CYS A 95 1.28 -13.78 -3.30
N SER A 96 1.86 -14.91 -2.88
CA SER A 96 2.70 -15.81 -3.68
C SER A 96 2.08 -16.27 -5.01
N ASN A 97 2.93 -16.40 -6.03
CA ASN A 97 2.61 -16.90 -7.38
C ASN A 97 1.47 -16.14 -8.11
N ASP A 98 1.27 -14.86 -7.78
CA ASP A 98 0.22 -14.00 -8.33
C ASP A 98 0.78 -12.57 -8.49
N LEU A 99 -0.01 -11.68 -9.11
CA LEU A 99 0.39 -10.32 -9.50
C LEU A 99 0.93 -9.48 -8.32
N LEU A 100 0.32 -9.59 -7.14
CA LEU A 100 0.78 -8.87 -5.95
C LEU A 100 2.13 -9.38 -5.41
N GLY A 101 2.37 -10.68 -5.48
CA GLY A 101 3.67 -11.29 -5.14
C GLY A 101 4.78 -10.85 -6.09
N ASP A 102 4.46 -10.68 -7.39
CA ASP A 102 5.36 -10.07 -8.37
C ASP A 102 5.65 -8.58 -8.16
N LEU A 103 4.69 -7.84 -7.59
CA LEU A 103 4.82 -6.43 -7.20
C LEU A 103 5.66 -6.24 -5.91
N PHE A 104 5.24 -6.85 -4.80
CA PHE A 104 5.96 -6.79 -3.52
C PHE A 104 7.31 -7.55 -3.44
N GLY A 105 7.52 -8.54 -4.32
CA GLY A 105 8.74 -9.35 -4.38
C GLY A 105 8.85 -10.42 -3.29
N VAL A 106 7.74 -10.83 -2.68
CA VAL A 106 7.68 -11.79 -1.56
C VAL A 106 6.46 -12.72 -1.71
N PRO A 107 6.52 -13.96 -1.15
CA PRO A 107 5.40 -14.89 -1.11
C PRO A 107 4.30 -14.48 -0.09
N SER A 108 4.66 -13.75 0.96
CA SER A 108 3.76 -13.31 2.03
C SER A 108 4.35 -12.16 2.84
N PHE A 109 3.49 -11.41 3.55
CA PHE A 109 3.88 -10.34 4.47
C PHE A 109 2.76 -10.10 5.51
N SER A 110 3.11 -9.53 6.66
CA SER A 110 2.15 -9.04 7.67
C SER A 110 1.81 -7.57 7.43
N VAL A 111 0.51 -7.22 7.41
CA VAL A 111 0.02 -5.83 7.26
C VAL A 111 0.45 -4.94 8.43
N LYS A 112 0.69 -5.50 9.61
CA LYS A 112 1.21 -4.79 10.80
C LYS A 112 2.68 -4.37 10.66
N GLU A 113 3.43 -4.92 9.70
CA GLU A 113 4.78 -4.46 9.32
C GLU A 113 4.72 -3.18 8.46
N HIS A 114 4.01 -2.16 8.93
CA HIS A 114 3.68 -0.94 8.19
C HIS A 114 4.93 -0.25 7.60
N ARG A 115 6.00 -0.12 8.41
CA ARG A 115 7.28 0.51 8.01
C ARG A 115 7.94 -0.20 6.82
N LYS A 116 7.87 -1.53 6.75
CA LYS A 116 8.32 -2.34 5.61
C LYS A 116 7.41 -2.11 4.40
N ILE A 117 6.09 -2.19 4.58
CA ILE A 117 5.12 -1.99 3.48
C ILE A 117 5.32 -0.62 2.81
N TYR A 118 5.48 0.46 3.56
CA TYR A 118 5.68 1.80 2.98
C TYR A 118 6.89 1.89 2.03
N THR A 119 8.02 1.26 2.37
CA THR A 119 9.21 1.22 1.49
C THR A 119 9.09 0.27 0.29
N MET A 120 8.47 -0.91 0.48
CA MET A 120 8.16 -1.81 -0.64
C MET A 120 7.15 -1.21 -1.63
N MET A 121 6.16 -0.45 -1.13
CA MET A 121 5.13 0.19 -1.94
C MET A 121 5.66 1.45 -2.66
N ALA A 122 6.57 2.21 -2.03
CA ALA A 122 7.31 3.30 -2.68
C ALA A 122 8.25 2.80 -3.80
N SER A 123 8.81 1.60 -3.66
CA SER A 123 9.67 0.98 -4.68
C SER A 123 8.96 0.68 -6.00
N MET A 124 7.62 0.72 -6.03
CA MET A 124 6.80 0.57 -7.25
C MET A 124 6.74 1.86 -8.11
N THR A 125 7.32 2.96 -7.65
CA THR A 125 7.28 4.30 -8.26
C THR A 125 8.62 4.86 -8.78
N GLY A 126 9.62 3.97 -8.92
CA GLY A 126 10.97 4.28 -9.39
C GLY A 126 11.71 3.04 -9.91
N GLY A 127 13.05 3.11 -9.93
CA GLY A 127 13.92 2.03 -10.43
C GLY A 127 13.91 1.89 -11.96
N GLN A 128 14.08 0.67 -12.46
CA GLN A 128 14.15 0.33 -13.89
C GLN A 128 13.56 -1.07 -14.19
N GLN A 129 13.33 -1.36 -15.48
CA GLN A 129 12.80 -2.64 -15.98
C GLN A 129 13.38 -3.00 -17.36
N MET A 130 13.27 -4.27 -17.74
CA MET A 130 13.76 -4.80 -19.03
C MET A 130 13.04 -4.19 -20.25
N GLY A 131 13.76 -4.06 -21.38
CA GLY A 131 13.24 -3.59 -22.67
C GLY A 131 12.32 -4.60 -23.37
#